data_2L8Y
#
_entry.id   2L8Y
#
_entity_poly.entity_id   1
_entity_poly.type   'polypeptide(L)'
_entity_poly.pdbx_seq_one_letter_code
;MAPQPKAEPAKPKAPRATPVRIYTNAEELVGKPFRDLGEVSGDSCQASNQDSPPSIPTARKRMQINASKMKANAVLLHSC
EVTSGTPGCYRQAVCIGSALNITAK
;
_entity_poly.pdbx_strand_id   A
#
# COMPACT_ATOMS: atom_id res chain seq x y z
N MET A 1 -28.54 37.94 44.33
CA MET A 1 -28.52 36.80 43.38
C MET A 1 -27.18 36.72 42.68
N ALA A 2 -26.90 35.57 42.08
CA ALA A 2 -25.67 35.39 41.32
C ALA A 2 -25.94 34.53 40.10
N PRO A 3 -25.57 35.00 38.91
CA PRO A 3 -25.82 34.29 37.65
C PRO A 3 -24.93 33.06 37.50
N GLN A 4 -25.33 32.17 36.60
CA GLN A 4 -24.59 30.94 36.37
C GLN A 4 -24.15 30.83 34.91
N PRO A 5 -22.87 31.04 34.64
CA PRO A 5 -22.30 30.88 33.31
C PRO A 5 -21.88 29.44 33.04
N LYS A 6 -21.40 29.18 31.83
CA LYS A 6 -20.93 27.85 31.46
C LYS A 6 -20.08 27.91 30.18
N ALA A 7 -19.25 26.91 29.99
CA ALA A 7 -18.42 26.81 28.80
C ALA A 7 -18.25 25.36 28.40
N GLU A 8 -18.62 25.06 27.16
CA GLU A 8 -18.50 23.71 26.62
C GLU A 8 -17.03 23.39 26.32
N PRO A 9 -16.47 22.38 26.98
CA PRO A 9 -15.09 21.97 26.79
C PRO A 9 -14.92 21.13 25.52
N ALA A 10 -13.91 21.45 24.73
CA ALA A 10 -13.66 20.73 23.49
C ALA A 10 -12.45 19.82 23.64
N LYS A 11 -12.55 18.60 23.15
CA LYS A 11 -11.46 17.65 23.21
C LYS A 11 -10.96 17.32 21.80
N PRO A 12 -9.63 17.43 21.58
CA PRO A 12 -9.02 17.19 20.28
C PRO A 12 -9.14 15.74 19.85
N LYS A 13 -9.45 15.53 18.58
CA LYS A 13 -9.59 14.20 18.02
C LYS A 13 -8.21 13.60 17.73
N ALA A 14 -8.15 12.28 17.69
CA ALA A 14 -6.90 11.58 17.40
C ALA A 14 -7.09 10.60 16.24
N PRO A 15 -7.04 11.10 15.00
CA PRO A 15 -7.19 10.28 13.82
C PRO A 15 -5.90 9.58 13.41
N ARG A 16 -6.03 8.48 12.68
CA ARG A 16 -4.87 7.73 12.21
C ARG A 16 -5.16 7.11 10.84
N ALA A 17 -5.13 7.94 9.81
CA ALA A 17 -5.43 7.50 8.46
C ALA A 17 -4.29 6.68 7.89
N THR A 18 -4.63 5.73 7.04
CA THR A 18 -3.64 4.91 6.36
C THR A 18 -3.17 5.63 5.08
N PRO A 19 -1.85 5.69 4.85
CA PRO A 19 -1.29 6.39 3.69
C PRO A 19 -1.58 5.67 2.37
N VAL A 20 -1.01 4.48 2.20
CA VAL A 20 -1.06 3.80 0.91
C VAL A 20 -2.15 2.72 0.86
N ARG A 21 -2.94 2.76 -0.20
CA ARG A 21 -4.00 1.80 -0.46
C ARG A 21 -3.63 0.90 -1.62
N ILE A 22 -4.02 -0.36 -1.57
CA ILE A 22 -3.83 -1.25 -2.71
C ILE A 22 -5.05 -1.17 -3.62
N TYR A 23 -4.80 -0.99 -4.91
CA TYR A 23 -5.88 -0.82 -5.87
C TYR A 23 -5.69 -1.75 -7.05
N THR A 24 -6.53 -2.77 -7.14
CA THR A 24 -6.52 -3.66 -8.28
C THR A 24 -7.55 -3.21 -9.32
N ASN A 25 -7.93 -1.94 -9.24
CA ASN A 25 -8.94 -1.39 -10.13
C ASN A 25 -8.40 -0.16 -10.84
N ALA A 26 -7.96 -0.33 -12.08
CA ALA A 26 -7.49 0.80 -12.89
C ALA A 26 -8.64 1.77 -13.15
N GLU A 27 -9.85 1.22 -13.17
CA GLU A 27 -11.07 2.00 -13.33
C GLU A 27 -11.14 3.12 -12.31
N GLU A 28 -10.70 2.81 -11.10
CA GLU A 28 -10.70 3.77 -10.01
C GLU A 28 -9.77 4.93 -10.30
N LEU A 29 -8.54 4.59 -10.69
CA LEU A 29 -7.52 5.60 -10.94
C LEU A 29 -7.91 6.51 -12.08
N VAL A 30 -8.39 5.91 -13.17
CA VAL A 30 -8.83 6.68 -14.33
C VAL A 30 -10.03 7.56 -13.98
N GLY A 31 -10.81 7.12 -13.01
CA GLY A 31 -12.01 7.86 -12.64
C GLY A 31 -11.82 8.70 -11.40
N LYS A 32 -10.59 9.10 -11.13
CA LYS A 32 -10.29 9.93 -9.97
C LYS A 32 -9.16 10.90 -10.27
N PRO A 33 -9.15 12.08 -9.63
CA PRO A 33 -8.05 13.03 -9.71
C PRO A 33 -6.82 12.51 -8.96
N PHE A 34 -5.83 12.07 -9.71
CA PHE A 34 -4.66 11.47 -9.11
C PHE A 34 -3.39 11.93 -9.83
N ARG A 35 -2.27 11.84 -9.13
CA ARG A 35 -0.99 12.25 -9.67
C ARG A 35 -0.13 11.02 -9.95
N ASP A 36 0.33 10.92 -11.19
CA ASP A 36 1.16 9.80 -11.60
C ASP A 36 2.61 10.00 -11.19
N LEU A 37 3.22 8.96 -10.64
CA LEU A 37 4.60 9.03 -10.21
C LEU A 37 5.45 8.02 -10.98
N GLY A 38 5.30 6.75 -10.65
CA GLY A 38 6.06 5.71 -11.31
C GLY A 38 5.72 4.34 -10.79
N GLU A 39 5.98 3.33 -11.58
CA GLU A 39 5.67 1.96 -11.21
C GLU A 39 6.69 1.44 -10.20
N VAL A 40 6.20 0.80 -9.14
CA VAL A 40 7.07 0.27 -8.12
C VAL A 40 6.86 -1.24 -7.99
N SER A 41 7.89 -1.95 -7.56
CA SER A 41 7.79 -3.39 -7.41
C SER A 41 8.19 -3.81 -6.00
N GLY A 42 7.56 -4.87 -5.53
CA GLY A 42 7.92 -5.46 -4.26
C GLY A 42 8.23 -6.93 -4.43
N ASP A 43 9.50 -7.27 -4.30
CA ASP A 43 9.95 -8.64 -4.52
C ASP A 43 10.54 -9.23 -3.26
N SER A 44 10.19 -10.47 -2.99
CA SER A 44 10.71 -11.19 -1.86
C SER A 44 11.27 -12.54 -2.34
N CYS A 45 12.58 -12.60 -2.51
CA CYS A 45 13.23 -13.80 -3.00
C CYS A 45 13.71 -14.67 -1.85
N GLN A 46 13.67 -15.97 -2.06
CA GLN A 46 14.20 -16.92 -1.09
C GLN A 46 15.39 -17.66 -1.67
N ALA A 47 16.57 -17.36 -1.16
CA ALA A 47 17.76 -18.11 -1.55
C ALA A 47 17.66 -19.51 -0.99
N SER A 48 17.04 -19.60 0.18
CA SER A 48 16.77 -20.87 0.83
C SER A 48 15.53 -20.71 1.71
N ASN A 49 15.03 -21.81 2.26
CA ASN A 49 13.86 -21.76 3.13
C ASN A 49 14.22 -21.24 4.51
N GLN A 50 15.48 -20.87 4.67
CA GLN A 50 15.97 -20.26 5.90
C GLN A 50 15.36 -18.87 6.07
N ASP A 51 15.07 -18.24 4.93
CA ASP A 51 14.52 -16.88 4.92
C ASP A 51 13.04 -16.89 5.32
N SER A 52 12.36 -15.76 5.12
CA SER A 52 10.95 -15.66 5.47
C SER A 52 10.09 -15.85 4.23
N PRO A 53 9.06 -16.72 4.32
CA PRO A 53 8.29 -17.20 3.16
C PRO A 53 7.80 -16.09 2.23
N PRO A 54 7.95 -16.29 0.92
CA PRO A 54 7.58 -15.31 -0.08
C PRO A 54 6.10 -15.33 -0.40
N SER A 55 5.33 -14.89 0.56
CA SER A 55 3.90 -14.80 0.40
C SER A 55 3.53 -13.60 -0.47
N ILE A 56 2.46 -13.73 -1.23
CA ILE A 56 1.95 -12.65 -2.06
C ILE A 56 1.67 -11.38 -1.23
N PRO A 57 1.01 -11.48 -0.05
CA PRO A 57 0.79 -10.31 0.82
C PRO A 57 2.10 -9.74 1.36
N THR A 58 3.11 -10.60 1.45
CA THR A 58 4.44 -10.19 1.89
C THR A 58 5.10 -9.30 0.84
N ALA A 59 5.16 -9.80 -0.39
CA ALA A 59 5.69 -9.02 -1.51
C ALA A 59 4.85 -7.77 -1.75
N ARG A 60 3.55 -7.90 -1.53
CA ARG A 60 2.62 -6.79 -1.66
C ARG A 60 2.93 -5.70 -0.66
N LYS A 61 3.29 -6.09 0.56
CA LYS A 61 3.63 -5.14 1.59
C LYS A 61 4.96 -4.47 1.29
N ARG A 62 5.90 -5.24 0.75
CA ARG A 62 7.19 -4.69 0.32
C ARG A 62 6.98 -3.63 -0.76
N MET A 63 6.11 -3.96 -1.71
CA MET A 63 5.75 -3.03 -2.78
C MET A 63 5.03 -1.80 -2.21
N GLN A 64 4.18 -2.03 -1.23
CA GLN A 64 3.42 -0.98 -0.58
C GLN A 64 4.34 0.01 0.14
N ILE A 65 5.33 -0.52 0.85
CA ILE A 65 6.29 0.31 1.57
C ILE A 65 7.17 1.07 0.58
N ASN A 66 7.55 0.41 -0.50
CA ASN A 66 8.34 1.03 -1.55
C ASN A 66 7.58 2.19 -2.18
N ALA A 67 6.28 1.99 -2.37
CA ALA A 67 5.42 3.02 -2.91
C ALA A 67 5.27 4.18 -1.93
N SER A 68 5.06 3.88 -0.66
CA SER A 68 4.85 4.90 0.35
C SER A 68 6.11 5.75 0.54
N LYS A 69 7.28 5.11 0.43
CA LYS A 69 8.55 5.81 0.53
C LYS A 69 8.85 6.55 -0.77
N MET A 70 7.96 6.42 -1.74
CA MET A 70 8.07 7.14 -2.99
C MET A 70 7.04 8.26 -3.03
N LYS A 71 6.48 8.56 -1.86
CA LYS A 71 5.46 9.59 -1.71
C LYS A 71 4.18 9.22 -2.44
N ALA A 72 3.94 7.93 -2.60
CA ALA A 72 2.70 7.45 -3.19
C ALA A 72 1.72 7.07 -2.09
N ASN A 73 0.43 7.01 -2.43
CA ASN A 73 -0.60 6.67 -1.45
C ASN A 73 -1.58 5.66 -2.03
N ALA A 74 -1.26 5.15 -3.22
CA ALA A 74 -2.10 4.18 -3.89
C ALA A 74 -1.27 3.37 -4.88
N VAL A 75 -1.34 2.05 -4.77
CA VAL A 75 -0.61 1.17 -5.67
C VAL A 75 -1.55 0.41 -6.58
N LEU A 76 -1.51 0.76 -7.86
CA LEU A 76 -2.30 0.08 -8.87
C LEU A 76 -1.69 -1.28 -9.16
N LEU A 77 -2.09 -2.28 -8.38
CA LEU A 77 -1.56 -3.63 -8.48
C LEU A 77 -1.89 -4.23 -9.85
N HIS A 78 -0.87 -4.72 -10.53
CA HIS A 78 -1.06 -5.30 -11.85
C HIS A 78 -0.84 -6.81 -11.81
N SER A 79 0.35 -7.22 -11.43
CA SER A 79 0.68 -8.63 -11.41
C SER A 79 1.46 -9.01 -10.16
N CYS A 80 0.93 -9.95 -9.40
CA CYS A 80 1.65 -10.52 -8.27
C CYS A 80 2.20 -11.87 -8.66
N GLU A 81 3.32 -11.86 -9.36
CA GLU A 81 3.86 -13.05 -9.97
C GLU A 81 4.95 -13.67 -9.11
N VAL A 82 4.70 -14.87 -8.61
CA VAL A 82 5.69 -15.60 -7.86
C VAL A 82 6.44 -16.57 -8.78
N THR A 83 7.69 -16.25 -9.02
CA THR A 83 8.53 -17.05 -9.90
C THR A 83 9.35 -18.05 -9.09
N SER A 84 9.32 -19.31 -9.50
CA SER A 84 10.01 -20.35 -8.78
C SER A 84 10.88 -21.18 -9.71
N GLY A 85 11.88 -21.84 -9.13
CA GLY A 85 12.75 -22.70 -9.91
C GLY A 85 14.02 -21.99 -10.35
N THR A 86 14.09 -20.71 -10.06
CA THR A 86 15.26 -19.91 -10.40
C THR A 86 16.45 -20.24 -9.50
N PRO A 87 17.60 -20.61 -10.09
CA PRO A 87 18.82 -20.90 -9.34
C PRO A 87 19.28 -19.68 -8.53
N GLY A 88 19.30 -19.82 -7.23
CA GLY A 88 19.66 -18.71 -6.36
C GLY A 88 18.44 -18.10 -5.71
N CYS A 89 17.36 -17.99 -6.46
CA CYS A 89 16.10 -17.50 -5.93
C CYS A 89 15.03 -18.56 -6.11
N TYR A 90 15.08 -19.56 -5.22
CA TYR A 90 14.19 -20.71 -5.28
C TYR A 90 12.73 -20.29 -5.43
N ARG A 91 12.32 -19.31 -4.63
CA ARG A 91 10.97 -18.79 -4.68
C ARG A 91 11.00 -17.27 -4.52
N GLN A 92 10.78 -16.55 -5.60
CA GLN A 92 10.80 -15.10 -5.57
C GLN A 92 9.45 -14.54 -5.99
N ALA A 93 8.72 -13.99 -5.03
CA ALA A 93 7.43 -13.39 -5.32
C ALA A 93 7.58 -11.91 -5.64
N VAL A 94 7.23 -11.53 -6.85
CA VAL A 94 7.36 -10.15 -7.30
C VAL A 94 5.98 -9.56 -7.60
N CYS A 95 5.54 -8.63 -6.76
CA CYS A 95 4.29 -7.94 -6.99
C CYS A 95 4.59 -6.56 -7.60
N ILE A 96 4.07 -6.31 -8.80
CA ILE A 96 4.33 -5.06 -9.49
C ILE A 96 3.05 -4.24 -9.64
N GLY A 97 3.15 -2.95 -9.31
CA GLY A 97 2.02 -2.06 -9.45
C GLY A 97 2.47 -0.60 -9.52
N SER A 98 1.64 0.23 -10.14
CA SER A 98 1.98 1.63 -10.31
C SER A 98 1.82 2.40 -9.00
N ALA A 99 2.83 3.17 -8.63
CA ALA A 99 2.77 3.97 -7.43
C ALA A 99 2.25 5.36 -7.76
N LEU A 100 1.00 5.61 -7.38
CA LEU A 100 0.34 6.88 -7.66
C LEU A 100 -0.01 7.58 -6.37
N ASN A 101 -0.35 8.85 -6.46
CA ASN A 101 -0.89 9.60 -5.34
C ASN A 101 -2.26 10.12 -5.72
N ILE A 102 -3.09 10.46 -4.75
CA ILE A 102 -4.43 10.95 -5.04
C ILE A 102 -4.55 12.42 -4.71
N THR A 103 -4.78 13.23 -5.73
CA THR A 103 -4.93 14.66 -5.57
C THR A 103 -6.40 15.03 -5.51
N ALA A 104 -7.01 14.82 -4.35
CA ALA A 104 -8.43 15.07 -4.15
C ALA A 104 -8.65 16.39 -3.42
N LYS A 105 -7.65 17.26 -3.48
CA LYS A 105 -7.74 18.56 -2.85
C LYS A 105 -7.39 19.64 -3.85
N MET A 1 -34.27 27.77 45.12
CA MET A 1 -33.64 26.61 44.45
C MET A 1 -33.04 27.04 43.13
N ALA A 2 -32.01 26.35 42.68
CA ALA A 2 -31.34 26.67 41.44
C ALA A 2 -31.18 25.42 40.59
N PRO A 3 -31.27 25.56 39.25
CA PRO A 3 -31.11 24.45 38.32
C PRO A 3 -29.69 23.87 38.35
N GLN A 4 -29.53 22.68 37.80
CA GLN A 4 -28.23 22.03 37.79
C GLN A 4 -27.59 22.14 36.41
N PRO A 5 -26.32 22.57 36.35
CA PRO A 5 -25.56 22.66 35.10
C PRO A 5 -25.44 21.30 34.42
N LYS A 6 -25.68 21.27 33.12
CA LYS A 6 -25.72 20.02 32.38
C LYS A 6 -24.39 19.78 31.66
N ALA A 7 -23.85 18.58 31.81
CA ALA A 7 -22.61 18.21 31.15
C ALA A 7 -22.89 17.80 29.70
N GLU A 8 -21.85 17.78 28.89
CA GLU A 8 -21.98 17.45 27.48
C GLU A 8 -21.17 16.21 27.14
N PRO A 9 -21.56 15.51 26.06
CA PRO A 9 -20.82 14.33 25.57
C PRO A 9 -19.37 14.66 25.22
N ALA A 10 -18.53 13.63 25.20
CA ALA A 10 -17.11 13.81 24.96
C ALA A 10 -16.80 13.92 23.47
N LYS A 11 -15.57 14.30 23.17
CA LYS A 11 -15.12 14.44 21.78
C LYS A 11 -14.26 13.24 21.40
N PRO A 12 -14.60 12.56 20.29
CA PRO A 12 -13.84 11.40 19.81
C PRO A 12 -12.48 11.79 19.24
N LYS A 13 -11.53 10.87 19.33
CA LYS A 13 -10.19 11.09 18.80
C LYS A 13 -10.07 10.43 17.43
N ALA A 14 -9.91 11.26 16.40
CA ALA A 14 -9.80 10.77 15.03
C ALA A 14 -8.60 9.86 14.87
N PRO A 15 -8.83 8.60 14.46
CA PRO A 15 -7.77 7.62 14.28
C PRO A 15 -7.09 7.76 12.92
N ARG A 16 -6.00 7.03 12.74
CA ARG A 16 -5.30 7.02 11.47
C ARG A 16 -5.53 5.70 10.75
N ALA A 17 -5.38 5.72 9.43
CA ALA A 17 -5.57 4.53 8.63
C ALA A 17 -4.35 4.29 7.75
N THR A 18 -4.36 3.20 7.01
CA THR A 18 -3.26 2.88 6.10
C THR A 18 -3.06 4.01 5.08
N PRO A 19 -1.84 4.59 5.04
CA PRO A 19 -1.53 5.70 4.14
C PRO A 19 -1.59 5.29 2.68
N VAL A 20 -0.87 4.23 2.35
CA VAL A 20 -0.82 3.74 0.99
C VAL A 20 -1.64 2.45 0.87
N ARG A 21 -2.57 2.43 -0.08
CA ARG A 21 -3.43 1.28 -0.27
C ARG A 21 -3.16 0.61 -1.61
N ILE A 22 -3.17 -0.71 -1.61
CA ILE A 22 -2.96 -1.49 -2.82
C ILE A 22 -4.25 -1.61 -3.62
N TYR A 23 -4.46 -0.68 -4.53
CA TYR A 23 -5.65 -0.70 -5.38
C TYR A 23 -5.46 -1.72 -6.49
N THR A 24 -6.52 -2.42 -6.83
CA THR A 24 -6.47 -3.40 -7.91
C THR A 24 -7.48 -3.07 -8.99
N ASN A 25 -8.14 -1.92 -8.84
CA ASN A 25 -9.12 -1.48 -9.82
C ASN A 25 -8.56 -0.32 -10.65
N ALA A 26 -8.22 -0.61 -11.90
CA ALA A 26 -7.73 0.40 -12.81
C ALA A 26 -8.83 1.43 -13.10
N GLU A 27 -10.07 0.94 -13.07
CA GLU A 27 -11.25 1.79 -13.23
C GLU A 27 -11.21 2.96 -12.27
N GLU A 28 -10.73 2.70 -11.07
CA GLU A 28 -10.63 3.72 -10.04
C GLU A 28 -9.70 4.84 -10.49
N LEU A 29 -8.49 4.45 -10.88
CA LEU A 29 -7.45 5.42 -11.22
C LEU A 29 -7.85 6.28 -12.42
N VAL A 30 -8.34 5.62 -13.47
CA VAL A 30 -8.73 6.32 -14.70
C VAL A 30 -9.88 7.29 -14.44
N GLY A 31 -10.68 7.00 -13.41
CA GLY A 31 -11.84 7.83 -13.14
C GLY A 31 -11.73 8.60 -11.85
N LYS A 32 -10.51 8.97 -11.48
CA LYS A 32 -10.29 9.74 -10.27
C LYS A 32 -9.14 10.71 -10.43
N PRO A 33 -9.15 11.81 -9.67
CA PRO A 33 -8.04 12.76 -9.65
C PRO A 33 -6.84 12.19 -8.88
N PHE A 34 -5.76 11.92 -9.59
CA PHE A 34 -4.59 11.33 -8.98
C PHE A 34 -3.33 11.89 -9.61
N ARG A 35 -2.27 11.95 -8.82
CA ARG A 35 -0.98 12.42 -9.31
C ARG A 35 -0.10 11.24 -9.68
N ASP A 36 0.30 11.17 -10.94
CA ASP A 36 1.15 10.09 -11.42
C ASP A 36 2.58 10.28 -10.94
N LEU A 37 3.28 9.17 -10.72
CA LEU A 37 4.65 9.22 -10.23
C LEU A 37 5.50 8.22 -10.98
N GLY A 38 5.25 6.94 -10.72
CA GLY A 38 6.00 5.89 -11.38
C GLY A 38 5.42 4.52 -11.12
N GLU A 39 6.29 3.54 -11.03
CA GLU A 39 5.89 2.16 -10.78
C GLU A 39 6.90 1.50 -9.86
N VAL A 40 6.42 0.79 -8.86
CA VAL A 40 7.29 0.15 -7.89
C VAL A 40 6.97 -1.34 -7.78
N SER A 41 7.94 -2.12 -7.32
CA SER A 41 7.75 -3.55 -7.20
C SER A 41 7.95 -4.02 -5.78
N GLY A 42 7.35 -5.16 -5.48
CA GLY A 42 7.55 -5.81 -4.21
C GLY A 42 7.81 -7.28 -4.42
N ASP A 43 9.07 -7.65 -4.46
CA ASP A 43 9.45 -9.02 -4.72
C ASP A 43 9.96 -9.69 -3.46
N SER A 44 9.47 -10.89 -3.21
CA SER A 44 9.91 -11.66 -2.08
C SER A 44 10.64 -12.91 -2.57
N CYS A 45 11.93 -12.77 -2.82
CA CYS A 45 12.76 -13.90 -3.22
C CYS A 45 13.38 -14.55 -2.00
N GLN A 46 13.16 -15.84 -1.86
CA GLN A 46 13.79 -16.61 -0.79
C GLN A 46 14.88 -17.49 -1.36
N ALA A 47 16.11 -17.25 -0.94
CA ALA A 47 17.21 -18.13 -1.33
C ALA A 47 17.07 -19.45 -0.60
N SER A 48 16.64 -19.37 0.64
CA SER A 48 16.32 -20.53 1.45
C SER A 48 15.28 -20.15 2.50
N ASN A 49 15.00 -21.06 3.43
CA ASN A 49 14.07 -20.78 4.52
C ASN A 49 14.55 -19.60 5.38
N GLN A 50 15.86 -19.37 5.37
CA GLN A 50 16.48 -18.31 6.16
C GLN A 50 16.38 -16.95 5.46
N ASP A 51 15.35 -16.77 4.66
CA ASP A 51 15.13 -15.50 3.97
C ASP A 51 13.73 -14.98 4.24
N SER A 52 13.16 -14.27 3.27
CA SER A 52 11.81 -13.77 3.39
C SER A 52 10.83 -14.68 2.64
N PRO A 53 9.65 -14.91 3.21
CA PRO A 53 8.62 -15.75 2.60
C PRO A 53 8.03 -15.11 1.34
N PRO A 54 7.89 -15.88 0.26
CA PRO A 54 7.37 -15.39 -1.01
C PRO A 54 5.85 -15.43 -1.07
N SER A 55 5.24 -14.89 -0.04
CA SER A 55 3.80 -14.84 0.06
C SER A 55 3.26 -13.64 -0.68
N ILE A 56 2.06 -13.77 -1.25
CA ILE A 56 1.45 -12.69 -2.02
C ILE A 56 1.25 -11.43 -1.17
N PRO A 57 0.61 -11.52 0.03
CA PRO A 57 0.41 -10.35 0.89
C PRO A 57 1.73 -9.76 1.39
N THR A 58 2.75 -10.61 1.45
CA THR A 58 4.07 -10.18 1.90
C THR A 58 4.78 -9.38 0.80
N ALA A 59 4.72 -9.88 -0.43
CA ALA A 59 5.25 -9.17 -1.58
C ALA A 59 4.50 -7.88 -1.81
N ARG A 60 3.18 -7.95 -1.67
CA ARG A 60 2.32 -6.78 -1.76
C ARG A 60 2.69 -5.76 -0.70
N LYS A 61 3.02 -6.25 0.49
CA LYS A 61 3.44 -5.40 1.60
C LYS A 61 4.75 -4.70 1.26
N ARG A 62 5.69 -5.44 0.71
CA ARG A 62 6.98 -4.87 0.33
C ARG A 62 6.78 -3.80 -0.73
N MET A 63 5.92 -4.08 -1.70
CA MET A 63 5.58 -3.13 -2.74
C MET A 63 4.94 -1.89 -2.13
N GLN A 64 4.06 -2.10 -1.16
CA GLN A 64 3.38 -1.00 -0.49
C GLN A 64 4.37 -0.13 0.28
N ILE A 65 5.35 -0.76 0.92
CA ILE A 65 6.37 -0.03 1.65
C ILE A 65 7.27 0.76 0.70
N ASN A 66 7.55 0.16 -0.45
CA ASN A 66 8.33 0.84 -1.49
C ASN A 66 7.58 2.05 -2.00
N ALA A 67 6.26 1.90 -2.13
CA ALA A 67 5.41 2.99 -2.57
C ALA A 67 5.38 4.11 -1.54
N SER A 68 5.30 3.74 -0.26
CA SER A 68 5.18 4.72 0.82
C SER A 68 6.46 5.51 1.01
N LYS A 69 7.61 4.87 0.77
CA LYS A 69 8.89 5.57 0.85
C LYS A 69 9.06 6.49 -0.35
N MET A 70 8.32 6.20 -1.42
CA MET A 70 8.32 7.03 -2.62
C MET A 70 7.29 8.14 -2.48
N LYS A 71 6.62 8.15 -1.31
CA LYS A 71 5.60 9.15 -1.00
C LYS A 71 4.34 8.97 -1.84
N ALA A 72 4.05 7.72 -2.20
CA ALA A 72 2.82 7.40 -2.91
C ALA A 72 1.83 6.76 -1.94
N ASN A 73 0.54 7.01 -2.14
CA ASN A 73 -0.47 6.50 -1.22
C ASN A 73 -1.39 5.50 -1.91
N ALA A 74 -1.06 5.12 -3.14
CA ALA A 74 -1.82 4.14 -3.87
C ALA A 74 -0.94 3.31 -4.78
N VAL A 75 -1.02 1.99 -4.64
CA VAL A 75 -0.28 1.09 -5.50
C VAL A 75 -1.24 0.32 -6.40
N LEU A 76 -1.26 0.66 -7.68
CA LEU A 76 -2.10 -0.02 -8.64
C LEU A 76 -1.50 -1.38 -8.99
N LEU A 77 -1.89 -2.39 -8.24
CA LEU A 77 -1.39 -3.75 -8.44
C LEU A 77 -1.76 -4.27 -9.81
N HIS A 78 -0.76 -4.67 -10.58
CA HIS A 78 -0.98 -5.20 -11.91
C HIS A 78 -0.85 -6.71 -11.90
N SER A 79 0.34 -7.20 -11.59
CA SER A 79 0.60 -8.63 -11.62
C SER A 79 1.58 -9.05 -10.54
N CYS A 80 1.24 -10.12 -9.82
CA CYS A 80 2.15 -10.70 -8.84
C CYS A 80 2.85 -11.90 -9.46
N GLU A 81 3.97 -11.63 -10.13
CA GLU A 81 4.69 -12.66 -10.86
C GLU A 81 5.57 -13.48 -9.92
N VAL A 82 5.01 -14.57 -9.41
CA VAL A 82 5.75 -15.44 -8.52
C VAL A 82 6.38 -16.60 -9.30
N THR A 83 7.70 -16.65 -9.30
CA THR A 83 8.43 -17.69 -9.98
C THR A 83 8.87 -18.78 -9.00
N SER A 84 8.96 -20.01 -9.47
CA SER A 84 9.41 -21.12 -8.65
C SER A 84 10.42 -21.97 -9.41
N GLY A 85 11.58 -22.18 -8.81
CA GLY A 85 12.61 -22.99 -9.45
C GLY A 85 13.61 -22.15 -10.21
N THR A 86 14.28 -21.24 -9.53
CA THR A 86 15.29 -20.40 -10.15
C THR A 86 16.53 -20.37 -9.27
N PRO A 87 17.73 -20.55 -9.86
CA PRO A 87 18.99 -20.45 -9.14
C PRO A 87 19.13 -19.12 -8.41
N GLY A 88 19.17 -19.17 -7.09
CA GLY A 88 19.29 -17.96 -6.30
C GLY A 88 17.97 -17.52 -5.71
N CYS A 89 16.88 -18.02 -6.28
CA CYS A 89 15.54 -17.68 -5.82
C CYS A 89 14.64 -18.91 -5.89
N TYR A 90 14.57 -19.63 -4.78
CA TYR A 90 13.72 -20.81 -4.66
C TYR A 90 12.30 -20.47 -5.12
N ARG A 91 11.77 -19.41 -4.54
CA ARG A 91 10.49 -18.86 -4.95
C ARG A 91 10.55 -17.34 -4.84
N GLN A 92 10.14 -16.66 -5.89
CA GLN A 92 10.24 -15.21 -5.95
C GLN A 92 8.92 -14.58 -6.38
N ALA A 93 8.18 -14.04 -5.43
CA ALA A 93 6.93 -13.38 -5.74
C ALA A 93 7.15 -11.90 -6.03
N VAL A 94 7.20 -11.55 -7.31
CA VAL A 94 7.44 -10.17 -7.73
C VAL A 94 6.14 -9.47 -8.10
N CYS A 95 5.53 -8.81 -7.13
CA CYS A 95 4.31 -8.05 -7.38
C CYS A 95 4.64 -6.68 -7.93
N ILE A 96 4.17 -6.39 -9.14
CA ILE A 96 4.44 -5.11 -9.78
C ILE A 96 3.18 -4.25 -9.82
N GLY A 97 3.32 -3.00 -9.39
CA GLY A 97 2.20 -2.08 -9.39
C GLY A 97 2.64 -0.63 -9.46
N SER A 98 1.81 0.21 -10.07
CA SER A 98 2.13 1.62 -10.24
C SER A 98 2.00 2.38 -8.92
N ALA A 99 2.92 3.30 -8.68
CA ALA A 99 2.91 4.09 -7.46
C ALA A 99 2.35 5.48 -7.74
N LEU A 100 1.12 5.72 -7.29
CA LEU A 100 0.44 6.99 -7.54
C LEU A 100 0.17 7.71 -6.23
N ASN A 101 0.08 9.03 -6.30
CA ASN A 101 -0.29 9.83 -5.15
C ASN A 101 -1.67 10.44 -5.39
N ILE A 102 -2.71 9.78 -4.90
CA ILE A 102 -4.08 10.24 -5.11
C ILE A 102 -4.26 11.69 -4.69
N THR A 103 -4.81 12.48 -5.58
CA THR A 103 -5.03 13.89 -5.30
C THR A 103 -6.45 14.10 -4.79
N ALA A 104 -6.57 14.27 -3.48
CA ALA A 104 -7.87 14.41 -2.83
C ALA A 104 -8.49 15.77 -3.12
N LYS A 105 -7.65 16.74 -3.43
CA LYS A 105 -8.10 18.07 -3.77
C LYS A 105 -7.03 18.79 -4.58
N MET A 1 -25.45 38.18 40.70
CA MET A 1 -26.52 37.67 41.60
C MET A 1 -26.34 36.18 41.85
N ALA A 2 -26.69 35.35 40.88
CA ALA A 2 -26.56 33.90 41.02
C ALA A 2 -25.60 33.34 39.97
N PRO A 3 -24.41 32.91 40.40
CA PRO A 3 -23.40 32.34 39.50
C PRO A 3 -23.72 30.90 39.10
N GLN A 4 -23.21 30.49 37.95
CA GLN A 4 -23.45 29.13 37.46
C GLN A 4 -22.13 28.49 37.05
N PRO A 5 -21.78 27.36 37.69
CA PRO A 5 -20.58 26.60 37.34
C PRO A 5 -20.75 25.83 36.02
N LYS A 6 -20.44 26.49 34.92
CA LYS A 6 -20.58 25.88 33.60
C LYS A 6 -19.24 25.83 32.89
N ALA A 7 -18.81 24.63 32.54
CA ALA A 7 -17.55 24.43 31.85
C ALA A 7 -17.62 23.22 30.94
N GLU A 8 -17.21 23.40 29.69
CA GLU A 8 -17.20 22.30 28.74
C GLU A 8 -15.77 21.88 28.45
N PRO A 9 -15.26 20.87 29.18
CA PRO A 9 -13.90 20.39 29.01
C PRO A 9 -13.72 19.66 27.68
N ALA A 10 -12.87 20.20 26.82
CA ALA A 10 -12.60 19.59 25.54
C ALA A 10 -11.74 18.34 25.70
N LYS A 11 -12.01 17.33 24.88
CA LYS A 11 -11.27 16.08 24.95
C LYS A 11 -10.39 15.91 23.72
N PRO A 12 -9.13 15.48 23.93
CA PRO A 12 -8.18 15.24 22.85
C PRO A 12 -8.47 13.95 22.10
N LYS A 13 -8.27 13.98 20.79
CA LYS A 13 -8.48 12.80 19.96
C LYS A 13 -7.16 12.34 19.35
N ALA A 14 -7.13 11.12 18.84
CA ALA A 14 -5.92 10.56 18.25
C ALA A 14 -6.11 10.33 16.76
N PRO A 15 -5.69 11.29 15.92
CA PRO A 15 -5.81 11.20 14.47
C PRO A 15 -4.85 10.19 13.88
N ARG A 16 -5.39 9.14 13.28
CA ARG A 16 -4.58 8.11 12.67
C ARG A 16 -5.12 7.77 11.29
N ALA A 17 -4.32 8.03 10.27
CA ALA A 17 -4.74 7.81 8.89
C ALA A 17 -3.85 6.78 8.22
N THR A 18 -4.38 6.13 7.20
CA THR A 18 -3.64 5.17 6.42
C THR A 18 -3.14 5.81 5.13
N PRO A 19 -1.85 5.68 4.81
CA PRO A 19 -1.27 6.30 3.62
C PRO A 19 -1.70 5.59 2.35
N VAL A 20 -1.09 4.45 2.07
CA VAL A 20 -1.28 3.75 0.81
C VAL A 20 -2.54 2.88 0.82
N ARG A 21 -3.31 2.98 -0.26
CA ARG A 21 -4.46 2.11 -0.47
C ARG A 21 -4.22 1.25 -1.70
N ILE A 22 -4.49 -0.04 -1.58
CA ILE A 22 -4.29 -0.97 -2.68
C ILE A 22 -5.53 -1.04 -3.55
N TYR A 23 -5.37 -0.72 -4.83
CA TYR A 23 -6.48 -0.72 -5.77
C TYR A 23 -6.19 -1.67 -6.92
N THR A 24 -7.08 -2.63 -7.13
CA THR A 24 -6.98 -3.52 -8.28
C THR A 24 -7.94 -3.07 -9.37
N ASN A 25 -8.38 -1.82 -9.29
CA ASN A 25 -9.33 -1.26 -10.24
C ASN A 25 -8.70 -0.13 -11.05
N ALA A 26 -8.28 -0.45 -12.27
CA ALA A 26 -7.64 0.52 -13.14
C ALA A 26 -8.59 1.66 -13.50
N GLU A 27 -9.86 1.31 -13.65
CA GLU A 27 -10.92 2.28 -13.96
C GLU A 27 -10.93 3.42 -12.95
N GLU A 28 -10.65 3.08 -11.69
CA GLU A 28 -10.69 4.07 -10.62
C GLU A 28 -9.61 5.13 -10.82
N LEU A 29 -8.42 4.69 -11.18
CA LEU A 29 -7.29 5.60 -11.33
C LEU A 29 -7.53 6.58 -12.47
N VAL A 30 -8.04 6.09 -13.59
CA VAL A 30 -8.30 6.94 -14.76
C VAL A 30 -9.44 7.91 -14.48
N GLY A 31 -10.26 7.61 -13.48
CA GLY A 31 -11.40 8.45 -13.18
C GLY A 31 -11.20 9.29 -11.93
N LYS A 32 -9.95 9.45 -11.50
CA LYS A 32 -9.67 10.22 -10.29
C LYS A 32 -8.46 11.11 -10.47
N PRO A 33 -8.44 12.26 -9.76
CA PRO A 33 -7.26 13.13 -9.72
C PRO A 33 -6.10 12.47 -8.99
N PHE A 34 -5.05 12.16 -9.72
CA PHE A 34 -3.94 11.42 -9.16
C PHE A 34 -2.62 11.91 -9.76
N ARG A 35 -1.54 11.67 -9.05
CA ARG A 35 -0.20 12.01 -9.52
C ARG A 35 0.52 10.76 -9.98
N ASP A 36 1.00 10.77 -11.22
CA ASP A 36 1.69 9.61 -11.76
C ASP A 36 3.16 9.66 -11.39
N LEU A 37 3.53 8.84 -10.42
CA LEU A 37 4.91 8.79 -9.94
C LEU A 37 5.70 7.74 -10.70
N GLY A 38 5.28 6.49 -10.56
CA GLY A 38 5.96 5.41 -11.25
C GLY A 38 5.31 4.07 -11.00
N GLU A 39 6.11 3.02 -10.93
CA GLU A 39 5.62 1.68 -10.68
C GLU A 39 6.62 0.92 -9.82
N VAL A 40 6.22 0.58 -8.61
CA VAL A 40 7.11 -0.10 -7.68
C VAL A 40 6.73 -1.58 -7.58
N SER A 41 7.67 -2.39 -7.14
CA SER A 41 7.43 -3.81 -7.05
C SER A 41 7.85 -4.36 -5.69
N GLY A 42 6.89 -4.99 -5.02
CA GLY A 42 7.18 -5.70 -3.80
C GLY A 42 7.66 -7.10 -4.12
N ASP A 43 8.95 -7.31 -4.02
CA ASP A 43 9.54 -8.58 -4.43
C ASP A 43 10.11 -9.31 -3.22
N SER A 44 9.87 -10.61 -3.19
CA SER A 44 10.34 -11.45 -2.11
C SER A 44 11.03 -12.69 -2.68
N CYS A 45 12.35 -12.61 -2.79
CA CYS A 45 13.14 -13.74 -3.29
C CYS A 45 13.88 -14.41 -2.13
N GLN A 46 13.89 -15.73 -2.14
CA GLN A 46 14.59 -16.49 -1.13
C GLN A 46 15.68 -17.35 -1.76
N ALA A 47 16.91 -17.19 -1.31
CA ALA A 47 18.00 -18.06 -1.75
C ALA A 47 17.89 -19.40 -1.04
N SER A 48 17.38 -19.36 0.18
CA SER A 48 17.12 -20.54 0.97
C SER A 48 15.97 -20.24 1.94
N ASN A 49 15.66 -21.18 2.83
CA ASN A 49 14.53 -20.99 3.74
C ASN A 49 14.91 -20.13 4.93
N GLN A 50 16.18 -19.74 4.99
CA GLN A 50 16.65 -18.82 6.01
C GLN A 50 16.56 -17.39 5.51
N ASP A 51 15.97 -17.24 4.32
CA ASP A 51 15.81 -15.94 3.69
C ASP A 51 14.40 -15.40 3.95
N SER A 52 13.93 -14.53 3.08
CA SER A 52 12.59 -14.00 3.18
C SER A 52 11.61 -14.88 2.39
N PRO A 53 10.48 -15.24 3.01
CA PRO A 53 9.48 -16.12 2.39
C PRO A 53 8.68 -15.40 1.30
N PRO A 54 8.66 -15.98 0.09
CA PRO A 54 7.94 -15.39 -1.04
C PRO A 54 6.43 -15.57 -0.90
N SER A 55 5.80 -14.62 -0.25
CA SER A 55 4.38 -14.66 -0.01
C SER A 55 3.70 -13.50 -0.73
N ILE A 56 2.47 -13.72 -1.16
CA ILE A 56 1.72 -12.70 -1.88
C ILE A 56 1.40 -11.48 -0.99
N PRO A 57 0.81 -11.69 0.21
CA PRO A 57 0.51 -10.58 1.12
C PRO A 57 1.77 -9.86 1.60
N THR A 58 2.83 -10.62 1.76
CA THR A 58 4.11 -10.08 2.21
C THR A 58 4.76 -9.22 1.11
N ALA A 59 4.79 -9.75 -0.10
CA ALA A 59 5.27 -9.00 -1.25
C ALA A 59 4.45 -7.74 -1.45
N ARG A 60 3.14 -7.86 -1.29
CA ARG A 60 2.23 -6.72 -1.44
C ARG A 60 2.48 -5.70 -0.33
N LYS A 61 2.87 -6.18 0.84
CA LYS A 61 3.19 -5.30 1.95
C LYS A 61 4.49 -4.55 1.66
N ARG A 62 5.47 -5.26 1.12
CA ARG A 62 6.74 -4.64 0.74
C ARG A 62 6.51 -3.59 -0.33
N MET A 63 5.59 -3.88 -1.24
CA MET A 63 5.20 -2.92 -2.28
C MET A 63 4.52 -1.72 -1.64
N GLN A 64 3.72 -1.97 -0.62
CA GLN A 64 3.01 -0.93 0.11
C GLN A 64 3.98 0.04 0.76
N ILE A 65 4.97 -0.49 1.48
CA ILE A 65 5.95 0.34 2.16
C ILE A 65 6.79 1.10 1.14
N ASN A 66 7.17 0.43 0.07
CA ASN A 66 7.94 1.04 -1.01
C ASN A 66 7.22 2.26 -1.55
N ALA A 67 5.93 2.10 -1.83
CA ALA A 67 5.12 3.20 -2.32
C ALA A 67 4.99 4.30 -1.26
N SER A 68 4.82 3.89 -0.01
CA SER A 68 4.65 4.84 1.09
C SER A 68 5.87 5.75 1.24
N LYS A 69 7.07 5.17 1.08
CA LYS A 69 8.30 5.95 1.19
C LYS A 69 8.55 6.73 -0.11
N MET A 70 7.77 6.41 -1.13
CA MET A 70 7.85 7.11 -2.42
C MET A 70 6.80 8.20 -2.48
N LYS A 71 6.11 8.41 -1.36
CA LYS A 71 5.07 9.44 -1.25
C LYS A 71 3.83 9.07 -2.05
N ALA A 72 3.72 7.79 -2.38
CA ALA A 72 2.56 7.28 -3.10
C ALA A 72 1.56 6.69 -2.11
N ASN A 73 0.28 6.97 -2.32
CA ASN A 73 -0.74 6.51 -1.40
C ASN A 73 -1.83 5.72 -2.13
N ALA A 74 -1.50 5.27 -3.33
CA ALA A 74 -2.41 4.48 -4.14
C ALA A 74 -1.63 3.52 -5.02
N VAL A 75 -1.76 2.23 -4.76
CA VAL A 75 -1.04 1.23 -5.53
C VAL A 75 -1.97 0.53 -6.51
N LEU A 76 -1.75 0.77 -7.79
CA LEU A 76 -2.50 0.11 -8.83
C LEU A 76 -1.94 -1.30 -9.05
N LEU A 77 -2.51 -2.25 -8.31
CA LEU A 77 -2.05 -3.62 -8.32
C LEU A 77 -2.22 -4.25 -9.70
N HIS A 78 -1.13 -4.79 -10.24
CA HIS A 78 -1.18 -5.45 -11.53
C HIS A 78 -1.10 -6.96 -11.35
N SER A 79 0.07 -7.47 -10.97
CA SER A 79 0.24 -8.90 -10.81
C SER A 79 1.42 -9.22 -9.88
N CYS A 80 1.22 -10.15 -8.96
CA CYS A 80 2.32 -10.65 -8.14
C CYS A 80 2.75 -12.02 -8.65
N GLU A 81 3.59 -12.01 -9.67
CA GLU A 81 4.02 -13.23 -10.33
C GLU A 81 5.10 -13.93 -9.51
N VAL A 82 4.83 -15.15 -9.09
CA VAL A 82 5.79 -15.92 -8.33
C VAL A 82 6.53 -16.91 -9.22
N THR A 83 7.84 -16.78 -9.24
CA THR A 83 8.69 -17.70 -9.96
C THR A 83 9.10 -18.86 -9.05
N SER A 84 8.78 -20.07 -9.48
CA SER A 84 9.09 -21.25 -8.68
C SER A 84 10.10 -22.14 -9.40
N GLY A 85 11.25 -22.32 -8.76
CA GLY A 85 12.26 -23.21 -9.31
C GLY A 85 13.37 -22.46 -10.03
N THR A 86 13.89 -21.44 -9.40
CA THR A 86 14.98 -20.66 -9.98
C THR A 86 16.30 -21.01 -9.30
N PRO A 87 17.36 -21.24 -10.10
CA PRO A 87 18.71 -21.56 -9.60
C PRO A 87 19.38 -20.36 -8.91
N GLY A 88 18.73 -19.87 -7.88
CA GLY A 88 19.22 -18.73 -7.14
C GLY A 88 18.16 -18.24 -6.18
N CYS A 89 17.14 -17.63 -6.73
CA CYS A 89 15.95 -17.29 -5.96
C CYS A 89 14.98 -18.44 -6.08
N TYR A 90 15.19 -19.46 -5.25
CA TYR A 90 14.41 -20.70 -5.29
C TYR A 90 12.93 -20.42 -5.50
N ARG A 91 12.40 -19.51 -4.70
CA ARG A 91 11.07 -19.00 -4.92
C ARG A 91 11.12 -17.48 -4.86
N GLN A 92 10.69 -16.84 -5.93
CA GLN A 92 10.81 -15.39 -6.04
C GLN A 92 9.47 -14.78 -6.45
N ALA A 93 8.77 -14.20 -5.50
CA ALA A 93 7.47 -13.61 -5.77
C ALA A 93 7.60 -12.12 -6.04
N VAL A 94 7.38 -11.71 -7.27
CA VAL A 94 7.49 -10.32 -7.66
C VAL A 94 6.12 -9.72 -7.93
N CYS A 95 5.63 -8.94 -6.99
CA CYS A 95 4.35 -8.26 -7.17
C CYS A 95 4.56 -6.84 -7.66
N ILE A 96 4.05 -6.53 -8.84
CA ILE A 96 4.26 -5.22 -9.43
C ILE A 96 2.97 -4.43 -9.49
N GLY A 97 3.05 -3.17 -9.06
CA GLY A 97 1.91 -2.28 -9.10
C GLY A 97 2.35 -0.84 -9.21
N SER A 98 1.57 -0.02 -9.89
CA SER A 98 1.94 1.37 -10.09
C SER A 98 1.80 2.18 -8.81
N ALA A 99 2.80 3.01 -8.54
CA ALA A 99 2.79 3.84 -7.35
C ALA A 99 2.26 5.23 -7.67
N LEU A 100 1.01 5.46 -7.33
CA LEU A 100 0.35 6.73 -7.62
C LEU A 100 0.03 7.47 -6.34
N ASN A 101 -0.20 8.76 -6.47
CA ASN A 101 -0.68 9.59 -5.37
C ASN A 101 -2.09 10.05 -5.70
N ILE A 102 -2.94 10.23 -4.70
CA ILE A 102 -4.28 10.72 -4.97
C ILE A 102 -4.37 12.21 -4.69
N THR A 103 -4.25 12.99 -5.75
CA THR A 103 -4.26 14.44 -5.64
C THR A 103 -5.68 14.99 -5.80
N ALA A 104 -6.58 14.51 -4.93
CA ALA A 104 -7.96 15.00 -4.93
C ALA A 104 -8.01 16.43 -4.41
N LYS A 105 -7.02 16.79 -3.62
CA LYS A 105 -6.89 18.13 -3.09
C LYS A 105 -5.42 18.45 -2.88
N MET A 1 -39.89 17.63 44.17
CA MET A 1 -38.51 18.13 43.96
C MET A 1 -38.30 18.48 42.50
N ALA A 2 -37.10 18.93 42.16
CA ALA A 2 -36.77 19.29 40.80
C ALA A 2 -35.60 18.46 40.30
N PRO A 3 -35.69 17.92 39.08
CA PRO A 3 -34.63 17.13 38.46
C PRO A 3 -33.55 18.02 37.84
N GLN A 4 -32.31 17.75 38.22
CA GLN A 4 -31.18 18.49 37.67
C GLN A 4 -30.21 17.54 36.97
N PRO A 5 -30.53 17.15 35.72
CA PRO A 5 -29.73 16.20 34.95
C PRO A 5 -28.53 16.85 34.24
N LYS A 6 -27.59 16.03 33.82
CA LYS A 6 -26.40 16.52 33.13
C LYS A 6 -25.78 15.40 32.29
N ALA A 7 -26.42 15.10 31.18
CA ALA A 7 -25.96 14.03 30.30
C ALA A 7 -25.34 14.59 29.03
N GLU A 8 -24.02 14.46 28.93
CA GLU A 8 -23.30 14.96 27.77
C GLU A 8 -22.43 13.86 27.17
N PRO A 9 -22.88 13.23 26.08
CA PRO A 9 -22.13 12.20 25.39
C PRO A 9 -21.08 12.79 24.46
N ALA A 10 -19.83 12.32 24.59
CA ALA A 10 -18.75 12.78 23.75
C ALA A 10 -18.18 11.64 22.92
N LYS A 11 -18.47 11.65 21.63
CA LYS A 11 -18.01 10.60 20.72
C LYS A 11 -17.15 11.18 19.61
N PRO A 12 -15.84 11.33 19.84
CA PRO A 12 -14.89 11.83 18.85
C PRO A 12 -14.28 10.69 18.03
N LYS A 13 -13.74 11.03 16.86
CA LYS A 13 -13.12 10.04 15.98
C LYS A 13 -12.34 10.71 14.87
N ALA A 14 -11.08 10.33 14.73
CA ALA A 14 -10.22 10.83 13.67
C ALA A 14 -9.21 9.77 13.26
N PRO A 15 -9.60 8.86 12.35
CA PRO A 15 -8.75 7.76 11.89
C PRO A 15 -7.81 8.18 10.76
N ARG A 16 -6.60 7.65 10.78
CA ARG A 16 -5.61 7.95 9.75
C ARG A 16 -4.56 6.85 9.66
N ALA A 17 -5.04 5.61 9.61
CA ALA A 17 -4.16 4.46 9.49
C ALA A 17 -4.05 4.01 8.04
N THR A 18 -2.96 3.33 7.70
CA THR A 18 -2.70 2.89 6.34
C THR A 18 -2.70 4.05 5.35
N PRO A 19 -1.56 4.76 5.23
CA PRO A 19 -1.44 5.91 4.36
C PRO A 19 -1.49 5.52 2.88
N VAL A 20 -0.84 4.42 2.55
CA VAL A 20 -0.79 3.93 1.18
C VAL A 20 -1.67 2.69 1.04
N ARG A 21 -2.54 2.70 0.05
CA ARG A 21 -3.47 1.61 -0.18
C ARG A 21 -3.16 0.90 -1.48
N ILE A 22 -3.58 -0.35 -1.59
CA ILE A 22 -3.41 -1.10 -2.83
C ILE A 22 -4.74 -1.14 -3.57
N TYR A 23 -4.73 -0.64 -4.80
CA TYR A 23 -5.95 -0.57 -5.60
C TYR A 23 -5.85 -1.49 -6.79
N THR A 24 -6.84 -2.36 -6.94
CA THR A 24 -6.88 -3.30 -8.05
C THR A 24 -7.98 -2.93 -9.04
N ASN A 25 -8.08 -1.63 -9.33
CA ASN A 25 -9.10 -1.13 -10.27
C ASN A 25 -8.61 0.14 -10.96
N ALA A 26 -8.15 -0.01 -12.19
CA ALA A 26 -7.66 1.13 -12.96
C ALA A 26 -8.80 2.09 -13.27
N GLU A 27 -10.01 1.54 -13.34
CA GLU A 27 -11.22 2.30 -13.60
C GLU A 27 -11.37 3.46 -12.61
N GLU A 28 -10.97 3.20 -11.37
CA GLU A 28 -11.13 4.17 -10.30
C GLU A 28 -10.12 5.31 -10.44
N LEU A 29 -8.91 4.97 -10.86
CA LEU A 29 -7.83 5.93 -10.95
C LEU A 29 -8.12 6.99 -12.02
N VAL A 30 -8.56 6.53 -13.19
CA VAL A 30 -8.82 7.45 -14.31
C VAL A 30 -10.15 8.19 -14.14
N GLY A 31 -10.71 8.14 -12.94
CA GLY A 31 -11.94 8.85 -12.67
C GLY A 31 -11.90 9.53 -11.31
N LYS A 32 -10.71 9.70 -10.76
CA LYS A 32 -10.56 10.26 -9.43
C LYS A 32 -9.38 11.24 -9.36
N PRO A 33 -9.33 12.09 -8.33
CA PRO A 33 -8.18 12.96 -8.08
C PRO A 33 -6.94 12.15 -7.68
N PHE A 34 -6.11 11.85 -8.66
CA PHE A 34 -4.92 11.05 -8.42
C PHE A 34 -3.71 11.66 -9.12
N ARG A 35 -2.56 11.04 -8.95
CA ARG A 35 -1.32 11.54 -9.55
C ARG A 35 -0.51 10.38 -10.08
N ASP A 36 -0.23 10.41 -11.37
CA ASP A 36 0.56 9.36 -12.01
C ASP A 36 2.05 9.61 -11.79
N LEU A 37 2.57 9.13 -10.66
CA LEU A 37 3.96 9.33 -10.31
C LEU A 37 4.87 8.42 -11.13
N GLY A 38 4.75 7.11 -10.90
CA GLY A 38 5.60 6.16 -11.58
C GLY A 38 5.16 4.73 -11.36
N GLU A 39 6.12 3.85 -11.17
CA GLU A 39 5.84 2.43 -10.97
C GLU A 39 6.85 1.82 -10.01
N VAL A 40 6.41 0.86 -9.21
CA VAL A 40 7.29 0.22 -8.24
C VAL A 40 6.92 -1.25 -8.07
N SER A 41 7.88 -2.05 -7.66
CA SER A 41 7.64 -3.47 -7.45
C SER A 41 8.11 -3.91 -6.07
N GLY A 42 7.50 -4.97 -5.57
CA GLY A 42 7.90 -5.54 -4.31
C GLY A 42 8.12 -7.04 -4.46
N ASP A 43 9.35 -7.48 -4.32
CA ASP A 43 9.68 -8.88 -4.51
C ASP A 43 10.20 -9.49 -3.22
N SER A 44 9.68 -10.66 -2.91
CA SER A 44 10.13 -11.42 -1.76
C SER A 44 10.88 -12.65 -2.22
N CYS A 45 12.20 -12.54 -2.29
CA CYS A 45 13.04 -13.64 -2.74
C CYS A 45 13.64 -14.35 -1.54
N GLN A 46 13.52 -15.67 -1.52
CA GLN A 46 14.13 -16.47 -0.47
C GLN A 46 15.17 -17.41 -1.08
N ALA A 47 16.32 -17.49 -0.42
CA ALA A 47 17.38 -18.38 -0.88
C ALA A 47 17.02 -19.84 -0.59
N SER A 48 16.40 -20.06 0.55
CA SER A 48 15.97 -21.39 0.97
C SER A 48 14.77 -21.26 1.89
N ASN A 49 14.28 -22.39 2.42
CA ASN A 49 13.15 -22.37 3.34
C ASN A 49 13.62 -21.92 4.72
N GLN A 50 14.93 -21.70 4.84
CA GLN A 50 15.52 -21.16 6.05
C GLN A 50 15.45 -19.64 6.02
N ASP A 51 14.97 -19.12 4.91
CA ASP A 51 14.85 -17.67 4.73
C ASP A 51 13.40 -17.26 4.92
N SER A 52 13.11 -15.98 4.67
CA SER A 52 11.76 -15.46 4.82
C SER A 52 10.84 -16.05 3.75
N PRO A 53 9.53 -16.14 4.04
CA PRO A 53 8.56 -16.71 3.11
C PRO A 53 8.24 -15.78 1.96
N PRO A 54 8.20 -16.31 0.72
CA PRO A 54 7.90 -15.52 -0.47
C PRO A 54 6.41 -15.36 -0.68
N SER A 55 5.75 -14.82 0.32
CA SER A 55 4.32 -14.67 0.30
C SER A 55 3.88 -13.51 -0.60
N ILE A 56 2.77 -13.71 -1.30
CA ILE A 56 2.22 -12.70 -2.19
C ILE A 56 1.83 -11.43 -1.41
N PRO A 57 1.08 -11.55 -0.28
CA PRO A 57 0.73 -10.39 0.53
C PRO A 57 1.97 -9.68 1.07
N THR A 58 3.01 -10.46 1.33
CA THR A 58 4.28 -9.93 1.79
C THR A 58 4.94 -9.10 0.67
N ALA A 59 4.88 -9.61 -0.55
CA ALA A 59 5.41 -8.90 -1.71
C ALA A 59 4.62 -7.62 -1.95
N ARG A 60 3.31 -7.71 -1.75
CA ARG A 60 2.43 -6.56 -1.91
C ARG A 60 2.74 -5.52 -0.85
N LYS A 61 3.15 -5.98 0.32
CA LYS A 61 3.54 -5.07 1.41
C LYS A 61 4.85 -4.36 1.06
N ARG A 62 5.80 -5.11 0.53
CA ARG A 62 7.08 -4.55 0.12
C ARG A 62 6.87 -3.51 -0.97
N MET A 63 6.02 -3.84 -1.93
CA MET A 63 5.66 -2.93 -3.01
C MET A 63 4.94 -1.70 -2.45
N GLN A 64 4.14 -1.91 -1.41
CA GLN A 64 3.41 -0.84 -0.76
C GLN A 64 4.37 0.18 -0.14
N ILE A 65 5.35 -0.32 0.61
CA ILE A 65 6.34 0.54 1.25
C ILE A 65 7.24 1.20 0.21
N ASN A 66 7.52 0.47 -0.87
CA ASN A 66 8.32 1.01 -1.96
C ASN A 66 7.58 2.15 -2.64
N ALA A 67 6.26 2.05 -2.66
CA ALA A 67 5.44 3.11 -3.22
C ALA A 67 5.42 4.32 -2.28
N SER A 68 5.33 4.07 -0.98
CA SER A 68 5.25 5.15 0.00
C SER A 68 6.57 5.91 0.06
N LYS A 69 7.68 5.22 -0.19
CA LYS A 69 8.99 5.86 -0.23
C LYS A 69 9.15 6.66 -1.52
N MET A 70 8.18 6.54 -2.41
CA MET A 70 8.15 7.32 -3.64
C MET A 70 7.05 8.37 -3.55
N LYS A 71 6.57 8.59 -2.33
CA LYS A 71 5.54 9.58 -2.03
C LYS A 71 4.19 9.20 -2.62
N ALA A 72 4.01 7.91 -2.91
CA ALA A 72 2.76 7.41 -3.43
C ALA A 72 1.94 6.79 -2.32
N ASN A 73 0.62 6.83 -2.46
CA ASN A 73 -0.26 6.28 -1.44
C ASN A 73 -1.35 5.43 -2.07
N ALA A 74 -1.12 4.99 -3.29
CA ALA A 74 -2.06 4.16 -4.02
C ALA A 74 -1.33 3.32 -5.07
N VAL A 75 -1.09 2.06 -4.75
CA VAL A 75 -0.41 1.17 -5.68
C VAL A 75 -1.42 0.42 -6.53
N LEU A 76 -1.46 0.73 -7.81
CA LEU A 76 -2.32 0.04 -8.75
C LEU A 76 -1.73 -1.31 -9.09
N LEU A 77 -2.29 -2.36 -8.49
CA LEU A 77 -1.77 -3.70 -8.66
C LEU A 77 -1.94 -4.15 -10.10
N HIS A 78 -0.88 -4.69 -10.68
CA HIS A 78 -0.92 -5.16 -12.05
C HIS A 78 -0.74 -6.67 -12.11
N SER A 79 0.44 -7.14 -11.76
CA SER A 79 0.75 -8.56 -11.85
C SER A 79 1.63 -9.01 -10.70
N CYS A 80 1.28 -10.14 -10.10
CA CYS A 80 2.10 -10.73 -9.05
C CYS A 80 2.68 -12.04 -9.55
N GLU A 81 3.95 -12.02 -9.92
CA GLU A 81 4.62 -13.20 -10.46
C GLU A 81 5.24 -14.01 -9.34
N VAL A 82 5.45 -15.30 -9.59
CA VAL A 82 6.10 -16.15 -8.61
C VAL A 82 7.00 -17.17 -9.31
N THR A 83 8.27 -17.16 -8.96
CA THR A 83 9.22 -18.12 -9.50
C THR A 83 9.51 -19.20 -8.47
N SER A 84 9.39 -20.45 -8.90
CA SER A 84 9.69 -21.59 -8.05
C SER A 84 10.71 -22.49 -8.73
N GLY A 85 11.97 -22.21 -8.48
CA GLY A 85 13.04 -22.92 -9.14
C GLY A 85 13.96 -21.98 -9.87
N THR A 86 14.58 -21.08 -9.12
CA THR A 86 15.45 -20.07 -9.68
C THR A 86 16.78 -20.03 -8.93
N PRO A 87 17.89 -19.73 -9.64
CA PRO A 87 19.22 -19.61 -9.01
C PRO A 87 19.26 -18.46 -8.01
N GLY A 88 19.81 -18.74 -6.83
CA GLY A 88 19.89 -17.74 -5.79
C GLY A 88 18.59 -17.60 -5.04
N CYS A 89 17.53 -17.28 -5.77
CA CYS A 89 16.21 -17.13 -5.19
C CYS A 89 15.36 -18.35 -5.54
N TYR A 90 15.35 -19.34 -4.66
CA TYR A 90 14.57 -20.56 -4.86
C TYR A 90 13.12 -20.21 -5.16
N ARG A 91 12.55 -19.35 -4.32
CA ARG A 91 11.20 -18.86 -4.54
C ARG A 91 11.19 -17.34 -4.44
N GLN A 92 10.55 -16.70 -5.41
CA GLN A 92 10.52 -15.25 -5.46
C GLN A 92 9.16 -14.76 -5.94
N ALA A 93 8.51 -13.96 -5.11
CA ALA A 93 7.22 -13.39 -5.48
C ALA A 93 7.38 -11.90 -5.78
N VAL A 94 7.20 -11.54 -7.05
CA VAL A 94 7.39 -10.16 -7.48
C VAL A 94 6.05 -9.52 -7.85
N CYS A 95 5.56 -8.65 -6.98
CA CYS A 95 4.33 -7.94 -7.24
C CYS A 95 4.63 -6.56 -7.81
N ILE A 96 4.18 -6.33 -9.05
CA ILE A 96 4.44 -5.07 -9.74
C ILE A 96 3.16 -4.24 -9.83
N GLY A 97 3.28 -2.96 -9.48
CA GLY A 97 2.15 -2.06 -9.54
C GLY A 97 2.57 -0.63 -9.76
N SER A 98 1.65 0.20 -10.23
CA SER A 98 1.94 1.59 -10.48
C SER A 98 1.82 2.41 -9.20
N ALA A 99 2.70 3.38 -9.02
CA ALA A 99 2.72 4.19 -7.83
C ALA A 99 1.96 5.48 -8.05
N LEU A 100 0.72 5.53 -7.57
CA LEU A 100 -0.12 6.70 -7.72
C LEU A 100 -0.30 7.40 -6.37
N ASN A 101 -0.68 8.67 -6.43
CA ASN A 101 -0.94 9.44 -5.23
C ASN A 101 -2.33 10.05 -5.30
N ILE A 102 -3.22 9.66 -4.39
CA ILE A 102 -4.57 10.22 -4.37
C ILE A 102 -4.53 11.68 -3.95
N THR A 103 -4.46 12.56 -4.93
CA THR A 103 -4.31 13.98 -4.68
C THR A 103 -5.67 14.64 -4.49
N ALA A 104 -6.34 14.27 -3.39
CA ALA A 104 -7.63 14.83 -3.05
C ALA A 104 -7.44 16.19 -2.37
N LYS A 105 -7.15 17.20 -3.18
CA LYS A 105 -6.96 18.55 -2.68
C LYS A 105 -7.17 19.54 -3.82
N MET A 1 -40.22 24.65 40.44
CA MET A 1 -39.84 23.25 40.74
C MET A 1 -38.40 23.00 40.32
N ALA A 2 -38.05 21.74 40.13
CA ALA A 2 -36.70 21.38 39.71
C ALA A 2 -36.61 21.37 38.19
N PRO A 3 -35.54 21.98 37.63
CA PRO A 3 -35.30 21.99 36.19
C PRO A 3 -34.73 20.67 35.68
N GLN A 4 -34.27 20.66 34.45
CA GLN A 4 -33.67 19.46 33.87
C GLN A 4 -32.53 19.85 32.93
N PRO A 5 -31.32 20.03 33.49
CA PRO A 5 -30.15 20.43 32.72
C PRO A 5 -29.64 19.30 31.83
N LYS A 6 -28.84 19.65 30.83
CA LYS A 6 -28.30 18.67 29.90
C LYS A 6 -27.20 19.27 29.06
N ALA A 7 -26.23 18.45 28.68
CA ALA A 7 -25.16 18.87 27.80
C ALA A 7 -25.07 17.93 26.62
N GLU A 8 -24.87 18.49 25.44
CA GLU A 8 -24.78 17.71 24.21
C GLU A 8 -23.34 17.67 23.70
N PRO A 9 -22.56 16.66 24.10
CA PRO A 9 -21.16 16.54 23.74
C PRO A 9 -20.97 15.84 22.39
N ALA A 10 -20.73 16.63 21.35
CA ALA A 10 -20.51 16.10 20.02
C ALA A 10 -19.04 16.03 19.71
N LYS A 11 -18.51 14.81 19.60
CA LYS A 11 -17.09 14.61 19.35
C LYS A 11 -16.84 14.09 17.95
N PRO A 12 -16.40 14.96 17.03
CA PRO A 12 -16.03 14.57 15.67
C PRO A 12 -14.65 13.93 15.61
N LYS A 13 -14.36 13.23 14.52
CA LYS A 13 -13.08 12.56 14.35
C LYS A 13 -12.69 12.52 12.88
N ALA A 14 -11.38 12.45 12.63
CA ALA A 14 -10.87 12.38 11.27
C ALA A 14 -10.23 11.01 11.04
N PRO A 15 -10.60 10.34 9.93
CA PRO A 15 -10.13 8.99 9.62
C PRO A 15 -8.71 8.96 9.04
N ARG A 16 -7.78 9.62 9.73
CA ARG A 16 -6.39 9.61 9.30
C ARG A 16 -5.72 8.32 9.78
N ALA A 17 -5.60 7.35 8.88
CA ALA A 17 -5.05 6.05 9.26
C ALA A 17 -4.04 5.55 8.24
N THR A 18 -4.45 4.62 7.39
CA THR A 18 -3.56 3.99 6.41
C THR A 18 -2.97 5.01 5.44
N PRO A 19 -1.63 5.11 5.38
CA PRO A 19 -0.95 6.05 4.50
C PRO A 19 -1.04 5.63 3.04
N VAL A 20 -0.98 4.33 2.79
CA VAL A 20 -1.02 3.79 1.43
C VAL A 20 -2.01 2.63 1.34
N ARG A 21 -2.83 2.64 0.29
CA ARG A 21 -3.79 1.57 0.05
C ARG A 21 -3.45 0.85 -1.25
N ILE A 22 -3.84 -0.41 -1.35
CA ILE A 22 -3.63 -1.18 -2.57
C ILE A 22 -4.86 -1.12 -3.46
N TYR A 23 -4.65 -0.82 -4.73
CA TYR A 23 -5.73 -0.71 -5.70
C TYR A 23 -5.62 -1.81 -6.73
N THR A 24 -6.63 -2.66 -6.81
CA THR A 24 -6.62 -3.75 -7.76
C THR A 24 -7.53 -3.46 -8.96
N ASN A 25 -7.74 -2.19 -9.23
CA ASN A 25 -8.60 -1.79 -10.35
C ASN A 25 -8.08 -0.53 -11.03
N ALA A 26 -7.58 -0.69 -12.25
CA ALA A 26 -7.05 0.43 -13.03
C ALA A 26 -8.15 1.43 -13.36
N GLU A 27 -9.36 0.92 -13.54
CA GLU A 27 -10.51 1.75 -13.88
C GLU A 27 -10.78 2.78 -12.79
N GLU A 28 -10.47 2.42 -11.56
CA GLU A 28 -10.68 3.32 -10.43
C GLU A 28 -9.74 4.52 -10.53
N LEU A 29 -8.51 4.26 -10.92
CA LEU A 29 -7.48 5.29 -10.98
C LEU A 29 -7.83 6.36 -12.01
N VAL A 30 -8.23 5.93 -13.20
CA VAL A 30 -8.54 6.88 -14.27
C VAL A 30 -9.80 7.69 -13.96
N GLY A 31 -10.61 7.21 -13.03
CA GLY A 31 -11.84 7.90 -12.69
C GLY A 31 -11.73 8.71 -11.43
N LYS A 32 -10.49 9.02 -11.03
CA LYS A 32 -10.24 9.75 -9.80
C LYS A 32 -9.10 10.74 -9.97
N PRO A 33 -9.04 11.77 -9.12
CA PRO A 33 -7.94 12.73 -9.11
C PRO A 33 -6.66 12.13 -8.53
N PHE A 34 -5.92 11.43 -9.36
CA PHE A 34 -4.71 10.76 -8.92
C PHE A 34 -3.48 11.38 -9.56
N ARG A 35 -2.38 11.36 -8.83
CA ARG A 35 -1.11 11.87 -9.33
C ARG A 35 -0.20 10.70 -9.69
N ASP A 36 0.14 10.59 -10.96
CA ASP A 36 0.97 9.49 -11.43
C ASP A 36 2.45 9.75 -11.14
N LEU A 37 3.05 8.84 -10.38
CA LEU A 37 4.45 8.95 -10.04
C LEU A 37 5.29 7.98 -10.88
N GLY A 38 5.14 6.69 -10.61
CA GLY A 38 5.89 5.70 -11.36
C GLY A 38 5.71 4.31 -10.79
N GLU A 39 6.00 3.30 -11.61
CA GLU A 39 5.83 1.91 -11.20
C GLU A 39 6.89 1.50 -10.18
N VAL A 40 6.46 0.84 -9.12
CA VAL A 40 7.36 0.31 -8.11
C VAL A 40 7.16 -1.19 -7.99
N SER A 41 8.16 -1.89 -7.47
CA SER A 41 8.08 -3.35 -7.38
C SER A 41 8.36 -3.82 -5.95
N GLY A 42 7.66 -4.88 -5.58
CA GLY A 42 7.89 -5.52 -4.30
C GLY A 42 8.10 -7.00 -4.47
N ASP A 43 9.35 -7.42 -4.43
CA ASP A 43 9.69 -8.81 -4.65
C ASP A 43 10.07 -9.48 -3.35
N SER A 44 9.76 -10.75 -3.26
CA SER A 44 10.15 -11.56 -2.12
C SER A 44 10.95 -12.77 -2.61
N CYS A 45 12.20 -12.53 -2.96
CA CYS A 45 13.09 -13.59 -3.36
C CYS A 45 13.65 -14.30 -2.14
N GLN A 46 13.32 -15.57 -1.99
CA GLN A 46 13.87 -16.37 -0.91
C GLN A 46 15.02 -17.22 -1.43
N ALA A 47 16.23 -16.92 -0.97
CA ALA A 47 17.39 -17.72 -1.33
C ALA A 47 17.40 -19.00 -0.51
N SER A 48 16.84 -18.90 0.69
CA SER A 48 16.73 -20.03 1.59
C SER A 48 15.57 -19.79 2.56
N ASN A 49 15.32 -20.76 3.43
CA ASN A 49 14.22 -20.68 4.40
C ASN A 49 14.47 -19.57 5.43
N GLN A 50 15.69 -19.03 5.44
CA GLN A 50 16.07 -17.99 6.40
C GLN A 50 15.43 -16.63 6.05
N ASP A 51 14.71 -16.56 4.95
CA ASP A 51 13.98 -15.35 4.58
C ASP A 51 12.52 -15.50 4.96
N SER A 52 11.68 -14.60 4.49
CA SER A 52 10.25 -14.69 4.73
C SER A 52 9.58 -15.39 3.57
N PRO A 53 8.59 -16.26 3.84
CA PRO A 53 7.87 -17.01 2.81
C PRO A 53 7.19 -16.07 1.82
N PRO A 54 7.61 -16.12 0.55
CA PRO A 54 7.09 -15.24 -0.50
C PRO A 54 5.60 -15.44 -0.75
N SER A 55 4.81 -14.68 -0.02
CA SER A 55 3.38 -14.70 -0.17
C SER A 55 2.93 -13.50 -1.00
N ILE A 56 1.71 -13.55 -1.53
CA ILE A 56 1.19 -12.45 -2.32
C ILE A 56 1.09 -11.15 -1.48
N PRO A 57 0.46 -11.18 -0.29
CA PRO A 57 0.43 -10.01 0.60
C PRO A 57 1.82 -9.61 1.07
N THR A 58 2.73 -10.56 1.07
CA THR A 58 4.11 -10.31 1.45
C THR A 58 4.83 -9.46 0.40
N ALA A 59 4.75 -9.89 -0.86
CA ALA A 59 5.29 -9.13 -1.98
C ALA A 59 4.57 -7.78 -2.09
N ARG A 60 3.26 -7.81 -1.86
CA ARG A 60 2.44 -6.61 -1.89
C ARG A 60 2.89 -5.62 -0.83
N LYS A 61 3.33 -6.12 0.32
CA LYS A 61 3.78 -5.27 1.40
C LYS A 61 5.15 -4.67 1.10
N ARG A 62 6.05 -5.49 0.58
CA ARG A 62 7.37 -5.02 0.17
C ARG A 62 7.22 -3.94 -0.91
N MET A 63 6.22 -4.12 -1.76
CA MET A 63 5.89 -3.15 -2.79
C MET A 63 5.29 -1.89 -2.17
N GLN A 64 4.46 -2.09 -1.16
CA GLN A 64 3.80 -0.98 -0.47
C GLN A 64 4.81 -0.08 0.23
N ILE A 65 5.82 -0.69 0.86
CA ILE A 65 6.86 0.07 1.53
C ILE A 65 7.72 0.82 0.51
N ASN A 66 7.89 0.22 -0.65
CA ASN A 66 8.62 0.86 -1.75
C ASN A 66 7.85 2.06 -2.27
N ALA A 67 6.54 1.89 -2.39
CA ALA A 67 5.66 2.96 -2.84
C ALA A 67 5.61 4.12 -1.85
N SER A 68 5.47 3.79 -0.57
CA SER A 68 5.36 4.80 0.47
C SER A 68 6.67 5.59 0.58
N LYS A 69 7.78 4.96 0.22
CA LYS A 69 9.09 5.61 0.22
C LYS A 69 9.16 6.64 -0.91
N MET A 70 8.35 6.43 -1.94
CA MET A 70 8.30 7.33 -3.08
C MET A 70 7.22 8.39 -2.89
N LYS A 71 6.62 8.37 -1.70
CA LYS A 71 5.52 9.27 -1.33
C LYS A 71 4.27 8.95 -2.14
N ALA A 72 3.99 7.66 -2.28
CA ALA A 72 2.75 7.22 -2.91
C ALA A 72 1.79 6.72 -1.85
N ASN A 73 0.50 6.90 -2.08
CA ASN A 73 -0.51 6.49 -1.11
C ASN A 73 -1.48 5.48 -1.71
N ALA A 74 -1.15 5.01 -2.90
CA ALA A 74 -1.95 4.00 -3.58
C ALA A 74 -1.10 3.23 -4.57
N VAL A 75 -1.22 1.91 -4.57
CA VAL A 75 -0.46 1.09 -5.49
C VAL A 75 -1.39 0.32 -6.43
N LEU A 76 -1.35 0.68 -7.70
CA LEU A 76 -2.13 0.01 -8.74
C LEU A 76 -1.49 -1.33 -9.06
N LEU A 77 -2.00 -2.39 -8.44
CA LEU A 77 -1.45 -3.72 -8.63
C LEU A 77 -1.67 -4.20 -10.06
N HIS A 78 -0.59 -4.63 -10.70
CA HIS A 78 -0.67 -5.11 -12.07
C HIS A 78 -0.53 -6.62 -12.11
N SER A 79 0.66 -7.11 -11.76
CA SER A 79 0.92 -8.54 -11.82
C SER A 79 1.82 -8.98 -10.68
N CYS A 80 1.48 -10.10 -10.07
CA CYS A 80 2.29 -10.70 -9.03
C CYS A 80 2.86 -12.02 -9.52
N GLU A 81 4.08 -11.97 -10.05
CA GLU A 81 4.73 -13.15 -10.59
C GLU A 81 5.34 -13.98 -9.48
N VAL A 82 4.77 -15.15 -9.24
CA VAL A 82 5.22 -16.00 -8.16
C VAL A 82 5.97 -17.23 -8.72
N THR A 83 7.23 -17.00 -9.08
CA THR A 83 8.05 -18.00 -9.77
C THR A 83 8.74 -18.94 -8.78
N SER A 84 8.58 -20.24 -9.00
CA SER A 84 9.25 -21.24 -8.18
C SER A 84 10.23 -22.05 -9.04
N GLY A 85 11.46 -22.16 -8.58
CA GLY A 85 12.48 -22.85 -9.33
C GLY A 85 13.39 -21.88 -10.06
N THR A 86 13.45 -20.66 -9.57
CA THR A 86 14.28 -19.63 -10.16
C THR A 86 15.74 -19.78 -9.74
N PRO A 87 16.68 -19.49 -10.64
CA PRO A 87 18.11 -19.52 -10.33
C PRO A 87 18.47 -18.49 -9.25
N GLY A 88 19.08 -18.97 -8.17
CA GLY A 88 19.45 -18.08 -7.08
C GLY A 88 18.37 -17.96 -6.04
N CYS A 89 17.17 -17.62 -6.49
CA CYS A 89 16.02 -17.49 -5.60
C CYS A 89 15.11 -18.70 -5.74
N TYR A 90 15.11 -19.55 -4.72
CA TYR A 90 14.31 -20.78 -4.71
C TYR A 90 12.87 -20.50 -5.18
N ARG A 91 12.28 -19.45 -4.62
CA ARG A 91 10.95 -19.01 -5.03
C ARG A 91 10.86 -17.50 -4.85
N GLN A 92 10.60 -16.81 -5.95
CA GLN A 92 10.56 -15.35 -5.95
C GLN A 92 9.17 -14.86 -6.32
N ALA A 93 8.56 -14.09 -5.43
CA ALA A 93 7.26 -13.50 -5.71
C ALA A 93 7.39 -11.99 -5.91
N VAL A 94 7.33 -11.56 -7.15
CA VAL A 94 7.49 -10.15 -7.47
C VAL A 94 6.15 -9.51 -7.83
N CYS A 95 5.68 -8.63 -6.95
CA CYS A 95 4.45 -7.89 -7.22
C CYS A 95 4.79 -6.52 -7.82
N ILE A 96 4.34 -6.29 -9.04
CA ILE A 96 4.59 -5.04 -9.72
C ILE A 96 3.33 -4.19 -9.77
N GLY A 97 3.44 -2.94 -9.33
CA GLY A 97 2.30 -2.05 -9.32
C GLY A 97 2.71 -0.59 -9.43
N SER A 98 1.84 0.23 -9.98
CA SER A 98 2.13 1.65 -10.16
C SER A 98 1.92 2.42 -8.86
N ALA A 99 2.94 3.17 -8.45
CA ALA A 99 2.84 3.99 -7.26
C ALA A 99 2.21 5.34 -7.62
N LEU A 100 0.99 5.56 -7.12
CA LEU A 100 0.26 6.79 -7.39
C LEU A 100 0.01 7.55 -6.09
N ASN A 101 -0.20 8.85 -6.20
CA ASN A 101 -0.56 9.66 -5.05
C ASN A 101 -1.92 10.30 -5.28
N ILE A 102 -2.94 9.73 -4.66
CA ILE A 102 -4.29 10.25 -4.77
C ILE A 102 -4.35 11.65 -4.20
N THR A 103 -4.72 12.62 -5.02
CA THR A 103 -4.77 13.99 -4.61
C THR A 103 -6.21 14.47 -4.47
N ALA A 104 -6.78 14.24 -3.30
CA ALA A 104 -8.16 14.65 -3.03
C ALA A 104 -8.21 16.11 -2.60
N LYS A 105 -7.13 16.83 -2.87
CA LYS A 105 -7.03 18.24 -2.55
C LYS A 105 -6.95 19.05 -3.83
N MET A 1 -31.98 28.31 47.49
CA MET A 1 -31.65 27.69 46.19
C MET A 1 -30.27 28.14 45.71
N ALA A 2 -29.27 27.34 46.00
CA ALA A 2 -27.91 27.62 45.57
C ALA A 2 -27.67 27.04 44.18
N PRO A 3 -27.19 27.86 43.24
CA PRO A 3 -26.97 27.44 41.85
C PRO A 3 -25.81 26.47 41.73
N GLN A 4 -26.11 25.25 41.31
CA GLN A 4 -25.08 24.24 41.09
C GLN A 4 -25.09 23.77 39.64
N PRO A 5 -24.19 24.31 38.81
CA PRO A 5 -24.15 24.02 37.37
C PRO A 5 -23.65 22.62 37.06
N LYS A 6 -23.92 22.16 35.85
CA LYS A 6 -23.46 20.86 35.40
C LYS A 6 -22.26 21.02 34.48
N ALA A 7 -21.10 21.28 35.06
CA ALA A 7 -19.88 21.42 34.31
C ALA A 7 -19.43 20.07 33.75
N GLU A 8 -19.50 19.92 32.44
CA GLU A 8 -19.17 18.66 31.80
C GLU A 8 -18.05 18.83 30.77
N PRO A 9 -16.79 18.86 31.21
CA PRO A 9 -15.65 18.95 30.31
C PRO A 9 -15.46 17.66 29.52
N ALA A 10 -15.29 17.78 28.21
CA ALA A 10 -15.19 16.60 27.35
C ALA A 10 -14.07 16.78 26.32
N LYS A 11 -13.55 15.67 25.83
CA LYS A 11 -12.47 15.69 24.86
C LYS A 11 -12.97 15.28 23.48
N PRO A 12 -12.33 15.78 22.42
CA PRO A 12 -12.62 15.37 21.05
C PRO A 12 -12.00 14.01 20.72
N LYS A 13 -12.27 13.50 19.54
CA LYS A 13 -11.76 12.19 19.14
C LYS A 13 -10.75 12.32 18.01
N ALA A 14 -9.72 11.48 18.06
CA ALA A 14 -8.68 11.47 17.03
C ALA A 14 -8.38 10.04 16.61
N PRO A 15 -8.84 9.65 15.42
CA PRO A 15 -8.65 8.30 14.91
C PRO A 15 -7.28 8.09 14.26
N ARG A 16 -7.15 7.03 13.49
CA ARG A 16 -5.92 6.70 12.79
C ARG A 16 -5.96 7.21 11.36
N ALA A 17 -4.84 7.08 10.65
CA ALA A 17 -4.77 7.48 9.25
C ALA A 17 -3.97 6.46 8.44
N THR A 18 -4.56 6.00 7.34
CA THR A 18 -3.92 5.02 6.48
C THR A 18 -3.13 5.70 5.37
N PRO A 19 -1.80 5.49 5.32
CA PRO A 19 -0.93 6.16 4.36
C PRO A 19 -1.22 5.77 2.91
N VAL A 20 -1.21 4.48 2.62
CA VAL A 20 -1.29 4.00 1.25
C VAL A 20 -2.33 2.89 1.10
N ARG A 21 -3.05 2.92 -0.02
CA ARG A 21 -4.06 1.91 -0.35
C ARG A 21 -3.65 1.16 -1.60
N ILE A 22 -4.22 -0.02 -1.80
CA ILE A 22 -3.97 -0.79 -3.01
C ILE A 22 -5.21 -0.78 -3.89
N TYR A 23 -5.03 -0.38 -5.14
CA TYR A 23 -6.13 -0.31 -6.09
C TYR A 23 -5.99 -1.39 -7.15
N THR A 24 -6.96 -2.28 -7.22
CA THR A 24 -6.98 -3.30 -8.26
C THR A 24 -7.97 -2.92 -9.35
N ASN A 25 -8.53 -1.72 -9.22
CA ASN A 25 -9.50 -1.23 -10.19
C ASN A 25 -9.01 0.04 -10.85
N ALA A 26 -8.59 -0.08 -12.10
CA ALA A 26 -8.09 1.06 -12.85
C ALA A 26 -9.22 2.04 -13.17
N GLU A 27 -10.44 1.51 -13.20
CA GLU A 27 -11.63 2.33 -13.43
C GLU A 27 -11.74 3.42 -12.37
N GLU A 28 -11.26 3.11 -11.17
CA GLU A 28 -11.25 4.06 -10.08
C GLU A 28 -10.25 5.18 -10.38
N LEU A 29 -9.05 4.79 -10.79
CA LEU A 29 -7.98 5.73 -11.08
C LEU A 29 -8.37 6.68 -12.21
N VAL A 30 -8.93 6.12 -13.27
CA VAL A 30 -9.36 6.90 -14.43
C VAL A 30 -10.40 7.94 -14.03
N GLY A 31 -11.22 7.61 -13.04
CA GLY A 31 -12.29 8.49 -12.65
C GLY A 31 -11.96 9.39 -11.48
N LYS A 32 -10.70 9.36 -11.04
CA LYS A 32 -10.28 10.17 -9.91
C LYS A 32 -9.06 11.03 -10.28
N PRO A 33 -8.93 12.21 -9.67
CA PRO A 33 -7.78 13.08 -9.89
C PRO A 33 -6.54 12.55 -9.17
N PHE A 34 -5.84 11.63 -9.81
CA PHE A 34 -4.66 11.02 -9.22
C PHE A 34 -3.39 11.62 -9.81
N ARG A 35 -2.30 11.46 -9.08
CA ARG A 35 -1.00 11.93 -9.51
C ARG A 35 -0.11 10.74 -9.83
N ASP A 36 0.08 10.47 -11.11
CA ASP A 36 0.83 9.30 -11.53
C ASP A 36 2.33 9.53 -11.35
N LEU A 37 2.95 8.71 -10.53
CA LEU A 37 4.38 8.80 -10.27
C LEU A 37 5.13 7.78 -11.10
N GLY A 38 5.12 6.54 -10.63
CA GLY A 38 5.84 5.48 -11.32
C GLY A 38 5.67 4.15 -10.63
N GLU A 39 5.71 3.08 -11.40
CA GLU A 39 5.49 1.75 -10.85
C GLU A 39 6.67 1.31 -10.00
N VAL A 40 6.36 0.60 -8.92
CA VAL A 40 7.36 0.03 -8.05
C VAL A 40 7.10 -1.47 -7.90
N SER A 41 8.10 -2.22 -7.49
CA SER A 41 7.92 -3.66 -7.34
C SER A 41 8.34 -4.13 -5.95
N GLY A 42 7.46 -4.91 -5.34
CA GLY A 42 7.77 -5.53 -4.07
C GLY A 42 7.99 -7.01 -4.25
N ASP A 43 9.24 -7.43 -4.15
CA ASP A 43 9.59 -8.82 -4.38
C ASP A 43 10.17 -9.45 -3.13
N SER A 44 9.69 -10.64 -2.82
CA SER A 44 10.18 -11.41 -1.69
C SER A 44 10.76 -12.73 -2.19
N CYS A 45 12.08 -12.85 -2.12
CA CYS A 45 12.75 -14.03 -2.62
C CYS A 45 13.43 -14.77 -1.48
N GLN A 46 13.32 -16.09 -1.49
CA GLN A 46 14.04 -16.93 -0.56
C GLN A 46 15.06 -17.79 -1.29
N ALA A 47 16.31 -17.70 -0.89
CA ALA A 47 17.36 -18.50 -1.50
C ALA A 47 17.47 -19.86 -0.83
N SER A 48 17.03 -19.91 0.41
CA SER A 48 17.01 -21.15 1.18
C SER A 48 15.69 -21.28 1.91
N ASN A 49 15.51 -22.39 2.63
CA ASN A 49 14.29 -22.61 3.41
C ASN A 49 14.17 -21.57 4.53
N GLN A 50 15.30 -21.26 5.15
CA GLN A 50 15.34 -20.30 6.24
C GLN A 50 15.63 -18.89 5.73
N ASP A 51 14.87 -18.47 4.73
CA ASP A 51 15.04 -17.14 4.16
C ASP A 51 13.75 -16.33 4.35
N SER A 52 13.62 -15.26 3.57
CA SER A 52 12.44 -14.42 3.63
C SER A 52 11.25 -15.13 2.97
N PRO A 53 10.06 -15.02 3.56
CA PRO A 53 8.86 -15.68 3.03
C PRO A 53 8.36 -15.03 1.75
N PRO A 54 8.27 -15.80 0.65
CA PRO A 54 7.78 -15.30 -0.63
C PRO A 54 6.26 -15.28 -0.69
N SER A 55 5.68 -14.78 0.36
CA SER A 55 4.24 -14.70 0.48
C SER A 55 3.70 -13.56 -0.36
N ILE A 56 2.58 -13.80 -1.04
CA ILE A 56 1.94 -12.79 -1.88
C ILE A 56 1.66 -11.49 -1.11
N PRO A 57 1.02 -11.56 0.08
CA PRO A 57 0.72 -10.36 0.87
C PRO A 57 1.98 -9.68 1.39
N THR A 58 3.04 -10.46 1.55
CA THR A 58 4.31 -9.93 2.02
C THR A 58 5.04 -9.18 0.90
N ALA A 59 5.00 -9.74 -0.30
CA ALA A 59 5.57 -9.08 -1.47
C ALA A 59 4.80 -7.81 -1.77
N ARG A 60 3.47 -7.90 -1.67
CA ARG A 60 2.61 -6.74 -1.86
C ARG A 60 2.87 -5.70 -0.78
N LYS A 61 3.24 -6.16 0.40
CA LYS A 61 3.60 -5.28 1.50
C LYS A 61 4.88 -4.52 1.16
N ARG A 62 5.88 -5.23 0.68
CA ARG A 62 7.15 -4.62 0.28
C ARG A 62 6.93 -3.60 -0.85
N MET A 63 5.98 -3.91 -1.73
CA MET A 63 5.62 -3.02 -2.81
C MET A 63 4.92 -1.78 -2.25
N GLN A 64 4.08 -1.99 -1.25
CA GLN A 64 3.35 -0.92 -0.59
C GLN A 64 4.30 0.03 0.12
N ILE A 65 5.26 -0.52 0.86
CA ILE A 65 6.24 0.28 1.58
C ILE A 65 7.10 1.09 0.62
N ASN A 66 7.45 0.47 -0.50
CA ASN A 66 8.22 1.16 -1.54
C ASN A 66 7.43 2.33 -2.08
N ALA A 67 6.13 2.13 -2.25
CA ALA A 67 5.24 3.18 -2.71
C ALA A 67 5.16 4.31 -1.70
N SER A 68 4.96 3.96 -0.43
CA SER A 68 4.76 4.96 0.63
C SER A 68 6.04 5.78 0.88
N LYS A 69 7.19 5.13 0.75
CA LYS A 69 8.46 5.83 0.91
C LYS A 69 8.75 6.70 -0.31
N MET A 70 8.09 6.38 -1.42
CA MET A 70 8.20 7.19 -2.64
C MET A 70 7.18 8.31 -2.61
N LYS A 71 6.51 8.46 -1.47
CA LYS A 71 5.50 9.50 -1.26
C LYS A 71 4.26 9.24 -2.11
N ALA A 72 4.01 7.96 -2.40
CA ALA A 72 2.78 7.56 -3.07
C ALA A 72 1.79 7.05 -2.03
N ASN A 73 0.54 6.89 -2.41
CA ASN A 73 -0.48 6.46 -1.46
C ASN A 73 -1.55 5.59 -2.11
N ALA A 74 -1.31 5.19 -3.35
CA ALA A 74 -2.25 4.33 -4.06
C ALA A 74 -1.52 3.49 -5.10
N VAL A 75 -1.32 2.22 -4.81
CA VAL A 75 -0.60 1.33 -5.72
C VAL A 75 -1.56 0.57 -6.62
N LEU A 76 -1.44 0.80 -7.92
CA LEU A 76 -2.24 0.09 -8.91
C LEU A 76 -1.68 -1.31 -9.11
N LEU A 77 -2.34 -2.30 -8.52
CA LEU A 77 -1.88 -3.68 -8.56
C LEU A 77 -1.96 -4.24 -9.98
N HIS A 78 -0.81 -4.63 -10.52
CA HIS A 78 -0.76 -5.18 -11.86
C HIS A 78 -0.61 -6.70 -11.82
N SER A 79 0.60 -7.17 -11.54
CA SER A 79 0.86 -8.61 -11.57
C SER A 79 1.83 -9.03 -10.47
N CYS A 80 1.49 -10.11 -9.79
CA CYS A 80 2.38 -10.70 -8.79
C CYS A 80 2.95 -12.01 -9.31
N GLU A 81 4.01 -11.93 -10.09
CA GLU A 81 4.60 -13.10 -10.73
C GLU A 81 5.52 -13.83 -9.77
N VAL A 82 5.36 -15.14 -9.67
CA VAL A 82 6.17 -15.95 -8.76
C VAL A 82 7.13 -16.84 -9.55
N THR A 83 8.39 -16.84 -9.13
CA THR A 83 9.40 -17.66 -9.74
C THR A 83 9.83 -18.78 -8.78
N SER A 84 9.58 -20.01 -9.16
CA SER A 84 9.98 -21.15 -8.35
C SER A 84 11.02 -21.98 -9.08
N GLY A 85 12.12 -22.28 -8.38
CA GLY A 85 13.16 -23.12 -8.95
C GLY A 85 14.08 -22.34 -9.87
N THR A 86 14.39 -21.11 -9.47
CA THR A 86 15.25 -20.26 -10.26
C THR A 86 16.60 -20.07 -9.56
N PRO A 87 17.71 -20.11 -10.31
CA PRO A 87 19.04 -19.86 -9.74
C PRO A 87 19.10 -18.56 -8.96
N GLY A 88 19.29 -18.67 -7.65
CA GLY A 88 19.34 -17.50 -6.81
C GLY A 88 18.10 -17.34 -5.96
N CYS A 89 16.99 -17.85 -6.46
CA CYS A 89 15.70 -17.70 -5.78
C CYS A 89 14.89 -18.98 -5.88
N TYR A 90 14.85 -19.75 -4.79
CA TYR A 90 14.08 -20.98 -4.75
C TYR A 90 12.59 -20.66 -4.97
N ARG A 91 12.14 -19.59 -4.33
CA ARG A 91 10.81 -19.08 -4.54
C ARG A 91 10.81 -17.57 -4.33
N GLN A 92 10.41 -16.85 -5.35
CA GLN A 92 10.38 -15.39 -5.29
C GLN A 92 9.04 -14.85 -5.78
N ALA A 93 8.42 -14.00 -4.99
CA ALA A 93 7.16 -13.38 -5.40
C ALA A 93 7.38 -11.91 -5.71
N VAL A 94 7.21 -11.55 -6.98
CA VAL A 94 7.41 -10.18 -7.42
C VAL A 94 6.07 -9.51 -7.72
N CYS A 95 5.62 -8.65 -6.83
CA CYS A 95 4.39 -7.91 -7.02
C CYS A 95 4.69 -6.54 -7.62
N ILE A 96 4.32 -6.34 -8.88
CA ILE A 96 4.56 -5.09 -9.57
C ILE A 96 3.28 -4.26 -9.67
N GLY A 97 3.36 -3.03 -9.21
CA GLY A 97 2.23 -2.14 -9.28
C GLY A 97 2.64 -0.69 -9.36
N SER A 98 1.90 0.12 -10.10
CA SER A 98 2.22 1.52 -10.28
C SER A 98 1.99 2.30 -8.99
N ALA A 99 3.04 2.89 -8.45
CA ALA A 99 2.93 3.68 -7.24
C ALA A 99 2.40 5.06 -7.58
N LEU A 100 1.11 5.25 -7.37
CA LEU A 100 0.45 6.50 -7.68
C LEU A 100 0.13 7.27 -6.41
N ASN A 101 -0.08 8.56 -6.56
CA ASN A 101 -0.55 9.39 -5.46
C ASN A 101 -1.96 9.87 -5.79
N ILE A 102 -2.63 10.50 -4.84
CA ILE A 102 -3.95 11.02 -5.07
C ILE A 102 -3.97 12.52 -4.81
N THR A 103 -4.18 13.29 -5.85
CA THR A 103 -4.20 14.74 -5.74
C THR A 103 -5.54 15.23 -5.19
N ALA A 104 -5.85 14.81 -3.97
CA ALA A 104 -7.08 15.20 -3.31
C ALA A 104 -6.89 16.47 -2.49
N LYS A 105 -5.97 17.30 -2.95
CA LYS A 105 -5.67 18.55 -2.30
C LYS A 105 -5.31 19.58 -3.36
N MET A 1 -37.01 25.80 43.76
CA MET A 1 -37.54 26.04 42.39
C MET A 1 -37.36 24.79 41.54
N ALA A 2 -37.49 24.94 40.23
CA ALA A 2 -37.33 23.82 39.31
C ALA A 2 -36.46 24.20 38.11
N PRO A 3 -35.18 23.79 38.13
CA PRO A 3 -34.26 24.02 37.03
C PRO A 3 -34.32 22.93 35.96
N GLN A 4 -33.88 23.26 34.75
CA GLN A 4 -33.91 22.32 33.65
C GLN A 4 -32.54 22.21 32.98
N PRO A 5 -31.74 21.20 33.35
CA PRO A 5 -30.42 20.97 32.78
C PRO A 5 -30.47 20.20 31.47
N LYS A 6 -30.79 20.89 30.38
CA LYS A 6 -30.83 20.28 29.07
C LYS A 6 -29.49 20.42 28.37
N ALA A 7 -28.79 19.29 28.21
CA ALA A 7 -27.49 19.28 27.57
C ALA A 7 -27.37 18.11 26.62
N GLU A 8 -26.72 18.34 25.49
CA GLU A 8 -26.56 17.30 24.48
C GLU A 8 -25.11 17.24 24.01
N PRO A 9 -24.44 16.09 24.24
CA PRO A 9 -23.05 15.89 23.84
C PRO A 9 -22.94 15.41 22.39
N ALA A 10 -22.03 16.03 21.64
CA ALA A 10 -21.77 15.62 20.27
C ALA A 10 -20.27 15.62 20.01
N LYS A 11 -19.74 14.47 19.62
CA LYS A 11 -18.33 14.33 19.36
C LYS A 11 -18.09 13.57 18.05
N PRO A 12 -17.67 14.29 17.00
CA PRO A 12 -17.39 13.69 15.70
C PRO A 12 -15.99 13.11 15.62
N LYS A 13 -15.77 12.21 14.68
CA LYS A 13 -14.46 11.62 14.47
C LYS A 13 -14.06 11.72 13.00
N ALA A 14 -12.78 11.99 12.75
CA ALA A 14 -12.29 12.13 11.40
C ALA A 14 -11.51 10.89 10.98
N PRO A 15 -11.89 10.28 9.85
CA PRO A 15 -11.25 9.06 9.35
C PRO A 15 -9.84 9.31 8.83
N ARG A 16 -8.90 8.50 9.30
CA ARG A 16 -7.52 8.55 8.84
C ARG A 16 -6.85 7.21 9.06
N ALA A 17 -6.98 6.33 8.08
CA ALA A 17 -6.42 4.99 8.17
C ALA A 17 -5.86 4.57 6.82
N THR A 18 -4.95 3.59 6.84
CA THR A 18 -4.33 3.06 5.63
C THR A 18 -3.72 4.16 4.76
N PRO A 19 -2.42 4.46 4.96
CA PRO A 19 -1.74 5.53 4.23
C PRO A 19 -1.68 5.23 2.73
N VAL A 20 -1.46 3.97 2.38
CA VAL A 20 -1.39 3.57 1.00
C VAL A 20 -2.46 2.52 0.69
N ARG A 21 -3.24 2.80 -0.34
CA ARG A 21 -4.33 1.92 -0.74
C ARG A 21 -3.92 1.09 -1.96
N ILE A 22 -4.47 -0.11 -2.07
CA ILE A 22 -4.24 -0.95 -3.22
C ILE A 22 -5.40 -0.80 -4.21
N TYR A 23 -5.08 -0.38 -5.42
CA TYR A 23 -6.09 -0.17 -6.45
C TYR A 23 -5.90 -1.20 -7.56
N THR A 24 -6.89 -2.05 -7.77
CA THR A 24 -6.81 -3.06 -8.81
C THR A 24 -7.77 -2.72 -9.96
N ASN A 25 -8.41 -1.56 -9.86
CA ASN A 25 -9.31 -1.08 -10.89
C ASN A 25 -8.79 0.20 -11.50
N ALA A 26 -8.33 0.12 -12.74
CA ALA A 26 -7.74 1.26 -13.43
C ALA A 26 -8.78 2.35 -13.67
N GLU A 27 -10.03 1.93 -13.83
CA GLU A 27 -11.13 2.85 -14.07
C GLU A 27 -11.27 3.86 -12.94
N GLU A 28 -10.93 3.44 -11.73
CA GLU A 28 -11.03 4.30 -10.56
C GLU A 28 -10.03 5.45 -10.65
N LEU A 29 -8.79 5.12 -11.03
CA LEU A 29 -7.72 6.10 -11.12
C LEU A 29 -8.04 7.17 -12.17
N VAL A 30 -8.45 6.73 -13.35
CA VAL A 30 -8.74 7.64 -14.45
C VAL A 30 -9.94 8.54 -14.12
N GLY A 31 -10.74 8.13 -13.14
CA GLY A 31 -11.92 8.90 -12.79
C GLY A 31 -11.74 9.65 -11.48
N LYS A 32 -10.50 9.91 -11.10
CA LYS A 32 -10.22 10.61 -9.86
C LYS A 32 -8.98 11.48 -9.99
N PRO A 33 -8.88 12.55 -9.18
CA PRO A 33 -7.70 13.42 -9.14
C PRO A 33 -6.47 12.71 -8.55
N PHE A 34 -5.84 11.88 -9.36
CA PHE A 34 -4.63 11.19 -8.96
C PHE A 34 -3.43 11.77 -9.70
N ARG A 35 -2.25 11.43 -9.25
CA ARG A 35 -1.01 11.93 -9.80
C ARG A 35 -0.17 10.77 -10.34
N ASP A 36 0.38 10.92 -11.53
CA ASP A 36 1.13 9.86 -12.17
C ASP A 36 2.60 9.92 -11.76
N LEU A 37 3.04 8.94 -10.99
CA LEU A 37 4.41 8.90 -10.49
C LEU A 37 5.25 7.90 -11.28
N GLY A 38 5.10 6.62 -10.95
CA GLY A 38 5.86 5.59 -11.63
C GLY A 38 5.36 4.20 -11.29
N GLU A 39 6.27 3.25 -11.23
CA GLU A 39 5.91 1.87 -10.92
C GLU A 39 6.79 1.35 -9.78
N VAL A 40 6.19 0.58 -8.89
CA VAL A 40 6.92 -0.01 -7.78
C VAL A 40 6.60 -1.51 -7.70
N SER A 41 7.44 -2.25 -7.00
CA SER A 41 7.22 -3.67 -6.85
C SER A 41 7.55 -4.14 -5.44
N GLY A 42 6.88 -5.18 -5.01
CA GLY A 42 7.23 -5.84 -3.78
C GLY A 42 7.78 -7.20 -4.06
N ASP A 43 9.10 -7.29 -4.04
CA ASP A 43 9.78 -8.52 -4.42
C ASP A 43 10.37 -9.17 -3.19
N SER A 44 10.05 -10.44 -3.02
CA SER A 44 10.56 -11.22 -1.91
C SER A 44 11.22 -12.49 -2.45
N CYS A 45 12.51 -12.43 -2.69
CA CYS A 45 13.23 -13.59 -3.20
C CYS A 45 14.01 -14.25 -2.08
N GLN A 46 13.68 -15.50 -1.80
CA GLN A 46 14.46 -16.31 -0.89
C GLN A 46 15.31 -17.28 -1.68
N ALA A 47 16.62 -17.19 -1.49
CA ALA A 47 17.54 -18.08 -2.18
C ALA A 47 17.78 -19.32 -1.35
N SER A 48 17.67 -19.15 -0.04
CA SER A 48 17.84 -20.25 0.90
C SER A 48 16.59 -20.37 1.78
N ASN A 49 16.48 -21.48 2.51
CA ASN A 49 15.32 -21.70 3.37
C ASN A 49 15.45 -20.90 4.67
N GLN A 50 16.64 -20.37 4.89
CA GLN A 50 16.93 -19.53 6.06
C GLN A 50 16.25 -18.17 5.90
N ASP A 51 15.92 -17.83 4.67
CA ASP A 51 15.31 -16.54 4.35
C ASP A 51 13.84 -16.53 4.71
N SER A 52 13.18 -15.42 4.46
CA SER A 52 11.77 -15.26 4.79
C SER A 52 10.90 -15.86 3.69
N PRO A 53 9.80 -16.52 4.08
CA PRO A 53 8.86 -17.11 3.13
C PRO A 53 8.10 -16.04 2.36
N PRO A 54 8.30 -15.98 1.03
CA PRO A 54 7.69 -14.97 0.17
C PRO A 54 6.22 -15.23 -0.07
N SER A 55 5.43 -14.97 0.94
CA SER A 55 3.99 -15.01 0.82
C SER A 55 3.50 -13.86 -0.07
N ILE A 56 2.41 -14.08 -0.79
CA ILE A 56 1.83 -13.04 -1.64
C ILE A 56 1.50 -11.76 -0.84
N PRO A 57 0.85 -11.87 0.35
CA PRO A 57 0.55 -10.69 1.18
C PRO A 57 1.83 -10.03 1.70
N THR A 58 2.89 -10.82 1.79
CA THR A 58 4.18 -10.32 2.25
C THR A 58 4.85 -9.49 1.15
N ALA A 59 4.90 -10.04 -0.06
CA ALA A 59 5.38 -9.31 -1.22
C ALA A 59 4.56 -8.05 -1.44
N ARG A 60 3.24 -8.19 -1.25
CA ARG A 60 2.33 -7.06 -1.38
C ARG A 60 2.60 -6.01 -0.31
N LYS A 61 3.04 -6.46 0.87
CA LYS A 61 3.37 -5.54 1.94
C LYS A 61 4.65 -4.79 1.61
N ARG A 62 5.65 -5.52 1.10
CA ARG A 62 6.90 -4.91 0.66
C ARG A 62 6.62 -3.88 -0.42
N MET A 63 5.70 -4.23 -1.31
CA MET A 63 5.26 -3.35 -2.39
C MET A 63 4.57 -2.11 -1.82
N GLN A 64 3.73 -2.32 -0.82
CA GLN A 64 2.99 -1.25 -0.16
C GLN A 64 3.94 -0.23 0.45
N ILE A 65 4.91 -0.70 1.21
CA ILE A 65 5.88 0.19 1.85
C ILE A 65 6.80 0.82 0.82
N ASN A 66 7.08 0.09 -0.25
CA ASN A 66 7.92 0.60 -1.33
C ASN A 66 7.24 1.78 -2.00
N ALA A 67 5.94 1.67 -2.18
CA ALA A 67 5.15 2.73 -2.77
C ALA A 67 5.07 3.93 -1.84
N SER A 68 4.77 3.68 -0.57
CA SER A 68 4.56 4.75 0.40
C SER A 68 5.85 5.55 0.62
N LYS A 69 6.98 4.85 0.61
CA LYS A 69 8.28 5.48 0.78
C LYS A 69 8.59 6.40 -0.41
N MET A 70 7.94 6.13 -1.54
CA MET A 70 8.14 6.92 -2.74
C MET A 70 7.11 8.03 -2.83
N LYS A 71 6.50 8.34 -1.67
CA LYS A 71 5.52 9.43 -1.54
C LYS A 71 4.15 9.02 -2.11
N ALA A 72 4.11 7.87 -2.77
CA ALA A 72 2.88 7.37 -3.36
C ALA A 72 1.99 6.75 -2.29
N ASN A 73 0.68 6.84 -2.47
CA ASN A 73 -0.26 6.33 -1.49
C ASN A 73 -1.33 5.46 -2.15
N ALA A 74 -1.06 5.04 -3.38
CA ALA A 74 -2.01 4.22 -4.13
C ALA A 74 -1.27 3.35 -5.15
N VAL A 75 -1.28 2.05 -4.92
CA VAL A 75 -0.60 1.12 -5.82
C VAL A 75 -1.57 0.48 -6.79
N LEU A 76 -1.46 0.86 -8.06
CA LEU A 76 -2.24 0.26 -9.12
C LEU A 76 -1.69 -1.13 -9.43
N LEU A 77 -2.18 -2.13 -8.71
CA LEU A 77 -1.70 -3.49 -8.84
C LEU A 77 -1.87 -4.00 -10.26
N HIS A 78 -0.80 -4.55 -10.82
CA HIS A 78 -0.83 -5.08 -12.16
C HIS A 78 -0.82 -6.60 -12.10
N SER A 79 0.27 -7.16 -11.62
CA SER A 79 0.41 -8.60 -11.55
C SER A 79 1.27 -9.00 -10.35
N CYS A 80 0.77 -9.95 -9.58
CA CYS A 80 1.54 -10.53 -8.48
C CYS A 80 2.17 -11.83 -8.97
N GLU A 81 3.37 -11.70 -9.51
CA GLU A 81 4.04 -12.84 -10.12
C GLU A 81 4.73 -13.68 -9.07
N VAL A 82 5.15 -14.88 -9.45
CA VAL A 82 5.81 -15.78 -8.54
C VAL A 82 6.62 -16.82 -9.32
N THR A 83 7.75 -17.21 -8.77
CA THR A 83 8.59 -18.21 -9.39
C THR A 83 9.26 -19.07 -8.33
N SER A 84 9.39 -20.35 -8.61
CA SER A 84 10.04 -21.27 -7.70
C SER A 84 10.90 -22.24 -8.49
N GLY A 85 12.12 -22.47 -8.00
CA GLY A 85 13.05 -23.34 -8.70
C GLY A 85 13.83 -22.58 -9.74
N THR A 86 14.32 -21.40 -9.38
CA THR A 86 15.10 -20.56 -10.28
C THR A 86 16.51 -20.35 -9.74
N PRO A 87 17.55 -20.48 -10.58
CA PRO A 87 18.93 -20.26 -10.18
C PRO A 87 19.15 -18.84 -9.67
N GLY A 88 19.30 -18.71 -8.36
CA GLY A 88 19.48 -17.40 -7.75
C GLY A 88 18.33 -17.04 -6.83
N CYS A 89 17.16 -17.62 -7.11
CA CYS A 89 15.97 -17.38 -6.31
C CYS A 89 15.19 -18.67 -6.17
N TYR A 90 15.34 -19.32 -5.03
CA TYR A 90 14.66 -20.58 -4.76
C TYR A 90 13.15 -20.38 -4.86
N ARG A 91 12.67 -19.34 -4.23
CA ARG A 91 11.25 -18.98 -4.30
C ARG A 91 11.10 -17.47 -4.16
N GLN A 92 10.57 -16.84 -5.20
CA GLN A 92 10.44 -15.39 -5.22
C GLN A 92 9.02 -14.98 -5.63
N ALA A 93 8.47 -14.02 -4.90
CA ALA A 93 7.18 -13.44 -5.25
C ALA A 93 7.38 -11.96 -5.60
N VAL A 94 6.83 -11.55 -6.73
CA VAL A 94 7.03 -10.18 -7.21
C VAL A 94 5.69 -9.53 -7.53
N CYS A 95 5.16 -8.78 -6.59
CA CYS A 95 3.90 -8.07 -6.81
C CYS A 95 4.20 -6.68 -7.39
N ILE A 96 3.91 -6.51 -8.67
CA ILE A 96 4.24 -5.26 -9.35
C ILE A 96 2.99 -4.41 -9.61
N GLY A 97 3.12 -3.12 -9.39
CA GLY A 97 2.03 -2.20 -9.63
C GLY A 97 2.50 -0.76 -9.69
N SER A 98 1.76 0.08 -10.40
CA SER A 98 2.16 1.47 -10.56
C SER A 98 1.95 2.25 -9.27
N ALA A 99 3.02 2.85 -8.77
CA ALA A 99 2.94 3.64 -7.55
C ALA A 99 2.47 5.05 -7.86
N LEU A 100 1.20 5.31 -7.61
CA LEU A 100 0.62 6.62 -7.86
C LEU A 100 0.28 7.30 -6.53
N ASN A 101 0.01 8.59 -6.60
CA ASN A 101 -0.41 9.33 -5.41
C ASN A 101 -1.79 9.90 -5.65
N ILE A 102 -2.65 9.85 -4.65
CA ILE A 102 -3.95 10.48 -4.74
C ILE A 102 -3.83 11.92 -4.24
N THR A 103 -3.99 12.86 -5.14
CA THR A 103 -3.83 14.27 -4.81
C THR A 103 -5.07 14.78 -4.06
N ALA A 104 -5.20 14.36 -2.82
CA ALA A 104 -6.30 14.79 -1.96
C ALA A 104 -6.00 16.18 -1.39
N LYS A 105 -5.95 17.15 -2.27
CA LYS A 105 -5.67 18.53 -1.90
C LYS A 105 -6.86 19.40 -2.30
N MET A 1 -31.09 29.87 46.10
CA MET A 1 -31.05 28.44 46.46
C MET A 1 -30.78 27.56 45.25
N ALA A 2 -30.33 28.17 44.17
CA ALA A 2 -30.10 27.43 42.93
C ALA A 2 -28.62 27.24 42.67
N PRO A 3 -28.14 25.99 42.76
CA PRO A 3 -26.73 25.66 42.54
C PRO A 3 -26.29 25.98 41.11
N GLN A 4 -25.08 26.48 40.96
CA GLN A 4 -24.56 26.84 39.65
C GLN A 4 -24.41 25.60 38.77
N PRO A 5 -24.94 25.65 37.54
CA PRO A 5 -24.89 24.53 36.60
C PRO A 5 -23.46 24.05 36.35
N LYS A 6 -23.25 22.76 36.53
CA LYS A 6 -21.94 22.16 36.34
C LYS A 6 -21.68 21.87 34.86
N ALA A 7 -20.57 22.35 34.35
CA ALA A 7 -20.23 22.19 32.95
C ALA A 7 -18.89 21.47 32.80
N GLU A 8 -18.92 20.26 32.27
CA GLU A 8 -17.71 19.50 32.06
C GLU A 8 -17.48 19.22 30.56
N PRO A 9 -16.56 19.97 29.95
CA PRO A 9 -16.24 19.80 28.53
C PRO A 9 -15.38 18.57 28.28
N ALA A 10 -15.67 17.86 27.21
CA ALA A 10 -14.95 16.64 26.88
C ALA A 10 -13.75 16.93 25.98
N LYS A 11 -12.87 15.95 25.82
CA LYS A 11 -11.71 16.09 24.97
C LYS A 11 -11.83 15.15 23.77
N PRO A 12 -11.83 15.70 22.55
CA PRO A 12 -11.95 14.92 21.32
C PRO A 12 -10.68 14.09 21.04
N LYS A 13 -10.77 13.23 20.03
CA LYS A 13 -9.64 12.38 19.65
C LYS A 13 -9.47 12.39 18.14
N ALA A 14 -8.25 12.22 17.68
CA ALA A 14 -7.96 12.16 16.26
C ALA A 14 -7.28 10.85 15.90
N PRO A 15 -7.97 9.97 15.16
CA PRO A 15 -7.42 8.69 14.72
C PRO A 15 -6.53 8.82 13.50
N ARG A 16 -5.58 7.91 13.36
CA ARG A 16 -4.66 7.93 12.23
C ARG A 16 -5.11 6.92 11.17
N ALA A 17 -4.56 7.05 9.97
CA ALA A 17 -4.92 6.17 8.86
C ALA A 17 -3.69 5.69 8.13
N THR A 18 -3.86 4.72 7.24
CA THR A 18 -2.75 4.19 6.45
C THR A 18 -2.29 5.22 5.42
N PRO A 19 -0.98 5.53 5.40
CA PRO A 19 -0.42 6.56 4.50
C PRO A 19 -0.40 6.12 3.03
N VAL A 20 -0.54 4.83 2.80
CA VAL A 20 -0.55 4.28 1.45
C VAL A 20 -1.47 3.06 1.38
N ARG A 21 -2.29 3.02 0.35
CA ARG A 21 -3.25 1.94 0.16
C ARG A 21 -2.89 1.11 -1.06
N ILE A 22 -3.42 -0.10 -1.12
CA ILE A 22 -3.24 -0.95 -2.29
C ILE A 22 -4.55 -0.98 -3.08
N TYR A 23 -4.46 -0.70 -4.37
CA TYR A 23 -5.64 -0.64 -5.22
C TYR A 23 -5.51 -1.63 -6.37
N THR A 24 -6.43 -2.58 -6.44
CA THR A 24 -6.46 -3.52 -7.56
C THR A 24 -7.67 -3.23 -8.44
N ASN A 25 -7.85 -1.96 -8.76
CA ASN A 25 -8.95 -1.53 -9.60
C ASN A 25 -8.53 -0.37 -10.47
N ALA A 26 -8.18 -0.66 -11.71
CA ALA A 26 -7.77 0.37 -12.65
C ALA A 26 -8.96 1.25 -13.03
N GLU A 27 -10.15 0.65 -12.97
CA GLU A 27 -11.40 1.35 -13.26
C GLU A 27 -11.60 2.50 -12.28
N GLU A 28 -11.00 2.39 -11.11
CA GLU A 28 -11.06 3.44 -10.11
C GLU A 28 -10.13 4.57 -10.51
N LEU A 29 -8.91 4.22 -10.85
CA LEU A 29 -7.86 5.19 -11.13
C LEU A 29 -8.22 6.06 -12.34
N VAL A 30 -8.75 5.43 -13.38
CA VAL A 30 -9.01 6.13 -14.65
C VAL A 30 -10.10 7.20 -14.52
N GLY A 31 -10.82 7.19 -13.40
CA GLY A 31 -11.90 8.15 -13.23
C GLY A 31 -11.88 8.85 -11.89
N LYS A 32 -10.73 8.86 -11.22
CA LYS A 32 -10.63 9.47 -9.91
C LYS A 32 -9.52 10.52 -9.87
N PRO A 33 -9.59 11.48 -8.92
CA PRO A 33 -8.56 12.50 -8.71
C PRO A 33 -7.24 11.89 -8.23
N PHE A 34 -6.44 11.42 -9.16
CA PHE A 34 -5.17 10.82 -8.82
C PHE A 34 -4.02 11.58 -9.48
N ARG A 35 -2.87 11.54 -8.83
CA ARG A 35 -1.67 12.15 -9.37
C ARG A 35 -0.70 11.05 -9.80
N ASP A 36 -0.38 11.03 -11.08
CA ASP A 36 0.53 10.03 -11.62
C ASP A 36 1.97 10.37 -11.26
N LEU A 37 2.63 9.44 -10.58
CA LEU A 37 4.01 9.63 -10.19
C LEU A 37 4.93 8.74 -11.02
N GLY A 38 4.97 7.48 -10.68
CA GLY A 38 5.86 6.55 -11.35
C GLY A 38 5.45 5.11 -11.14
N GLU A 39 6.44 4.25 -10.95
CA GLU A 39 6.19 2.83 -10.80
C GLU A 39 7.13 2.24 -9.76
N VAL A 40 6.62 1.32 -8.96
CA VAL A 40 7.41 0.67 -7.94
C VAL A 40 7.07 -0.82 -7.86
N SER A 41 8.02 -1.62 -7.40
CA SER A 41 7.83 -3.06 -7.33
C SER A 41 8.17 -3.60 -5.94
N GLY A 42 7.54 -4.73 -5.60
CA GLY A 42 7.83 -5.41 -4.36
C GLY A 42 8.23 -6.84 -4.60
N ASP A 43 9.47 -7.15 -4.28
CA ASP A 43 10.01 -8.48 -4.53
C ASP A 43 10.19 -9.25 -3.24
N SER A 44 10.03 -10.55 -3.30
CA SER A 44 10.31 -11.42 -2.16
C SER A 44 10.90 -12.74 -2.65
N CYS A 45 12.18 -12.92 -2.39
CA CYS A 45 12.86 -14.15 -2.79
C CYS A 45 13.37 -14.91 -1.58
N GLN A 46 13.20 -16.21 -1.58
CA GLN A 46 13.76 -17.05 -0.54
C GLN A 46 14.84 -17.95 -1.11
N ALA A 47 16.02 -17.90 -0.52
CA ALA A 47 17.13 -18.74 -0.93
C ALA A 47 16.96 -20.14 -0.37
N SER A 48 16.17 -20.24 0.69
CA SER A 48 15.87 -21.50 1.34
C SER A 48 14.56 -21.37 2.12
N ASN A 49 14.16 -22.43 2.81
CA ASN A 49 12.93 -22.42 3.59
C ASN A 49 13.08 -21.55 4.84
N GLN A 50 14.33 -21.26 5.20
CA GLN A 50 14.63 -20.45 6.37
C GLN A 50 14.59 -18.96 6.02
N ASP A 51 14.44 -18.67 4.74
CA ASP A 51 14.44 -17.28 4.26
C ASP A 51 13.06 -16.66 4.41
N SER A 52 12.88 -15.48 3.83
CA SER A 52 11.58 -14.82 3.86
C SER A 52 10.68 -15.39 2.76
N PRO A 53 9.45 -15.77 3.12
CA PRO A 53 8.52 -16.42 2.19
C PRO A 53 7.94 -15.43 1.19
N PRO A 54 7.93 -15.81 -0.10
CA PRO A 54 7.40 -14.96 -1.17
C PRO A 54 5.89 -14.98 -1.22
N SER A 55 5.30 -14.58 -0.11
CA SER A 55 3.87 -14.46 -0.02
C SER A 55 3.41 -13.21 -0.75
N ILE A 56 2.29 -13.30 -1.46
CA ILE A 56 1.76 -12.19 -2.22
C ILE A 56 1.56 -10.94 -1.33
N PRO A 57 0.97 -11.05 -0.11
CA PRO A 57 0.81 -9.91 0.79
C PRO A 57 2.15 -9.37 1.26
N THR A 58 3.15 -10.24 1.31
CA THR A 58 4.49 -9.86 1.73
C THR A 58 5.16 -9.02 0.65
N ALA A 59 5.05 -9.44 -0.61
CA ALA A 59 5.58 -8.67 -1.73
C ALA A 59 4.80 -7.38 -1.88
N ARG A 60 3.49 -7.46 -1.64
CA ARG A 60 2.62 -6.30 -1.67
C ARG A 60 3.03 -5.28 -0.61
N LYS A 61 3.52 -5.77 0.52
CA LYS A 61 3.97 -4.91 1.60
C LYS A 61 5.23 -4.15 1.18
N ARG A 62 6.20 -4.87 0.65
CA ARG A 62 7.43 -4.26 0.15
C ARG A 62 7.11 -3.20 -0.91
N MET A 63 6.21 -3.56 -1.82
CA MET A 63 5.76 -2.65 -2.87
C MET A 63 5.08 -1.42 -2.26
N GLN A 64 4.27 -1.65 -1.23
CA GLN A 64 3.56 -0.59 -0.54
C GLN A 64 4.53 0.41 0.09
N ILE A 65 5.49 -0.10 0.85
CA ILE A 65 6.47 0.74 1.53
C ILE A 65 7.35 1.45 0.50
N ASN A 66 7.65 0.77 -0.59
CA ASN A 66 8.43 1.34 -1.68
C ASN A 66 7.66 2.48 -2.34
N ALA A 67 6.35 2.38 -2.33
CA ALA A 67 5.51 3.44 -2.86
C ALA A 67 5.46 4.62 -1.87
N SER A 68 5.42 4.31 -0.57
CA SER A 68 5.31 5.34 0.45
C SER A 68 6.57 6.22 0.49
N LYS A 69 7.72 5.62 0.22
CA LYS A 69 8.98 6.38 0.17
C LYS A 69 9.06 7.17 -1.12
N MET A 70 8.19 6.83 -2.06
CA MET A 70 8.11 7.53 -3.34
C MET A 70 7.00 8.57 -3.30
N LYS A 71 6.48 8.81 -2.09
CA LYS A 71 5.41 9.77 -1.86
C LYS A 71 4.10 9.35 -2.52
N ALA A 72 3.99 8.06 -2.83
CA ALA A 72 2.76 7.51 -3.39
C ALA A 72 1.90 6.93 -2.28
N ASN A 73 0.59 7.14 -2.37
CA ASN A 73 -0.33 6.68 -1.34
C ASN A 73 -1.29 5.66 -1.89
N ALA A 74 -0.98 5.14 -3.07
CA ALA A 74 -1.84 4.16 -3.72
C ALA A 74 -1.05 3.37 -4.75
N VAL A 75 -0.86 2.08 -4.47
CA VAL A 75 -0.18 1.21 -5.41
C VAL A 75 -1.20 0.46 -6.26
N LEU A 76 -1.23 0.78 -7.54
CA LEU A 76 -2.10 0.12 -8.49
C LEU A 76 -1.54 -1.26 -8.83
N LEU A 77 -1.93 -2.25 -8.03
CA LEU A 77 -1.45 -3.61 -8.20
C LEU A 77 -1.82 -4.16 -9.57
N HIS A 78 -0.80 -4.45 -10.36
CA HIS A 78 -1.02 -4.95 -11.71
C HIS A 78 -0.78 -6.45 -11.79
N SER A 79 0.48 -6.85 -11.79
CA SER A 79 0.82 -8.25 -11.98
C SER A 79 1.79 -8.72 -10.91
N CYS A 80 1.57 -9.93 -10.41
CA CYS A 80 2.47 -10.54 -9.45
C CYS A 80 3.01 -11.85 -10.01
N GLU A 81 4.17 -11.76 -10.64
CA GLU A 81 4.79 -12.94 -11.24
C GLU A 81 5.54 -13.74 -10.19
N VAL A 82 5.34 -15.05 -10.17
CA VAL A 82 5.99 -15.88 -9.18
C VAL A 82 6.77 -17.02 -9.85
N THR A 83 8.06 -17.05 -9.57
CA THR A 83 8.96 -18.01 -10.17
C THR A 83 9.46 -19.00 -9.11
N SER A 84 9.42 -20.28 -9.42
CA SER A 84 9.87 -21.31 -8.49
C SER A 84 10.73 -22.35 -9.21
N GLY A 85 11.82 -22.74 -8.57
CA GLY A 85 12.72 -23.71 -9.16
C GLY A 85 13.93 -23.05 -9.77
N THR A 86 14.48 -22.07 -9.07
CA THR A 86 15.63 -21.33 -9.54
C THR A 86 16.75 -21.35 -8.50
N PRO A 87 18.02 -21.37 -8.95
CA PRO A 87 19.17 -21.30 -8.06
C PRO A 87 19.30 -19.95 -7.38
N GLY A 88 19.61 -19.96 -6.10
CA GLY A 88 19.72 -18.71 -5.35
C GLY A 88 18.38 -18.22 -4.88
N CYS A 89 17.42 -18.17 -5.78
CA CYS A 89 16.06 -17.79 -5.45
C CYS A 89 15.12 -18.92 -5.78
N TYR A 90 14.98 -19.86 -4.85
CA TYR A 90 14.16 -21.03 -5.07
C TYR A 90 12.70 -20.64 -5.30
N ARG A 91 12.24 -19.69 -4.52
CA ARG A 91 10.91 -19.14 -4.70
C ARG A 91 10.99 -17.62 -4.66
N GLN A 92 10.76 -16.99 -5.79
CA GLN A 92 10.85 -15.54 -5.89
C GLN A 92 9.59 -14.97 -6.51
N ALA A 93 8.93 -14.07 -5.79
CA ALA A 93 7.75 -13.41 -6.31
C ALA A 93 8.03 -11.92 -6.52
N VAL A 94 7.47 -11.35 -7.57
CA VAL A 94 7.64 -9.95 -7.88
C VAL A 94 6.28 -9.31 -8.20
N CYS A 95 5.81 -8.45 -7.33
CA CYS A 95 4.57 -7.72 -7.56
C CYS A 95 4.88 -6.34 -8.12
N ILE A 96 4.36 -6.04 -9.29
CA ILE A 96 4.60 -4.76 -9.94
C ILE A 96 3.31 -3.95 -10.03
N GLY A 97 3.38 -2.69 -9.63
CA GLY A 97 2.23 -1.82 -9.70
C GLY A 97 2.62 -0.37 -9.86
N SER A 98 1.68 0.44 -10.33
CA SER A 98 1.92 1.85 -10.56
C SER A 98 1.83 2.63 -9.24
N ALA A 99 2.76 3.54 -9.03
CA ALA A 99 2.77 4.34 -7.81
C ALA A 99 2.03 5.65 -8.03
N LEU A 100 0.79 5.70 -7.56
CA LEU A 100 -0.06 6.87 -7.74
C LEU A 100 -0.28 7.57 -6.41
N ASN A 101 -0.65 8.84 -6.47
CA ASN A 101 -1.01 9.57 -5.27
C ASN A 101 -2.41 10.14 -5.39
N ILE A 102 -3.37 9.49 -4.75
CA ILE A 102 -4.74 9.98 -4.76
C ILE A 102 -4.80 11.32 -4.06
N THR A 103 -5.13 12.36 -4.81
CA THR A 103 -5.00 13.71 -4.32
C THR A 103 -6.34 14.29 -3.89
N ALA A 104 -6.32 15.02 -2.78
CA ALA A 104 -7.45 15.81 -2.35
C ALA A 104 -7.07 17.28 -2.39
N LYS A 105 -6.24 17.68 -1.45
CA LYS A 105 -5.68 19.02 -1.43
C LYS A 105 -4.49 19.06 -0.47
N MET A 1 -27.49 31.77 48.70
CA MET A 1 -27.63 30.94 47.48
C MET A 1 -26.64 31.38 46.42
N ALA A 2 -25.43 30.83 46.48
CA ALA A 2 -24.40 31.16 45.51
C ALA A 2 -23.73 29.89 45.00
N PRO A 3 -24.26 29.30 43.92
CA PRO A 3 -23.70 28.09 43.32
C PRO A 3 -22.50 28.39 42.42
N GLN A 4 -21.58 27.45 42.33
CA GLN A 4 -20.41 27.61 41.48
C GLN A 4 -20.27 26.37 40.60
N PRO A 5 -20.66 26.50 39.32
CA PRO A 5 -20.61 25.40 38.35
C PRO A 5 -19.19 25.02 37.97
N LYS A 6 -18.94 23.72 37.88
CA LYS A 6 -17.63 23.22 37.51
C LYS A 6 -17.76 22.21 36.37
N ALA A 7 -18.23 22.67 35.23
CA ALA A 7 -18.40 21.82 34.06
C ALA A 7 -17.35 22.16 33.01
N GLU A 8 -16.30 21.35 32.96
CA GLU A 8 -15.20 21.57 32.04
C GLU A 8 -15.03 20.37 31.12
N PRO A 9 -15.34 20.53 29.82
CA PRO A 9 -15.26 19.45 28.84
C PRO A 9 -13.82 19.11 28.46
N ALA A 10 -13.62 17.90 27.96
CA ALA A 10 -12.32 17.46 27.49
C ALA A 10 -12.42 16.95 26.06
N LYS A 11 -11.52 17.41 25.20
CA LYS A 11 -11.55 17.02 23.80
C LYS A 11 -10.22 16.39 23.36
N PRO A 12 -10.21 15.06 23.19
CA PRO A 12 -9.02 14.34 22.73
C PRO A 12 -8.87 14.38 21.20
N LYS A 13 -7.74 13.87 20.71
CA LYS A 13 -7.49 13.80 19.28
C LYS A 13 -6.46 12.73 18.98
N ALA A 14 -6.54 12.13 17.80
CA ALA A 14 -5.61 11.09 17.40
C ALA A 14 -5.20 11.26 15.94
N PRO A 15 -4.00 11.76 15.70
CA PRO A 15 -3.48 12.00 14.36
C PRO A 15 -2.67 10.82 13.82
N ARG A 16 -3.35 9.77 13.37
CA ARG A 16 -2.67 8.63 12.77
C ARG A 16 -2.85 8.67 11.25
N ALA A 17 -1.81 8.27 10.52
CA ALA A 17 -1.85 8.36 9.07
C ALA A 17 -1.36 7.07 8.41
N THR A 18 -2.24 6.47 7.62
CA THR A 18 -1.88 5.31 6.82
C THR A 18 -2.02 5.67 5.34
N PRO A 19 -0.89 6.02 4.70
CA PRO A 19 -0.89 6.62 3.36
C PRO A 19 -1.25 5.63 2.25
N VAL A 20 -0.42 4.62 2.06
CA VAL A 20 -0.51 3.75 0.89
C VAL A 20 -1.74 2.84 0.94
N ARG A 21 -2.52 2.88 -0.14
CA ARG A 21 -3.66 2.01 -0.31
C ARG A 21 -3.47 1.11 -1.52
N ILE A 22 -3.75 -0.16 -1.37
CA ILE A 22 -3.68 -1.07 -2.50
C ILE A 22 -4.93 -0.93 -3.36
N TYR A 23 -4.73 -0.75 -4.65
CA TYR A 23 -5.82 -0.50 -5.58
C TYR A 23 -5.73 -1.45 -6.77
N THR A 24 -6.77 -2.24 -6.98
CA THR A 24 -6.81 -3.15 -8.11
C THR A 24 -7.81 -2.67 -9.15
N ASN A 25 -8.39 -1.49 -8.92
CA ASN A 25 -9.39 -0.93 -9.82
C ASN A 25 -8.82 0.23 -10.61
N ALA A 26 -8.39 -0.05 -11.83
CA ALA A 26 -7.84 0.97 -12.72
C ALA A 26 -8.94 1.92 -13.16
N GLU A 27 -10.16 1.41 -13.22
CA GLU A 27 -11.33 2.20 -13.57
C GLU A 27 -11.57 3.30 -12.55
N GLU A 28 -11.16 3.04 -11.31
CA GLU A 28 -11.26 4.01 -10.25
C GLU A 28 -10.24 5.12 -10.45
N LEU A 29 -9.01 4.72 -10.77
CA LEU A 29 -7.91 5.66 -10.94
C LEU A 29 -8.16 6.64 -12.08
N VAL A 30 -8.61 6.12 -13.22
CA VAL A 30 -8.77 6.92 -14.42
C VAL A 30 -9.95 7.90 -14.29
N GLY A 31 -10.64 7.87 -13.16
CA GLY A 31 -11.76 8.76 -12.95
C GLY A 31 -11.73 9.40 -11.58
N LYS A 32 -10.54 9.65 -11.06
CA LYS A 32 -10.40 10.27 -9.75
C LYS A 32 -9.19 11.20 -9.70
N PRO A 33 -9.16 12.14 -8.74
CA PRO A 33 -8.02 13.06 -8.56
C PRO A 33 -6.81 12.34 -7.99
N PHE A 34 -5.89 11.97 -8.87
CA PHE A 34 -4.69 11.27 -8.47
C PHE A 34 -3.50 11.84 -9.22
N ARG A 35 -2.30 11.52 -8.76
CA ARG A 35 -1.08 11.94 -9.42
C ARG A 35 -0.27 10.72 -9.83
N ASP A 36 -0.05 10.55 -11.12
CA ASP A 36 0.74 9.44 -11.62
C ASP A 36 2.22 9.70 -11.37
N LEU A 37 2.91 8.72 -10.80
CA LEU A 37 4.31 8.87 -10.45
C LEU A 37 5.17 7.92 -11.27
N GLY A 38 4.96 6.62 -11.07
CA GLY A 38 5.76 5.63 -11.75
C GLY A 38 5.31 4.23 -11.42
N GLU A 39 6.27 3.34 -11.24
CA GLU A 39 5.98 1.95 -10.96
C GLU A 39 6.93 1.40 -9.92
N VAL A 40 6.41 0.58 -9.02
CA VAL A 40 7.24 -0.06 -8.02
C VAL A 40 6.81 -1.51 -7.84
N SER A 41 7.76 -2.38 -7.54
CA SER A 41 7.47 -3.78 -7.40
C SER A 41 8.07 -4.33 -6.11
N GLY A 42 7.28 -5.15 -5.42
CA GLY A 42 7.75 -5.81 -4.22
C GLY A 42 8.23 -7.20 -4.54
N ASP A 43 9.52 -7.41 -4.48
CA ASP A 43 10.12 -8.66 -4.88
C ASP A 43 10.59 -9.43 -3.65
N SER A 44 10.09 -10.64 -3.53
CA SER A 44 10.43 -11.51 -2.42
C SER A 44 11.25 -12.68 -2.94
N CYS A 45 12.58 -12.50 -2.95
CA CYS A 45 13.47 -13.56 -3.38
C CYS A 45 13.93 -14.39 -2.19
N GLN A 46 13.55 -15.64 -2.18
CA GLN A 46 13.94 -16.54 -1.11
C GLN A 46 15.15 -17.35 -1.52
N ALA A 47 16.31 -17.01 -0.97
CA ALA A 47 17.49 -17.82 -1.15
C ALA A 47 17.27 -19.18 -0.51
N SER A 48 16.51 -19.17 0.58
CA SER A 48 16.07 -20.37 1.26
C SER A 48 14.82 -20.06 2.06
N ASN A 49 14.45 -20.93 2.98
CA ASN A 49 13.27 -20.72 3.80
C ASN A 49 13.57 -19.81 4.99
N GLN A 50 14.80 -19.33 5.08
CA GLN A 50 15.23 -18.47 6.19
C GLN A 50 14.81 -17.02 5.97
N ASP A 51 14.05 -16.78 4.90
CA ASP A 51 13.48 -15.48 4.63
C ASP A 51 11.98 -15.55 4.83
N SER A 52 11.32 -14.40 4.93
CA SER A 52 9.87 -14.38 5.10
C SER A 52 9.21 -14.89 3.82
N PRO A 53 8.18 -15.75 3.96
CA PRO A 53 7.59 -16.46 2.83
C PRO A 53 7.16 -15.53 1.70
N PRO A 54 7.45 -15.89 0.44
CA PRO A 54 7.11 -15.07 -0.73
C PRO A 54 5.63 -15.14 -1.07
N SER A 55 4.80 -14.87 -0.09
CA SER A 55 3.37 -14.86 -0.28
C SER A 55 2.97 -13.60 -1.03
N ILE A 56 1.79 -13.62 -1.63
CA ILE A 56 1.28 -12.49 -2.38
C ILE A 56 1.22 -11.22 -1.49
N PRO A 57 0.55 -11.26 -0.31
CA PRO A 57 0.48 -10.11 0.58
C PRO A 57 1.85 -9.70 1.13
N THR A 58 2.81 -10.64 1.14
CA THR A 58 4.15 -10.33 1.59
C THR A 58 4.89 -9.49 0.54
N ALA A 59 4.87 -9.95 -0.71
CA ALA A 59 5.40 -9.17 -1.82
C ALA A 59 4.66 -7.85 -1.95
N ARG A 60 3.37 -7.89 -1.63
CA ARG A 60 2.54 -6.69 -1.65
C ARG A 60 2.94 -5.72 -0.54
N LYS A 61 3.42 -6.26 0.58
CA LYS A 61 3.90 -5.43 1.68
C LYS A 61 5.22 -4.78 1.30
N ARG A 62 6.07 -5.55 0.65
CA ARG A 62 7.34 -5.03 0.14
C ARG A 62 7.08 -3.90 -0.86
N MET A 63 6.13 -4.14 -1.75
CA MET A 63 5.72 -3.15 -2.74
C MET A 63 5.08 -1.94 -2.05
N GLN A 64 4.35 -2.21 -0.97
CA GLN A 64 3.68 -1.18 -0.19
C GLN A 64 4.68 -0.16 0.33
N ILE A 65 5.66 -0.63 1.11
CA ILE A 65 6.67 0.25 1.70
C ILE A 65 7.50 0.94 0.63
N ASN A 66 7.79 0.20 -0.45
CA ASN A 66 8.53 0.74 -1.58
C ASN A 66 7.79 1.92 -2.19
N ALA A 67 6.49 1.76 -2.37
CA ALA A 67 5.65 2.83 -2.88
C ALA A 67 5.61 4.00 -1.90
N SER A 68 5.53 3.70 -0.61
CA SER A 68 5.46 4.72 0.43
C SER A 68 6.72 5.59 0.43
N LYS A 69 7.88 4.96 0.26
CA LYS A 69 9.14 5.68 0.24
C LYS A 69 9.29 6.48 -1.06
N MET A 70 8.50 6.13 -2.07
CA MET A 70 8.49 6.86 -3.33
C MET A 70 7.45 7.97 -3.29
N LYS A 71 6.89 8.18 -2.10
CA LYS A 71 5.88 9.22 -1.87
C LYS A 71 4.58 8.90 -2.61
N ALA A 72 4.30 7.61 -2.75
CA ALA A 72 3.05 7.17 -3.35
C ALA A 72 2.16 6.57 -2.27
N ASN A 73 0.87 6.88 -2.33
CA ASN A 73 -0.06 6.41 -1.32
C ASN A 73 -1.13 5.54 -1.95
N ALA A 74 -0.81 4.99 -3.11
CA ALA A 74 -1.70 4.07 -3.80
C ALA A 74 -0.90 3.21 -4.75
N VAL A 75 -1.16 1.91 -4.73
CA VAL A 75 -0.48 0.99 -5.62
C VAL A 75 -1.46 0.23 -6.49
N LEU A 76 -1.46 0.56 -7.77
CA LEU A 76 -2.33 -0.10 -8.74
C LEU A 76 -1.76 -1.46 -9.08
N LEU A 77 -2.22 -2.48 -8.36
CA LEU A 77 -1.72 -3.84 -8.53
C LEU A 77 -2.03 -4.37 -9.92
N HIS A 78 -1.01 -4.93 -10.56
CA HIS A 78 -1.17 -5.50 -11.89
C HIS A 78 -1.07 -7.01 -11.82
N SER A 79 0.05 -7.49 -11.32
CA SER A 79 0.29 -8.93 -11.27
C SER A 79 1.27 -9.28 -10.16
N CYS A 80 1.45 -10.57 -9.91
CA CYS A 80 2.41 -11.06 -8.95
C CYS A 80 3.17 -12.24 -9.54
N GLU A 81 4.30 -11.93 -10.15
CA GLU A 81 5.10 -12.94 -10.85
C GLU A 81 5.94 -13.73 -9.86
N VAL A 82 5.42 -14.87 -9.43
CA VAL A 82 6.16 -15.74 -8.53
C VAL A 82 6.81 -16.88 -9.33
N THR A 83 8.11 -17.01 -9.18
CA THR A 83 8.85 -18.07 -9.84
C THR A 83 9.39 -19.07 -8.82
N SER A 84 9.44 -20.33 -9.20
CA SER A 84 9.90 -21.39 -8.32
C SER A 84 10.91 -22.28 -9.04
N GLY A 85 12.10 -22.41 -8.45
CA GLY A 85 13.14 -23.22 -9.04
C GLY A 85 14.14 -22.38 -9.81
N THR A 86 14.98 -21.65 -9.09
CA THR A 86 15.97 -20.79 -9.72
C THR A 86 17.20 -20.65 -8.83
N PRO A 87 18.40 -20.95 -9.37
CA PRO A 87 19.66 -20.77 -8.65
C PRO A 87 19.88 -19.30 -8.27
N GLY A 88 19.75 -19.01 -6.98
CA GLY A 88 19.88 -17.64 -6.51
C GLY A 88 18.60 -17.18 -5.84
N CYS A 89 17.47 -17.57 -6.42
CA CYS A 89 16.16 -17.24 -5.88
C CYS A 89 15.22 -18.43 -6.02
N TYR A 90 15.18 -19.27 -5.00
CA TYR A 90 14.35 -20.46 -5.00
C TYR A 90 12.90 -20.09 -5.29
N ARG A 91 12.39 -19.12 -4.55
CA ARG A 91 11.06 -18.59 -4.79
C ARG A 91 11.13 -17.08 -4.89
N GLN A 92 10.90 -16.55 -6.07
CA GLN A 92 10.95 -15.11 -6.27
C GLN A 92 9.57 -14.59 -6.63
N ALA A 93 8.91 -13.97 -5.66
CA ALA A 93 7.58 -13.41 -5.85
C ALA A 93 7.65 -11.91 -6.07
N VAL A 94 7.59 -11.50 -7.32
CA VAL A 94 7.67 -10.09 -7.67
C VAL A 94 6.29 -9.53 -7.98
N CYS A 95 5.70 -8.84 -7.02
CA CYS A 95 4.41 -8.21 -7.22
C CYS A 95 4.59 -6.82 -7.82
N ILE A 96 4.00 -6.61 -8.99
CA ILE A 96 4.19 -5.37 -9.73
C ILE A 96 2.93 -4.52 -9.73
N GLY A 97 3.10 -3.24 -9.39
CA GLY A 97 2.00 -2.31 -9.42
C GLY A 97 2.48 -0.89 -9.66
N SER A 98 1.58 -0.04 -10.13
CA SER A 98 1.93 1.35 -10.41
C SER A 98 1.80 2.20 -9.15
N ALA A 99 2.72 3.14 -8.98
CA ALA A 99 2.74 3.99 -7.80
C ALA A 99 2.04 5.32 -8.10
N LEU A 100 0.91 5.53 -7.44
CA LEU A 100 0.11 6.73 -7.63
C LEU A 100 -0.01 7.48 -6.31
N ASN A 101 -0.31 8.78 -6.39
CA ASN A 101 -0.57 9.57 -5.19
C ASN A 101 -1.96 10.18 -5.27
N ILE A 102 -2.90 9.61 -4.53
CA ILE A 102 -4.27 10.11 -4.50
C ILE A 102 -4.33 11.40 -3.68
N THR A 103 -4.85 12.45 -4.29
CA THR A 103 -4.93 13.73 -3.62
C THR A 103 -6.37 14.00 -3.17
N ALA A 104 -6.52 14.91 -2.22
CA ALA A 104 -7.84 15.30 -1.74
C ALA A 104 -8.48 16.29 -2.69
N LYS A 105 -7.64 16.99 -3.45
CA LYS A 105 -8.11 17.96 -4.42
C LYS A 105 -6.93 18.40 -5.29
N MET A 1 -30.41 28.01 49.28
CA MET A 1 -30.07 28.66 48.00
C MET A 1 -30.14 27.64 46.87
N ALA A 2 -29.59 27.98 45.71
CA ALA A 2 -29.63 27.09 44.56
C ALA A 2 -28.42 27.30 43.66
N PRO A 3 -27.35 26.54 43.90
CA PRO A 3 -26.13 26.60 43.08
C PRO A 3 -26.39 26.09 41.67
N GLN A 4 -25.53 26.46 40.74
CA GLN A 4 -25.70 26.08 39.34
C GLN A 4 -24.68 25.03 38.93
N PRO A 5 -25.10 23.76 38.86
CA PRO A 5 -24.26 22.65 38.43
C PRO A 5 -24.11 22.59 36.91
N LYS A 6 -22.90 22.38 36.44
CA LYS A 6 -22.64 22.35 35.01
C LYS A 6 -22.18 20.95 34.58
N ALA A 7 -22.78 20.46 33.51
CA ALA A 7 -22.41 19.16 32.96
C ALA A 7 -21.55 19.34 31.72
N GLU A 8 -20.29 18.95 31.81
CA GLU A 8 -19.36 19.14 30.71
C GLU A 8 -18.61 17.85 30.38
N PRO A 9 -19.26 16.94 29.63
CA PRO A 9 -18.64 15.70 29.18
C PRO A 9 -17.89 15.89 27.86
N ALA A 10 -16.58 15.68 27.88
CA ALA A 10 -15.75 15.85 26.70
C ALA A 10 -15.08 14.55 26.31
N LYS A 11 -15.45 14.02 25.15
CA LYS A 11 -14.90 12.76 24.66
C LYS A 11 -14.49 12.90 23.19
N PRO A 12 -13.18 12.86 22.92
CA PRO A 12 -12.63 12.97 21.57
C PRO A 12 -12.82 11.69 20.75
N LYS A 13 -12.62 11.80 19.44
CA LYS A 13 -12.77 10.67 18.53
C LYS A 13 -11.41 10.15 18.12
N ALA A 14 -11.37 8.91 17.64
CA ALA A 14 -10.11 8.28 17.24
C ALA A 14 -10.02 8.12 15.73
N PRO A 15 -9.19 8.92 15.07
CA PRO A 15 -8.94 8.82 13.63
C PRO A 15 -7.77 7.88 13.31
N ARG A 16 -7.97 7.02 12.33
CA ARG A 16 -6.93 6.08 11.91
C ARG A 16 -7.06 5.76 10.43
N ALA A 17 -5.98 5.98 9.68
CA ALA A 17 -5.99 5.73 8.25
C ALA A 17 -4.63 5.21 7.78
N THR A 18 -4.65 4.32 6.80
CA THR A 18 -3.43 3.86 6.16
C THR A 18 -3.03 4.85 5.06
N PRO A 19 -1.73 5.17 4.93
CA PRO A 19 -1.28 6.17 3.96
C PRO A 19 -1.63 5.79 2.54
N VAL A 20 -1.52 4.50 2.22
CA VAL A 20 -1.66 4.03 0.86
C VAL A 20 -2.79 2.99 0.74
N ARG A 21 -3.56 3.10 -0.33
CA ARG A 21 -4.63 2.14 -0.60
C ARG A 21 -4.28 1.30 -1.83
N ILE A 22 -4.58 0.01 -1.77
CA ILE A 22 -4.28 -0.89 -2.88
C ILE A 22 -5.52 -1.12 -3.73
N TYR A 23 -5.37 -0.90 -5.03
CA TYR A 23 -6.46 -1.10 -5.98
C TYR A 23 -6.00 -2.08 -7.05
N THR A 24 -6.95 -2.67 -7.77
CA THR A 24 -6.60 -3.62 -8.82
C THR A 24 -7.30 -3.25 -10.13
N ASN A 25 -7.98 -2.12 -10.14
CA ASN A 25 -8.68 -1.68 -11.35
C ASN A 25 -8.18 -0.31 -11.78
N ALA A 26 -7.60 -0.26 -12.97
CA ALA A 26 -7.01 0.96 -13.50
C ALA A 26 -8.06 2.06 -13.69
N GLU A 27 -9.24 1.66 -14.13
CA GLU A 27 -10.33 2.60 -14.39
C GLU A 27 -10.73 3.35 -13.13
N GLU A 28 -10.57 2.70 -11.98
CA GLU A 28 -10.91 3.33 -10.70
C GLU A 28 -10.00 4.52 -10.44
N LEU A 29 -8.71 4.34 -10.73
CA LEU A 29 -7.74 5.41 -10.57
C LEU A 29 -8.04 6.55 -11.54
N VAL A 30 -8.40 6.20 -12.77
CA VAL A 30 -8.75 7.20 -13.78
C VAL A 30 -10.00 7.96 -13.36
N GLY A 31 -10.83 7.33 -12.53
CA GLY A 31 -12.05 7.96 -12.08
C GLY A 31 -11.84 8.86 -10.87
N LYS A 32 -10.58 9.10 -10.53
CA LYS A 32 -10.26 9.93 -9.40
C LYS A 32 -9.06 10.83 -9.72
N PRO A 33 -8.94 11.98 -9.04
CA PRO A 33 -7.80 12.90 -9.22
C PRO A 33 -6.52 12.32 -8.63
N PHE A 34 -5.68 11.77 -9.49
CA PHE A 34 -4.45 11.14 -9.06
C PHE A 34 -3.25 11.63 -9.88
N ARG A 35 -2.10 11.67 -9.23
CA ARG A 35 -0.85 12.02 -9.88
C ARG A 35 -0.05 10.75 -10.14
N ASP A 36 0.29 10.50 -11.39
CA ASP A 36 1.01 9.28 -11.75
C ASP A 36 2.51 9.50 -11.59
N LEU A 37 3.04 9.01 -10.48
CA LEU A 37 4.46 9.15 -10.17
C LEU A 37 5.27 8.19 -11.02
N GLY A 38 4.96 6.91 -10.92
CA GLY A 38 5.69 5.90 -11.64
C GLY A 38 5.21 4.50 -11.31
N GLU A 39 6.14 3.58 -11.23
CA GLU A 39 5.83 2.19 -10.96
C GLU A 39 6.78 1.64 -9.91
N VAL A 40 6.25 0.82 -9.01
CA VAL A 40 7.05 0.20 -7.97
C VAL A 40 6.78 -1.30 -7.92
N SER A 41 7.63 -2.04 -7.23
CA SER A 41 7.44 -3.47 -7.10
C SER A 41 7.77 -3.93 -5.68
N GLY A 42 7.08 -4.96 -5.23
CA GLY A 42 7.38 -5.58 -3.97
C GLY A 42 7.88 -6.99 -4.18
N ASP A 43 9.18 -7.16 -4.10
CA ASP A 43 9.80 -8.43 -4.41
C ASP A 43 10.24 -9.16 -3.15
N SER A 44 10.09 -10.46 -3.17
CA SER A 44 10.52 -11.30 -2.07
C SER A 44 11.25 -12.52 -2.62
N CYS A 45 12.56 -12.39 -2.80
CA CYS A 45 13.37 -13.49 -3.31
C CYS A 45 14.06 -14.19 -2.15
N GLN A 46 13.72 -15.44 -1.95
CA GLN A 46 14.34 -16.24 -0.91
C GLN A 46 15.36 -17.20 -1.51
N ALA A 47 16.54 -17.25 -0.90
CA ALA A 47 17.59 -18.14 -1.36
C ALA A 47 17.22 -19.60 -1.11
N SER A 48 16.82 -19.90 0.12
CA SER A 48 16.46 -21.25 0.50
C SER A 48 15.66 -21.24 1.80
N ASN A 49 15.60 -22.38 2.50
CA ASN A 49 14.82 -22.50 3.74
C ASN A 49 15.36 -21.58 4.83
N GLN A 50 16.65 -21.28 4.76
CA GLN A 50 17.30 -20.37 5.68
C GLN A 50 16.72 -18.96 5.56
N ASP A 51 16.12 -18.67 4.42
CA ASP A 51 15.61 -17.33 4.14
C ASP A 51 14.19 -17.16 4.68
N SER A 52 13.48 -16.20 4.12
CA SER A 52 12.12 -15.88 4.56
C SER A 52 11.11 -16.36 3.52
N PRO A 53 9.92 -16.79 3.98
CA PRO A 53 8.83 -17.22 3.09
C PRO A 53 8.27 -16.05 2.28
N PRO A 54 8.35 -16.13 0.94
CA PRO A 54 7.88 -15.07 0.06
C PRO A 54 6.38 -15.17 -0.22
N SER A 55 5.60 -14.88 0.80
CA SER A 55 4.15 -14.89 0.68
C SER A 55 3.68 -13.73 -0.21
N ILE A 56 2.55 -13.90 -0.88
CA ILE A 56 2.00 -12.89 -1.76
C ILE A 56 1.65 -11.60 -0.98
N PRO A 57 0.91 -11.70 0.16
CA PRO A 57 0.61 -10.53 0.99
C PRO A 57 1.87 -9.90 1.57
N THR A 58 2.92 -10.71 1.70
CA THR A 58 4.20 -10.23 2.20
C THR A 58 4.89 -9.37 1.13
N ALA A 59 4.93 -9.88 -0.09
CA ALA A 59 5.43 -9.12 -1.24
C ALA A 59 4.62 -7.84 -1.42
N ARG A 60 3.31 -7.96 -1.23
CA ARG A 60 2.41 -6.82 -1.34
C ARG A 60 2.69 -5.78 -0.27
N LYS A 61 3.05 -6.22 0.92
CA LYS A 61 3.39 -5.32 2.01
C LYS A 61 4.67 -4.55 1.66
N ARG A 62 5.65 -5.26 1.12
CA ARG A 62 6.89 -4.65 0.69
C ARG A 62 6.63 -3.62 -0.40
N MET A 63 5.75 -3.99 -1.34
CA MET A 63 5.34 -3.11 -2.43
C MET A 63 4.67 -1.85 -1.88
N GLN A 64 3.83 -2.05 -0.87
CA GLN A 64 3.13 -0.95 -0.22
C GLN A 64 4.11 0.03 0.41
N ILE A 65 5.05 -0.50 1.19
CA ILE A 65 6.06 0.33 1.85
C ILE A 65 6.93 1.03 0.82
N ASN A 66 7.28 0.33 -0.25
CA ASN A 66 8.06 0.90 -1.34
C ASN A 66 7.34 2.08 -1.96
N ALA A 67 6.06 1.90 -2.24
CA ALA A 67 5.25 2.95 -2.81
C ALA A 67 5.13 4.13 -1.86
N SER A 68 5.03 3.82 -0.57
CA SER A 68 4.90 4.83 0.47
C SER A 68 6.17 5.68 0.56
N LYS A 69 7.33 5.04 0.39
CA LYS A 69 8.60 5.77 0.40
C LYS A 69 8.82 6.50 -0.93
N MET A 70 7.96 6.18 -1.90
CA MET A 70 7.99 6.83 -3.20
C MET A 70 7.11 8.07 -3.19
N LYS A 71 6.55 8.36 -2.01
CA LYS A 71 5.63 9.48 -1.83
C LYS A 71 4.29 9.22 -2.50
N ALA A 72 4.03 7.94 -2.75
CA ALA A 72 2.76 7.52 -3.31
C ALA A 72 1.82 7.09 -2.19
N ASN A 73 0.53 7.13 -2.46
CA ASN A 73 -0.46 6.71 -1.47
C ASN A 73 -1.57 5.90 -2.11
N ALA A 74 -1.30 5.43 -3.32
CA ALA A 74 -2.21 4.53 -4.02
C ALA A 74 -1.41 3.58 -4.91
N VAL A 75 -1.71 2.30 -4.81
CA VAL A 75 -1.00 1.30 -5.59
C VAL A 75 -1.93 0.62 -6.57
N LEU A 76 -1.60 0.71 -7.85
CA LEU A 76 -2.37 0.04 -8.89
C LEU A 76 -1.76 -1.32 -9.18
N LEU A 77 -2.25 -2.34 -8.48
CA LEU A 77 -1.72 -3.69 -8.61
C LEU A 77 -2.00 -4.26 -10.00
N HIS A 78 -0.94 -4.51 -10.76
CA HIS A 78 -1.09 -5.05 -12.10
C HIS A 78 -0.98 -6.56 -12.07
N SER A 79 0.17 -7.06 -11.64
CA SER A 79 0.39 -8.50 -11.57
C SER A 79 1.29 -8.85 -10.40
N CYS A 80 0.80 -9.70 -9.51
CA CYS A 80 1.63 -10.28 -8.47
C CYS A 80 2.29 -11.54 -9.01
N GLU A 81 3.49 -11.38 -9.55
CA GLU A 81 4.22 -12.48 -10.18
C GLU A 81 4.92 -13.33 -9.13
N VAL A 82 5.36 -14.51 -9.53
CA VAL A 82 6.03 -15.42 -8.62
C VAL A 82 6.68 -16.56 -9.39
N THR A 83 7.96 -16.75 -9.16
CA THR A 83 8.69 -17.83 -9.79
C THR A 83 9.14 -18.86 -8.75
N SER A 84 9.07 -20.12 -9.11
CA SER A 84 9.46 -21.21 -8.23
C SER A 84 10.41 -22.15 -8.94
N GLY A 85 11.52 -22.45 -8.29
CA GLY A 85 12.50 -23.35 -8.88
C GLY A 85 13.47 -22.62 -9.76
N THR A 86 14.01 -21.52 -9.26
CA THR A 86 14.98 -20.73 -10.00
C THR A 86 16.28 -20.61 -9.20
N PRO A 87 17.43 -20.70 -9.88
CA PRO A 87 18.74 -20.56 -9.23
C PRO A 87 18.89 -19.20 -8.55
N GLY A 88 19.46 -19.19 -7.36
CA GLY A 88 19.61 -17.96 -6.61
C GLY A 88 18.35 -17.60 -5.85
N CYS A 89 17.27 -17.41 -6.57
CA CYS A 89 15.96 -17.13 -5.97
C CYS A 89 15.07 -18.34 -6.12
N TYR A 90 15.15 -19.25 -5.14
CA TYR A 90 14.37 -20.47 -5.18
C TYR A 90 12.88 -20.16 -5.31
N ARG A 91 12.44 -19.17 -4.57
CA ARG A 91 11.08 -18.68 -4.69
C ARG A 91 11.09 -17.16 -4.61
N GLN A 92 10.62 -16.53 -5.67
CA GLN A 92 10.61 -15.09 -5.75
C GLN A 92 9.23 -14.57 -6.11
N ALA A 93 8.60 -13.86 -5.18
CA ALA A 93 7.28 -13.28 -5.41
C ALA A 93 7.42 -11.78 -5.62
N VAL A 94 7.10 -11.32 -6.82
CA VAL A 94 7.27 -9.92 -7.18
C VAL A 94 5.94 -9.29 -7.57
N CYS A 95 5.36 -8.53 -6.67
CA CYS A 95 4.10 -7.85 -6.95
C CYS A 95 4.37 -6.51 -7.61
N ILE A 96 3.97 -6.37 -8.86
CA ILE A 96 4.22 -5.15 -9.61
C ILE A 96 2.97 -4.29 -9.71
N GLY A 97 3.11 -3.03 -9.33
CA GLY A 97 1.99 -2.10 -9.38
C GLY A 97 2.46 -0.66 -9.48
N SER A 98 1.60 0.19 -10.03
CA SER A 98 1.95 1.59 -10.23
C SER A 98 1.84 2.37 -8.92
N ALA A 99 2.77 3.29 -8.72
CA ALA A 99 2.79 4.11 -7.53
C ALA A 99 2.20 5.48 -7.83
N LEU A 100 0.97 5.69 -7.37
CA LEU A 100 0.24 6.92 -7.66
C LEU A 100 0.03 7.73 -6.39
N ASN A 101 -0.08 9.04 -6.55
CA ASN A 101 -0.43 9.93 -5.45
C ASN A 101 -1.86 10.41 -5.69
N ILE A 102 -2.55 10.81 -4.65
CA ILE A 102 -3.90 11.31 -4.82
C ILE A 102 -3.96 12.81 -4.61
N THR A 103 -4.16 13.53 -5.70
CA THR A 103 -4.23 14.98 -5.67
C THR A 103 -5.65 15.44 -5.99
N ALA A 104 -6.53 15.33 -5.00
CA ALA A 104 -7.94 15.63 -5.21
C ALA A 104 -8.24 17.12 -5.11
N LYS A 105 -7.28 17.89 -4.60
CA LYS A 105 -7.48 19.31 -4.39
C LYS A 105 -6.25 20.09 -4.84
N MET A 1 -39.11 37.80 32.08
CA MET A 1 -39.06 37.57 30.62
C MET A 1 -37.63 37.59 30.11
N ALA A 2 -37.06 36.42 29.88
CA ALA A 2 -35.69 36.30 29.43
C ALA A 2 -35.49 35.01 28.65
N PRO A 3 -34.75 35.08 27.52
CA PRO A 3 -34.46 33.90 26.72
C PRO A 3 -33.28 33.11 27.28
N GLN A 4 -32.71 32.25 26.44
CA GLN A 4 -31.57 31.45 26.84
C GLN A 4 -30.53 31.42 25.73
N PRO A 5 -29.28 31.77 26.04
CA PRO A 5 -28.17 31.70 25.09
C PRO A 5 -27.75 30.25 24.85
N LYS A 6 -28.12 29.73 23.68
CA LYS A 6 -27.88 28.32 23.38
C LYS A 6 -26.89 28.17 22.24
N ALA A 7 -25.69 27.73 22.56
CA ALA A 7 -24.67 27.47 21.57
C ALA A 7 -24.24 26.01 21.61
N GLU A 8 -24.39 25.32 20.49
CA GLU A 8 -24.00 23.92 20.42
C GLU A 8 -22.58 23.77 19.92
N PRO A 9 -21.70 23.19 20.74
CA PRO A 9 -20.30 22.95 20.38
C PRO A 9 -20.16 21.74 19.47
N ALA A 10 -20.66 21.86 18.25
CA ALA A 10 -20.58 20.79 17.27
C ALA A 10 -19.27 20.87 16.49
N LYS A 11 -18.45 19.84 16.58
CA LYS A 11 -17.17 19.81 15.90
C LYS A 11 -16.81 18.39 15.50
N PRO A 12 -16.59 18.16 14.20
CA PRO A 12 -16.18 16.87 13.68
C PRO A 12 -14.66 16.68 13.74
N LYS A 13 -14.19 15.55 13.25
CA LYS A 13 -12.76 15.27 13.21
C LYS A 13 -12.30 15.08 11.78
N ALA A 14 -11.09 15.51 11.49
CA ALA A 14 -10.52 15.36 10.16
C ALA A 14 -9.39 14.33 10.19
N PRO A 15 -9.71 13.06 9.90
CA PRO A 15 -8.73 11.98 9.94
C PRO A 15 -7.92 11.84 8.66
N ARG A 16 -6.64 11.56 8.81
CA ARG A 16 -5.78 11.27 7.69
C ARG A 16 -4.81 10.15 8.07
N ALA A 17 -5.37 8.97 8.32
CA ALA A 17 -4.58 7.82 8.72
C ALA A 17 -4.37 6.88 7.53
N THR A 18 -3.26 6.16 7.56
CA THR A 18 -2.91 5.21 6.50
C THR A 18 -2.58 5.94 5.20
N PRO A 19 -1.28 6.00 4.86
CA PRO A 19 -0.83 6.68 3.66
C PRO A 19 -1.10 5.86 2.39
N VAL A 20 -0.32 4.82 2.18
CA VAL A 20 -0.40 4.04 0.96
C VAL A 20 -1.46 2.95 1.04
N ARG A 21 -2.32 2.92 0.04
CA ARG A 21 -3.35 1.91 -0.09
C ARG A 21 -3.16 1.12 -1.38
N ILE A 22 -3.41 -0.17 -1.32
CA ILE A 22 -3.32 -1.01 -2.51
C ILE A 22 -4.64 -0.97 -3.27
N TYR A 23 -4.55 -0.91 -4.58
CA TYR A 23 -5.72 -0.88 -5.45
C TYR A 23 -5.55 -1.93 -6.55
N THR A 24 -6.65 -2.36 -7.14
CA THR A 24 -6.59 -3.30 -8.24
C THR A 24 -7.57 -2.91 -9.34
N ASN A 25 -8.10 -1.71 -9.23
CA ASN A 25 -9.08 -1.21 -10.19
C ASN A 25 -8.52 -0.01 -10.95
N ALA A 26 -8.03 -0.24 -12.15
CA ALA A 26 -7.50 0.83 -13.00
C ALA A 26 -8.57 1.89 -13.26
N GLU A 27 -9.81 1.44 -13.43
CA GLU A 27 -10.94 2.33 -13.65
C GLU A 27 -11.07 3.34 -12.52
N GLU A 28 -10.84 2.88 -11.30
CA GLU A 28 -10.90 3.74 -10.13
C GLU A 28 -9.87 4.85 -10.23
N LEU A 29 -8.64 4.46 -10.53
CA LEU A 29 -7.53 5.40 -10.59
C LEU A 29 -7.77 6.45 -11.68
N VAL A 30 -8.07 5.99 -12.89
CA VAL A 30 -8.25 6.90 -14.02
C VAL A 30 -9.53 7.71 -13.89
N GLY A 31 -10.40 7.32 -12.96
CA GLY A 31 -11.66 8.02 -12.78
C GLY A 31 -11.68 8.87 -11.52
N LYS A 32 -10.55 8.95 -10.85
CA LYS A 32 -10.48 9.69 -9.59
C LYS A 32 -9.37 10.74 -9.64
N PRO A 33 -9.45 11.76 -8.78
CA PRO A 33 -8.40 12.78 -8.66
C PRO A 33 -7.12 12.17 -8.09
N PHE A 34 -6.23 11.77 -8.99
CA PHE A 34 -4.99 11.12 -8.61
C PHE A 34 -3.81 11.70 -9.38
N ARG A 35 -2.65 11.65 -8.77
CA ARG A 35 -1.43 12.15 -9.39
C ARG A 35 -0.52 10.99 -9.75
N ASP A 36 0.02 11.01 -10.95
CA ASP A 36 0.91 9.93 -11.40
C ASP A 36 2.34 10.21 -10.96
N LEU A 37 2.98 9.22 -10.36
CA LEU A 37 4.35 9.35 -9.89
C LEU A 37 5.27 8.42 -10.65
N GLY A 38 4.81 7.20 -10.86
CA GLY A 38 5.59 6.23 -11.60
C GLY A 38 5.09 4.82 -11.43
N GLU A 39 6.02 3.89 -11.33
CA GLU A 39 5.69 2.49 -11.14
C GLU A 39 6.69 1.85 -10.19
N VAL A 40 6.23 0.92 -9.38
CA VAL A 40 7.11 0.26 -8.42
C VAL A 40 6.79 -1.23 -8.32
N SER A 41 7.74 -2.01 -7.83
CA SER A 41 7.53 -3.44 -7.67
C SER A 41 8.03 -3.92 -6.31
N GLY A 42 7.19 -4.70 -5.64
CA GLY A 42 7.57 -5.30 -4.39
C GLY A 42 8.07 -6.71 -4.61
N ASP A 43 9.36 -6.90 -4.45
CA ASP A 43 9.98 -8.18 -4.72
C ASP A 43 10.40 -8.86 -3.42
N SER A 44 10.22 -10.16 -3.38
CA SER A 44 10.59 -10.95 -2.21
C SER A 44 11.31 -12.22 -2.66
N CYS A 45 12.60 -12.09 -2.96
CA CYS A 45 13.42 -13.23 -3.34
C CYS A 45 14.03 -13.87 -2.10
N GLN A 46 13.82 -15.16 -1.94
CA GLN A 46 14.40 -15.90 -0.83
C GLN A 46 15.65 -16.61 -1.30
N ALA A 47 16.77 -16.31 -0.66
CA ALA A 47 18.05 -16.87 -1.05
C ALA A 47 18.27 -18.25 -0.44
N SER A 48 17.46 -18.59 0.54
CA SER A 48 17.55 -19.89 1.19
C SER A 48 16.16 -20.35 1.67
N ASN A 49 16.03 -21.64 1.94
CA ASN A 49 14.77 -22.23 2.36
C ASN A 49 14.52 -21.98 3.85
N GLN A 50 15.56 -21.51 4.54
CA GLN A 50 15.50 -21.32 5.98
C GLN A 50 14.88 -19.98 6.36
N ASP A 51 14.36 -19.27 5.37
CA ASP A 51 13.75 -17.97 5.62
C ASP A 51 12.24 -18.05 5.57
N SER A 52 11.60 -16.90 5.52
CA SER A 52 10.14 -16.82 5.52
C SER A 52 9.60 -17.05 4.11
N PRO A 53 8.46 -17.73 3.99
CA PRO A 53 7.85 -18.05 2.69
C PRO A 53 7.41 -16.79 1.95
N PRO A 54 7.93 -16.59 0.73
CA PRO A 54 7.56 -15.47 -0.12
C PRO A 54 6.10 -15.56 -0.55
N SER A 55 5.26 -14.77 0.09
CA SER A 55 3.83 -14.83 -0.13
C SER A 55 3.36 -13.66 -0.98
N ILE A 56 2.15 -13.79 -1.53
CA ILE A 56 1.54 -12.72 -2.32
C ILE A 56 1.34 -11.46 -1.47
N PRO A 57 0.71 -11.55 -0.28
CA PRO A 57 0.56 -10.39 0.62
C PRO A 57 1.90 -9.85 1.09
N THR A 58 2.91 -10.71 1.01
CA THR A 58 4.27 -10.33 1.37
C THR A 58 4.87 -9.40 0.30
N ALA A 59 4.81 -9.82 -0.95
CA ALA A 59 5.23 -8.99 -2.07
C ALA A 59 4.38 -7.73 -2.15
N ARG A 60 3.10 -7.88 -1.83
CA ARG A 60 2.16 -6.77 -1.76
C ARG A 60 2.62 -5.73 -0.75
N LYS A 61 3.04 -6.20 0.41
CA LYS A 61 3.50 -5.33 1.48
C LYS A 61 4.77 -4.59 1.05
N ARG A 62 5.70 -5.31 0.46
CA ARG A 62 6.96 -4.72 0.03
C ARG A 62 6.72 -3.71 -1.09
N MET A 63 5.72 -3.98 -1.92
CA MET A 63 5.33 -3.06 -2.98
C MET A 63 4.69 -1.82 -2.39
N GLN A 64 3.90 -2.03 -1.35
CA GLN A 64 3.22 -0.96 -0.64
C GLN A 64 4.23 0.00 -0.01
N ILE A 65 5.20 -0.55 0.71
CA ILE A 65 6.24 0.26 1.33
C ILE A 65 7.09 0.94 0.25
N ASN A 66 7.38 0.21 -0.82
CA ASN A 66 8.13 0.75 -1.94
C ASN A 66 7.44 1.97 -2.53
N ALA A 67 6.12 1.88 -2.67
CA ALA A 67 5.34 2.98 -3.19
C ALA A 67 5.45 4.20 -2.29
N SER A 68 5.37 3.98 -0.98
CA SER A 68 5.43 5.08 -0.02
C SER A 68 6.79 5.77 -0.06
N LYS A 69 7.85 5.01 -0.37
CA LYS A 69 9.18 5.59 -0.50
C LYS A 69 9.25 6.46 -1.75
N MET A 70 8.29 6.28 -2.65
CA MET A 70 8.19 7.08 -3.87
C MET A 70 7.20 8.22 -3.67
N LYS A 71 6.80 8.41 -2.40
CA LYS A 71 5.81 9.42 -2.03
C LYS A 71 4.43 9.06 -2.59
N ALA A 72 4.24 7.79 -2.90
CA ALA A 72 2.96 7.33 -3.40
C ALA A 72 2.12 6.79 -2.26
N ASN A 73 0.82 7.00 -2.34
CA ASN A 73 -0.10 6.54 -1.32
C ASN A 73 -1.15 5.63 -1.94
N ALA A 74 -0.85 5.14 -3.14
CA ALA A 74 -1.71 4.20 -3.82
C ALA A 74 -0.87 3.34 -4.76
N VAL A 75 -1.15 2.04 -4.78
CA VAL A 75 -0.44 1.14 -5.68
C VAL A 75 -1.43 0.40 -6.57
N LEU A 76 -1.39 0.70 -7.86
CA LEU A 76 -2.26 0.04 -8.82
C LEU A 76 -1.69 -1.31 -9.21
N LEU A 77 -2.12 -2.34 -8.51
CA LEU A 77 -1.63 -3.70 -8.71
C LEU A 77 -1.90 -4.18 -10.13
N HIS A 78 -0.85 -4.65 -10.79
CA HIS A 78 -0.98 -5.25 -12.11
C HIS A 78 -0.87 -6.76 -11.99
N SER A 79 0.33 -7.23 -11.70
CA SER A 79 0.60 -8.65 -11.64
C SER A 79 1.51 -9.00 -10.46
N CYS A 80 1.07 -9.97 -9.67
CA CYS A 80 1.90 -10.51 -8.60
C CYS A 80 2.37 -11.91 -8.99
N GLU A 81 3.44 -11.97 -9.78
CA GLU A 81 3.97 -13.24 -10.25
C GLU A 81 4.82 -13.90 -9.18
N VAL A 82 4.67 -15.20 -9.01
CA VAL A 82 5.44 -15.93 -8.02
C VAL A 82 6.29 -17.01 -8.69
N THR A 83 7.58 -16.74 -8.80
CA THR A 83 8.51 -17.65 -9.43
C THR A 83 9.01 -18.70 -8.45
N SER A 84 9.04 -19.95 -8.88
CA SER A 84 9.51 -21.04 -8.05
C SER A 84 10.69 -21.76 -8.71
N GLY A 85 11.68 -22.10 -7.91
CA GLY A 85 12.80 -22.90 -8.40
C GLY A 85 13.71 -22.14 -9.34
N THR A 86 14.47 -21.19 -8.79
CA THR A 86 15.46 -20.45 -9.55
C THR A 86 16.79 -20.42 -8.81
N PRO A 87 17.92 -20.54 -9.53
CA PRO A 87 19.26 -20.44 -8.94
C PRO A 87 19.41 -19.16 -8.11
N GLY A 88 19.69 -19.33 -6.83
CA GLY A 88 19.79 -18.20 -5.93
C GLY A 88 18.48 -17.98 -5.19
N CYS A 89 17.46 -17.56 -5.92
CA CYS A 89 16.14 -17.33 -5.33
C CYS A 89 15.28 -18.59 -5.39
N TYR A 90 15.20 -19.28 -4.26
CA TYR A 90 14.35 -20.46 -4.13
C TYR A 90 12.94 -20.13 -4.61
N ARG A 91 12.41 -19.02 -4.13
CA ARG A 91 11.14 -18.50 -4.58
C ARG A 91 11.21 -16.99 -4.64
N GLN A 92 10.71 -16.42 -5.72
CA GLN A 92 10.77 -14.99 -5.92
C GLN A 92 9.39 -14.44 -6.28
N ALA A 93 8.77 -13.75 -5.34
CA ALA A 93 7.48 -13.12 -5.59
C ALA A 93 7.68 -11.67 -6.01
N VAL A 94 7.03 -11.25 -7.08
CA VAL A 94 7.17 -9.89 -7.58
C VAL A 94 5.79 -9.27 -7.85
N CYS A 95 5.42 -8.30 -7.03
CA CYS A 95 4.17 -7.58 -7.23
C CYS A 95 4.45 -6.26 -7.92
N ILE A 96 4.08 -6.16 -9.19
CA ILE A 96 4.32 -4.96 -9.96
C ILE A 96 3.05 -4.12 -10.07
N GLY A 97 3.17 -2.84 -9.71
CA GLY A 97 2.03 -1.94 -9.77
C GLY A 97 2.46 -0.48 -9.84
N SER A 98 1.57 0.38 -10.33
CA SER A 98 1.88 1.79 -10.48
C SER A 98 1.86 2.52 -9.13
N ALA A 99 2.75 3.48 -8.98
CA ALA A 99 2.82 4.28 -7.76
C ALA A 99 2.10 5.60 -7.97
N LEU A 100 0.93 5.73 -7.36
CA LEU A 100 0.10 6.91 -7.53
C LEU A 100 -0.04 7.67 -6.22
N ASN A 101 -0.29 8.96 -6.34
CA ASN A 101 -0.56 9.81 -5.20
C ASN A 101 -1.96 10.39 -5.30
N ILE A 102 -2.91 9.74 -4.64
CA ILE A 102 -4.31 10.15 -4.70
C ILE A 102 -4.48 11.56 -4.15
N THR A 103 -4.72 12.50 -5.05
CA THR A 103 -4.87 13.88 -4.67
C THR A 103 -6.32 14.17 -4.28
N ALA A 104 -6.73 13.61 -3.15
CA ALA A 104 -8.08 13.81 -2.63
C ALA A 104 -8.28 15.27 -2.26
N LYS A 105 -7.21 15.91 -1.82
CA LYS A 105 -7.23 17.33 -1.53
C LYS A 105 -6.41 18.07 -2.58
N MET A 1 -25.72 33.94 46.74
CA MET A 1 -26.96 33.60 45.98
C MET A 1 -26.88 32.16 45.48
N ALA A 2 -27.16 31.96 44.19
CA ALA A 2 -27.08 30.64 43.60
C ALA A 2 -25.74 30.48 42.88
N PRO A 3 -25.12 29.30 42.98
CA PRO A 3 -23.84 29.02 42.32
C PRO A 3 -23.97 28.90 40.81
N GLN A 4 -22.90 29.20 40.10
CA GLN A 4 -22.89 29.13 38.65
C GLN A 4 -21.90 28.09 38.16
N PRO A 5 -22.37 26.87 37.86
CA PRO A 5 -21.52 25.80 37.35
C PRO A 5 -21.06 26.07 35.92
N LYS A 6 -19.76 26.27 35.75
CA LYS A 6 -19.20 26.57 34.44
C LYS A 6 -18.08 25.59 34.10
N ALA A 7 -18.47 24.36 33.79
CA ALA A 7 -17.51 23.34 33.42
C ALA A 7 -17.79 22.83 32.01
N GLU A 8 -16.99 23.30 31.07
CA GLU A 8 -17.11 22.87 29.68
C GLU A 8 -16.22 21.67 29.42
N PRO A 9 -16.73 20.67 28.69
CA PRO A 9 -15.98 19.45 28.36
C PRO A 9 -15.03 19.66 27.19
N ALA A 10 -14.08 18.74 27.05
CA ALA A 10 -13.14 18.76 25.94
C ALA A 10 -12.66 17.36 25.64
N LYS A 11 -12.19 17.14 24.41
CA LYS A 11 -11.69 15.84 24.00
C LYS A 11 -10.71 15.98 22.84
N PRO A 12 -9.56 15.31 22.92
CA PRO A 12 -8.57 15.30 21.83
C PRO A 12 -9.05 14.47 20.63
N LYS A 13 -8.32 14.53 19.54
CA LYS A 13 -8.68 13.81 18.33
C LYS A 13 -7.47 13.09 17.74
N ALA A 14 -7.72 11.99 17.05
CA ALA A 14 -6.65 11.22 16.44
C ALA A 14 -6.98 10.89 14.97
N PRO A 15 -6.49 11.71 14.04
CA PRO A 15 -6.71 11.49 12.60
C PRO A 15 -5.80 10.41 12.03
N ARG A 16 -6.01 9.18 12.47
CA ARG A 16 -5.22 8.05 12.01
C ARG A 16 -5.86 7.42 10.79
N ALA A 17 -5.05 7.00 9.83
CA ALA A 17 -5.55 6.43 8.59
C ALA A 17 -4.47 5.60 7.90
N THR A 18 -4.79 5.08 6.72
CA THR A 18 -3.84 4.31 5.94
C THR A 18 -3.02 5.24 5.04
N PRO A 19 -1.69 5.23 5.19
CA PRO A 19 -0.80 6.12 4.44
C PRO A 19 -0.71 5.77 2.96
N VAL A 20 -1.12 4.54 2.64
CA VAL A 20 -1.07 4.05 1.28
C VAL A 20 -2.09 2.93 1.09
N ARG A 21 -2.82 2.98 -0.02
CA ARG A 21 -3.84 2.00 -0.33
C ARG A 21 -3.40 1.13 -1.50
N ILE A 22 -3.96 -0.06 -1.59
CA ILE A 22 -3.65 -0.97 -2.69
C ILE A 22 -4.90 -1.21 -3.53
N TYR A 23 -4.77 -1.02 -4.83
CA TYR A 23 -5.89 -1.21 -5.75
C TYR A 23 -5.47 -2.07 -6.92
N THR A 24 -6.24 -3.11 -7.21
CA THR A 24 -6.08 -3.84 -8.47
C THR A 24 -7.18 -3.39 -9.44
N ASN A 25 -7.89 -2.36 -9.01
CA ASN A 25 -8.97 -1.77 -9.78
C ASN A 25 -8.48 -0.50 -10.47
N ALA A 26 -8.11 -0.61 -11.74
CA ALA A 26 -7.58 0.51 -12.49
C ALA A 26 -8.63 1.60 -12.67
N GLU A 27 -9.89 1.17 -12.74
CA GLU A 27 -11.02 2.09 -12.88
C GLU A 27 -10.98 3.17 -11.80
N GLU A 28 -10.60 2.76 -10.60
CA GLU A 28 -10.58 3.65 -9.45
C GLU A 28 -9.58 4.78 -9.68
N LEU A 29 -8.39 4.43 -10.15
CA LEU A 29 -7.33 5.40 -10.35
C LEU A 29 -7.71 6.41 -11.43
N VAL A 30 -8.12 5.90 -12.59
CA VAL A 30 -8.45 6.76 -13.71
C VAL A 30 -9.81 7.45 -13.49
N GLY A 31 -10.42 7.18 -12.34
CA GLY A 31 -11.69 7.80 -12.02
C GLY A 31 -11.60 8.61 -10.75
N LYS A 32 -10.40 9.06 -10.42
CA LYS A 32 -10.17 9.82 -9.22
C LYS A 32 -9.06 10.84 -9.44
N PRO A 33 -9.08 11.97 -8.71
CA PRO A 33 -8.00 12.96 -8.76
C PRO A 33 -6.70 12.41 -8.20
N PHE A 34 -5.89 11.83 -9.08
CA PHE A 34 -4.65 11.21 -8.68
C PHE A 34 -3.49 11.75 -9.51
N ARG A 35 -2.29 11.60 -9.00
CA ARG A 35 -1.10 11.98 -9.72
C ARG A 35 -0.35 10.74 -10.17
N ASP A 36 -0.15 10.62 -11.47
CA ASP A 36 0.56 9.48 -12.04
C ASP A 36 2.06 9.68 -11.92
N LEU A 37 2.68 8.88 -11.07
CA LEU A 37 4.12 8.98 -10.83
C LEU A 37 4.88 7.98 -11.68
N GLY A 38 4.88 6.74 -11.23
CA GLY A 38 5.65 5.71 -11.88
C GLY A 38 5.19 4.32 -11.52
N GLU A 39 6.14 3.43 -11.33
CA GLU A 39 5.85 2.04 -11.03
C GLU A 39 6.83 1.51 -9.99
N VAL A 40 6.31 0.77 -9.03
CA VAL A 40 7.14 0.19 -8.00
C VAL A 40 6.87 -1.32 -7.91
N SER A 41 7.84 -2.08 -7.47
CA SER A 41 7.67 -3.53 -7.40
C SER A 41 8.06 -4.06 -6.04
N GLY A 42 7.17 -4.83 -5.44
CA GLY A 42 7.45 -5.50 -4.20
C GLY A 42 7.86 -6.93 -4.45
N ASP A 43 9.15 -7.19 -4.40
CA ASP A 43 9.66 -8.51 -4.70
C ASP A 43 10.19 -9.17 -3.43
N SER A 44 9.82 -10.42 -3.25
CA SER A 44 10.23 -11.19 -2.10
C SER A 44 10.95 -12.46 -2.56
N CYS A 45 12.27 -12.45 -2.54
CA CYS A 45 13.04 -13.60 -2.95
C CYS A 45 13.63 -14.31 -1.73
N GLN A 46 13.38 -15.59 -1.62
CA GLN A 46 13.99 -16.40 -0.57
C GLN A 46 15.12 -17.23 -1.13
N ALA A 47 16.29 -17.13 -0.51
CA ALA A 47 17.44 -17.93 -0.91
C ALA A 47 17.34 -19.32 -0.29
N SER A 48 16.69 -19.39 0.86
CA SER A 48 16.49 -20.65 1.55
C SER A 48 15.12 -20.64 2.26
N ASN A 49 14.77 -21.75 2.91
CA ASN A 49 13.44 -21.89 3.51
C ASN A 49 13.23 -20.95 4.68
N GLN A 50 14.25 -20.78 5.51
CA GLN A 50 14.15 -19.91 6.68
C GLN A 50 14.61 -18.50 6.35
N ASP A 51 14.49 -18.14 5.09
CA ASP A 51 14.79 -16.78 4.63
C ASP A 51 13.53 -15.93 4.76
N SER A 52 13.37 -14.93 3.92
CA SER A 52 12.14 -14.16 3.89
C SER A 52 11.09 -14.90 3.08
N PRO A 53 9.90 -15.13 3.66
CA PRO A 53 8.85 -15.95 3.06
C PRO A 53 8.10 -15.21 1.95
N PRO A 54 8.27 -15.66 0.70
CA PRO A 54 7.63 -15.04 -0.46
C PRO A 54 6.17 -15.43 -0.59
N SER A 55 5.31 -14.44 -0.75
CA SER A 55 3.89 -14.66 -0.90
C SER A 55 3.25 -13.44 -1.55
N ILE A 56 2.07 -13.61 -2.11
CA ILE A 56 1.35 -12.51 -2.75
C ILE A 56 1.11 -11.35 -1.77
N PRO A 57 0.50 -11.60 -0.58
CA PRO A 57 0.23 -10.53 0.39
C PRO A 57 1.53 -9.92 0.96
N THR A 58 2.58 -10.73 0.97
CA THR A 58 3.88 -10.30 1.47
C THR A 58 4.54 -9.35 0.48
N ALA A 59 4.57 -9.75 -0.78
CA ALA A 59 5.06 -8.91 -1.87
C ALA A 59 4.21 -7.65 -1.96
N ARG A 60 2.91 -7.81 -1.71
CA ARG A 60 1.98 -6.69 -1.65
C ARG A 60 2.43 -5.68 -0.59
N LYS A 61 2.87 -6.19 0.55
CA LYS A 61 3.33 -5.34 1.64
C LYS A 61 4.61 -4.60 1.27
N ARG A 62 5.57 -5.33 0.72
CA ARG A 62 6.84 -4.75 0.31
C ARG A 62 6.61 -3.69 -0.76
N MET A 63 5.69 -3.98 -1.68
CA MET A 63 5.32 -3.06 -2.73
C MET A 63 4.65 -1.81 -2.14
N GLN A 64 3.78 -2.04 -1.16
CA GLN A 64 3.07 -0.97 -0.47
C GLN A 64 4.05 0.00 0.18
N ILE A 65 5.00 -0.55 0.93
CA ILE A 65 6.00 0.26 1.61
C ILE A 65 6.91 0.95 0.60
N ASN A 66 7.21 0.26 -0.49
CA ASN A 66 8.02 0.82 -1.56
C ASN A 66 7.35 2.06 -2.14
N ALA A 67 6.04 1.97 -2.35
CA ALA A 67 5.29 3.07 -2.91
C ALA A 67 5.22 4.24 -1.94
N SER A 68 5.04 3.94 -0.66
CA SER A 68 4.88 4.97 0.36
C SER A 68 6.17 5.77 0.55
N LYS A 69 7.30 5.07 0.54
CA LYS A 69 8.60 5.73 0.71
C LYS A 69 8.99 6.48 -0.55
N MET A 70 8.40 6.09 -1.67
CA MET A 70 8.61 6.78 -2.93
C MET A 70 7.96 8.16 -2.87
N LYS A 71 6.69 8.18 -2.48
CA LYS A 71 5.85 9.38 -2.40
C LYS A 71 4.39 8.99 -2.47
N ALA A 72 4.14 7.96 -3.27
CA ALA A 72 2.79 7.54 -3.60
C ALA A 72 2.00 7.08 -2.38
N ASN A 73 0.68 7.16 -2.48
CA ASN A 73 -0.19 6.70 -1.41
C ASN A 73 -1.23 5.72 -1.97
N ALA A 74 -0.93 5.19 -3.14
CA ALA A 74 -1.78 4.21 -3.80
C ALA A 74 -0.99 3.38 -4.79
N VAL A 75 -1.13 2.07 -4.72
CA VAL A 75 -0.42 1.18 -5.63
C VAL A 75 -1.41 0.42 -6.51
N LEU A 76 -1.30 0.64 -7.81
CA LEU A 76 -2.13 -0.04 -8.80
C LEU A 76 -1.48 -1.36 -9.19
N LEU A 77 -1.86 -2.43 -8.50
CA LEU A 77 -1.31 -3.75 -8.76
C LEU A 77 -1.63 -4.21 -10.17
N HIS A 78 -0.62 -4.71 -10.87
CA HIS A 78 -0.80 -5.21 -12.23
C HIS A 78 -0.58 -6.71 -12.28
N SER A 79 0.61 -7.15 -11.93
CA SER A 79 0.95 -8.56 -12.01
C SER A 79 1.81 -8.99 -10.83
N CYS A 80 1.44 -10.11 -10.22
CA CYS A 80 2.24 -10.70 -9.16
C CYS A 80 2.80 -12.03 -9.61
N GLU A 81 3.98 -11.98 -10.21
CA GLU A 81 4.62 -13.17 -10.74
C GLU A 81 5.55 -13.79 -9.71
N VAL A 82 5.21 -14.97 -9.26
CA VAL A 82 6.05 -15.70 -8.31
C VAL A 82 6.75 -16.85 -9.01
N THR A 83 8.07 -16.73 -9.13
CA THR A 83 8.87 -17.74 -9.79
C THR A 83 9.45 -18.70 -8.76
N SER A 84 9.28 -20.00 -9.00
CA SER A 84 9.84 -21.01 -8.13
C SER A 84 10.76 -21.91 -8.94
N GLY A 85 11.89 -22.26 -8.35
CA GLY A 85 12.85 -23.11 -9.03
C GLY A 85 13.83 -22.31 -9.86
N THR A 86 14.13 -21.12 -9.40
CA THR A 86 15.08 -20.26 -10.08
C THR A 86 16.43 -20.32 -9.37
N PRO A 87 17.54 -20.30 -10.13
CA PRO A 87 18.89 -20.30 -9.55
C PRO A 87 19.09 -19.15 -8.57
N GLY A 88 19.46 -19.48 -7.34
CA GLY A 88 19.65 -18.47 -6.32
C GLY A 88 18.35 -18.14 -5.62
N CYS A 89 17.42 -17.56 -6.36
CA CYS A 89 16.11 -17.22 -5.83
C CYS A 89 15.19 -18.42 -5.90
N TYR A 90 15.20 -19.23 -4.84
CA TYR A 90 14.40 -20.45 -4.80
C TYR A 90 12.95 -20.14 -5.12
N ARG A 91 12.42 -19.11 -4.46
CA ARG A 91 11.07 -18.64 -4.73
C ARG A 91 11.04 -17.12 -4.59
N GLN A 92 10.76 -16.44 -5.68
CA GLN A 92 10.69 -14.99 -5.68
C GLN A 92 9.34 -14.51 -6.16
N ALA A 93 8.60 -13.85 -5.27
CA ALA A 93 7.30 -13.30 -5.61
C ALA A 93 7.42 -11.81 -5.91
N VAL A 94 7.24 -11.44 -7.17
CA VAL A 94 7.37 -10.06 -7.59
C VAL A 94 6.01 -9.45 -7.90
N CYS A 95 5.52 -8.61 -7.01
CA CYS A 95 4.27 -7.91 -7.22
C CYS A 95 4.55 -6.52 -7.79
N ILE A 96 4.26 -6.35 -9.07
CA ILE A 96 4.53 -5.08 -9.74
C ILE A 96 3.25 -4.25 -9.86
N GLY A 97 3.32 -3.00 -9.42
CA GLY A 97 2.19 -2.11 -9.50
C GLY A 97 2.61 -0.66 -9.61
N SER A 98 1.76 0.15 -10.23
CA SER A 98 2.07 1.56 -10.43
C SER A 98 1.95 2.34 -9.14
N ALA A 99 2.89 3.24 -8.91
CA ALA A 99 2.87 4.08 -7.72
C ALA A 99 2.22 5.41 -8.04
N LEU A 100 1.00 5.59 -7.57
CA LEU A 100 0.24 6.81 -7.83
C LEU A 100 0.00 7.58 -6.53
N ASN A 101 -0.01 8.90 -6.62
CA ASN A 101 -0.24 9.73 -5.46
C ASN A 101 -1.61 10.38 -5.54
N ILE A 102 -2.59 9.78 -4.89
CA ILE A 102 -3.94 10.34 -4.86
C ILE A 102 -3.89 11.76 -4.30
N THR A 103 -4.26 12.71 -5.12
CA THR A 103 -4.19 14.11 -4.73
C THR A 103 -5.52 14.58 -4.15
N ALA A 104 -5.59 14.60 -2.84
CA ALA A 104 -6.78 15.05 -2.13
C ALA A 104 -6.83 16.57 -2.14
N LYS A 105 -5.65 17.18 -2.13
CA LYS A 105 -5.52 18.63 -2.18
C LYS A 105 -4.08 19.01 -2.51
N MET A 1 -39.46 25.69 39.22
CA MET A 1 -38.69 26.32 40.31
C MET A 1 -37.54 27.12 39.73
N ALA A 2 -36.66 27.62 40.61
CA ALA A 2 -35.53 28.47 40.19
C ALA A 2 -34.62 27.73 39.19
N PRO A 3 -34.54 28.26 37.96
CA PRO A 3 -33.75 27.64 36.89
C PRO A 3 -32.28 28.04 36.92
N GLN A 4 -31.41 27.09 36.57
CA GLN A 4 -29.98 27.34 36.43
C GLN A 4 -29.44 26.49 35.29
N PRO A 5 -29.75 26.87 34.04
CA PRO A 5 -29.42 26.07 32.85
C PRO A 5 -27.92 25.84 32.67
N LYS A 6 -27.58 24.66 32.16
CA LYS A 6 -26.21 24.29 31.88
C LYS A 6 -26.16 23.08 30.96
N ALA A 7 -26.07 23.33 29.67
CA ALA A 7 -26.07 22.26 28.68
C ALA A 7 -24.90 22.43 27.72
N GLU A 8 -23.85 21.65 27.93
CA GLU A 8 -22.66 21.72 27.09
C GLU A 8 -22.35 20.36 26.45
N PRO A 9 -23.12 19.97 25.42
CA PRO A 9 -22.87 18.72 24.69
C PRO A 9 -21.65 18.82 23.79
N ALA A 10 -20.79 17.81 23.84
CA ALA A 10 -19.56 17.83 23.06
C ALA A 10 -19.21 16.44 22.56
N LYS A 11 -18.83 16.35 21.30
CA LYS A 11 -18.39 15.09 20.72
C LYS A 11 -17.01 15.27 20.09
N PRO A 12 -15.96 14.80 20.77
CA PRO A 12 -14.57 14.95 20.31
C PRO A 12 -14.33 14.26 18.96
N LYS A 13 -13.88 15.05 17.99
CA LYS A 13 -13.59 14.51 16.67
C LYS A 13 -12.14 14.05 16.59
N ALA A 14 -11.95 12.75 16.48
CA ALA A 14 -10.62 12.17 16.37
C ALA A 14 -10.55 11.16 15.23
N PRO A 15 -10.40 11.65 13.99
CA PRO A 15 -10.37 10.80 12.80
C PRO A 15 -8.97 10.27 12.48
N ARG A 16 -8.91 9.08 11.90
CA ARG A 16 -7.65 8.49 11.47
C ARG A 16 -7.76 8.05 10.02
N ALA A 17 -6.66 8.12 9.29
CA ALA A 17 -6.68 7.80 7.87
C ALA A 17 -5.52 6.88 7.49
N THR A 18 -5.63 6.29 6.32
CA THR A 18 -4.58 5.44 5.79
C THR A 18 -4.09 5.99 4.46
N PRO A 19 -2.78 6.29 4.35
CA PRO A 19 -2.22 6.90 3.15
C PRO A 19 -2.32 6.00 1.92
N VAL A 20 -1.64 4.86 1.97
CA VAL A 20 -1.54 3.98 0.81
C VAL A 20 -2.80 3.12 0.66
N ARG A 21 -3.35 3.13 -0.55
CA ARG A 21 -4.48 2.29 -0.90
C ARG A 21 -4.12 1.36 -2.06
N ILE A 22 -4.46 0.09 -1.93
CA ILE A 22 -4.19 -0.87 -2.98
C ILE A 22 -5.37 -0.91 -3.95
N TYR A 23 -5.11 -0.56 -5.20
CA TYR A 23 -6.16 -0.48 -6.20
C TYR A 23 -6.00 -1.58 -7.24
N THR A 24 -6.94 -2.49 -7.26
CA THR A 24 -6.94 -3.56 -8.24
C THR A 24 -7.98 -3.29 -9.33
N ASN A 25 -8.33 -2.02 -9.48
CA ASN A 25 -9.35 -1.61 -10.43
C ASN A 25 -8.92 -0.35 -11.16
N ALA A 26 -8.75 -0.46 -12.48
CA ALA A 26 -8.33 0.67 -13.29
C ALA A 26 -9.41 1.74 -13.36
N GLU A 27 -10.65 1.31 -13.20
CA GLU A 27 -11.80 2.22 -13.23
C GLU A 27 -11.71 3.24 -12.11
N GLU A 28 -11.07 2.86 -11.02
CA GLU A 28 -10.90 3.78 -9.89
C GLU A 28 -9.93 4.88 -10.27
N LEU A 29 -8.76 4.50 -10.79
CA LEU A 29 -7.70 5.45 -11.10
C LEU A 29 -8.13 6.42 -12.19
N VAL A 30 -8.71 5.90 -13.26
CA VAL A 30 -9.09 6.75 -14.40
C VAL A 30 -10.23 7.70 -14.04
N GLY A 31 -10.90 7.43 -12.93
CA GLY A 31 -12.01 8.24 -12.52
C GLY A 31 -11.75 9.00 -11.23
N LYS A 32 -10.49 9.06 -10.83
CA LYS A 32 -10.10 9.75 -9.62
C LYS A 32 -8.81 10.54 -9.83
N PRO A 33 -8.68 11.70 -9.17
CA PRO A 33 -7.46 12.51 -9.24
C PRO A 33 -6.27 11.81 -8.62
N PHE A 34 -5.31 11.45 -9.45
CA PHE A 34 -4.11 10.76 -8.99
C PHE A 34 -2.88 11.34 -9.68
N ARG A 35 -1.73 11.15 -9.06
CA ARG A 35 -0.48 11.63 -9.62
C ARG A 35 0.44 10.46 -9.94
N ASP A 36 0.70 10.26 -11.21
CA ASP A 36 1.55 9.16 -11.67
C ASP A 36 3.01 9.44 -11.33
N LEU A 37 3.55 8.66 -10.41
CA LEU A 37 4.94 8.82 -10.00
C LEU A 37 5.83 7.82 -10.75
N GLY A 38 5.60 6.55 -10.48
CA GLY A 38 6.37 5.51 -11.11
C GLY A 38 5.92 4.14 -10.70
N GLU A 39 6.23 3.14 -11.51
CA GLU A 39 5.86 1.77 -11.19
C GLU A 39 6.78 1.21 -10.13
N VAL A 40 6.20 0.73 -9.05
CA VAL A 40 6.96 0.16 -7.95
C VAL A 40 6.75 -1.34 -7.90
N SER A 41 7.71 -2.05 -7.32
CA SER A 41 7.60 -3.50 -7.22
C SER A 41 7.93 -3.97 -5.82
N GLY A 42 7.24 -5.00 -5.38
CA GLY A 42 7.53 -5.63 -4.13
C GLY A 42 7.86 -7.09 -4.34
N ASP A 43 9.15 -7.41 -4.30
CA ASP A 43 9.59 -8.76 -4.58
C ASP A 43 10.19 -9.40 -3.34
N SER A 44 9.77 -10.63 -3.06
CA SER A 44 10.26 -11.38 -1.93
C SER A 44 11.02 -12.61 -2.41
N CYS A 45 12.32 -12.62 -2.24
CA CYS A 45 13.14 -13.71 -2.73
C CYS A 45 13.46 -14.72 -1.64
N GLN A 46 13.67 -15.97 -2.03
CA GLN A 46 14.07 -17.01 -1.10
C GLN A 46 15.42 -17.60 -1.50
N ALA A 47 16.50 -16.90 -1.18
CA ALA A 47 17.84 -17.45 -1.40
C ALA A 47 17.95 -18.81 -0.71
N SER A 48 17.44 -18.85 0.51
CA SER A 48 17.26 -20.10 1.24
C SER A 48 15.98 -19.99 2.05
N ASN A 49 15.61 -21.05 2.76
CA ASN A 49 14.39 -21.04 3.56
C ASN A 49 14.61 -20.27 4.86
N GLN A 50 15.81 -19.73 5.01
CA GLN A 50 16.15 -18.87 6.14
C GLN A 50 15.59 -17.47 5.91
N ASP A 51 15.41 -17.12 4.65
CA ASP A 51 14.91 -15.79 4.28
C ASP A 51 13.42 -15.68 4.54
N SER A 52 12.87 -14.47 4.40
CA SER A 52 11.45 -14.27 4.59
C SER A 52 10.67 -14.90 3.43
N PRO A 53 9.47 -15.43 3.72
CA PRO A 53 8.70 -16.20 2.75
C PRO A 53 8.07 -15.33 1.66
N PRO A 54 8.06 -15.84 0.43
CA PRO A 54 7.54 -15.12 -0.72
C PRO A 54 6.04 -15.33 -0.90
N SER A 55 5.29 -14.90 0.09
CA SER A 55 3.84 -14.93 0.01
C SER A 55 3.35 -13.74 -0.81
N ILE A 56 2.24 -13.92 -1.51
CA ILE A 56 1.70 -12.85 -2.35
C ILE A 56 1.38 -11.58 -1.53
N PRO A 57 0.66 -11.69 -0.38
CA PRO A 57 0.37 -10.52 0.46
C PRO A 57 1.64 -9.94 1.08
N THR A 58 2.66 -10.77 1.22
CA THR A 58 3.95 -10.35 1.74
C THR A 58 4.68 -9.49 0.71
N ALA A 59 4.71 -9.95 -0.53
CA ALA A 59 5.25 -9.18 -1.65
C ALA A 59 4.49 -7.88 -1.80
N ARG A 60 3.17 -7.96 -1.65
CA ARG A 60 2.31 -6.78 -1.72
C ARG A 60 2.65 -5.80 -0.61
N LYS A 61 2.99 -6.33 0.55
CA LYS A 61 3.40 -5.50 1.68
C LYS A 61 4.71 -4.79 1.37
N ARG A 62 5.66 -5.54 0.81
CA ARG A 62 6.94 -4.97 0.43
C ARG A 62 6.76 -3.87 -0.60
N MET A 63 5.83 -4.10 -1.53
CA MET A 63 5.49 -3.12 -2.55
C MET A 63 4.85 -1.89 -1.91
N GLN A 64 4.04 -2.13 -0.89
CA GLN A 64 3.36 -1.07 -0.15
C GLN A 64 4.38 -0.11 0.47
N ILE A 65 5.35 -0.68 1.17
CA ILE A 65 6.39 0.12 1.83
C ILE A 65 7.27 0.82 0.81
N ASN A 66 7.54 0.13 -0.30
CA ASN A 66 8.36 0.69 -1.36
C ASN A 66 7.67 1.89 -2.01
N ALA A 67 6.37 1.77 -2.20
CA ALA A 67 5.58 2.86 -2.78
C ALA A 67 5.46 4.03 -1.80
N SER A 68 5.18 3.73 -0.53
CA SER A 68 4.98 4.76 0.47
C SER A 68 6.28 5.54 0.75
N LYS A 69 7.41 4.86 0.60
CA LYS A 69 8.71 5.50 0.78
C LYS A 69 9.02 6.40 -0.41
N MET A 70 8.30 6.20 -1.50
CA MET A 70 8.42 7.02 -2.69
C MET A 70 7.48 8.21 -2.60
N LYS A 71 6.82 8.32 -1.45
CA LYS A 71 5.81 9.34 -1.21
C LYS A 71 4.58 9.11 -2.08
N ALA A 72 4.34 7.85 -2.40
CA ALA A 72 3.15 7.45 -3.11
C ALA A 72 2.19 6.78 -2.13
N ASN A 73 0.90 6.96 -2.36
CA ASN A 73 -0.09 6.44 -1.43
C ASN A 73 -1.15 5.64 -2.17
N ALA A 74 -0.75 5.06 -3.28
CA ALA A 74 -1.65 4.24 -4.08
C ALA A 74 -0.85 3.23 -4.88
N VAL A 75 -1.27 1.99 -4.85
CA VAL A 75 -0.61 0.95 -5.62
C VAL A 75 -1.60 0.27 -6.57
N LEU A 76 -1.54 0.66 -7.82
CA LEU A 76 -2.38 0.05 -8.85
C LEU A 76 -1.81 -1.32 -9.22
N LEU A 77 -2.37 -2.35 -8.62
CA LEU A 77 -1.88 -3.71 -8.77
C LEU A 77 -2.02 -4.18 -10.21
N HIS A 78 -0.90 -4.64 -10.78
CA HIS A 78 -0.90 -5.14 -12.14
C HIS A 78 -0.63 -6.63 -12.16
N SER A 79 0.51 -7.03 -11.61
CA SER A 79 0.91 -8.42 -11.61
C SER A 79 1.44 -8.84 -10.25
N CYS A 80 1.56 -10.15 -10.06
CA CYS A 80 2.14 -10.71 -8.85
C CYS A 80 2.77 -12.05 -9.18
N GLU A 81 3.83 -12.01 -9.97
CA GLU A 81 4.45 -13.20 -10.51
C GLU A 81 5.29 -13.93 -9.47
N VAL A 82 4.84 -15.12 -9.10
CA VAL A 82 5.61 -15.97 -8.20
C VAL A 82 6.63 -16.80 -8.99
N THR A 83 7.86 -16.33 -8.99
CA THR A 83 8.94 -17.00 -9.70
C THR A 83 9.47 -18.17 -8.89
N SER A 84 9.03 -19.36 -9.24
CA SER A 84 9.48 -20.57 -8.57
C SER A 84 10.41 -21.36 -9.48
N GLY A 85 11.46 -21.92 -8.89
CA GLY A 85 12.45 -22.63 -9.68
C GLY A 85 13.41 -21.67 -10.35
N THR A 86 14.01 -20.79 -9.56
CA THR A 86 14.96 -19.81 -10.07
C THR A 86 16.34 -20.03 -9.46
N PRO A 87 17.39 -20.06 -10.30
CA PRO A 87 18.78 -20.17 -9.83
C PRO A 87 19.17 -18.98 -8.97
N GLY A 88 19.26 -19.20 -7.67
CA GLY A 88 19.57 -18.12 -6.75
C GLY A 88 18.43 -17.86 -5.80
N CYS A 89 17.21 -17.87 -6.33
CA CYS A 89 16.02 -17.69 -5.53
C CYS A 89 15.08 -18.87 -5.69
N TYR A 90 15.06 -19.72 -4.68
CA TYR A 90 14.22 -20.92 -4.64
C TYR A 90 12.79 -20.60 -5.04
N ARG A 91 12.18 -19.67 -4.32
CA ARG A 91 10.87 -19.16 -4.66
C ARG A 91 10.85 -17.66 -4.43
N GLN A 92 10.16 -16.94 -5.30
CA GLN A 92 10.11 -15.50 -5.20
C GLN A 92 8.71 -15.01 -5.54
N ALA A 93 8.32 -13.86 -5.01
CA ALA A 93 7.04 -13.26 -5.36
C ALA A 93 7.25 -11.80 -5.76
N VAL A 94 7.04 -11.52 -7.03
CA VAL A 94 7.24 -10.16 -7.56
C VAL A 94 5.91 -9.52 -7.91
N CYS A 95 5.39 -8.72 -7.01
CA CYS A 95 4.18 -7.96 -7.29
C CYS A 95 4.54 -6.60 -7.86
N ILE A 96 3.92 -6.27 -8.99
CA ILE A 96 4.22 -5.03 -9.68
C ILE A 96 2.97 -4.15 -9.75
N GLY A 97 3.10 -2.91 -9.33
CA GLY A 97 1.98 -2.00 -9.36
C GLY A 97 2.42 -0.56 -9.44
N SER A 98 1.59 0.28 -10.05
CA SER A 98 1.91 1.68 -10.20
C SER A 98 1.80 2.41 -8.87
N ALA A 99 2.87 3.10 -8.50
CA ALA A 99 2.87 3.91 -7.30
C ALA A 99 2.39 5.32 -7.63
N LEU A 100 1.17 5.62 -7.22
CA LEU A 100 0.53 6.90 -7.51
C LEU A 100 0.35 7.71 -6.23
N ASN A 101 0.36 9.02 -6.35
CA ASN A 101 0.04 9.90 -5.25
C ASN A 101 -1.37 10.44 -5.43
N ILE A 102 -2.33 9.84 -4.75
CA ILE A 102 -3.72 10.23 -4.86
C ILE A 102 -3.89 11.68 -4.41
N THR A 103 -4.17 12.54 -5.36
CA THR A 103 -4.34 13.95 -5.07
C THR A 103 -5.80 14.25 -4.77
N ALA A 104 -6.04 15.04 -3.72
CA ALA A 104 -7.40 15.36 -3.31
C ALA A 104 -8.10 16.19 -4.37
N LYS A 105 -7.78 17.47 -4.41
CA LYS A 105 -8.34 18.39 -5.39
C LYS A 105 -7.82 19.80 -5.11
N MET A 1 -35.46 37.21 39.23
CA MET A 1 -35.57 36.11 38.24
C MET A 1 -34.39 36.14 37.29
N ALA A 2 -33.68 35.03 37.17
CA ALA A 2 -32.49 34.97 36.35
C ALA A 2 -32.51 33.77 35.42
N PRO A 3 -32.36 34.00 34.10
CA PRO A 3 -32.29 32.94 33.11
C PRO A 3 -30.94 32.23 33.13
N GLN A 4 -30.80 31.16 32.38
CA GLN A 4 -29.56 30.39 32.38
C GLN A 4 -29.03 30.18 30.97
N PRO A 5 -27.81 30.66 30.69
CA PRO A 5 -27.12 30.41 29.45
C PRO A 5 -26.41 29.06 29.44
N LYS A 6 -26.49 28.35 28.32
CA LYS A 6 -25.87 27.04 28.23
C LYS A 6 -24.93 26.97 27.04
N ALA A 7 -23.65 27.00 27.31
CA ALA A 7 -22.64 26.93 26.27
C ALA A 7 -21.90 25.59 26.32
N GLU A 8 -22.26 24.70 25.41
CA GLU A 8 -21.67 23.37 25.38
C GLU A 8 -21.25 23.02 23.96
N PRO A 9 -20.05 23.43 23.54
CA PRO A 9 -19.55 23.20 22.20
C PRO A 9 -18.97 21.80 22.02
N ALA A 10 -18.86 21.38 20.77
CA ALA A 10 -18.25 20.11 20.42
C ALA A 10 -17.47 20.24 19.13
N LYS A 11 -16.23 19.75 19.11
CA LYS A 11 -15.39 19.86 17.93
C LYS A 11 -15.19 18.50 17.28
N PRO A 12 -15.86 18.26 16.15
CA PRO A 12 -15.71 17.03 15.37
C PRO A 12 -14.36 16.98 14.66
N LYS A 13 -13.55 16.00 15.01
CA LYS A 13 -12.23 15.85 14.42
C LYS A 13 -12.08 14.46 13.83
N ALA A 14 -11.97 14.38 12.52
CA ALA A 14 -11.84 13.10 11.84
C ALA A 14 -10.38 12.75 11.63
N PRO A 15 -9.91 11.69 12.31
CA PRO A 15 -8.52 11.25 12.21
C PRO A 15 -8.30 10.31 11.03
N ARG A 16 -7.38 10.67 10.15
CA ARG A 16 -7.06 9.85 8.99
C ARG A 16 -5.68 9.23 9.15
N ALA A 17 -5.40 8.21 8.37
CA ALA A 17 -4.12 7.49 8.45
C ALA A 17 -3.85 6.75 7.14
N THR A 18 -2.96 5.75 7.22
CA THR A 18 -2.61 4.93 6.06
C THR A 18 -1.77 5.72 5.04
N PRO A 19 -0.45 5.49 5.02
CA PRO A 19 0.46 6.21 4.13
C PRO A 19 0.31 5.79 2.67
N VAL A 20 -0.17 4.58 2.46
CA VAL A 20 -0.34 4.04 1.12
C VAL A 20 -1.38 2.92 1.13
N ARG A 21 -2.28 2.95 0.16
CA ARG A 21 -3.32 1.94 0.05
C ARG A 21 -3.15 1.13 -1.22
N ILE A 22 -3.59 -0.13 -1.18
CA ILE A 22 -3.49 -1.01 -2.33
C ILE A 22 -4.76 -0.94 -3.17
N TYR A 23 -4.59 -0.64 -4.45
CA TYR A 23 -5.71 -0.52 -5.37
C TYR A 23 -5.66 -1.64 -6.40
N THR A 24 -6.82 -2.04 -6.90
CA THR A 24 -6.88 -3.07 -7.93
C THR A 24 -8.00 -2.78 -8.91
N ASN A 25 -8.24 -1.50 -9.18
CA ASN A 25 -9.26 -1.09 -10.14
C ASN A 25 -8.87 0.23 -10.80
N ALA A 26 -8.32 0.12 -12.01
CA ALA A 26 -7.85 1.28 -12.74
C ALA A 26 -9.00 2.20 -13.12
N GLU A 27 -10.17 1.62 -13.33
CA GLU A 27 -11.37 2.38 -13.69
C GLU A 27 -11.69 3.44 -12.64
N GLU A 28 -11.37 3.14 -11.38
CA GLU A 28 -11.62 4.07 -10.29
C GLU A 28 -10.54 5.15 -10.27
N LEU A 29 -9.34 4.79 -10.72
CA LEU A 29 -8.21 5.69 -10.71
C LEU A 29 -8.43 6.83 -11.70
N VAL A 30 -9.00 6.49 -12.85
CA VAL A 30 -9.24 7.47 -13.90
C VAL A 30 -10.36 8.43 -13.51
N GLY A 31 -11.14 8.06 -12.50
CA GLY A 31 -12.26 8.89 -12.10
C GLY A 31 -11.94 9.72 -10.87
N LYS A 32 -10.70 9.69 -10.44
CA LYS A 32 -10.29 10.38 -9.23
C LYS A 32 -9.07 11.25 -9.49
N PRO A 33 -8.85 12.28 -8.66
CA PRO A 33 -7.68 13.15 -8.75
C PRO A 33 -6.41 12.43 -8.30
N PHE A 34 -5.81 11.69 -9.22
CA PHE A 34 -4.60 10.94 -8.92
C PHE A 34 -3.42 11.51 -9.70
N ARG A 35 -2.22 11.30 -9.17
CA ARG A 35 -1.00 11.77 -9.82
C ARG A 35 -0.15 10.59 -10.25
N ASP A 36 0.21 10.56 -11.53
CA ASP A 36 1.06 9.50 -12.07
C ASP A 36 2.49 9.70 -11.60
N LEU A 37 3.08 8.65 -11.05
CA LEU A 37 4.44 8.74 -10.51
C LEU A 37 5.37 7.76 -11.22
N GLY A 38 5.34 6.51 -10.77
CA GLY A 38 6.18 5.49 -11.35
C GLY A 38 5.81 4.11 -10.85
N GLU A 39 6.13 3.11 -11.64
CA GLU A 39 5.83 1.73 -11.28
C GLU A 39 6.78 1.22 -10.20
N VAL A 40 6.23 0.47 -9.26
CA VAL A 40 7.03 -0.12 -8.19
C VAL A 40 6.70 -1.61 -8.07
N SER A 41 7.61 -2.37 -7.49
CA SER A 41 7.38 -3.79 -7.30
C SER A 41 7.79 -4.22 -5.90
N GLY A 42 7.05 -5.18 -5.36
CA GLY A 42 7.40 -5.76 -4.08
C GLY A 42 7.65 -7.24 -4.24
N ASP A 43 8.87 -7.65 -4.01
CA ASP A 43 9.24 -9.04 -4.21
C ASP A 43 9.28 -9.80 -2.88
N SER A 44 9.42 -11.10 -3.00
CA SER A 44 9.62 -11.96 -1.85
C SER A 44 10.51 -13.10 -2.27
N CYS A 45 11.75 -12.77 -2.59
CA CYS A 45 12.74 -13.76 -2.95
C CYS A 45 13.31 -14.40 -1.69
N GLN A 46 13.18 -15.72 -1.60
CA GLN A 46 13.79 -16.45 -0.51
C GLN A 46 15.03 -17.17 -1.00
N ALA A 47 16.18 -16.81 -0.45
CA ALA A 47 17.43 -17.46 -0.80
C ALA A 47 17.54 -18.81 -0.10
N SER A 48 16.78 -18.95 0.98
CA SER A 48 16.75 -20.18 1.74
C SER A 48 15.52 -20.19 2.65
N ASN A 49 15.43 -21.17 3.54
CA ASN A 49 14.31 -21.27 4.47
C ASN A 49 14.39 -20.16 5.52
N GLN A 50 15.60 -19.71 5.80
CA GLN A 50 15.82 -18.60 6.74
C GLN A 50 15.19 -17.32 6.19
N ASP A 51 15.10 -17.23 4.88
CA ASP A 51 14.52 -16.08 4.22
C ASP A 51 13.00 -16.11 4.34
N SER A 52 12.37 -14.95 4.27
CA SER A 52 10.93 -14.87 4.36
C SER A 52 10.28 -15.44 3.10
N PRO A 53 9.21 -16.23 3.28
CA PRO A 53 8.55 -16.94 2.18
C PRO A 53 7.96 -16.00 1.13
N PRO A 54 7.86 -16.49 -0.12
CA PRO A 54 7.27 -15.76 -1.22
C PRO A 54 5.75 -15.76 -1.17
N SER A 55 5.22 -15.16 -0.12
CA SER A 55 3.79 -15.02 0.04
C SER A 55 3.29 -13.84 -0.78
N ILE A 56 2.23 -14.04 -1.54
CA ILE A 56 1.67 -12.97 -2.37
C ILE A 56 1.23 -11.75 -1.52
N PRO A 57 0.55 -11.95 -0.36
CA PRO A 57 0.20 -10.82 0.51
C PRO A 57 1.42 -10.13 1.09
N THR A 58 2.51 -10.88 1.21
CA THR A 58 3.78 -10.33 1.67
C THR A 58 4.38 -9.44 0.59
N ALA A 59 4.37 -9.92 -0.64
CA ALA A 59 4.84 -9.16 -1.78
C ALA A 59 4.00 -7.90 -1.97
N ARG A 60 2.70 -8.03 -1.70
CA ARG A 60 1.78 -6.90 -1.75
C ARG A 60 2.19 -5.83 -0.75
N LYS A 61 2.51 -6.26 0.46
CA LYS A 61 2.90 -5.34 1.52
C LYS A 61 4.24 -4.70 1.20
N ARG A 62 5.19 -5.49 0.72
CA ARG A 62 6.50 -4.99 0.34
C ARG A 62 6.38 -3.96 -0.77
N MET A 63 5.52 -4.25 -1.73
CA MET A 63 5.25 -3.33 -2.84
C MET A 63 4.63 -2.05 -2.33
N GLN A 64 3.73 -2.19 -1.36
CA GLN A 64 3.06 -1.05 -0.75
C GLN A 64 4.08 -0.13 -0.08
N ILE A 65 5.00 -0.71 0.69
CA ILE A 65 6.03 0.06 1.38
C ILE A 65 7.03 0.65 0.38
N ASN A 66 7.34 -0.10 -0.66
CA ASN A 66 8.22 0.39 -1.71
C ASN A 66 7.61 1.59 -2.40
N ALA A 67 6.29 1.59 -2.52
CA ALA A 67 5.56 2.70 -3.07
C ALA A 67 5.60 3.91 -2.13
N SER A 68 5.53 3.66 -0.82
CA SER A 68 5.53 4.74 0.16
C SER A 68 6.88 5.47 0.18
N LYS A 69 7.97 4.71 0.08
CA LYS A 69 9.30 5.31 0.01
C LYS A 69 9.55 5.91 -1.36
N MET A 70 8.64 5.64 -2.29
CA MET A 70 8.69 6.23 -3.62
C MET A 70 7.87 7.53 -3.63
N LYS A 71 7.30 7.86 -2.47
CA LYS A 71 6.49 9.07 -2.28
C LYS A 71 5.10 8.92 -2.87
N ALA A 72 4.67 7.67 -3.05
CA ALA A 72 3.33 7.39 -3.54
C ALA A 72 2.45 6.92 -2.39
N ASN A 73 1.13 6.98 -2.59
CA ASN A 73 0.20 6.60 -1.52
C ASN A 73 -0.86 5.63 -2.03
N ALA A 74 -0.67 5.12 -3.25
CA ALA A 74 -1.58 4.15 -3.82
C ALA A 74 -0.86 3.23 -4.78
N VAL A 75 -1.01 1.93 -4.60
CA VAL A 75 -0.37 0.97 -5.47
C VAL A 75 -1.41 0.26 -6.33
N LEU A 76 -1.47 0.66 -7.60
CA LEU A 76 -2.35 0.03 -8.57
C LEU A 76 -1.79 -1.32 -8.97
N LEU A 77 -2.20 -2.36 -8.24
CA LEU A 77 -1.72 -3.72 -8.48
C LEU A 77 -2.05 -4.19 -9.89
N HIS A 78 -1.07 -4.78 -10.56
CA HIS A 78 -1.28 -5.29 -11.91
C HIS A 78 -1.11 -6.79 -11.95
N SER A 79 0.10 -7.25 -11.69
CA SER A 79 0.40 -8.67 -11.78
C SER A 79 1.35 -9.10 -10.68
N CYS A 80 1.00 -10.18 -10.00
CA CYS A 80 1.88 -10.78 -9.01
C CYS A 80 2.45 -12.09 -9.56
N GLU A 81 3.61 -12.00 -10.18
CA GLU A 81 4.22 -13.14 -10.84
C GLU A 81 5.22 -13.83 -9.93
N VAL A 82 5.09 -15.15 -9.82
CA VAL A 82 5.98 -15.93 -8.99
C VAL A 82 7.07 -16.62 -9.83
N THR A 83 8.30 -16.31 -9.53
CA THR A 83 9.45 -16.93 -10.17
C THR A 83 9.93 -18.12 -9.33
N SER A 84 10.08 -19.26 -9.97
CA SER A 84 10.52 -20.46 -9.28
C SER A 84 11.68 -21.13 -10.02
N GLY A 85 12.63 -21.66 -9.26
CA GLY A 85 13.74 -22.36 -9.86
C GLY A 85 14.83 -21.41 -10.32
N THR A 86 15.21 -20.49 -9.46
CA THR A 86 16.22 -19.49 -9.79
C THR A 86 17.47 -19.68 -8.93
N PRO A 87 18.66 -19.56 -9.53
CA PRO A 87 19.94 -19.66 -8.81
C PRO A 87 20.10 -18.53 -7.79
N GLY A 88 19.87 -18.84 -6.53
CA GLY A 88 19.87 -17.85 -5.48
C GLY A 88 18.52 -17.76 -4.82
N CYS A 89 17.55 -17.20 -5.54
CA CYS A 89 16.19 -17.13 -5.06
C CYS A 89 15.45 -18.41 -5.45
N TYR A 90 15.40 -19.36 -4.51
CA TYR A 90 14.73 -20.63 -4.74
C TYR A 90 13.29 -20.39 -5.20
N ARG A 91 12.62 -19.47 -4.53
CA ARG A 91 11.27 -19.08 -4.86
C ARG A 91 11.08 -17.60 -4.57
N GLN A 92 10.51 -16.87 -5.51
CA GLN A 92 10.34 -15.43 -5.37
C GLN A 92 8.97 -14.99 -5.88
N ALA A 93 8.28 -14.16 -5.12
CA ALA A 93 6.99 -13.63 -5.56
C ALA A 93 7.08 -12.12 -5.79
N VAL A 94 6.91 -11.68 -7.03
CA VAL A 94 7.04 -10.27 -7.36
C VAL A 94 5.68 -9.67 -7.73
N CYS A 95 5.17 -8.81 -6.85
CA CYS A 95 3.95 -8.08 -7.14
C CYS A 95 4.28 -6.73 -7.75
N ILE A 96 3.87 -6.52 -9.00
CA ILE A 96 4.17 -5.29 -9.70
C ILE A 96 2.91 -4.42 -9.83
N GLY A 97 3.05 -3.15 -9.46
CA GLY A 97 1.93 -2.23 -9.54
C GLY A 97 2.39 -0.80 -9.70
N SER A 98 1.53 0.02 -10.27
CA SER A 98 1.84 1.43 -10.50
C SER A 98 1.67 2.24 -9.22
N ALA A 99 2.72 2.93 -8.81
CA ALA A 99 2.64 3.74 -7.60
C ALA A 99 2.22 5.17 -7.94
N LEU A 100 1.02 5.54 -7.51
CA LEU A 100 0.48 6.86 -7.77
C LEU A 100 0.30 7.63 -6.47
N ASN A 101 0.12 8.94 -6.57
CA ASN A 101 -0.16 9.78 -5.41
C ASN A 101 -1.54 10.39 -5.54
N ILE A 102 -2.48 9.88 -4.77
CA ILE A 102 -3.85 10.37 -4.79
C ILE A 102 -3.94 11.72 -4.10
N THR A 103 -4.20 12.75 -4.89
CA THR A 103 -4.29 14.11 -4.37
C THR A 103 -5.72 14.63 -4.57
N ALA A 104 -6.65 13.99 -3.86
CA ALA A 104 -8.06 14.32 -4.00
C ALA A 104 -8.48 15.43 -3.06
N LYS A 105 -7.60 15.79 -2.13
CA LYS A 105 -7.92 16.82 -1.14
C LYS A 105 -6.65 17.55 -0.72
N MET A 1 -35.50 30.01 43.39
CA MET A 1 -35.24 30.01 41.93
C MET A 1 -33.75 29.84 41.66
N ALA A 2 -33.41 29.19 40.57
CA ALA A 2 -32.03 28.93 40.22
C ALA A 2 -31.83 28.94 38.71
N PRO A 3 -30.71 29.49 38.24
CA PRO A 3 -30.37 29.52 36.82
C PRO A 3 -30.00 28.13 36.30
N GLN A 4 -29.80 28.02 35.00
CA GLN A 4 -29.45 26.74 34.39
C GLN A 4 -27.99 26.75 33.94
N PRO A 5 -27.14 25.93 34.58
CA PRO A 5 -25.73 25.80 34.21
C PRO A 5 -25.58 25.15 32.85
N LYS A 6 -24.47 25.42 32.18
CA LYS A 6 -24.22 24.88 30.86
C LYS A 6 -22.80 24.33 30.73
N ALA A 7 -22.71 23.11 30.24
CA ALA A 7 -21.44 22.43 30.04
C ALA A 7 -21.55 21.41 28.91
N GLU A 8 -21.03 21.75 27.74
CA GLU A 8 -21.06 20.86 26.61
C GLU A 8 -19.65 20.44 26.20
N PRO A 9 -19.25 19.22 26.58
CA PRO A 9 -17.94 18.67 26.22
C PRO A 9 -17.94 18.06 24.81
N ALA A 10 -17.84 18.92 23.81
CA ALA A 10 -17.81 18.48 22.42
C ALA A 10 -16.39 18.55 21.88
N LYS A 11 -15.75 17.40 21.74
CA LYS A 11 -14.35 17.35 21.32
C LYS A 11 -14.15 16.33 20.20
N PRO A 12 -13.42 16.71 19.15
CA PRO A 12 -13.11 15.83 18.02
C PRO A 12 -11.81 15.05 18.22
N LYS A 13 -11.41 14.30 17.20
CA LYS A 13 -10.18 13.50 17.25
C LYS A 13 -9.54 13.44 15.87
N ALA A 14 -8.47 12.68 15.74
CA ALA A 14 -7.77 12.54 14.46
C ALA A 14 -7.94 11.13 13.88
N PRO A 15 -8.64 11.03 12.75
CA PRO A 15 -8.87 9.77 12.07
C PRO A 15 -7.95 9.55 10.85
N ARG A 16 -6.74 10.09 10.93
CA ARG A 16 -5.80 10.00 9.81
C ARG A 16 -4.97 8.72 9.90
N ALA A 17 -5.33 7.74 9.09
CA ALA A 17 -4.63 6.46 9.07
C ALA A 17 -4.83 5.77 7.71
N THR A 18 -3.91 4.87 7.38
CA THR A 18 -3.92 4.19 6.09
C THR A 18 -3.89 5.18 4.92
N PRO A 19 -2.72 5.78 4.66
CA PRO A 19 -2.55 6.73 3.57
C PRO A 19 -2.52 6.06 2.20
N VAL A 20 -1.82 4.94 2.13
CA VAL A 20 -1.61 4.24 0.86
C VAL A 20 -2.52 3.03 0.74
N ARG A 21 -3.15 2.90 -0.42
CA ARG A 21 -4.03 1.79 -0.70
C ARG A 21 -3.51 0.99 -1.89
N ILE A 22 -3.41 -0.32 -1.71
CA ILE A 22 -3.03 -1.21 -2.80
C ILE A 22 -4.29 -1.59 -3.58
N TYR A 23 -4.40 -1.11 -4.80
CA TYR A 23 -5.61 -1.25 -5.58
C TYR A 23 -5.39 -2.07 -6.83
N THR A 24 -6.20 -3.10 -7.00
CA THR A 24 -6.22 -3.87 -8.23
C THR A 24 -7.38 -3.42 -9.11
N ASN A 25 -7.78 -2.18 -8.94
CA ASN A 25 -8.90 -1.62 -9.66
C ASN A 25 -8.46 -0.41 -10.49
N ALA A 26 -8.22 -0.64 -11.78
CA ALA A 26 -7.81 0.43 -12.68
C ALA A 26 -8.92 1.46 -12.82
N GLU A 27 -10.16 0.96 -12.75
CA GLU A 27 -11.35 1.80 -12.81
C GLU A 27 -11.32 2.88 -11.72
N GLU A 28 -10.77 2.51 -10.57
CA GLU A 28 -10.70 3.42 -9.43
C GLU A 28 -9.75 4.57 -9.75
N LEU A 29 -8.58 4.23 -10.28
CA LEU A 29 -7.54 5.21 -10.56
C LEU A 29 -7.98 6.14 -11.68
N VAL A 30 -8.50 5.57 -12.76
CA VAL A 30 -8.91 6.36 -13.92
C VAL A 30 -10.21 7.11 -13.66
N GLY A 31 -10.73 6.99 -12.44
CA GLY A 31 -11.94 7.69 -12.08
C GLY A 31 -11.76 8.51 -10.82
N LYS A 32 -10.52 8.90 -10.53
CA LYS A 32 -10.23 9.66 -9.32
C LYS A 32 -9.10 10.65 -9.55
N PRO A 33 -9.09 11.76 -8.80
CA PRO A 33 -7.98 12.72 -8.80
C PRO A 33 -6.72 12.12 -8.20
N PHE A 34 -5.73 11.90 -9.05
CA PHE A 34 -4.50 11.25 -8.62
C PHE A 34 -3.29 11.91 -9.29
N ARG A 35 -2.11 11.55 -8.82
CA ARG A 35 -0.87 12.09 -9.35
C ARG A 35 0.00 10.92 -9.83
N ASP A 36 0.48 11.02 -11.06
CA ASP A 36 1.26 9.93 -11.66
C ASP A 36 2.73 10.09 -11.33
N LEU A 37 3.22 9.25 -10.44
CA LEU A 37 4.62 9.26 -10.06
C LEU A 37 5.42 8.32 -10.95
N GLY A 38 5.17 7.03 -10.82
CA GLY A 38 5.87 6.05 -11.61
C GLY A 38 5.38 4.65 -11.37
N GLU A 39 6.30 3.70 -11.34
CA GLU A 39 5.97 2.31 -11.11
C GLU A 39 6.96 1.70 -10.13
N VAL A 40 6.44 0.93 -9.17
CA VAL A 40 7.28 0.32 -8.16
C VAL A 40 6.96 -1.16 -8.02
N SER A 41 7.85 -1.92 -7.40
CA SER A 41 7.64 -3.35 -7.25
C SER A 41 8.08 -3.82 -5.87
N GLY A 42 7.39 -4.82 -5.37
CA GLY A 42 7.78 -5.47 -4.14
C GLY A 42 8.13 -6.91 -4.37
N ASP A 43 9.41 -7.24 -4.21
CA ASP A 43 9.88 -8.59 -4.48
C ASP A 43 9.92 -9.41 -3.20
N SER A 44 10.00 -10.71 -3.37
CA SER A 44 10.16 -11.63 -2.26
C SER A 44 10.96 -12.84 -2.73
N CYS A 45 12.22 -12.60 -3.07
CA CYS A 45 13.12 -13.66 -3.47
C CYS A 45 13.55 -14.49 -2.27
N GLN A 46 13.52 -15.79 -2.42
CA GLN A 46 13.97 -16.68 -1.36
C GLN A 46 15.40 -17.10 -1.60
N ALA A 47 16.33 -16.36 -1.03
CA ALA A 47 17.75 -16.68 -1.15
C ALA A 47 18.01 -18.07 -0.58
N SER A 48 17.25 -18.41 0.45
CA SER A 48 17.26 -19.73 1.03
C SER A 48 15.89 -20.03 1.63
N ASN A 49 15.62 -21.30 1.92
CA ASN A 49 14.30 -21.70 2.41
C ASN A 49 14.15 -21.42 3.90
N GLN A 50 15.18 -20.82 4.49
CA GLN A 50 15.19 -20.56 5.92
C GLN A 50 14.65 -19.17 6.23
N ASP A 51 14.25 -18.47 5.18
CA ASP A 51 13.66 -17.14 5.34
C ASP A 51 12.15 -17.28 5.47
N SER A 52 11.44 -16.17 5.35
CA SER A 52 9.99 -16.19 5.40
C SER A 52 9.43 -16.47 4.01
N PRO A 53 8.27 -17.14 3.94
CA PRO A 53 7.71 -17.62 2.67
C PRO A 53 7.29 -16.48 1.75
N PRO A 54 7.64 -16.57 0.46
CA PRO A 54 7.31 -15.56 -0.53
C PRO A 54 5.82 -15.51 -0.80
N SER A 55 5.14 -14.64 -0.08
CA SER A 55 3.71 -14.53 -0.18
C SER A 55 3.32 -13.26 -0.93
N ILE A 56 2.19 -13.34 -1.63
CA ILE A 56 1.69 -12.21 -2.41
C ILE A 56 1.42 -10.98 -1.53
N PRO A 57 0.67 -11.13 -0.41
CA PRO A 57 0.40 -10.01 0.49
C PRO A 57 1.69 -9.45 1.10
N THR A 58 2.65 -10.34 1.31
CA THR A 58 3.94 -9.99 1.86
C THR A 58 4.74 -9.11 0.89
N ALA A 59 4.83 -9.55 -0.35
CA ALA A 59 5.48 -8.76 -1.40
C ALA A 59 4.74 -7.45 -1.63
N ARG A 60 3.41 -7.51 -1.49
CA ARG A 60 2.57 -6.32 -1.64
C ARG A 60 2.88 -5.30 -0.56
N LYS A 61 3.23 -5.77 0.63
CA LYS A 61 3.58 -4.90 1.73
C LYS A 61 4.89 -4.17 1.43
N ARG A 62 5.87 -4.93 0.94
CA ARG A 62 7.16 -4.35 0.55
C ARG A 62 6.96 -3.35 -0.58
N MET A 63 6.08 -3.69 -1.52
CA MET A 63 5.72 -2.81 -2.61
C MET A 63 5.06 -1.54 -2.08
N GLN A 64 4.25 -1.70 -1.05
CA GLN A 64 3.57 -0.58 -0.42
C GLN A 64 4.58 0.37 0.22
N ILE A 65 5.58 -0.19 0.89
CA ILE A 65 6.63 0.61 1.51
C ILE A 65 7.46 1.33 0.45
N ASN A 66 7.79 0.61 -0.62
CA ASN A 66 8.54 1.18 -1.73
C ASN A 66 7.79 2.35 -2.36
N ALA A 67 6.48 2.18 -2.49
CA ALA A 67 5.63 3.22 -3.06
C ALA A 67 5.51 4.42 -2.13
N SER A 68 5.31 4.14 -0.84
CA SER A 68 5.08 5.19 0.14
C SER A 68 6.33 6.06 0.32
N LYS A 69 7.51 5.48 0.08
CA LYS A 69 8.75 6.24 0.14
C LYS A 69 8.84 7.19 -1.06
N MET A 70 8.03 6.92 -2.07
CA MET A 70 7.97 7.77 -3.25
C MET A 70 6.82 8.76 -3.11
N LYS A 71 6.21 8.77 -1.92
CA LYS A 71 5.05 9.60 -1.61
C LYS A 71 3.83 9.14 -2.40
N ALA A 72 3.86 7.88 -2.82
CA ALA A 72 2.73 7.27 -3.51
C ALA A 72 1.84 6.57 -2.50
N ASN A 73 0.55 6.77 -2.64
CA ASN A 73 -0.40 6.20 -1.70
C ASN A 73 -1.54 5.48 -2.45
N ALA A 74 -1.25 5.08 -3.67
CA ALA A 74 -2.18 4.30 -4.48
C ALA A 74 -1.41 3.40 -5.43
N VAL A 75 -1.24 2.14 -5.05
CA VAL A 75 -0.46 1.21 -5.85
C VAL A 75 -1.36 0.38 -6.75
N LEU A 76 -1.36 0.72 -8.04
CA LEU A 76 -2.16 0.01 -9.03
C LEU A 76 -1.49 -1.32 -9.39
N LEU A 77 -1.86 -2.37 -8.68
CA LEU A 77 -1.25 -3.68 -8.85
C LEU A 77 -1.54 -4.25 -10.23
N HIS A 78 -0.49 -4.74 -10.89
CA HIS A 78 -0.63 -5.39 -12.20
C HIS A 78 -0.40 -6.88 -12.05
N SER A 79 0.85 -7.25 -11.81
CA SER A 79 1.23 -8.65 -11.83
C SER A 79 2.08 -9.01 -10.62
N CYS A 80 1.62 -9.99 -9.85
CA CYS A 80 2.40 -10.56 -8.76
C CYS A 80 3.00 -11.88 -9.21
N GLU A 81 4.01 -11.79 -10.07
CA GLU A 81 4.60 -12.96 -10.70
C GLU A 81 5.36 -13.81 -9.70
N VAL A 82 4.99 -15.08 -9.58
CA VAL A 82 5.66 -16.00 -8.68
C VAL A 82 6.52 -16.97 -9.49
N THR A 83 7.76 -17.13 -9.06
CA THR A 83 8.69 -18.02 -9.72
C THR A 83 9.25 -19.04 -8.73
N SER A 84 9.05 -20.31 -9.02
CA SER A 84 9.52 -21.38 -8.15
C SER A 84 10.48 -22.30 -8.88
N GLY A 85 11.64 -22.53 -8.28
CA GLY A 85 12.63 -23.40 -8.89
C GLY A 85 13.80 -22.61 -9.48
N THR A 86 13.83 -21.33 -9.20
CA THR A 86 14.89 -20.46 -9.71
C THR A 86 16.13 -20.54 -8.85
N PRO A 87 17.31 -20.67 -9.47
CA PRO A 87 18.60 -20.69 -8.75
C PRO A 87 18.90 -19.33 -8.14
N GLY A 88 19.38 -19.33 -6.92
CA GLY A 88 19.66 -18.08 -6.23
C GLY A 88 18.45 -17.58 -5.48
N CYS A 89 17.29 -17.71 -6.11
CA CYS A 89 16.02 -17.31 -5.50
C CYS A 89 15.01 -18.43 -5.65
N TYR A 90 15.06 -19.39 -4.71
CA TYR A 90 14.16 -20.55 -4.67
C TYR A 90 12.76 -20.20 -5.17
N ARG A 91 12.13 -19.24 -4.51
CA ARG A 91 10.86 -18.72 -4.97
C ARG A 91 10.88 -17.21 -4.88
N GLN A 92 10.67 -16.56 -6.01
CA GLN A 92 10.66 -15.11 -6.07
C GLN A 92 9.29 -14.60 -6.47
N ALA A 93 8.65 -13.87 -5.57
CA ALA A 93 7.36 -13.27 -5.86
C ALA A 93 7.52 -11.77 -6.10
N VAL A 94 7.35 -11.34 -7.33
CA VAL A 94 7.53 -9.94 -7.69
C VAL A 94 6.17 -9.29 -7.98
N CYS A 95 5.70 -8.50 -7.03
CA CYS A 95 4.46 -7.75 -7.21
C CYS A 95 4.75 -6.38 -7.82
N ILE A 96 4.40 -6.20 -9.08
CA ILE A 96 4.64 -4.95 -9.77
C ILE A 96 3.35 -4.15 -9.92
N GLY A 97 3.40 -2.89 -9.49
CA GLY A 97 2.24 -2.02 -9.59
C GLY A 97 2.64 -0.56 -9.73
N SER A 98 1.72 0.26 -10.25
CA SER A 98 1.98 1.67 -10.45
C SER A 98 1.97 2.41 -9.12
N ALA A 99 2.98 3.25 -8.93
CA ALA A 99 3.06 4.07 -7.72
C ALA A 99 2.38 5.40 -7.96
N LEU A 100 1.08 5.44 -7.70
CA LEU A 100 0.30 6.66 -7.88
C LEU A 100 0.06 7.33 -6.54
N ASN A 101 -0.24 8.61 -6.60
CA ASN A 101 -0.63 9.36 -5.42
C ASN A 101 -2.10 9.74 -5.55
N ILE A 102 -2.82 9.83 -4.46
CA ILE A 102 -4.20 10.29 -4.52
C ILE A 102 -4.26 11.75 -4.08
N THR A 103 -4.46 12.62 -5.05
CA THR A 103 -4.44 14.04 -4.80
C THR A 103 -5.83 14.56 -4.45
N ALA A 104 -6.40 14.01 -3.38
CA ALA A 104 -7.66 14.50 -2.85
C ALA A 104 -7.45 15.91 -2.29
N LYS A 105 -6.37 16.05 -1.54
CA LYS A 105 -5.94 17.35 -1.07
C LYS A 105 -4.45 17.51 -1.38
N MET A 1 -31.54 35.22 43.72
CA MET A 1 -30.76 35.37 42.46
C MET A 1 -29.70 34.28 42.37
N ALA A 2 -29.76 33.49 41.31
CA ALA A 2 -28.87 32.35 41.17
C ALA A 2 -28.09 32.41 39.86
N PRO A 3 -26.75 32.48 39.94
CA PRO A 3 -25.88 32.34 38.78
C PRO A 3 -25.82 30.89 38.32
N GLN A 4 -25.73 30.68 37.02
CA GLN A 4 -25.72 29.33 36.49
C GLN A 4 -24.33 28.93 36.00
N PRO A 5 -24.01 27.63 36.04
CA PRO A 5 -22.74 27.10 35.56
C PRO A 5 -22.66 27.10 34.04
N LYS A 6 -21.58 26.57 33.50
CA LYS A 6 -21.40 26.50 32.05
C LYS A 6 -20.92 25.11 31.65
N ALA A 7 -21.34 24.67 30.48
CA ALA A 7 -20.96 23.36 29.97
C ALA A 7 -20.36 23.49 28.58
N GLU A 8 -19.06 23.32 28.49
CA GLU A 8 -18.36 23.47 27.22
C GLU A 8 -18.55 22.24 26.35
N PRO A 9 -18.53 22.41 25.02
CA PRO A 9 -18.63 21.31 24.07
C PRO A 9 -17.32 20.55 23.94
N ALA A 10 -17.34 19.48 23.16
CA ALA A 10 -16.14 18.68 22.95
C ALA A 10 -15.44 19.12 21.66
N LYS A 11 -14.23 18.60 21.46
CA LYS A 11 -13.46 18.90 20.26
C LYS A 11 -13.07 17.62 19.54
N PRO A 12 -13.71 17.35 18.39
CA PRO A 12 -13.41 16.16 17.59
C PRO A 12 -11.98 16.17 17.07
N LYS A 13 -11.14 15.34 17.65
CA LYS A 13 -9.74 15.24 17.27
C LYS A 13 -9.54 14.06 16.33
N ALA A 14 -9.42 14.34 15.04
CA ALA A 14 -9.24 13.31 14.04
C ALA A 14 -7.85 12.70 14.11
N PRO A 15 -7.76 11.36 14.06
CA PRO A 15 -6.49 10.65 14.03
C PRO A 15 -5.95 10.52 12.61
N ARG A 16 -5.30 9.40 12.32
CA ARG A 16 -4.78 9.15 10.98
C ARG A 16 -5.18 7.76 10.51
N ALA A 17 -4.76 7.41 9.31
CA ALA A 17 -5.09 6.11 8.74
C ALA A 17 -3.87 5.53 8.04
N THR A 18 -4.09 4.51 7.21
CA THR A 18 -3.01 3.89 6.46
C THR A 18 -2.52 4.84 5.36
N PRO A 19 -1.21 5.11 5.34
CA PRO A 19 -0.60 6.06 4.40
C PRO A 19 -0.76 5.64 2.94
N VAL A 20 -0.69 4.33 2.69
CA VAL A 20 -0.77 3.81 1.34
C VAL A 20 -1.87 2.75 1.24
N ARG A 21 -2.80 2.99 0.33
CA ARG A 21 -3.91 2.08 0.10
C ARG A 21 -3.63 1.16 -1.07
N ILE A 22 -4.12 -0.06 -1.00
CA ILE A 22 -3.97 -1.01 -2.08
C ILE A 22 -5.15 -0.92 -3.05
N TYR A 23 -4.84 -0.64 -4.30
CA TYR A 23 -5.85 -0.51 -5.35
C TYR A 23 -5.73 -1.68 -6.31
N THR A 24 -6.85 -2.07 -6.91
CA THR A 24 -6.82 -3.11 -7.92
C THR A 24 -7.81 -2.81 -9.04
N ASN A 25 -8.25 -1.56 -9.09
CA ASN A 25 -9.17 -1.11 -10.13
C ASN A 25 -8.57 0.04 -10.90
N ALA A 26 -8.00 -0.27 -12.06
CA ALA A 26 -7.41 0.76 -12.91
C ALA A 26 -8.46 1.75 -13.38
N GLU A 27 -9.69 1.25 -13.53
CA GLU A 27 -10.81 2.09 -13.93
C GLU A 27 -11.03 3.22 -12.94
N GLU A 28 -10.78 2.95 -11.66
CA GLU A 28 -10.89 3.96 -10.62
C GLU A 28 -9.86 5.06 -10.84
N LEU A 29 -8.63 4.64 -11.10
CA LEU A 29 -7.52 5.58 -11.27
C LEU A 29 -7.72 6.47 -12.49
N VAL A 30 -8.04 5.86 -13.62
CA VAL A 30 -8.18 6.61 -14.87
C VAL A 30 -9.45 7.46 -14.88
N GLY A 31 -10.19 7.43 -13.79
CA GLY A 31 -11.39 8.23 -13.68
C GLY A 31 -11.42 9.04 -12.41
N LYS A 32 -10.24 9.43 -11.94
CA LYS A 32 -10.13 10.20 -10.70
C LYS A 32 -8.90 11.10 -10.73
N PRO A 33 -8.89 12.15 -9.88
CA PRO A 33 -7.74 13.05 -9.74
C PRO A 33 -6.57 12.36 -9.04
N PHE A 34 -5.70 11.74 -9.84
CA PHE A 34 -4.57 11.02 -9.30
C PHE A 34 -3.26 11.54 -9.91
N ARG A 35 -2.19 11.46 -9.14
CA ARG A 35 -0.89 11.84 -9.63
C ARG A 35 -0.08 10.59 -9.98
N ASP A 36 0.31 10.47 -11.23
CA ASP A 36 1.07 9.32 -11.69
C ASP A 36 2.55 9.50 -11.36
N LEU A 37 2.99 8.84 -10.29
CA LEU A 37 4.37 8.92 -9.87
C LEU A 37 5.22 7.93 -10.64
N GLY A 38 4.69 6.72 -10.80
CA GLY A 38 5.39 5.70 -11.56
C GLY A 38 4.82 4.33 -11.31
N GLU A 39 5.69 3.34 -11.28
CA GLU A 39 5.29 1.97 -10.99
C GLU A 39 6.32 1.32 -10.08
N VAL A 40 5.85 0.74 -8.99
CA VAL A 40 6.73 0.18 -7.98
C VAL A 40 6.47 -1.32 -7.83
N SER A 41 7.48 -2.06 -7.43
CA SER A 41 7.34 -3.49 -7.23
C SER A 41 7.80 -3.89 -5.84
N GLY A 42 7.21 -4.95 -5.33
CA GLY A 42 7.62 -5.50 -4.06
C GLY A 42 8.04 -6.95 -4.22
N ASP A 43 9.31 -7.22 -4.01
CA ASP A 43 9.84 -8.56 -4.22
C ASP A 43 10.13 -9.24 -2.90
N SER A 44 9.83 -10.52 -2.83
CA SER A 44 10.18 -11.33 -1.69
C SER A 44 10.80 -12.64 -2.17
N CYS A 45 12.12 -12.66 -2.25
CA CYS A 45 12.83 -13.84 -2.69
C CYS A 45 13.36 -14.63 -1.49
N GLN A 46 13.30 -15.94 -1.60
CA GLN A 46 13.90 -16.81 -0.61
C GLN A 46 15.13 -17.49 -1.21
N ALA A 47 16.29 -17.18 -0.66
CA ALA A 47 17.56 -17.68 -1.20
C ALA A 47 17.77 -19.13 -0.81
N SER A 48 17.09 -19.56 0.25
CA SER A 48 17.21 -20.92 0.74
C SER A 48 15.93 -21.34 1.44
N ASN A 49 15.91 -22.54 1.99
CA ASN A 49 14.78 -23.01 2.77
C ASN A 49 14.70 -22.23 4.08
N GLN A 50 15.86 -21.94 4.64
CA GLN A 50 15.94 -21.11 5.84
C GLN A 50 15.90 -19.63 5.46
N ASP A 51 14.83 -19.24 4.80
CA ASP A 51 14.62 -17.85 4.43
C ASP A 51 13.13 -17.52 4.56
N SER A 52 12.78 -16.26 4.43
CA SER A 52 11.40 -15.87 4.48
C SER A 52 10.71 -16.25 3.18
N PRO A 53 9.53 -16.87 3.27
CA PRO A 53 8.80 -17.36 2.11
C PRO A 53 8.26 -16.22 1.25
N PRO A 54 8.07 -16.46 -0.05
CA PRO A 54 7.53 -15.47 -0.96
C PRO A 54 6.03 -15.36 -0.84
N SER A 55 5.59 -15.00 0.35
CA SER A 55 4.19 -14.80 0.63
C SER A 55 3.68 -13.57 -0.10
N ILE A 56 2.63 -13.76 -0.88
CA ILE A 56 2.04 -12.68 -1.68
C ILE A 56 1.71 -11.43 -0.84
N PRO A 57 1.03 -11.56 0.32
CA PRO A 57 0.69 -10.40 1.16
C PRO A 57 1.95 -9.70 1.68
N THR A 58 2.99 -10.49 1.90
CA THR A 58 4.27 -9.96 2.38
C THR A 58 4.98 -9.17 1.28
N ALA A 59 4.95 -9.70 0.06
CA ALA A 59 5.51 -9.01 -1.10
C ALA A 59 4.71 -7.74 -1.38
N ARG A 60 3.40 -7.83 -1.20
CA ARG A 60 2.50 -6.70 -1.38
C ARG A 60 2.84 -5.59 -0.39
N LYS A 61 3.28 -5.97 0.81
CA LYS A 61 3.64 -5.00 1.83
C LYS A 61 4.96 -4.33 1.48
N ARG A 62 5.92 -5.10 0.97
CA ARG A 62 7.18 -4.54 0.52
C ARG A 62 6.94 -3.58 -0.63
N MET A 63 5.97 -3.92 -1.46
CA MET A 63 5.52 -3.05 -2.54
C MET A 63 4.90 -1.78 -1.98
N GLN A 64 4.13 -1.94 -0.90
CA GLN A 64 3.50 -0.83 -0.21
C GLN A 64 4.55 0.16 0.31
N ILE A 65 5.58 -0.37 0.93
CA ILE A 65 6.66 0.44 1.48
C ILE A 65 7.43 1.14 0.36
N ASN A 66 7.65 0.42 -0.73
CA ASN A 66 8.34 0.98 -1.88
C ASN A 66 7.52 2.10 -2.49
N ALA A 67 6.19 1.99 -2.36
CA ALA A 67 5.29 3.03 -2.85
C ALA A 67 5.32 4.25 -1.94
N SER A 68 5.27 4.03 -0.63
CA SER A 68 5.22 5.12 0.32
C SER A 68 6.48 5.98 0.25
N LYS A 69 7.62 5.34 -0.02
CA LYS A 69 8.89 6.06 -0.15
C LYS A 69 8.94 6.81 -1.48
N MET A 70 8.03 6.48 -2.39
CA MET A 70 7.88 7.19 -3.64
C MET A 70 6.85 8.30 -3.50
N LYS A 71 6.38 8.49 -2.27
CA LYS A 71 5.35 9.49 -1.96
C LYS A 71 4.01 9.09 -2.56
N ALA A 72 3.84 7.79 -2.80
CA ALA A 72 2.59 7.28 -3.32
C ALA A 72 1.67 6.84 -2.19
N ASN A 73 0.38 7.07 -2.35
CA ASN A 73 -0.58 6.75 -1.31
C ASN A 73 -1.57 5.69 -1.80
N ALA A 74 -1.26 5.12 -2.96
CA ALA A 74 -2.12 4.11 -3.57
C ALA A 74 -1.32 3.28 -4.57
N VAL A 75 -1.34 1.97 -4.39
CA VAL A 75 -0.63 1.07 -5.30
C VAL A 75 -1.61 0.29 -6.16
N LEU A 76 -1.60 0.57 -7.45
CA LEU A 76 -2.45 -0.12 -8.41
C LEU A 76 -1.86 -1.48 -8.76
N LEU A 77 -2.26 -2.50 -8.01
CA LEU A 77 -1.74 -3.85 -8.20
C LEU A 77 -2.04 -4.37 -9.60
N HIS A 78 -1.00 -4.79 -10.30
CA HIS A 78 -1.15 -5.28 -11.66
C HIS A 78 -0.92 -6.78 -11.71
N SER A 79 0.29 -7.21 -11.34
CA SER A 79 0.63 -8.63 -11.39
C SER A 79 1.55 -9.01 -10.24
N CYS A 80 1.10 -9.93 -9.40
CA CYS A 80 1.94 -10.51 -8.38
C CYS A 80 2.58 -11.78 -8.92
N GLU A 81 3.64 -11.61 -9.68
CA GLU A 81 4.28 -12.73 -10.36
C GLU A 81 5.35 -13.37 -9.50
N VAL A 82 5.08 -14.58 -9.05
CA VAL A 82 6.05 -15.33 -8.27
C VAL A 82 6.72 -16.39 -9.14
N THR A 83 8.03 -16.32 -9.23
CA THR A 83 8.81 -17.29 -10.00
C THR A 83 9.21 -18.46 -9.12
N SER A 84 9.07 -19.66 -9.64
CA SER A 84 9.41 -20.87 -8.92
C SER A 84 10.48 -21.64 -9.69
N GLY A 85 11.61 -21.88 -9.04
CA GLY A 85 12.67 -22.62 -9.66
C GLY A 85 13.68 -21.71 -10.34
N THR A 86 14.39 -20.95 -9.53
CA THR A 86 15.42 -20.05 -10.03
C THR A 86 16.68 -20.16 -9.19
N PRO A 87 17.86 -20.12 -9.81
CA PRO A 87 19.14 -20.13 -9.07
C PRO A 87 19.35 -18.83 -8.29
N GLY A 88 19.70 -18.97 -7.02
CA GLY A 88 19.88 -17.80 -6.18
C GLY A 88 18.63 -17.47 -5.41
N CYS A 89 17.49 -17.58 -6.08
CA CYS A 89 16.19 -17.37 -5.46
C CYS A 89 15.27 -18.52 -5.80
N TYR A 90 15.16 -19.49 -4.88
CA TYR A 90 14.32 -20.66 -5.09
C TYR A 90 12.91 -20.24 -5.48
N ARG A 91 12.42 -19.24 -4.78
CA ARG A 91 11.12 -18.66 -5.08
C ARG A 91 11.20 -17.15 -4.87
N GLN A 92 10.56 -16.40 -5.76
CA GLN A 92 10.59 -14.95 -5.68
C GLN A 92 9.25 -14.37 -6.10
N ALA A 93 8.53 -13.80 -5.15
CA ALA A 93 7.25 -13.18 -5.43
C ALA A 93 7.43 -11.70 -5.69
N VAL A 94 7.21 -11.28 -6.93
CA VAL A 94 7.35 -9.88 -7.30
C VAL A 94 5.99 -9.28 -7.65
N CYS A 95 5.46 -8.48 -6.73
CA CYS A 95 4.18 -7.82 -6.95
C CYS A 95 4.40 -6.44 -7.56
N ILE A 96 4.00 -6.28 -8.81
CA ILE A 96 4.19 -5.02 -9.52
C ILE A 96 2.90 -4.22 -9.58
N GLY A 97 2.95 -2.96 -9.16
CA GLY A 97 1.80 -2.11 -9.22
C GLY A 97 2.17 -0.63 -9.33
N SER A 98 1.34 0.14 -10.01
CA SER A 98 1.61 1.56 -10.22
C SER A 98 1.55 2.34 -8.92
N ALA A 99 2.51 3.24 -8.72
CA ALA A 99 2.55 4.08 -7.54
C ALA A 99 1.87 5.40 -7.82
N LEU A 100 0.67 5.56 -7.30
CA LEU A 100 -0.14 6.75 -7.53
C LEU A 100 -0.34 7.53 -6.24
N ASN A 101 -0.56 8.83 -6.38
CA ASN A 101 -0.90 9.65 -5.23
C ASN A 101 -2.17 10.44 -5.52
N ILE A 102 -3.26 10.05 -4.89
CA ILE A 102 -4.54 10.72 -5.08
C ILE A 102 -4.41 12.19 -4.71
N THR A 103 -4.66 13.05 -5.68
CA THR A 103 -4.38 14.47 -5.53
C THR A 103 -5.63 15.27 -5.27
N ALA A 104 -5.82 15.64 -4.01
CA ALA A 104 -6.88 16.55 -3.62
C ALA A 104 -6.30 17.94 -3.41
N LYS A 105 -5.00 17.98 -3.23
CA LYS A 105 -4.27 19.23 -3.06
C LYS A 105 -2.77 18.99 -3.30
N MET A 1 -28.64 32.48 45.40
CA MET A 1 -28.24 31.06 45.19
C MET A 1 -28.17 30.74 43.71
N ALA A 2 -26.97 30.59 43.18
CA ALA A 2 -26.78 30.25 41.79
C ALA A 2 -26.32 28.80 41.65
N PRO A 3 -27.16 27.95 41.05
CA PRO A 3 -26.82 26.55 40.76
C PRO A 3 -25.75 26.45 39.68
N GLN A 4 -24.56 26.02 40.06
CA GLN A 4 -23.46 25.89 39.11
C GLN A 4 -23.58 24.57 38.35
N PRO A 5 -23.49 24.64 37.01
CA PRO A 5 -23.57 23.46 36.16
C PRO A 5 -22.22 22.76 36.04
N LYS A 6 -22.26 21.46 35.77
CA LYS A 6 -21.05 20.69 35.58
C LYS A 6 -21.00 20.13 34.17
N ALA A 7 -20.32 20.84 33.28
CA ALA A 7 -20.22 20.44 31.89
C ALA A 7 -18.77 20.18 31.52
N GLU A 8 -18.57 19.38 30.48
CA GLU A 8 -17.22 19.04 30.04
C GLU A 8 -17.03 19.40 28.58
N PRO A 9 -16.05 20.27 28.29
CA PRO A 9 -15.66 20.61 26.91
C PRO A 9 -15.02 19.42 26.21
N ALA A 10 -15.35 19.24 24.95
CA ALA A 10 -14.83 18.10 24.19
C ALA A 10 -13.81 18.55 23.15
N LYS A 11 -12.64 17.94 23.18
CA LYS A 11 -11.59 18.23 22.21
C LYS A 11 -11.36 17.04 21.31
N PRO A 12 -11.91 17.07 20.09
CA PRO A 12 -11.81 15.96 19.13
C PRO A 12 -10.42 15.85 18.51
N LYS A 13 -9.83 14.67 18.65
CA LYS A 13 -8.54 14.39 18.02
C LYS A 13 -8.75 13.53 16.78
N ALA A 14 -7.96 13.77 15.75
CA ALA A 14 -8.06 13.03 14.50
C ALA A 14 -7.52 11.61 14.66
N PRO A 15 -8.27 10.61 14.17
CA PRO A 15 -7.85 9.21 14.26
C PRO A 15 -6.71 8.85 13.30
N ARG A 16 -6.29 7.60 13.34
CA ARG A 16 -5.19 7.15 12.50
C ARG A 16 -5.70 6.28 11.35
N ALA A 17 -5.04 6.40 10.20
CA ALA A 17 -5.41 5.62 9.02
C ALA A 17 -4.16 5.13 8.28
N THR A 18 -4.38 4.35 7.23
CA THR A 18 -3.28 3.83 6.42
C THR A 18 -2.76 4.91 5.46
N PRO A 19 -1.43 5.01 5.29
CA PRO A 19 -0.81 6.00 4.42
C PRO A 19 -1.07 5.69 2.94
N VAL A 20 -0.74 4.47 2.54
CA VAL A 20 -0.86 4.06 1.16
C VAL A 20 -1.73 2.81 1.04
N ARG A 21 -2.62 2.80 0.07
CA ARG A 21 -3.54 1.69 -0.14
C ARG A 21 -3.28 1.02 -1.48
N ILE A 22 -3.86 -0.14 -1.69
CA ILE A 22 -3.69 -0.88 -2.94
C ILE A 22 -4.98 -0.85 -3.76
N TYR A 23 -4.85 -0.48 -5.03
CA TYR A 23 -5.98 -0.40 -5.93
C TYR A 23 -5.79 -1.38 -7.08
N THR A 24 -6.71 -2.33 -7.21
CA THR A 24 -6.62 -3.33 -8.26
C THR A 24 -7.56 -3.00 -9.42
N ASN A 25 -8.21 -1.84 -9.34
CA ASN A 25 -9.17 -1.44 -10.36
C ASN A 25 -8.75 -0.16 -11.04
N ALA A 26 -8.41 -0.27 -12.32
CA ALA A 26 -8.01 0.89 -13.11
C ALA A 26 -9.18 1.86 -13.29
N GLU A 27 -10.40 1.32 -13.23
CA GLU A 27 -11.61 2.11 -13.37
C GLU A 27 -11.67 3.19 -12.29
N GLU A 28 -11.13 2.87 -11.12
CA GLU A 28 -11.10 3.82 -10.02
C GLU A 28 -10.11 4.94 -10.33
N LEU A 29 -8.93 4.54 -10.78
CA LEU A 29 -7.86 5.49 -11.06
C LEU A 29 -8.25 6.47 -12.17
N VAL A 30 -8.80 5.96 -13.26
CA VAL A 30 -9.16 6.79 -14.41
C VAL A 30 -10.32 7.72 -14.08
N GLY A 31 -11.09 7.40 -13.05
CA GLY A 31 -12.27 8.18 -12.73
C GLY A 31 -12.04 9.09 -11.53
N LYS A 32 -10.79 9.19 -11.10
CA LYS A 32 -10.47 9.98 -9.91
C LYS A 32 -9.29 10.92 -10.18
N PRO A 33 -9.20 12.02 -9.42
CA PRO A 33 -8.08 12.96 -9.50
C PRO A 33 -6.79 12.37 -8.91
N PHE A 34 -5.99 11.79 -9.77
CA PHE A 34 -4.76 11.14 -9.33
C PHE A 34 -3.56 11.68 -10.10
N ARG A 35 -2.39 11.58 -9.49
CA ARG A 35 -1.15 11.95 -10.14
C ARG A 35 -0.39 10.69 -10.51
N ASP A 36 -0.04 10.55 -11.79
CA ASP A 36 0.75 9.42 -12.22
C ASP A 36 2.19 9.60 -11.78
N LEU A 37 2.47 9.13 -10.58
CA LEU A 37 3.74 9.31 -9.92
C LEU A 37 4.82 8.43 -10.55
N GLY A 38 4.59 7.12 -10.53
CA GLY A 38 5.55 6.19 -11.11
C GLY A 38 5.11 4.75 -10.94
N GLU A 39 6.07 3.87 -10.73
CA GLU A 39 5.80 2.45 -10.58
C GLU A 39 6.86 1.81 -9.68
N VAL A 40 6.45 0.82 -8.90
CA VAL A 40 7.38 0.13 -8.02
C VAL A 40 6.99 -1.33 -7.85
N SER A 41 7.93 -2.15 -7.36
CA SER A 41 7.68 -3.57 -7.18
C SER A 41 8.02 -4.01 -5.76
N GLY A 42 7.44 -5.13 -5.34
CA GLY A 42 7.77 -5.74 -4.08
C GLY A 42 8.00 -7.22 -4.25
N ASP A 43 9.24 -7.66 -4.05
CA ASP A 43 9.59 -9.06 -4.26
C ASP A 43 9.80 -9.80 -2.95
N SER A 44 9.51 -11.09 -2.96
CA SER A 44 9.84 -11.97 -1.85
C SER A 44 10.72 -13.11 -2.34
N CYS A 45 12.01 -12.83 -2.50
CA CYS A 45 12.96 -13.83 -2.93
C CYS A 45 13.43 -14.66 -1.73
N GLN A 46 13.36 -15.98 -1.86
CA GLN A 46 13.86 -16.86 -0.83
C GLN A 46 15.00 -17.72 -1.37
N ALA A 47 16.11 -17.75 -0.65
CA ALA A 47 17.19 -18.65 -0.98
C ALA A 47 16.79 -20.08 -0.65
N SER A 48 16.12 -20.21 0.48
CA SER A 48 15.57 -21.47 0.92
C SER A 48 14.60 -21.21 2.05
N ASN A 49 14.03 -22.26 2.63
CA ASN A 49 13.06 -22.09 3.71
C ASN A 49 13.74 -21.73 5.03
N GLN A 50 15.06 -21.64 4.99
CA GLN A 50 15.83 -21.18 6.13
C GLN A 50 15.67 -19.67 6.29
N ASP A 51 15.27 -19.02 5.21
CA ASP A 51 15.06 -17.58 5.20
C ASP A 51 13.56 -17.28 5.15
N SER A 52 13.22 -16.07 4.77
CA SER A 52 11.83 -15.68 4.58
C SER A 52 11.21 -16.43 3.39
N PRO A 53 9.96 -16.88 3.53
CA PRO A 53 9.25 -17.57 2.47
C PRO A 53 8.75 -16.61 1.39
N PRO A 54 8.40 -17.11 0.21
CA PRO A 54 7.90 -16.28 -0.88
C PRO A 54 6.44 -15.94 -0.72
N SER A 55 6.14 -15.16 0.31
CA SER A 55 4.79 -14.75 0.59
C SER A 55 4.35 -13.61 -0.31
N ILE A 56 3.12 -13.73 -0.82
CA ILE A 56 2.54 -12.70 -1.69
C ILE A 56 2.24 -11.40 -0.92
N PRO A 57 1.59 -11.46 0.27
CA PRO A 57 1.26 -10.25 1.03
C PRO A 57 2.52 -9.54 1.54
N THR A 58 3.56 -10.31 1.82
CA THR A 58 4.83 -9.75 2.23
C THR A 58 5.47 -8.96 1.09
N ALA A 59 5.36 -9.50 -0.12
CA ALA A 59 5.83 -8.82 -1.31
C ALA A 59 5.02 -7.56 -1.56
N ARG A 60 3.70 -7.70 -1.38
CA ARG A 60 2.78 -6.57 -1.54
C ARG A 60 3.12 -5.47 -0.55
N LYS A 61 3.54 -5.86 0.64
CA LYS A 61 3.90 -4.91 1.68
C LYS A 61 5.17 -4.17 1.30
N ARG A 62 6.15 -4.90 0.78
CA ARG A 62 7.38 -4.28 0.30
C ARG A 62 7.08 -3.29 -0.82
N MET A 63 6.15 -3.66 -1.69
CA MET A 63 5.72 -2.81 -2.78
C MET A 63 5.02 -1.56 -2.24
N GLN A 64 4.17 -1.75 -1.24
CA GLN A 64 3.44 -0.65 -0.62
C GLN A 64 4.39 0.31 0.09
N ILE A 65 5.37 -0.23 0.79
CA ILE A 65 6.36 0.55 1.48
C ILE A 65 7.21 1.34 0.48
N ASN A 66 7.56 0.68 -0.62
CA ASN A 66 8.33 1.32 -1.69
C ASN A 66 7.53 2.45 -2.30
N ALA A 67 6.22 2.26 -2.38
CA ALA A 67 5.34 3.30 -2.88
C ALA A 67 5.29 4.47 -1.89
N SER A 68 5.21 4.15 -0.60
CA SER A 68 5.10 5.17 0.44
C SER A 68 6.36 6.02 0.53
N LYS A 69 7.52 5.40 0.35
CA LYS A 69 8.78 6.15 0.37
C LYS A 69 8.90 7.01 -0.88
N MET A 70 8.09 6.70 -1.88
CA MET A 70 8.02 7.51 -3.10
C MET A 70 6.94 8.58 -2.95
N LYS A 71 6.36 8.65 -1.76
CA LYS A 71 5.28 9.59 -1.45
C LYS A 71 4.02 9.26 -2.24
N ALA A 72 3.85 7.98 -2.56
CA ALA A 72 2.64 7.51 -3.21
C ALA A 72 1.69 6.96 -2.16
N ASN A 73 0.40 7.02 -2.42
CA ASN A 73 -0.59 6.58 -1.45
C ASN A 73 -1.59 5.61 -2.08
N ALA A 74 -1.32 5.20 -3.31
CA ALA A 74 -2.16 4.24 -4.00
C ALA A 74 -1.35 3.45 -5.02
N VAL A 75 -1.28 2.15 -4.83
CA VAL A 75 -0.55 1.29 -5.75
C VAL A 75 -1.50 0.55 -6.67
N LEU A 76 -1.46 0.90 -7.95
CA LEU A 76 -2.24 0.23 -8.97
C LEU A 76 -1.66 -1.15 -9.25
N LEU A 77 -2.17 -2.15 -8.54
CA LEU A 77 -1.67 -3.51 -8.65
C LEU A 77 -1.85 -4.05 -10.06
N HIS A 78 -0.78 -4.57 -10.62
CA HIS A 78 -0.83 -5.14 -11.96
C HIS A 78 -0.77 -6.66 -11.89
N SER A 79 0.37 -7.19 -11.44
CA SER A 79 0.55 -8.63 -11.39
C SER A 79 1.34 -9.05 -10.16
N CYS A 80 1.08 -10.28 -9.70
CA CYS A 80 1.81 -10.86 -8.59
C CYS A 80 2.37 -12.20 -9.03
N GLU A 81 3.50 -12.14 -9.72
CA GLU A 81 4.09 -13.33 -10.31
C GLU A 81 5.14 -13.94 -9.39
N VAL A 82 4.95 -15.21 -9.05
CA VAL A 82 5.89 -15.92 -8.20
C VAL A 82 6.77 -16.85 -9.03
N THR A 83 8.03 -16.47 -9.17
CA THR A 83 8.99 -17.27 -9.92
C THR A 83 9.39 -18.52 -9.17
N SER A 84 9.25 -19.66 -9.83
CA SER A 84 9.60 -20.94 -9.23
C SER A 84 10.70 -21.61 -10.04
N GLY A 85 11.89 -21.66 -9.46
CA GLY A 85 13.01 -22.30 -10.13
C GLY A 85 14.03 -21.31 -10.65
N THR A 86 14.59 -20.52 -9.75
CA THR A 86 15.63 -19.57 -10.12
C THR A 86 16.85 -19.76 -9.21
N PRO A 87 18.06 -19.73 -9.78
CA PRO A 87 19.30 -19.84 -9.01
C PRO A 87 19.44 -18.73 -7.99
N GLY A 88 19.62 -19.09 -6.73
CA GLY A 88 19.70 -18.12 -5.67
C GLY A 88 18.35 -17.86 -5.05
N CYS A 89 17.43 -17.32 -5.85
CA CYS A 89 16.07 -17.09 -5.41
C CYS A 89 15.18 -18.21 -5.93
N TYR A 90 15.17 -19.31 -5.20
CA TYR A 90 14.41 -20.49 -5.58
C TYR A 90 12.96 -20.14 -5.85
N ARG A 91 12.35 -19.46 -4.90
CA ARG A 91 11.00 -18.96 -5.06
C ARG A 91 11.00 -17.46 -4.84
N GLN A 92 10.59 -16.71 -5.85
CA GLN A 92 10.60 -15.26 -5.77
C GLN A 92 9.24 -14.70 -6.18
N ALA A 93 8.39 -14.46 -5.20
CA ALA A 93 7.05 -13.95 -5.47
C ALA A 93 7.05 -12.42 -5.47
N VAL A 94 6.87 -11.83 -6.64
CA VAL A 94 6.88 -10.37 -6.75
C VAL A 94 5.51 -9.82 -7.09
N CYS A 95 5.22 -8.63 -6.61
CA CYS A 95 4.02 -7.91 -6.98
C CYS A 95 4.41 -6.56 -7.55
N ILE A 96 3.99 -6.29 -8.77
CA ILE A 96 4.33 -5.06 -9.44
C ILE A 96 3.09 -4.20 -9.65
N GLY A 97 3.21 -2.92 -9.29
CA GLY A 97 2.11 -1.99 -9.46
C GLY A 97 2.58 -0.56 -9.57
N SER A 98 1.77 0.27 -10.20
CA SER A 98 2.11 1.67 -10.40
C SER A 98 1.88 2.46 -9.11
N ALA A 99 2.91 3.13 -8.64
CA ALA A 99 2.80 3.92 -7.43
C ALA A 99 2.31 5.32 -7.77
N LEU A 100 1.06 5.62 -7.47
CA LEU A 100 0.48 6.91 -7.80
C LEU A 100 0.19 7.71 -6.54
N ASN A 101 0.10 9.02 -6.69
CA ASN A 101 -0.30 9.90 -5.58
C ASN A 101 -1.68 10.47 -5.85
N ILE A 102 -2.67 10.03 -5.09
CA ILE A 102 -4.03 10.54 -5.23
C ILE A 102 -4.09 11.98 -4.75
N THR A 103 -4.29 12.90 -5.69
CA THR A 103 -4.22 14.30 -5.39
C THR A 103 -5.63 14.90 -5.31
N ALA A 104 -6.32 14.56 -4.22
CA ALA A 104 -7.65 15.10 -3.97
C ALA A 104 -7.53 16.42 -3.21
N LYS A 105 -6.49 17.18 -3.53
CA LYS A 105 -6.21 18.44 -2.85
C LYS A 105 -5.38 19.33 -3.76
N MET A 1 -26.83 35.32 41.70
CA MET A 1 -28.21 34.82 41.91
C MET A 1 -28.95 34.66 40.58
N ALA A 2 -28.20 34.50 39.51
CA ALA A 2 -28.79 34.32 38.19
C ALA A 2 -28.39 32.97 37.60
N PRO A 3 -29.37 32.13 37.29
CA PRO A 3 -29.13 30.81 36.70
C PRO A 3 -28.61 30.91 35.27
N GLN A 4 -27.65 30.06 34.93
CA GLN A 4 -27.08 30.05 33.59
C GLN A 4 -26.86 28.62 33.11
N PRO A 5 -27.54 28.21 32.03
CA PRO A 5 -27.35 26.90 31.40
C PRO A 5 -25.98 26.81 30.74
N LYS A 6 -25.08 26.07 31.36
CA LYS A 6 -23.72 25.95 30.88
C LYS A 6 -23.58 24.81 29.87
N ALA A 7 -22.84 25.06 28.81
CA ALA A 7 -22.55 24.05 27.81
C ALA A 7 -21.10 24.15 27.37
N GLU A 8 -20.24 23.31 27.94
CA GLU A 8 -18.83 23.29 27.59
C GLU A 8 -18.44 21.98 26.91
N PRO A 9 -18.69 21.86 25.59
CA PRO A 9 -18.35 20.68 24.83
C PRO A 9 -16.94 20.75 24.23
N ALA A 10 -16.14 19.73 24.49
CA ALA A 10 -14.79 19.67 23.97
C ALA A 10 -14.73 18.79 22.72
N LYS A 11 -14.37 19.39 21.60
CA LYS A 11 -14.33 18.68 20.33
C LYS A 11 -12.90 18.50 19.84
N PRO A 12 -12.34 17.29 19.98
CA PRO A 12 -11.00 16.96 19.50
C PRO A 12 -11.04 16.43 18.06
N LYS A 13 -10.16 16.94 17.21
CA LYS A 13 -10.08 16.47 15.85
C LYS A 13 -9.04 15.37 15.75
N ALA A 14 -9.50 14.13 15.59
CA ALA A 14 -8.59 12.99 15.55
C ALA A 14 -8.67 12.30 14.19
N PRO A 15 -7.85 12.75 13.23
CA PRO A 15 -7.85 12.22 11.89
C PRO A 15 -6.82 11.12 11.68
N ARG A 16 -7.27 9.88 11.69
CA ARG A 16 -6.41 8.75 11.45
C ARG A 16 -6.78 8.09 10.13
N ALA A 17 -5.81 8.01 9.22
CA ALA A 17 -6.05 7.46 7.90
C ALA A 17 -4.85 6.64 7.43
N THR A 18 -5.12 5.54 6.75
CA THR A 18 -4.07 4.72 6.18
C THR A 18 -3.52 5.39 4.93
N PRO A 19 -2.20 5.68 4.91
CA PRO A 19 -1.58 6.44 3.82
C PRO A 19 -1.64 5.70 2.48
N VAL A 20 -0.76 4.73 2.31
CA VAL A 20 -0.68 3.99 1.05
C VAL A 20 -1.72 2.89 1.02
N ARG A 21 -2.51 2.87 -0.03
CA ARG A 21 -3.56 1.88 -0.20
C ARG A 21 -3.35 1.06 -1.45
N ILE A 22 -3.78 -0.18 -1.43
CA ILE A 22 -3.68 -1.05 -2.60
C ILE A 22 -4.94 -0.93 -3.45
N TYR A 23 -4.76 -0.60 -4.72
CA TYR A 23 -5.86 -0.43 -5.65
C TYR A 23 -5.82 -1.57 -6.68
N THR A 24 -6.97 -2.18 -6.92
CA THR A 24 -7.06 -3.20 -7.96
C THR A 24 -7.98 -2.74 -9.08
N ASN A 25 -8.39 -1.48 -8.99
CA ASN A 25 -9.33 -0.91 -9.94
C ASN A 25 -8.67 0.18 -10.78
N ALA A 26 -8.25 -0.17 -11.99
CA ALA A 26 -7.72 0.83 -12.93
C ALA A 26 -8.80 1.83 -13.28
N GLU A 27 -10.04 1.32 -13.33
CA GLU A 27 -11.22 2.14 -13.53
C GLU A 27 -11.23 3.33 -12.57
N GLU A 28 -10.84 3.07 -11.34
CA GLU A 28 -10.82 4.09 -10.30
C GLU A 28 -9.81 5.18 -10.63
N LEU A 29 -8.60 4.76 -10.98
CA LEU A 29 -7.50 5.71 -11.19
C LEU A 29 -7.80 6.66 -12.33
N VAL A 30 -8.25 6.11 -13.46
CA VAL A 30 -8.54 6.91 -14.64
C VAL A 30 -9.81 7.74 -14.45
N GLY A 31 -10.48 7.52 -13.33
CA GLY A 31 -11.70 8.27 -13.04
C GLY A 31 -11.63 8.99 -11.71
N LYS A 32 -10.42 9.29 -11.27
CA LYS A 32 -10.23 9.98 -10.00
C LYS A 32 -8.96 10.83 -10.03
N PRO A 33 -8.93 11.94 -9.26
CA PRO A 33 -7.75 12.82 -9.17
C PRO A 33 -6.56 12.11 -8.54
N PHE A 34 -5.55 11.85 -9.34
CA PHE A 34 -4.35 11.18 -8.86
C PHE A 34 -3.11 11.86 -9.44
N ARG A 35 -1.96 11.52 -8.91
CA ARG A 35 -0.69 12.02 -9.41
C ARG A 35 0.19 10.86 -9.88
N ASP A 36 0.43 10.82 -11.17
CA ASP A 36 1.23 9.75 -11.76
C ASP A 36 2.70 9.92 -11.42
N LEU A 37 3.20 9.07 -10.53
CA LEU A 37 4.57 9.14 -10.09
C LEU A 37 5.44 8.19 -10.91
N GLY A 38 5.25 6.90 -10.67
CA GLY A 38 6.01 5.89 -11.38
C GLY A 38 5.43 4.50 -11.18
N GLU A 39 6.31 3.52 -11.06
CA GLU A 39 5.89 2.15 -10.86
C GLU A 39 6.80 1.48 -9.83
N VAL A 40 6.23 0.67 -8.96
CA VAL A 40 7.02 0.01 -7.94
C VAL A 40 6.63 -1.47 -7.84
N SER A 41 7.56 -2.30 -7.42
CA SER A 41 7.28 -3.71 -7.24
C SER A 41 7.77 -4.19 -5.88
N GLY A 42 7.06 -5.15 -5.33
CA GLY A 42 7.48 -5.79 -4.10
C GLY A 42 7.94 -7.20 -4.38
N ASP A 43 9.23 -7.42 -4.29
CA ASP A 43 9.81 -8.72 -4.59
C ASP A 43 10.28 -9.41 -3.32
N SER A 44 10.02 -10.69 -3.24
CA SER A 44 10.38 -11.50 -2.08
C SER A 44 11.06 -12.78 -2.53
N CYS A 45 12.38 -12.73 -2.65
CA CYS A 45 13.14 -13.88 -3.09
C CYS A 45 13.80 -14.57 -1.91
N GLN A 46 13.49 -15.84 -1.73
CA GLN A 46 14.13 -16.64 -0.69
C GLN A 46 15.28 -17.43 -1.30
N ALA A 47 16.48 -17.20 -0.81
CA ALA A 47 17.63 -17.96 -1.24
C ALA A 47 17.62 -19.32 -0.55
N SER A 48 17.30 -19.29 0.73
CA SER A 48 17.05 -20.49 1.49
C SER A 48 15.63 -20.45 2.04
N ASN A 49 15.23 -21.48 2.78
CA ASN A 49 13.88 -21.53 3.33
C ASN A 49 13.78 -20.68 4.59
N GLN A 50 14.91 -20.17 5.04
CA GLN A 50 14.96 -19.33 6.24
C GLN A 50 14.87 -17.86 5.86
N ASP A 51 14.71 -17.59 4.57
CA ASP A 51 14.61 -16.22 4.07
C ASP A 51 13.22 -15.66 4.30
N SER A 52 12.96 -14.49 3.75
CA SER A 52 11.64 -13.89 3.82
C SER A 52 10.66 -14.70 2.98
N PRO A 53 9.45 -14.95 3.51
CA PRO A 53 8.44 -15.78 2.84
C PRO A 53 7.95 -15.15 1.54
N PRO A 54 8.07 -15.86 0.41
CA PRO A 54 7.62 -15.37 -0.88
C PRO A 54 6.13 -15.57 -1.06
N SER A 55 5.38 -14.93 -0.20
CA SER A 55 3.93 -15.00 -0.22
C SER A 55 3.36 -13.80 -0.99
N ILE A 56 2.14 -13.94 -1.49
CA ILE A 56 1.50 -12.86 -2.26
C ILE A 56 1.27 -11.61 -1.39
N PRO A 57 0.63 -11.73 -0.22
CA PRO A 57 0.40 -10.57 0.66
C PRO A 57 1.71 -10.01 1.22
N THR A 58 2.73 -10.86 1.22
CA THR A 58 4.05 -10.45 1.68
C THR A 58 4.75 -9.59 0.63
N ALA A 59 4.71 -10.04 -0.62
CA ALA A 59 5.23 -9.27 -1.74
C ALA A 59 4.44 -7.97 -1.88
N ARG A 60 3.13 -8.06 -1.65
CA ARG A 60 2.25 -6.89 -1.66
C ARG A 60 2.68 -5.89 -0.60
N LYS A 61 3.09 -6.40 0.56
CA LYS A 61 3.52 -5.55 1.66
C LYS A 61 4.79 -4.80 1.29
N ARG A 62 5.77 -5.52 0.72
CA ARG A 62 7.01 -4.91 0.28
C ARG A 62 6.73 -3.86 -0.79
N MET A 63 5.81 -4.18 -1.70
CA MET A 63 5.39 -3.25 -2.74
C MET A 63 4.79 -2.00 -2.13
N GLN A 64 3.98 -2.19 -1.09
CA GLN A 64 3.35 -1.08 -0.38
C GLN A 64 4.39 -0.15 0.24
N ILE A 65 5.38 -0.74 0.91
CA ILE A 65 6.43 0.05 1.56
C ILE A 65 7.33 0.72 0.52
N ASN A 66 7.48 0.08 -0.63
CA ASN A 66 8.30 0.63 -1.71
C ASN A 66 7.58 1.80 -2.38
N ALA A 67 6.26 1.77 -2.31
CA ALA A 67 5.45 2.85 -2.84
C ALA A 67 5.43 4.04 -1.87
N SER A 68 5.21 3.74 -0.59
CA SER A 68 5.08 4.79 0.43
C SER A 68 6.38 5.60 0.58
N LYS A 69 7.52 4.95 0.39
CA LYS A 69 8.81 5.63 0.46
C LYS A 69 8.99 6.58 -0.73
N MET A 70 8.19 6.37 -1.77
CA MET A 70 8.23 7.22 -2.95
C MET A 70 7.12 8.26 -2.88
N LYS A 71 6.52 8.36 -1.70
CA LYS A 71 5.42 9.30 -1.44
C LYS A 71 4.17 8.91 -2.24
N ALA A 72 4.09 7.65 -2.62
CA ALA A 72 2.92 7.14 -3.31
C ALA A 72 1.97 6.51 -2.29
N ASN A 73 0.72 6.90 -2.33
CA ASN A 73 -0.24 6.41 -1.35
C ASN A 73 -1.33 5.58 -2.02
N ALA A 74 -1.02 5.09 -3.20
CA ALA A 74 -1.96 4.26 -3.95
C ALA A 74 -1.21 3.41 -4.97
N VAL A 75 -1.17 2.11 -4.74
CA VAL A 75 -0.48 1.20 -5.64
C VAL A 75 -1.48 0.48 -6.53
N LEU A 76 -1.50 0.84 -7.80
CA LEU A 76 -2.37 0.19 -8.77
C LEU A 76 -1.79 -1.17 -9.16
N LEU A 77 -2.27 -2.21 -8.50
CA LEU A 77 -1.76 -3.56 -8.71
C LEU A 77 -2.05 -4.06 -10.12
N HIS A 78 -1.06 -4.69 -10.72
CA HIS A 78 -1.23 -5.30 -12.03
C HIS A 78 -1.14 -6.81 -11.90
N SER A 79 -0.05 -7.27 -11.31
CA SER A 79 0.21 -8.69 -11.22
C SER A 79 0.90 -9.04 -9.90
N CYS A 80 0.74 -10.28 -9.49
CA CYS A 80 1.41 -10.80 -8.30
C CYS A 80 2.01 -12.16 -8.64
N GLU A 81 3.19 -12.12 -9.22
CA GLU A 81 3.84 -13.32 -9.73
C GLU A 81 4.54 -14.09 -8.64
N VAL A 82 4.76 -15.37 -8.88
CA VAL A 82 5.48 -16.22 -7.94
C VAL A 82 6.23 -17.32 -8.68
N THR A 83 7.53 -17.14 -8.81
CA THR A 83 8.38 -18.05 -9.55
C THR A 83 9.13 -18.99 -8.61
N SER A 84 9.29 -20.24 -9.02
CA SER A 84 10.07 -21.19 -8.26
C SER A 84 11.14 -21.82 -9.14
N GLY A 85 12.28 -22.14 -8.54
CA GLY A 85 13.35 -22.78 -9.28
C GLY A 85 14.18 -21.80 -10.09
N THR A 86 14.81 -20.85 -9.41
CA THR A 86 15.66 -19.88 -10.08
C THR A 86 17.06 -19.88 -9.45
N PRO A 87 18.11 -19.73 -10.26
CA PRO A 87 19.49 -19.66 -9.74
C PRO A 87 19.69 -18.47 -8.82
N GLY A 88 19.78 -18.75 -7.52
CA GLY A 88 19.95 -17.70 -6.54
C GLY A 88 18.65 -17.36 -5.85
N CYS A 89 17.55 -17.79 -6.44
CA CYS A 89 16.23 -17.52 -5.89
C CYS A 89 15.38 -18.79 -5.90
N TYR A 90 15.38 -19.49 -4.77
CA TYR A 90 14.60 -20.70 -4.60
C TYR A 90 13.14 -20.45 -4.95
N ARG A 91 12.62 -19.34 -4.45
CA ARG A 91 11.27 -18.88 -4.76
C ARG A 91 11.22 -17.36 -4.68
N GLN A 92 10.75 -16.73 -5.74
CA GLN A 92 10.72 -15.28 -5.81
C GLN A 92 9.32 -14.81 -6.24
N ALA A 93 8.65 -14.10 -5.35
CA ALA A 93 7.32 -13.56 -5.63
C ALA A 93 7.40 -12.05 -5.85
N VAL A 94 6.89 -11.60 -6.99
CA VAL A 94 6.98 -10.19 -7.36
C VAL A 94 5.60 -9.62 -7.67
N CYS A 95 5.11 -8.76 -6.80
CA CYS A 95 3.87 -8.04 -7.06
C CYS A 95 4.19 -6.67 -7.64
N ILE A 96 3.71 -6.40 -8.83
CA ILE A 96 4.05 -5.18 -9.55
C ILE A 96 2.83 -4.28 -9.73
N GLY A 97 3.00 -2.99 -9.47
CA GLY A 97 1.92 -2.04 -9.64
C GLY A 97 2.42 -0.61 -9.75
N SER A 98 1.58 0.25 -10.29
CA SER A 98 1.95 1.66 -10.47
C SER A 98 1.86 2.41 -9.14
N ALA A 99 2.89 3.20 -8.85
CA ALA A 99 2.93 3.99 -7.64
C ALA A 99 2.34 5.37 -7.88
N LEU A 100 1.11 5.56 -7.44
CA LEU A 100 0.40 6.83 -7.65
C LEU A 100 0.18 7.55 -6.32
N ASN A 101 0.04 8.86 -6.40
CA ASN A 101 -0.30 9.67 -5.23
C ASN A 101 -1.69 10.24 -5.40
N ILE A 102 -2.68 9.63 -4.77
CA ILE A 102 -4.05 10.10 -4.87
C ILE A 102 -4.14 11.49 -4.27
N THR A 103 -4.55 12.45 -5.09
CA THR A 103 -4.54 13.84 -4.68
C THR A 103 -5.96 14.40 -4.63
N ALA A 104 -6.26 15.14 -3.57
CA ALA A 104 -7.56 15.80 -3.46
C ALA A 104 -7.52 17.14 -4.17
N LYS A 105 -6.29 17.67 -4.29
CA LYS A 105 -6.03 18.92 -5.00
C LYS A 105 -6.57 20.11 -4.21
N MET A 1 -34.53 25.13 43.62
CA MET A 1 -34.86 26.21 42.67
C MET A 1 -35.28 25.62 41.32
N ALA A 2 -34.69 26.11 40.24
CA ALA A 2 -34.98 25.61 38.91
C ALA A 2 -33.73 25.02 38.29
N PRO A 3 -33.64 23.68 38.22
CA PRO A 3 -32.49 23.00 37.64
C PRO A 3 -32.43 23.13 36.12
N GLN A 4 -31.23 23.25 35.58
CA GLN A 4 -31.03 23.38 34.15
C GLN A 4 -30.59 22.05 33.55
N PRO A 5 -31.15 21.66 32.40
CA PRO A 5 -30.75 20.45 31.68
C PRO A 5 -29.29 20.51 31.25
N LYS A 6 -28.47 19.68 31.85
CA LYS A 6 -27.04 19.70 31.59
C LYS A 6 -26.69 18.84 30.38
N ALA A 7 -26.87 19.41 29.20
CA ALA A 7 -26.53 18.73 27.97
C ALA A 7 -25.04 18.78 27.70
N GLU A 8 -24.28 18.00 28.45
CA GLU A 8 -22.83 17.94 28.30
C GLU A 8 -22.46 17.20 27.02
N PRO A 9 -21.90 17.91 26.03
CA PRO A 9 -21.61 17.36 24.71
C PRO A 9 -20.23 16.73 24.60
N ALA A 10 -20.18 15.56 23.98
CA ALA A 10 -18.93 14.91 23.65
C ALA A 10 -18.45 15.38 22.28
N LYS A 11 -17.17 15.65 22.16
CA LYS A 11 -16.64 16.19 20.91
C LYS A 11 -16.08 15.08 20.02
N PRO A 12 -16.59 14.99 18.78
CA PRO A 12 -16.14 14.01 17.81
C PRO A 12 -14.83 14.42 17.12
N LYS A 13 -13.92 13.48 17.00
CA LYS A 13 -12.64 13.73 16.33
C LYS A 13 -12.20 12.49 15.57
N ALA A 14 -12.04 12.63 14.25
CA ALA A 14 -11.63 11.51 13.41
C ALA A 14 -10.24 11.74 12.84
N PRO A 15 -9.29 10.87 13.17
CA PRO A 15 -7.92 10.93 12.67
C PRO A 15 -7.70 10.06 11.42
N ARG A 16 -6.46 10.02 10.97
CA ARG A 16 -6.07 9.16 9.85
C ARG A 16 -4.74 8.49 10.17
N ALA A 17 -4.29 7.55 9.34
CA ALA A 17 -3.08 6.79 9.63
C ALA A 17 -2.42 6.26 8.37
N THR A 18 -3.09 5.34 7.68
CA THR A 18 -2.53 4.65 6.51
C THR A 18 -2.03 5.63 5.44
N PRO A 19 -0.73 5.58 5.12
CA PRO A 19 -0.12 6.50 4.16
C PRO A 19 -0.24 6.04 2.72
N VAL A 20 -0.80 4.85 2.50
CA VAL A 20 -0.92 4.29 1.17
C VAL A 20 -2.03 3.26 1.12
N ARG A 21 -2.75 3.22 0.00
CA ARG A 21 -3.84 2.29 -0.22
C ARG A 21 -3.59 1.47 -1.48
N ILE A 22 -4.02 0.22 -1.48
CA ILE A 22 -3.88 -0.63 -2.66
C ILE A 22 -5.18 -0.67 -3.45
N TYR A 23 -5.07 -0.43 -4.75
CA TYR A 23 -6.25 -0.39 -5.62
C TYR A 23 -6.04 -1.27 -6.85
N THR A 24 -6.80 -2.35 -6.95
CA THR A 24 -6.79 -3.19 -8.14
C THR A 24 -7.96 -2.85 -9.06
N ASN A 25 -8.26 -1.57 -9.16
CA ASN A 25 -9.38 -1.12 -9.98
C ASN A 25 -8.98 0.09 -10.81
N ALA A 26 -8.82 -0.11 -12.11
CA ALA A 26 -8.39 0.96 -13.00
C ALA A 26 -9.51 1.98 -13.18
N GLU A 27 -10.75 1.52 -13.05
CA GLU A 27 -11.91 2.39 -13.16
C GLU A 27 -11.90 3.47 -12.08
N GLU A 28 -11.25 3.16 -10.96
CA GLU A 28 -11.13 4.10 -9.86
C GLU A 28 -10.24 5.27 -10.27
N LEU A 29 -9.09 4.95 -10.84
CA LEU A 29 -8.08 5.95 -11.18
C LEU A 29 -8.60 6.93 -12.22
N VAL A 30 -9.23 6.40 -13.27
CA VAL A 30 -9.71 7.24 -14.37
C VAL A 30 -10.91 8.09 -13.95
N GLY A 31 -11.48 7.79 -12.79
CA GLY A 31 -12.64 8.52 -12.32
C GLY A 31 -12.37 9.29 -11.05
N LYS A 32 -11.09 9.50 -10.74
CA LYS A 32 -10.71 10.18 -9.52
C LYS A 32 -9.56 11.14 -9.75
N PRO A 33 -9.48 12.20 -8.92
CA PRO A 33 -8.34 13.12 -8.92
C PRO A 33 -7.11 12.47 -8.29
N PHE A 34 -6.10 12.24 -9.10
CA PHE A 34 -4.89 11.58 -8.66
C PHE A 34 -3.66 12.19 -9.34
N ARG A 35 -2.50 12.00 -8.75
CA ARG A 35 -1.25 12.49 -9.31
C ARG A 35 -0.41 11.31 -9.82
N ASP A 36 0.02 11.40 -11.07
CA ASP A 36 0.86 10.36 -11.65
C ASP A 36 2.28 10.43 -11.08
N LEU A 37 2.91 9.28 -10.95
CA LEU A 37 4.28 9.21 -10.46
C LEU A 37 5.08 8.22 -11.28
N GLY A 38 4.73 6.94 -11.19
CA GLY A 38 5.41 5.93 -11.96
C GLY A 38 4.96 4.53 -11.62
N GLU A 39 5.88 3.59 -11.62
CA GLU A 39 5.59 2.20 -11.32
C GLU A 39 6.67 1.63 -10.41
N VAL A 40 6.25 0.96 -9.34
CA VAL A 40 7.19 0.38 -8.39
C VAL A 40 6.92 -1.12 -8.24
N SER A 41 7.93 -1.86 -7.83
CA SER A 41 7.80 -3.29 -7.66
C SER A 41 8.20 -3.72 -6.27
N GLY A 42 7.61 -4.82 -5.81
CA GLY A 42 7.93 -5.39 -4.52
C GLY A 42 8.15 -6.88 -4.64
N ASP A 43 9.41 -7.31 -4.58
CA ASP A 43 9.74 -8.71 -4.78
C ASP A 43 9.82 -9.45 -3.45
N SER A 44 9.98 -10.76 -3.54
CA SER A 44 10.22 -11.60 -2.38
C SER A 44 11.05 -12.80 -2.78
N CYS A 45 12.34 -12.57 -2.99
CA CYS A 45 13.27 -13.65 -3.29
C CYS A 45 13.83 -14.25 -2.01
N GLN A 46 13.55 -15.52 -1.79
CA GLN A 46 14.01 -16.21 -0.60
C GLN A 46 15.30 -16.95 -0.89
N ALA A 47 16.35 -16.63 -0.15
CA ALA A 47 17.68 -17.16 -0.41
C ALA A 47 17.85 -18.61 0.04
N SER A 48 16.84 -19.15 0.71
CA SER A 48 16.91 -20.52 1.20
C SER A 48 15.53 -21.02 1.61
N ASN A 49 15.37 -22.33 1.62
CA ASN A 49 14.14 -22.97 2.08
C ASN A 49 14.00 -22.84 3.59
N GLN A 50 15.10 -22.44 4.23
CA GLN A 50 15.13 -22.24 5.67
C GLN A 50 14.27 -21.03 6.06
N ASP A 51 14.19 -20.06 5.15
CA ASP A 51 13.44 -18.83 5.41
C ASP A 51 11.95 -19.07 5.20
N SER A 52 11.17 -18.00 5.27
CA SER A 52 9.73 -18.08 5.11
C SER A 52 9.36 -18.13 3.63
N PRO A 53 8.19 -18.68 3.29
CA PRO A 53 7.70 -18.71 1.91
C PRO A 53 7.36 -17.30 1.42
N PRO A 54 7.70 -16.98 0.16
CA PRO A 54 7.41 -15.68 -0.43
C PRO A 54 5.92 -15.43 -0.53
N SER A 55 5.41 -14.68 0.42
CA SER A 55 3.99 -14.44 0.52
C SER A 55 3.58 -13.23 -0.30
N ILE A 56 2.46 -13.37 -1.00
CA ILE A 56 1.92 -12.30 -1.85
C ILE A 56 1.77 -10.97 -1.10
N PRO A 57 1.09 -10.95 0.07
CA PRO A 57 0.90 -9.71 0.84
C PRO A 57 2.21 -9.18 1.41
N THR A 58 3.20 -10.05 1.51
CA THR A 58 4.52 -9.66 2.00
C THR A 58 5.30 -8.92 0.90
N ALA A 59 5.24 -9.44 -0.31
CA ALA A 59 5.82 -8.75 -1.46
C ALA A 59 5.05 -7.46 -1.71
N ARG A 60 3.73 -7.53 -1.54
CA ARG A 60 2.87 -6.37 -1.63
C ARG A 60 3.26 -5.32 -0.59
N LYS A 61 3.78 -5.77 0.54
CA LYS A 61 4.19 -4.86 1.60
C LYS A 61 5.49 -4.16 1.22
N ARG A 62 6.44 -4.91 0.67
CA ARG A 62 7.69 -4.33 0.19
C ARG A 62 7.40 -3.29 -0.89
N MET A 63 6.46 -3.63 -1.76
CA MET A 63 6.01 -2.72 -2.82
C MET A 63 5.32 -1.51 -2.20
N GLN A 64 4.58 -1.74 -1.13
CA GLN A 64 3.87 -0.69 -0.40
C GLN A 64 4.85 0.35 0.14
N ILE A 65 5.91 -0.14 0.80
CA ILE A 65 6.93 0.74 1.35
C ILE A 65 7.66 1.49 0.22
N ASN A 66 7.91 0.79 -0.87
CA ASN A 66 8.55 1.38 -2.04
C ASN A 66 7.72 2.53 -2.57
N ALA A 67 6.41 2.32 -2.62
CA ALA A 67 5.49 3.36 -3.06
C ALA A 67 5.47 4.52 -2.06
N SER A 68 5.48 4.19 -0.77
CA SER A 68 5.43 5.18 0.29
C SER A 68 6.66 6.09 0.25
N LYS A 69 7.82 5.51 -0.06
CA LYS A 69 9.05 6.29 -0.15
C LYS A 69 9.10 7.06 -1.47
N MET A 70 8.14 6.79 -2.34
CA MET A 70 8.05 7.48 -3.63
C MET A 70 7.02 8.60 -3.56
N LYS A 71 6.42 8.78 -2.38
CA LYS A 71 5.36 9.76 -2.14
C LYS A 71 4.06 9.32 -2.80
N ALA A 72 3.95 8.03 -3.05
CA ALA A 72 2.75 7.47 -3.63
C ALA A 72 1.88 6.85 -2.54
N ASN A 73 0.59 7.14 -2.58
CA ASN A 73 -0.33 6.66 -1.56
C ASN A 73 -1.39 5.75 -2.18
N ALA A 74 -1.07 5.21 -3.34
CA ALA A 74 -1.95 4.29 -4.05
C ALA A 74 -1.14 3.37 -4.94
N VAL A 75 -1.38 2.08 -4.83
CA VAL A 75 -0.70 1.11 -5.67
C VAL A 75 -1.69 0.39 -6.57
N LEU A 76 -1.59 0.64 -7.86
CA LEU A 76 -2.41 -0.04 -8.85
C LEU A 76 -1.89 -1.45 -9.08
N LEU A 77 -2.48 -2.40 -8.37
CA LEU A 77 -2.05 -3.79 -8.43
C LEU A 77 -2.15 -4.34 -9.84
N HIS A 78 -1.04 -4.87 -10.34
CA HIS A 78 -0.99 -5.42 -11.70
C HIS A 78 -0.80 -6.92 -11.67
N SER A 79 0.37 -7.35 -11.22
CA SER A 79 0.72 -8.76 -11.27
C SER A 79 1.53 -9.17 -10.05
N CYS A 80 1.83 -10.46 -9.98
CA CYS A 80 2.67 -11.02 -8.92
C CYS A 80 3.35 -12.27 -9.45
N GLU A 81 4.47 -12.08 -10.12
CA GLU A 81 5.16 -13.17 -10.79
C GLU A 81 5.92 -14.04 -9.80
N VAL A 82 5.45 -15.27 -9.62
CA VAL A 82 6.05 -16.18 -8.67
C VAL A 82 6.95 -17.19 -9.37
N THR A 83 8.21 -16.86 -9.47
CA THR A 83 9.21 -17.72 -10.09
C THR A 83 9.73 -18.74 -9.07
N SER A 84 10.00 -19.95 -9.53
CA SER A 84 10.47 -21.01 -8.64
C SER A 84 11.58 -21.83 -9.28
N GLY A 85 12.44 -22.39 -8.44
CA GLY A 85 13.52 -23.22 -8.93
C GLY A 85 14.64 -22.41 -9.51
N THR A 86 15.07 -21.40 -8.78
CA THR A 86 16.15 -20.53 -9.22
C THR A 86 17.31 -20.57 -8.22
N PRO A 87 18.54 -20.72 -8.70
CA PRO A 87 19.73 -20.66 -7.85
C PRO A 87 19.82 -19.30 -7.14
N GLY A 88 19.91 -19.34 -5.82
CA GLY A 88 19.94 -18.11 -5.05
C GLY A 88 18.55 -17.71 -4.61
N CYS A 89 17.63 -17.63 -5.56
CA CYS A 89 16.24 -17.32 -5.26
C CYS A 89 15.40 -18.58 -5.34
N TYR A 90 15.33 -19.30 -4.22
CA TYR A 90 14.55 -20.53 -4.11
C TYR A 90 13.16 -20.34 -4.69
N ARG A 91 12.47 -19.32 -4.22
CA ARG A 91 11.23 -18.88 -4.81
C ARG A 91 11.18 -17.35 -4.75
N GLN A 92 10.98 -16.74 -5.91
CA GLN A 92 11.00 -15.29 -6.01
C GLN A 92 9.66 -14.78 -6.52
N ALA A 93 8.89 -14.17 -5.62
CA ALA A 93 7.58 -13.64 -5.99
C ALA A 93 7.64 -12.12 -6.11
N VAL A 94 7.62 -11.62 -7.34
CA VAL A 94 7.71 -10.20 -7.60
C VAL A 94 6.34 -9.61 -7.92
N CYS A 95 5.76 -8.90 -6.97
CA CYS A 95 4.51 -8.21 -7.20
C CYS A 95 4.80 -6.85 -7.83
N ILE A 96 4.00 -6.47 -8.81
CA ILE A 96 4.22 -5.22 -9.53
C ILE A 96 2.95 -4.38 -9.55
N GLY A 97 3.11 -3.07 -9.38
CA GLY A 97 1.98 -2.17 -9.42
C GLY A 97 2.41 -0.73 -9.62
N SER A 98 1.59 0.03 -10.33
CA SER A 98 1.88 1.44 -10.59
C SER A 98 1.72 2.25 -9.31
N ALA A 99 2.71 3.05 -9.00
CA ALA A 99 2.69 3.88 -7.81
C ALA A 99 2.12 5.26 -8.11
N LEU A 100 0.88 5.50 -7.68
CA LEU A 100 0.22 6.77 -7.93
C LEU A 100 -0.03 7.51 -6.62
N ASN A 101 -0.32 8.78 -6.74
CA ASN A 101 -0.73 9.58 -5.60
C ASN A 101 -2.21 9.91 -5.76
N ILE A 102 -2.91 10.09 -4.66
CA ILE A 102 -4.32 10.46 -4.73
C ILE A 102 -4.53 11.85 -4.16
N THR A 103 -4.86 12.79 -5.03
CA THR A 103 -5.03 14.16 -4.61
C THR A 103 -6.49 14.55 -4.57
N ALA A 104 -7.12 14.29 -3.43
CA ALA A 104 -8.52 14.65 -3.22
C ALA A 104 -8.72 16.15 -3.32
N LYS A 105 -7.67 16.89 -2.91
CA LYS A 105 -7.65 18.35 -2.99
C LYS A 105 -8.58 18.97 -1.93
N MET A 1 -32.99 39.32 40.97
CA MET A 1 -33.03 38.52 39.73
C MET A 1 -31.61 38.35 39.19
N ALA A 2 -31.01 37.22 39.51
CA ALA A 2 -29.67 36.90 39.04
C ALA A 2 -29.71 35.78 38.02
N PRO A 3 -29.51 36.11 36.73
CA PRO A 3 -29.61 35.16 35.64
C PRO A 3 -28.54 34.07 35.72
N GLN A 4 -28.85 32.90 35.18
CA GLN A 4 -27.91 31.78 35.15
C GLN A 4 -27.36 31.60 33.74
N PRO A 5 -26.08 31.92 33.53
CA PRO A 5 -25.43 31.78 32.23
C PRO A 5 -25.18 30.32 31.86
N LYS A 6 -25.16 30.02 30.57
CA LYS A 6 -24.93 28.66 30.12
C LYS A 6 -23.91 28.63 28.98
N ALA A 7 -22.98 27.69 29.08
CA ALA A 7 -21.95 27.52 28.06
C ALA A 7 -21.42 26.10 28.08
N GLU A 8 -20.79 25.69 26.99
CA GLU A 8 -20.27 24.32 26.88
C GLU A 8 -18.86 24.34 26.30
N PRO A 9 -17.99 23.44 26.77
CA PRO A 9 -16.64 23.31 26.24
C PRO A 9 -16.58 22.46 24.97
N ALA A 10 -15.95 23.00 23.93
CA ALA A 10 -15.79 22.29 22.68
C ALA A 10 -14.41 21.67 22.58
N LYS A 11 -14.35 20.36 22.38
CA LYS A 11 -13.07 19.66 22.23
C LYS A 11 -13.24 18.37 21.43
N PRO A 12 -12.91 18.41 20.13
CA PRO A 12 -12.97 17.24 19.26
C PRO A 12 -11.70 16.38 19.34
N LYS A 13 -11.56 15.46 18.38
CA LYS A 13 -10.38 14.60 18.31
C LYS A 13 -10.23 14.02 16.91
N ALA A 14 -9.07 14.24 16.31
CA ALA A 14 -8.79 13.72 14.98
C ALA A 14 -7.68 12.67 15.03
N PRO A 15 -7.88 11.52 14.38
CA PRO A 15 -6.90 10.45 14.35
C PRO A 15 -5.76 10.72 13.34
N ARG A 16 -5.91 10.22 12.12
CA ARG A 16 -4.91 10.41 11.07
C ARG A 16 -5.46 9.93 9.74
N ALA A 17 -4.61 9.84 8.73
CA ALA A 17 -5.00 9.35 7.43
C ALA A 17 -4.13 8.17 7.00
N THR A 18 -4.69 7.30 6.17
CA THR A 18 -3.94 6.16 5.65
C THR A 18 -2.87 6.62 4.67
N PRO A 19 -1.61 6.23 4.90
CA PRO A 19 -0.48 6.69 4.09
C PRO A 19 -0.46 6.09 2.68
N VAL A 20 -1.04 4.91 2.53
CA VAL A 20 -1.05 4.24 1.22
C VAL A 20 -2.18 3.21 1.14
N ARG A 21 -2.89 3.22 0.01
CA ARG A 21 -3.95 2.26 -0.25
C ARG A 21 -3.58 1.35 -1.41
N ILE A 22 -4.04 0.11 -1.37
CA ILE A 22 -3.78 -0.84 -2.44
C ILE A 22 -4.99 -0.93 -3.38
N TYR A 23 -4.76 -0.56 -4.63
CA TYR A 23 -5.82 -0.53 -5.63
C TYR A 23 -5.56 -1.60 -6.69
N THR A 24 -6.56 -2.41 -6.98
CA THR A 24 -6.40 -3.45 -7.99
C THR A 24 -7.22 -3.15 -9.23
N ASN A 25 -7.66 -1.90 -9.36
CA ASN A 25 -8.52 -1.51 -10.47
C ASN A 25 -7.98 -0.26 -11.16
N ALA A 26 -7.40 -0.45 -12.33
CA ALA A 26 -6.87 0.66 -13.11
C ALA A 26 -7.98 1.62 -13.51
N GLU A 27 -9.17 1.07 -13.75
CA GLU A 27 -10.32 1.87 -14.13
C GLU A 27 -10.72 2.82 -13.01
N GLU A 28 -10.51 2.38 -11.77
CA GLU A 28 -10.84 3.21 -10.62
C GLU A 28 -9.81 4.32 -10.46
N LEU A 29 -8.57 4.01 -10.79
CA LEU A 29 -7.50 5.00 -10.75
C LEU A 29 -7.77 6.12 -11.75
N VAL A 30 -8.01 5.75 -13.00
CA VAL A 30 -8.28 6.74 -14.05
C VAL A 30 -9.66 7.36 -13.86
N GLY A 31 -10.39 6.89 -12.86
CA GLY A 31 -11.70 7.45 -12.56
C GLY A 31 -11.64 8.35 -11.35
N LYS A 32 -10.44 8.62 -10.88
CA LYS A 32 -10.24 9.45 -9.71
C LYS A 32 -9.11 10.46 -9.94
N PRO A 33 -9.10 11.57 -9.17
CA PRO A 33 -8.03 12.57 -9.25
C PRO A 33 -6.70 12.05 -8.71
N PHE A 34 -6.01 11.27 -9.54
CA PHE A 34 -4.73 10.69 -9.15
C PHE A 34 -3.60 11.29 -9.98
N ARG A 35 -2.39 11.20 -9.46
CA ARG A 35 -1.21 11.68 -10.15
C ARG A 35 -0.32 10.52 -10.54
N ASP A 36 0.14 10.53 -11.79
CA ASP A 36 1.04 9.49 -12.30
C ASP A 36 2.45 9.74 -11.77
N LEU A 37 2.85 8.98 -10.78
CA LEU A 37 4.16 9.13 -10.18
C LEU A 37 5.17 8.20 -10.85
N GLY A 38 4.98 6.90 -10.66
CA GLY A 38 5.84 5.92 -11.29
C GLY A 38 5.34 4.51 -11.12
N GLU A 39 6.25 3.56 -11.11
CA GLU A 39 5.92 2.15 -10.91
C GLU A 39 6.93 1.51 -9.97
N VAL A 40 6.46 0.73 -9.02
CA VAL A 40 7.32 0.11 -8.04
C VAL A 40 7.06 -1.40 -7.98
N SER A 41 8.03 -2.15 -7.47
CA SER A 41 7.88 -3.59 -7.37
C SER A 41 8.23 -4.08 -5.96
N GLY A 42 7.45 -5.01 -5.47
CA GLY A 42 7.74 -5.65 -4.21
C GLY A 42 8.13 -7.09 -4.41
N ASP A 43 9.41 -7.37 -4.30
CA ASP A 43 9.94 -8.67 -4.63
C ASP A 43 10.52 -9.34 -3.40
N SER A 44 10.10 -10.56 -3.16
CA SER A 44 10.57 -11.34 -2.04
C SER A 44 11.37 -12.54 -2.55
N CYS A 45 12.65 -12.32 -2.78
CA CYS A 45 13.53 -13.38 -3.26
C CYS A 45 14.06 -14.21 -2.09
N GLN A 46 14.06 -15.52 -2.27
CA GLN A 46 14.55 -16.44 -1.25
C GLN A 46 15.68 -17.28 -1.79
N ALA A 47 16.81 -17.24 -1.12
CA ALA A 47 17.90 -18.16 -1.44
C ALA A 47 17.57 -19.52 -0.85
N SER A 48 16.77 -19.48 0.21
CA SER A 48 16.24 -20.66 0.87
C SER A 48 14.95 -20.27 1.59
N ASN A 49 14.14 -21.26 1.97
CA ASN A 49 12.86 -20.99 2.61
C ASN A 49 13.02 -20.71 4.10
N GLN A 50 14.28 -20.70 4.55
CA GLN A 50 14.61 -20.36 5.92
C GLN A 50 14.48 -18.86 6.16
N ASP A 51 14.26 -18.11 5.09
CA ASP A 51 14.10 -16.68 5.17
C ASP A 51 12.63 -16.30 5.32
N SER A 52 12.30 -15.03 5.22
CA SER A 52 10.92 -14.60 5.31
C SER A 52 10.15 -14.99 4.06
N PRO A 53 9.10 -15.80 4.23
CA PRO A 53 8.42 -16.49 3.13
C PRO A 53 7.82 -15.53 2.10
N PRO A 54 8.06 -15.81 0.82
CA PRO A 54 7.56 -14.98 -0.29
C PRO A 54 6.09 -15.24 -0.57
N SER A 55 5.27 -14.90 0.39
CA SER A 55 3.84 -15.03 0.26
C SER A 55 3.26 -13.83 -0.47
N ILE A 56 2.07 -14.00 -1.02
CA ILE A 56 1.39 -12.93 -1.74
C ILE A 56 1.26 -11.66 -0.89
N PRO A 57 0.74 -11.74 0.36
CA PRO A 57 0.62 -10.56 1.23
C PRO A 57 1.97 -9.96 1.59
N THR A 58 3.00 -10.79 1.54
CA THR A 58 4.35 -10.36 1.87
C THR A 58 4.96 -9.53 0.74
N ALA A 59 4.93 -10.07 -0.47
CA ALA A 59 5.35 -9.33 -1.66
C ALA A 59 4.50 -8.06 -1.82
N ARG A 60 3.22 -8.19 -1.49
CA ARG A 60 2.30 -7.05 -1.51
C ARG A 60 2.76 -5.98 -0.52
N LYS A 61 3.20 -6.42 0.65
CA LYS A 61 3.67 -5.50 1.68
C LYS A 61 4.95 -4.81 1.22
N ARG A 62 5.90 -5.58 0.72
CA ARG A 62 7.16 -5.04 0.23
C ARG A 62 6.91 -4.01 -0.87
N MET A 63 5.93 -4.30 -1.72
CA MET A 63 5.55 -3.40 -2.81
C MET A 63 4.91 -2.12 -2.25
N GLN A 64 4.03 -2.29 -1.26
CA GLN A 64 3.33 -1.17 -0.64
C GLN A 64 4.31 -0.21 0.01
N ILE A 65 5.23 -0.76 0.80
CA ILE A 65 6.21 0.06 1.52
C ILE A 65 7.14 0.77 0.53
N ASN A 66 7.37 0.15 -0.61
CA ASN A 66 8.19 0.76 -1.65
C ASN A 66 7.47 1.96 -2.26
N ALA A 67 6.16 1.87 -2.33
CA ALA A 67 5.35 2.95 -2.87
C ALA A 67 5.24 4.10 -1.86
N SER A 68 5.00 3.76 -0.60
CA SER A 68 4.80 4.78 0.44
C SER A 68 6.07 5.59 0.66
N LYS A 69 7.22 4.96 0.45
CA LYS A 69 8.50 5.64 0.60
C LYS A 69 8.82 6.44 -0.67
N MET A 70 8.05 6.19 -1.73
CA MET A 70 8.22 6.87 -3.00
C MET A 70 7.31 8.08 -3.10
N LYS A 71 6.77 8.49 -1.94
CA LYS A 71 5.86 9.65 -1.85
C LYS A 71 4.47 9.30 -2.38
N ALA A 72 4.30 8.04 -2.79
CA ALA A 72 3.02 7.59 -3.31
C ALA A 72 2.11 7.15 -2.19
N ASN A 73 0.81 7.31 -2.38
CA ASN A 73 -0.17 6.94 -1.36
C ASN A 73 -1.17 5.92 -1.91
N ALA A 74 -0.84 5.36 -3.06
CA ALA A 74 -1.67 4.36 -3.71
C ALA A 74 -0.84 3.48 -4.61
N VAL A 75 -1.06 2.18 -4.54
CA VAL A 75 -0.36 1.24 -5.40
C VAL A 75 -1.34 0.49 -6.30
N LEU A 76 -1.23 0.75 -7.59
CA LEU A 76 -2.03 0.06 -8.59
C LEU A 76 -1.43 -1.31 -8.85
N LEU A 77 -1.90 -2.30 -8.10
CA LEU A 77 -1.43 -3.67 -8.25
C LEU A 77 -1.81 -4.22 -9.61
N HIS A 78 -0.81 -4.57 -10.40
CA HIS A 78 -1.04 -5.09 -11.74
C HIS A 78 -0.99 -6.61 -11.71
N SER A 79 0.16 -7.14 -11.31
CA SER A 79 0.35 -8.59 -11.27
C SER A 79 1.26 -9.00 -10.12
N CYS A 80 0.78 -9.93 -9.30
CA CYS A 80 1.60 -10.51 -8.25
C CYS A 80 2.11 -11.88 -8.69
N GLU A 81 3.24 -11.89 -9.36
CA GLU A 81 3.77 -13.12 -9.94
C GLU A 81 4.83 -13.73 -9.04
N VAL A 82 4.55 -14.91 -8.53
CA VAL A 82 5.49 -15.63 -7.68
C VAL A 82 6.10 -16.80 -8.46
N THR A 83 7.37 -16.66 -8.79
CA THR A 83 8.08 -17.65 -9.56
C THR A 83 8.80 -18.65 -8.66
N SER A 84 8.90 -19.88 -9.12
CA SER A 84 9.59 -20.92 -8.39
C SER A 84 10.62 -21.60 -9.30
N GLY A 85 11.78 -21.92 -8.74
CA GLY A 85 12.79 -22.63 -9.49
C GLY A 85 13.60 -21.72 -10.39
N THR A 86 14.13 -20.64 -9.83
CA THR A 86 14.97 -19.74 -10.58
C THR A 86 16.34 -19.59 -9.90
N PRO A 87 17.43 -19.81 -10.66
CA PRO A 87 18.80 -19.72 -10.12
C PRO A 87 19.05 -18.42 -9.35
N GLY A 88 19.43 -18.54 -8.09
CA GLY A 88 19.67 -17.37 -7.27
C GLY A 88 18.50 -17.08 -6.35
N CYS A 89 17.30 -17.26 -6.86
CA CYS A 89 16.09 -17.04 -6.09
C CYS A 89 15.16 -18.23 -6.23
N TYR A 90 15.32 -19.19 -5.33
CA TYR A 90 14.50 -20.40 -5.30
C TYR A 90 13.02 -20.07 -5.40
N ARG A 91 12.60 -19.10 -4.61
CA ARG A 91 11.25 -18.58 -4.67
C ARG A 91 11.30 -17.06 -4.80
N GLN A 92 10.66 -16.52 -5.82
CA GLN A 92 10.69 -15.08 -6.05
C GLN A 92 9.30 -14.53 -6.28
N ALA A 93 8.70 -13.96 -5.24
CA ALA A 93 7.37 -13.38 -5.36
C ALA A 93 7.48 -11.89 -5.64
N VAL A 94 7.19 -11.51 -6.88
CA VAL A 94 7.30 -10.13 -7.30
C VAL A 94 5.93 -9.54 -7.61
N CYS A 95 5.46 -8.67 -6.72
CA CYS A 95 4.22 -7.94 -6.97
C CYS A 95 4.54 -6.61 -7.63
N ILE A 96 4.08 -6.43 -8.86
CA ILE A 96 4.36 -5.21 -9.60
C ILE A 96 3.13 -4.32 -9.63
N GLY A 97 3.31 -3.08 -9.19
CA GLY A 97 2.22 -2.12 -9.17
C GLY A 97 2.70 -0.70 -9.33
N SER A 98 1.89 0.11 -9.97
CA SER A 98 2.23 1.51 -10.21
C SER A 98 2.06 2.34 -8.94
N ALA A 99 3.04 3.17 -8.64
CA ALA A 99 2.97 4.01 -7.47
C ALA A 99 2.41 5.37 -7.85
N LEU A 100 1.23 5.69 -7.34
CA LEU A 100 0.55 6.94 -7.67
C LEU A 100 0.29 7.78 -6.42
N ASN A 101 -0.03 9.05 -6.63
CA ASN A 101 -0.39 9.92 -5.51
C ASN A 101 -1.77 10.51 -5.73
N ILE A 102 -2.72 10.12 -4.89
CA ILE A 102 -4.08 10.62 -4.98
C ILE A 102 -4.16 12.04 -4.42
N THR A 103 -4.71 12.94 -5.21
CA THR A 103 -4.91 14.30 -4.77
C THR A 103 -6.41 14.60 -4.69
N ALA A 104 -6.77 15.74 -4.11
CA ALA A 104 -8.17 16.11 -4.02
C ALA A 104 -8.54 16.99 -5.22
N LYS A 105 -8.24 18.28 -5.10
CA LYS A 105 -8.49 19.23 -6.18
C LYS A 105 -7.47 20.35 -6.10
N MET A 1 -34.32 30.89 40.70
CA MET A 1 -35.36 31.77 40.09
C MET A 1 -35.01 32.07 38.64
N ALA A 2 -33.75 32.44 38.39
CA ALA A 2 -33.29 32.69 37.04
C ALA A 2 -32.88 31.38 36.36
N PRO A 3 -33.62 30.96 35.33
CA PRO A 3 -33.38 29.69 34.63
C PRO A 3 -32.08 29.69 33.82
N GLN A 4 -31.03 29.14 34.42
CA GLN A 4 -29.74 29.07 33.75
C GLN A 4 -29.49 27.65 33.22
N PRO A 5 -29.51 27.49 31.90
CA PRO A 5 -29.26 26.20 31.26
C PRO A 5 -27.76 25.89 31.14
N LYS A 6 -27.39 24.67 31.51
CA LYS A 6 -26.01 24.24 31.41
C LYS A 6 -25.90 22.97 30.57
N ALA A 7 -25.34 23.11 29.37
CA ALA A 7 -25.18 21.98 28.47
C ALA A 7 -23.71 21.79 28.12
N GLU A 8 -23.35 20.57 27.74
CA GLU A 8 -21.96 20.26 27.40
C GLU A 8 -21.89 19.20 26.32
N PRO A 9 -21.51 19.60 25.10
CA PRO A 9 -21.35 18.69 23.98
C PRO A 9 -19.96 18.03 23.96
N ALA A 10 -19.88 16.84 23.40
CA ALA A 10 -18.61 16.15 23.27
C ALA A 10 -17.96 16.46 21.92
N LYS A 11 -16.64 16.61 21.93
CA LYS A 11 -15.92 17.00 20.74
C LYS A 11 -15.50 15.77 19.92
N PRO A 12 -15.96 15.68 18.67
CA PRO A 12 -15.63 14.57 17.78
C PRO A 12 -14.25 14.70 17.16
N LYS A 13 -13.36 13.78 17.50
CA LYS A 13 -12.01 13.80 16.97
C LYS A 13 -11.78 12.59 16.06
N ALA A 14 -10.87 12.74 15.10
CA ALA A 14 -10.58 11.68 14.14
C ALA A 14 -9.18 11.82 13.56
N PRO A 15 -8.35 10.79 13.71
CA PRO A 15 -7.01 10.76 13.16
C PRO A 15 -6.95 10.06 11.80
N ARG A 16 -5.76 9.98 11.22
CA ARG A 16 -5.55 9.24 9.98
C ARG A 16 -4.75 7.99 10.25
N ALA A 17 -4.92 6.98 9.41
CA ALA A 17 -4.28 5.69 9.64
C ALA A 17 -3.30 5.34 8.52
N THR A 18 -3.81 4.67 7.49
CA THR A 18 -2.99 4.21 6.38
C THR A 18 -2.46 5.36 5.53
N PRO A 19 -1.14 5.52 5.46
CA PRO A 19 -0.51 6.58 4.64
C PRO A 19 -0.47 6.21 3.16
N VAL A 20 -0.75 4.95 2.86
CA VAL A 20 -0.75 4.46 1.49
C VAL A 20 -1.73 3.29 1.36
N ARG A 21 -2.57 3.34 0.34
CA ARG A 21 -3.58 2.31 0.12
C ARG A 21 -3.30 1.54 -1.15
N ILE A 22 -3.78 0.30 -1.22
CA ILE A 22 -3.57 -0.54 -2.37
C ILE A 22 -4.85 -0.67 -3.19
N TYR A 23 -4.72 -0.48 -4.49
CA TYR A 23 -5.85 -0.61 -5.40
C TYR A 23 -5.64 -1.80 -6.31
N THR A 24 -6.73 -2.41 -6.76
CA THR A 24 -6.65 -3.54 -7.67
C THR A 24 -7.54 -3.31 -8.89
N ASN A 25 -8.09 -2.12 -8.98
CA ASN A 25 -8.99 -1.77 -10.07
C ASN A 25 -8.50 -0.52 -10.81
N ALA A 26 -8.09 -0.70 -12.06
CA ALA A 26 -7.62 0.40 -12.88
C ALA A 26 -8.75 1.38 -13.18
N GLU A 27 -9.96 0.83 -13.24
CA GLU A 27 -11.16 1.64 -13.50
C GLU A 27 -11.36 2.70 -12.42
N GLU A 28 -10.85 2.44 -11.23
CA GLU A 28 -10.95 3.38 -10.13
C GLU A 28 -9.98 4.53 -10.32
N LEU A 29 -8.76 4.20 -10.72
CA LEU A 29 -7.71 5.19 -10.89
C LEU A 29 -8.04 6.16 -12.01
N VAL A 30 -8.49 5.63 -13.14
CA VAL A 30 -8.79 6.44 -14.31
C VAL A 30 -10.02 7.32 -14.09
N GLY A 31 -10.73 7.10 -12.97
CA GLY A 31 -11.91 7.87 -12.68
C GLY A 31 -11.80 8.63 -11.37
N LYS A 32 -10.58 8.97 -10.99
CA LYS A 32 -10.33 9.71 -9.76
C LYS A 32 -9.18 10.70 -9.94
N PRO A 33 -9.18 11.80 -9.17
CA PRO A 33 -8.08 12.77 -9.19
C PRO A 33 -6.82 12.21 -8.53
N PHE A 34 -5.93 11.70 -9.35
CA PHE A 34 -4.70 11.10 -8.86
C PHE A 34 -3.50 11.69 -9.60
N ARG A 35 -2.38 11.75 -8.92
CA ARG A 35 -1.15 12.21 -9.51
C ARG A 35 -0.32 11.02 -9.96
N ASP A 36 -0.09 10.92 -11.26
CA ASP A 36 0.69 9.82 -11.82
C ASP A 36 2.15 9.97 -11.42
N LEU A 37 2.80 8.85 -11.15
CA LEU A 37 4.21 8.86 -10.78
C LEU A 37 4.98 7.82 -11.58
N GLY A 38 5.05 6.60 -11.06
CA GLY A 38 5.82 5.58 -11.71
C GLY A 38 5.35 4.19 -11.38
N GLU A 39 6.31 3.28 -11.20
CA GLU A 39 6.01 1.89 -10.95
C GLU A 39 7.02 1.31 -9.96
N VAL A 40 6.53 0.52 -9.02
CA VAL A 40 7.40 -0.11 -8.05
C VAL A 40 6.99 -1.56 -7.85
N SER A 41 7.93 -2.40 -7.45
CA SER A 41 7.66 -3.82 -7.31
C SER A 41 8.10 -4.35 -5.95
N GLY A 42 7.19 -5.01 -5.27
CA GLY A 42 7.51 -5.67 -4.02
C GLY A 42 8.03 -7.07 -4.28
N ASP A 43 9.31 -7.25 -4.07
CA ASP A 43 9.96 -8.52 -4.39
C ASP A 43 10.24 -9.33 -3.12
N SER A 44 9.70 -10.52 -3.07
CA SER A 44 9.99 -11.43 -1.97
C SER A 44 10.79 -12.61 -2.48
N CYS A 45 12.10 -12.41 -2.61
CA CYS A 45 12.99 -13.45 -3.09
C CYS A 45 13.51 -14.28 -1.93
N GLN A 46 13.31 -15.59 -2.01
CA GLN A 46 13.82 -16.50 -1.01
C GLN A 46 15.10 -17.14 -1.50
N ALA A 47 16.23 -16.62 -1.01
CA ALA A 47 17.54 -17.12 -1.42
C ALA A 47 17.76 -18.52 -0.87
N SER A 48 17.07 -18.82 0.23
CA SER A 48 17.09 -20.14 0.83
C SER A 48 15.77 -20.38 1.55
N ASN A 49 15.56 -21.60 2.01
CA ASN A 49 14.29 -21.99 2.59
C ASN A 49 14.17 -21.57 4.05
N GLN A 50 15.20 -20.90 4.56
CA GLN A 50 15.21 -20.45 5.95
C GLN A 50 14.43 -19.16 6.11
N ASP A 51 14.30 -18.41 5.03
CA ASP A 51 13.56 -17.15 5.05
C ASP A 51 12.06 -17.43 5.08
N SER A 52 11.28 -16.40 5.36
CA SER A 52 9.83 -16.54 5.46
C SER A 52 9.24 -16.79 4.06
N PRO A 53 8.19 -17.64 4.00
CA PRO A 53 7.56 -18.02 2.73
C PRO A 53 7.17 -16.81 1.87
N PRO A 54 7.36 -16.93 0.54
CA PRO A 54 7.06 -15.86 -0.41
C PRO A 54 5.56 -15.66 -0.61
N SER A 55 4.91 -15.13 0.39
CA SER A 55 3.49 -14.86 0.34
C SER A 55 3.21 -13.66 -0.55
N ILE A 56 2.13 -13.74 -1.33
CA ILE A 56 1.73 -12.67 -2.21
C ILE A 56 1.39 -11.39 -1.43
N PRO A 57 0.62 -11.46 -0.32
CA PRO A 57 0.34 -10.28 0.50
C PRO A 57 1.61 -9.70 1.14
N THR A 58 2.59 -10.58 1.33
CA THR A 58 3.88 -10.17 1.89
C THR A 58 4.64 -9.31 0.88
N ALA A 59 4.71 -9.78 -0.36
CA ALA A 59 5.35 -9.03 -1.43
C ALA A 59 4.56 -7.76 -1.72
N ARG A 60 3.24 -7.86 -1.61
CA ARG A 60 2.36 -6.72 -1.81
C ARG A 60 2.62 -5.65 -0.77
N LYS A 61 2.91 -6.07 0.45
CA LYS A 61 3.23 -5.14 1.52
C LYS A 61 4.53 -4.39 1.20
N ARG A 62 5.54 -5.13 0.74
CA ARG A 62 6.80 -4.52 0.33
C ARG A 62 6.58 -3.54 -0.81
N MET A 63 5.69 -3.91 -1.73
CA MET A 63 5.33 -3.04 -2.85
C MET A 63 4.72 -1.75 -2.33
N GLN A 64 3.87 -1.88 -1.32
CA GLN A 64 3.21 -0.73 -0.72
C GLN A 64 4.23 0.19 -0.04
N ILE A 65 5.13 -0.39 0.75
CA ILE A 65 6.16 0.38 1.44
C ILE A 65 7.08 1.08 0.44
N ASN A 66 7.39 0.37 -0.64
CA ASN A 66 8.21 0.92 -1.70
C ASN A 66 7.53 2.14 -2.31
N ALA A 67 6.21 2.05 -2.46
CA ALA A 67 5.43 3.16 -2.99
C ALA A 67 5.47 4.36 -2.05
N SER A 68 5.29 4.10 -0.75
CA SER A 68 5.29 5.16 0.25
C SER A 68 6.64 5.89 0.27
N LYS A 69 7.73 5.14 0.09
CA LYS A 69 9.07 5.72 0.08
C LYS A 69 9.30 6.52 -1.19
N MET A 70 8.48 6.25 -2.20
CA MET A 70 8.59 6.94 -3.49
C MET A 70 7.68 8.15 -3.54
N LYS A 71 7.21 8.58 -2.36
CA LYS A 71 6.34 9.76 -2.23
C LYS A 71 4.96 9.49 -2.80
N ALA A 72 4.61 8.22 -2.92
CA ALA A 72 3.28 7.83 -3.38
C ALA A 72 2.43 7.40 -2.21
N ASN A 73 1.11 7.34 -2.39
CA ASN A 73 0.21 6.93 -1.32
C ASN A 73 -0.85 5.97 -1.84
N ALA A 74 -0.60 5.42 -3.02
CA ALA A 74 -1.49 4.46 -3.64
C ALA A 74 -0.70 3.51 -4.52
N VAL A 75 -1.03 2.24 -4.50
CA VAL A 75 -0.35 1.27 -5.36
C VAL A 75 -1.34 0.45 -6.16
N LEU A 76 -1.33 0.66 -7.47
CA LEU A 76 -2.19 -0.09 -8.38
C LEU A 76 -1.56 -1.44 -8.70
N LEU A 77 -2.06 -2.49 -8.06
CA LEU A 77 -1.50 -3.82 -8.24
C LEU A 77 -1.68 -4.30 -9.67
N HIS A 78 -0.64 -4.89 -10.23
CA HIS A 78 -0.68 -5.41 -11.58
C HIS A 78 -0.33 -6.89 -11.62
N SER A 79 0.96 -7.19 -11.75
CA SER A 79 1.40 -8.56 -11.96
C SER A 79 2.13 -9.10 -10.72
N CYS A 80 1.54 -10.11 -10.09
CA CYS A 80 2.16 -10.76 -8.95
C CYS A 80 2.63 -12.16 -9.34
N GLU A 81 3.88 -12.26 -9.78
CA GLU A 81 4.43 -13.52 -10.26
C GLU A 81 5.31 -14.16 -9.19
N VAL A 82 4.92 -15.34 -8.75
CA VAL A 82 5.72 -16.09 -7.80
C VAL A 82 6.61 -17.10 -8.53
N THR A 83 7.80 -16.64 -8.88
CA THR A 83 8.76 -17.46 -9.59
C THR A 83 9.30 -18.58 -8.71
N SER A 84 9.51 -19.76 -9.29
CA SER A 84 10.04 -20.87 -8.53
C SER A 84 11.07 -21.65 -9.37
N GLY A 85 12.34 -21.52 -9.01
CA GLY A 85 13.38 -22.22 -9.73
C GLY A 85 14.52 -21.31 -10.14
N THR A 86 14.32 -20.00 -10.01
CA THR A 86 15.33 -19.02 -10.36
C THR A 86 16.60 -19.20 -9.52
N PRO A 87 17.77 -19.20 -10.17
CA PRO A 87 19.06 -19.35 -9.49
C PRO A 87 19.36 -18.19 -8.55
N GLY A 88 19.34 -18.46 -7.26
CA GLY A 88 19.58 -17.43 -6.27
C GLY A 88 18.32 -17.07 -5.52
N CYS A 89 17.18 -17.25 -6.18
CA CYS A 89 15.89 -17.01 -5.57
C CYS A 89 14.98 -18.20 -5.84
N TYR A 90 15.00 -19.17 -4.94
CA TYR A 90 14.19 -20.38 -5.08
C TYR A 90 12.74 -20.00 -5.37
N ARG A 91 12.21 -19.09 -4.57
CA ARG A 91 10.89 -18.53 -4.82
C ARG A 91 10.95 -17.02 -4.80
N GLN A 92 10.73 -16.41 -5.94
CA GLN A 92 10.79 -14.97 -6.06
C GLN A 92 9.41 -14.41 -6.37
N ALA A 93 8.70 -13.99 -5.34
CA ALA A 93 7.37 -13.44 -5.51
C ALA A 93 7.45 -11.95 -5.80
N VAL A 94 7.35 -11.60 -7.06
CA VAL A 94 7.44 -10.20 -7.48
C VAL A 94 6.06 -9.64 -7.76
N CYS A 95 5.61 -8.74 -6.89
CA CYS A 95 4.35 -8.05 -7.08
C CYS A 95 4.60 -6.64 -7.62
N ILE A 96 4.42 -6.47 -8.92
CA ILE A 96 4.67 -5.19 -9.56
C ILE A 96 3.37 -4.39 -9.66
N GLY A 97 3.44 -3.12 -9.27
CA GLY A 97 2.30 -2.25 -9.34
C GLY A 97 2.70 -0.80 -9.55
N SER A 98 1.76 0.01 -10.02
CA SER A 98 2.04 1.41 -10.28
C SER A 98 1.93 2.23 -9.01
N ALA A 99 2.96 2.99 -8.70
CA ALA A 99 2.96 3.86 -7.54
C ALA A 99 2.34 5.20 -7.91
N LEU A 100 1.14 5.45 -7.41
CA LEU A 100 0.42 6.67 -7.72
C LEU A 100 0.21 7.51 -6.47
N ASN A 101 -0.13 8.77 -6.68
CA ASN A 101 -0.51 9.65 -5.60
C ASN A 101 -1.99 9.98 -5.75
N ILE A 102 -2.66 10.23 -4.64
CA ILE A 102 -4.05 10.68 -4.70
C ILE A 102 -4.10 12.17 -4.44
N THR A 103 -4.55 12.92 -5.43
CA THR A 103 -4.55 14.37 -5.35
C THR A 103 -5.81 14.89 -4.70
N ALA A 104 -5.66 15.44 -3.50
CA ALA A 104 -6.77 16.02 -2.78
C ALA A 104 -6.62 17.53 -2.69
N LYS A 105 -5.41 18.01 -2.97
CA LYS A 105 -5.10 19.43 -2.91
C LYS A 105 -4.03 19.76 -3.94
N MET A 1 -26.64 34.17 45.27
CA MET A 1 -25.38 34.31 46.02
C MET A 1 -24.38 33.23 45.63
N ALA A 2 -24.86 32.18 44.96
CA ALA A 2 -24.00 31.08 44.56
C ALA A 2 -24.48 30.43 43.27
N PRO A 3 -24.17 31.06 42.12
CA PRO A 3 -24.48 30.47 40.81
C PRO A 3 -23.53 29.32 40.48
N GLN A 4 -23.99 28.41 39.66
CA GLN A 4 -23.19 27.25 39.26
C GLN A 4 -22.91 27.29 37.75
N PRO A 5 -21.73 27.76 37.35
CA PRO A 5 -21.30 27.74 35.95
C PRO A 5 -20.93 26.34 35.49
N LYS A 6 -21.31 26.00 34.27
CA LYS A 6 -21.03 24.68 33.72
C LYS A 6 -19.92 24.77 32.68
N ALA A 7 -18.71 24.42 33.08
CA ALA A 7 -17.55 24.50 32.19
C ALA A 7 -16.88 23.14 32.07
N GLU A 8 -16.47 22.80 30.86
CA GLU A 8 -15.83 21.52 30.59
C GLU A 8 -14.70 21.66 29.58
N PRO A 9 -13.45 21.49 30.03
CA PRO A 9 -12.30 21.47 29.14
C PRO A 9 -12.15 20.12 28.43
N ALA A 10 -12.58 20.06 27.19
CA ALA A 10 -12.52 18.83 26.41
C ALA A 10 -11.09 18.56 25.94
N LYS A 11 -10.81 17.30 25.65
CA LYS A 11 -9.49 16.89 25.19
C LYS A 11 -9.62 15.90 24.04
N PRO A 12 -9.02 16.23 22.89
CA PRO A 12 -9.10 15.39 21.70
C PRO A 12 -8.12 14.23 21.71
N LYS A 13 -8.25 13.34 20.73
CA LYS A 13 -7.36 12.21 20.59
C LYS A 13 -7.07 11.96 19.11
N ALA A 14 -5.84 11.58 18.81
CA ALA A 14 -5.45 11.35 17.43
C ALA A 14 -4.87 9.94 17.26
N PRO A 15 -5.60 9.07 16.54
CA PRO A 15 -5.15 7.71 16.26
C PRO A 15 -4.13 7.66 15.11
N ARG A 16 -4.40 6.83 14.11
CA ARG A 16 -3.55 6.72 12.94
C ARG A 16 -4.34 6.11 11.80
N ALA A 17 -3.83 6.25 10.58
CA ALA A 17 -4.48 5.70 9.41
C ALA A 17 -3.46 5.40 8.32
N THR A 18 -3.80 4.49 7.43
CA THR A 18 -2.93 4.13 6.32
C THR A 18 -3.14 5.09 5.13
N PRO A 19 -2.09 5.83 4.75
CA PRO A 19 -2.19 6.79 3.66
C PRO A 19 -2.20 6.14 2.28
N VAL A 20 -1.58 4.97 2.20
CA VAL A 20 -1.42 4.26 0.94
C VAL A 20 -2.54 3.22 0.77
N ARG A 21 -3.06 3.13 -0.45
CA ARG A 21 -4.10 2.17 -0.76
C ARG A 21 -3.67 1.28 -1.93
N ILE A 22 -3.94 0.00 -1.80
CA ILE A 22 -3.60 -0.95 -2.85
C ILE A 22 -4.78 -1.15 -3.78
N TYR A 23 -4.77 -0.43 -4.90
CA TYR A 23 -5.88 -0.45 -5.82
C TYR A 23 -5.67 -1.48 -6.91
N THR A 24 -6.71 -2.25 -7.20
CA THR A 24 -6.66 -3.22 -8.28
C THR A 24 -7.69 -2.86 -9.34
N ASN A 25 -8.26 -1.67 -9.18
CA ASN A 25 -9.25 -1.16 -10.13
C ASN A 25 -8.77 0.17 -10.73
N ALA A 26 -8.37 0.12 -11.99
CA ALA A 26 -7.93 1.33 -12.69
C ALA A 26 -9.11 2.25 -12.95
N GLU A 27 -10.30 1.65 -12.94
CA GLU A 27 -11.56 2.38 -13.08
C GLU A 27 -11.70 3.42 -11.96
N GLU A 28 -11.15 3.07 -10.80
CA GLU A 28 -11.19 3.96 -9.66
C GLU A 28 -10.19 5.11 -9.85
N LEU A 29 -9.05 4.78 -10.43
CA LEU A 29 -8.00 5.78 -10.67
C LEU A 29 -8.46 6.81 -11.69
N VAL A 30 -9.02 6.34 -12.80
CA VAL A 30 -9.49 7.23 -13.86
C VAL A 30 -10.77 7.95 -13.45
N GLY A 31 -11.23 7.67 -12.24
CA GLY A 31 -12.39 8.35 -11.71
C GLY A 31 -12.07 9.15 -10.48
N LYS A 32 -10.79 9.43 -10.28
CA LYS A 32 -10.34 10.17 -9.11
C LYS A 32 -9.13 11.03 -9.46
N PRO A 33 -8.89 12.11 -8.70
CA PRO A 33 -7.72 12.96 -8.88
C PRO A 33 -6.45 12.25 -8.42
N PHE A 34 -5.75 11.62 -9.34
CA PHE A 34 -4.53 10.90 -9.00
C PHE A 34 -3.35 11.41 -9.81
N ARG A 35 -2.24 11.58 -9.11
CA ARG A 35 -1.00 12.04 -9.70
C ARG A 35 -0.10 10.86 -9.99
N ASP A 36 0.03 10.50 -11.26
CA ASP A 36 0.82 9.34 -11.64
C ASP A 36 2.31 9.62 -11.47
N LEU A 37 3.03 8.61 -10.99
CA LEU A 37 4.47 8.73 -10.75
C LEU A 37 5.23 7.75 -11.62
N GLY A 38 4.94 6.47 -11.45
CA GLY A 38 5.62 5.44 -12.20
C GLY A 38 5.16 4.05 -11.81
N GLU A 39 6.08 3.12 -11.72
CA GLU A 39 5.75 1.75 -11.36
C GLU A 39 6.75 1.21 -10.34
N VAL A 40 6.23 0.67 -9.25
CA VAL A 40 7.07 0.09 -8.21
C VAL A 40 6.81 -1.41 -8.13
N SER A 41 7.82 -2.17 -7.73
CA SER A 41 7.69 -3.61 -7.66
C SER A 41 8.10 -4.15 -6.31
N GLY A 42 7.19 -4.89 -5.69
CA GLY A 42 7.49 -5.55 -4.44
C GLY A 42 7.97 -6.96 -4.68
N ASP A 43 9.27 -7.14 -4.57
CA ASP A 43 9.90 -8.41 -4.90
C ASP A 43 10.42 -9.07 -3.64
N SER A 44 9.93 -10.26 -3.38
CA SER A 44 10.36 -11.02 -2.24
C SER A 44 11.18 -12.21 -2.71
N CYS A 45 12.40 -11.94 -3.15
CA CYS A 45 13.34 -12.99 -3.48
C CYS A 45 14.01 -13.51 -2.22
N GLN A 46 13.59 -14.69 -1.80
CA GLN A 46 14.21 -15.35 -0.67
C GLN A 46 15.23 -16.35 -1.20
N ALA A 47 16.48 -16.16 -0.83
CA ALA A 47 17.55 -16.99 -1.32
C ALA A 47 17.68 -18.26 -0.49
N SER A 48 17.24 -18.18 0.75
CA SER A 48 17.34 -19.30 1.66
C SER A 48 16.03 -20.08 1.69
N ASN A 49 16.11 -21.35 2.08
CA ASN A 49 14.93 -22.22 2.12
C ASN A 49 14.15 -21.99 3.40
N GLN A 50 14.86 -21.69 4.48
CA GLN A 50 14.23 -21.51 5.78
C GLN A 50 13.88 -20.05 6.03
N ASP A 51 13.74 -19.28 4.96
CA ASP A 51 13.35 -17.89 5.09
C ASP A 51 11.83 -17.77 5.05
N SER A 52 11.32 -16.57 5.23
CA SER A 52 9.88 -16.34 5.20
C SER A 52 9.35 -16.56 3.78
N PRO A 53 8.21 -17.27 3.66
CA PRO A 53 7.63 -17.60 2.36
C PRO A 53 7.15 -16.36 1.60
N PRO A 54 7.63 -16.18 0.35
CA PRO A 54 7.21 -15.07 -0.50
C PRO A 54 5.77 -15.22 -0.98
N SER A 55 4.84 -14.89 -0.10
CA SER A 55 3.43 -14.96 -0.42
C SER A 55 2.98 -13.68 -1.12
N ILE A 56 1.77 -13.71 -1.67
CA ILE A 56 1.20 -12.54 -2.32
C ILE A 56 1.12 -11.34 -1.37
N PRO A 57 0.57 -11.51 -0.14
CA PRO A 57 0.53 -10.43 0.84
C PRO A 57 1.93 -9.97 1.24
N THR A 58 2.88 -10.89 1.18
CA THR A 58 4.26 -10.60 1.50
C THR A 58 4.87 -9.62 0.49
N ALA A 59 4.78 -9.99 -0.79
CA ALA A 59 5.28 -9.13 -1.86
C ALA A 59 4.48 -7.85 -1.95
N ARG A 60 3.18 -7.94 -1.64
CA ARG A 60 2.30 -6.78 -1.60
C ARG A 60 2.77 -5.79 -0.55
N LYS A 61 3.17 -6.30 0.61
CA LYS A 61 3.68 -5.46 1.69
C LYS A 61 4.96 -4.75 1.25
N ARG A 62 5.85 -5.49 0.62
CA ARG A 62 7.09 -4.94 0.10
C ARG A 62 6.80 -3.83 -0.91
N MET A 63 5.85 -4.10 -1.79
CA MET A 63 5.46 -3.16 -2.82
C MET A 63 4.86 -1.90 -2.20
N GLN A 64 4.06 -2.10 -1.16
CA GLN A 64 3.42 -1.00 -0.45
C GLN A 64 4.46 -0.08 0.17
N ILE A 65 5.43 -0.67 0.87
CA ILE A 65 6.49 0.10 1.51
C ILE A 65 7.37 0.77 0.46
N ASN A 66 7.55 0.11 -0.67
CA ASN A 66 8.29 0.68 -1.79
C ASN A 66 7.59 1.93 -2.30
N ALA A 67 6.27 1.83 -2.42
CA ALA A 67 5.45 2.94 -2.88
C ALA A 67 5.51 4.11 -1.89
N SER A 68 5.38 3.81 -0.60
CA SER A 68 5.36 4.85 0.42
C SER A 68 6.74 5.51 0.54
N LYS A 69 7.79 4.75 0.24
CA LYS A 69 9.15 5.30 0.21
C LYS A 69 9.30 6.25 -0.98
N MET A 70 8.50 6.03 -2.00
CA MET A 70 8.51 6.87 -3.20
C MET A 70 7.53 8.03 -3.04
N LYS A 71 6.99 8.17 -1.83
CA LYS A 71 6.04 9.21 -1.49
C LYS A 71 4.71 9.02 -2.22
N ALA A 72 4.43 7.78 -2.60
CA ALA A 72 3.15 7.45 -3.21
C ALA A 72 2.17 7.00 -2.12
N ASN A 73 0.89 6.99 -2.45
CA ASN A 73 -0.13 6.57 -1.49
C ASN A 73 -1.18 5.71 -2.20
N ALA A 74 -0.78 5.12 -3.31
CA ALA A 74 -1.63 4.23 -4.07
C ALA A 74 -0.77 3.31 -4.93
N VAL A 75 -1.12 2.04 -4.96
CA VAL A 75 -0.42 1.07 -5.79
C VAL A 75 -1.39 0.29 -6.64
N LEU A 76 -1.37 0.54 -7.93
CA LEU A 76 -2.24 -0.15 -8.88
C LEU A 76 -1.66 -1.53 -9.19
N LEU A 77 -2.11 -2.52 -8.44
CA LEU A 77 -1.61 -3.89 -8.56
C LEU A 77 -1.90 -4.45 -9.95
N HIS A 78 -0.86 -4.90 -10.63
CA HIS A 78 -1.00 -5.49 -11.96
C HIS A 78 -0.86 -7.00 -11.89
N SER A 79 0.31 -7.44 -11.49
CA SER A 79 0.60 -8.87 -11.45
C SER A 79 1.42 -9.24 -10.22
N CYS A 80 1.37 -10.50 -9.84
CA CYS A 80 2.15 -11.02 -8.72
C CYS A 80 2.75 -12.36 -9.10
N GLU A 81 3.83 -12.30 -9.86
CA GLU A 81 4.44 -13.51 -10.41
C GLU A 81 5.39 -14.14 -9.41
N VAL A 82 5.03 -15.33 -8.95
CA VAL A 82 5.88 -16.08 -8.04
C VAL A 82 6.78 -17.05 -8.81
N THR A 83 8.06 -16.76 -8.80
CA THR A 83 9.04 -17.61 -9.45
C THR A 83 9.52 -18.69 -8.49
N SER A 84 9.60 -19.92 -8.98
CA SER A 84 9.98 -21.06 -8.16
C SER A 84 11.17 -21.78 -8.75
N GLY A 85 12.17 -22.02 -7.91
CA GLY A 85 13.33 -22.79 -8.34
C GLY A 85 14.28 -21.99 -9.20
N THR A 86 14.72 -20.85 -8.68
CA THR A 86 15.67 -20.01 -9.39
C THR A 86 17.00 -19.95 -8.65
N PRO A 87 18.10 -20.31 -9.31
CA PRO A 87 19.44 -20.22 -8.72
C PRO A 87 19.75 -18.80 -8.24
N GLY A 88 19.79 -18.63 -6.92
CA GLY A 88 20.04 -17.32 -6.36
C GLY A 88 18.81 -16.76 -5.67
N CYS A 89 17.65 -17.14 -6.18
CA CYS A 89 16.38 -16.75 -5.60
C CYS A 89 15.52 -17.98 -5.43
N TYR A 90 15.63 -18.65 -4.29
CA TYR A 90 14.91 -19.89 -4.02
C TYR A 90 13.44 -19.74 -4.38
N ARG A 91 12.83 -18.67 -3.88
CA ARG A 91 11.49 -18.30 -4.31
C ARG A 91 11.39 -16.78 -4.38
N GLN A 92 11.00 -16.28 -5.54
CA GLN A 92 10.97 -14.85 -5.79
C GLN A 92 9.57 -14.40 -6.24
N ALA A 93 8.82 -13.80 -5.33
CA ALA A 93 7.49 -13.32 -5.66
C ALA A 93 7.53 -11.84 -6.01
N VAL A 94 7.25 -11.51 -7.25
CA VAL A 94 7.30 -10.12 -7.70
C VAL A 94 5.91 -9.58 -7.96
N CYS A 95 5.45 -8.71 -7.08
CA CYS A 95 4.18 -8.01 -7.27
C CYS A 95 4.44 -6.64 -7.86
N ILE A 96 4.07 -6.46 -9.12
CA ILE A 96 4.31 -5.21 -9.82
C ILE A 96 3.04 -4.37 -9.85
N GLY A 97 3.17 -3.12 -9.43
CA GLY A 97 2.04 -2.20 -9.42
C GLY A 97 2.47 -0.76 -9.63
N SER A 98 1.57 0.05 -10.19
CA SER A 98 1.88 1.43 -10.48
C SER A 98 1.84 2.29 -9.22
N ALA A 99 2.87 3.11 -9.04
CA ALA A 99 2.93 4.01 -7.90
C ALA A 99 2.21 5.31 -8.23
N LEU A 100 1.05 5.50 -7.60
CA LEU A 100 0.24 6.69 -7.82
C LEU A 100 0.19 7.51 -6.54
N ASN A 101 0.04 8.82 -6.69
CA ASN A 101 -0.11 9.71 -5.54
C ASN A 101 -1.43 10.45 -5.65
N ILE A 102 -2.43 9.97 -4.93
CA ILE A 102 -3.74 10.58 -4.93
C ILE A 102 -3.66 12.03 -4.43
N THR A 103 -4.20 12.93 -5.22
CA THR A 103 -4.18 14.34 -4.88
C THR A 103 -5.57 14.78 -4.43
N ALA A 104 -5.63 15.53 -3.33
CA ALA A 104 -6.90 15.92 -2.73
C ALA A 104 -7.50 17.13 -3.42
N LYS A 105 -6.83 17.59 -4.49
CA LYS A 105 -7.27 18.74 -5.24
C LYS A 105 -6.72 18.69 -6.65
N MET A 1 -32.40 28.94 38.63
CA MET A 1 -32.96 30.22 39.16
C MET A 1 -32.42 31.41 38.39
N ALA A 2 -31.21 31.27 37.85
CA ALA A 2 -30.59 32.33 37.08
C ALA A 2 -30.16 31.81 35.71
N PRO A 3 -30.42 32.59 34.64
CA PRO A 3 -30.02 32.22 33.28
C PRO A 3 -28.51 32.07 33.13
N GLN A 4 -28.08 30.97 32.54
CA GLN A 4 -26.68 30.71 32.32
C GLN A 4 -26.39 30.48 30.84
N PRO A 5 -26.17 31.57 30.08
CA PRO A 5 -25.89 31.51 28.65
C PRO A 5 -24.43 31.19 28.36
N LYS A 6 -23.96 30.06 28.88
CA LYS A 6 -22.58 29.63 28.65
C LYS A 6 -22.53 28.82 27.35
N ALA A 7 -21.38 28.85 26.70
CA ALA A 7 -21.23 28.15 25.43
C ALA A 7 -20.12 27.12 25.50
N GLU A 8 -20.39 25.94 24.96
CA GLU A 8 -19.41 24.87 24.92
C GLU A 8 -19.27 24.33 23.49
N PRO A 9 -18.66 25.12 22.59
CA PRO A 9 -18.51 24.76 21.18
C PRO A 9 -17.30 23.87 20.93
N ALA A 10 -17.43 22.93 20.01
CA ALA A 10 -16.35 22.05 19.65
C ALA A 10 -16.18 22.01 18.14
N LYS A 11 -15.05 21.48 17.67
CA LYS A 11 -14.79 21.38 16.25
C LYS A 11 -14.48 19.94 15.85
N PRO A 12 -15.42 19.28 15.16
CA PRO A 12 -15.25 17.90 14.70
C PRO A 12 -14.15 17.78 13.65
N LYS A 13 -13.10 17.04 13.99
CA LYS A 13 -11.96 16.87 13.10
C LYS A 13 -12.10 15.58 12.30
N ALA A 14 -11.73 15.64 11.02
CA ALA A 14 -11.78 14.47 10.16
C ALA A 14 -10.38 13.98 9.83
N PRO A 15 -10.01 12.80 10.34
CA PRO A 15 -8.71 12.19 10.09
C PRO A 15 -8.73 11.31 8.85
N ARG A 16 -7.56 10.77 8.49
CA ARG A 16 -7.46 9.85 7.37
C ARG A 16 -6.75 8.58 7.83
N ALA A 17 -7.22 7.44 7.38
CA ALA A 17 -6.68 6.16 7.81
C ALA A 17 -6.03 5.42 6.66
N THR A 18 -4.89 4.79 6.94
CA THR A 18 -4.12 4.02 5.95
C THR A 18 -3.50 4.93 4.90
N PRO A 19 -2.16 5.03 4.87
CA PRO A 19 -1.45 5.87 3.91
C PRO A 19 -1.57 5.32 2.50
N VAL A 20 -0.94 4.18 2.26
CA VAL A 20 -0.93 3.57 0.95
C VAL A 20 -2.09 2.58 0.78
N ARG A 21 -2.89 2.80 -0.24
CA ARG A 21 -4.02 1.92 -0.54
C ARG A 21 -3.72 1.09 -1.79
N ILE A 22 -3.89 -0.22 -1.70
CA ILE A 22 -3.65 -1.09 -2.83
C ILE A 22 -4.89 -1.16 -3.71
N TYR A 23 -4.71 -0.87 -4.99
CA TYR A 23 -5.78 -0.90 -5.95
C TYR A 23 -5.58 -2.07 -6.90
N THR A 24 -6.66 -2.53 -7.51
CA THR A 24 -6.58 -3.62 -8.47
C THR A 24 -7.54 -3.37 -9.63
N ASN A 25 -7.68 -2.09 -9.99
CA ASN A 25 -8.57 -1.69 -11.07
C ASN A 25 -8.11 -0.37 -11.65
N ALA A 26 -7.51 -0.44 -12.83
CA ALA A 26 -6.96 0.75 -13.49
C ALA A 26 -8.05 1.75 -13.82
N GLU A 27 -9.24 1.26 -14.13
CA GLU A 27 -10.37 2.12 -14.51
C GLU A 27 -10.78 3.02 -13.35
N GLU A 28 -10.54 2.58 -12.13
CA GLU A 28 -10.89 3.37 -10.95
C GLU A 28 -9.93 4.54 -10.78
N LEU A 29 -8.66 4.28 -11.07
CA LEU A 29 -7.62 5.30 -10.90
C LEU A 29 -7.86 6.47 -11.86
N VAL A 30 -8.09 6.15 -13.13
CA VAL A 30 -8.29 7.19 -14.14
C VAL A 30 -9.65 7.86 -13.98
N GLY A 31 -10.46 7.35 -13.07
CA GLY A 31 -11.75 7.95 -12.80
C GLY A 31 -11.72 8.78 -11.53
N LYS A 32 -10.56 8.86 -10.90
CA LYS A 32 -10.41 9.59 -9.66
C LYS A 32 -9.21 10.55 -9.75
N PRO A 33 -9.16 11.56 -8.87
CA PRO A 33 -8.03 12.49 -8.79
C PRO A 33 -6.76 11.79 -8.32
N PHE A 34 -6.01 11.23 -9.26
CA PHE A 34 -4.76 10.56 -8.95
C PHE A 34 -3.62 11.21 -9.72
N ARG A 35 -2.40 10.84 -9.38
CA ARG A 35 -1.23 11.38 -10.01
C ARG A 35 -0.19 10.28 -10.21
N ASP A 36 0.30 10.14 -11.44
CA ASP A 36 1.32 9.15 -11.73
C ASP A 36 2.67 9.59 -11.17
N LEU A 37 3.30 8.70 -10.42
CA LEU A 37 4.61 8.97 -9.85
C LEU A 37 5.65 8.11 -10.54
N GLY A 38 5.47 6.81 -10.41
CA GLY A 38 6.38 5.86 -11.02
C GLY A 38 5.87 4.45 -10.87
N GLU A 39 6.75 3.49 -11.05
CA GLU A 39 6.39 2.09 -10.91
C GLU A 39 7.27 1.42 -9.86
N VAL A 40 6.66 0.67 -8.97
CA VAL A 40 7.39 -0.03 -7.92
C VAL A 40 6.90 -1.47 -7.80
N SER A 41 7.77 -2.36 -7.37
CA SER A 41 7.40 -3.76 -7.25
C SER A 41 7.82 -4.31 -5.90
N GLY A 42 6.90 -4.97 -5.24
CA GLY A 42 7.19 -5.63 -3.99
C GLY A 42 7.74 -7.01 -4.22
N ASP A 43 9.06 -7.13 -4.16
CA ASP A 43 9.71 -8.40 -4.43
C ASP A 43 10.13 -9.07 -3.14
N SER A 44 9.77 -10.33 -3.01
CA SER A 44 10.16 -11.13 -1.86
C SER A 44 10.93 -12.35 -2.33
N CYS A 45 12.25 -12.26 -2.31
CA CYS A 45 13.10 -13.35 -2.77
C CYS A 45 13.72 -14.09 -1.60
N GLN A 46 13.67 -15.41 -1.66
CA GLN A 46 14.37 -16.25 -0.69
C GLN A 46 15.52 -16.96 -1.38
N ALA A 47 16.74 -16.75 -0.89
CA ALA A 47 17.91 -17.42 -1.44
C ALA A 47 17.83 -18.92 -1.18
N SER A 48 17.32 -19.27 -0.02
CA SER A 48 17.10 -20.65 0.37
C SER A 48 15.95 -20.72 1.37
N ASN A 49 15.74 -21.88 1.97
CA ASN A 49 14.70 -22.04 2.98
C ASN A 49 15.09 -21.30 4.26
N GLN A 50 16.38 -21.03 4.41
CA GLN A 50 16.87 -20.29 5.58
C GLN A 50 16.67 -18.79 5.39
N ASP A 51 16.01 -18.41 4.30
CA ASP A 51 15.71 -17.01 4.04
C ASP A 51 14.22 -16.76 4.26
N SER A 52 13.79 -15.52 4.07
CA SER A 52 12.40 -15.14 4.29
C SER A 52 11.50 -15.70 3.19
N PRO A 53 10.38 -16.34 3.58
CA PRO A 53 9.45 -16.96 2.65
C PRO A 53 8.56 -15.93 1.96
N PRO A 54 8.46 -16.01 0.62
CA PRO A 54 7.64 -15.08 -0.15
C PRO A 54 6.16 -15.45 -0.16
N SER A 55 5.31 -14.44 -0.34
CA SER A 55 3.88 -14.63 -0.40
C SER A 55 3.24 -13.40 -1.04
N ILE A 56 1.99 -13.53 -1.47
CA ILE A 56 1.29 -12.43 -2.14
C ILE A 56 1.07 -11.23 -1.21
N PRO A 57 0.47 -11.42 0.00
CA PRO A 57 0.26 -10.32 0.94
C PRO A 57 1.58 -9.71 1.41
N THR A 58 2.60 -10.55 1.46
CA THR A 58 3.93 -10.12 1.86
C THR A 58 4.57 -9.22 0.81
N ALA A 59 4.55 -9.67 -0.44
CA ALA A 59 5.07 -8.89 -1.56
C ALA A 59 4.27 -7.60 -1.72
N ARG A 60 2.96 -7.69 -1.49
CA ARG A 60 2.09 -6.53 -1.58
C ARG A 60 2.40 -5.54 -0.46
N LYS A 61 2.82 -6.04 0.68
CA LYS A 61 3.20 -5.19 1.80
C LYS A 61 4.52 -4.51 1.50
N ARG A 62 5.45 -5.25 0.90
CA ARG A 62 6.72 -4.70 0.48
C ARG A 62 6.50 -3.61 -0.56
N MET A 63 5.56 -3.86 -1.47
CA MET A 63 5.16 -2.91 -2.49
C MET A 63 4.55 -1.67 -1.85
N GLN A 64 3.79 -1.89 -0.78
CA GLN A 64 3.16 -0.80 -0.04
C GLN A 64 4.21 0.14 0.54
N ILE A 65 5.15 -0.42 1.30
CA ILE A 65 6.21 0.36 1.91
C ILE A 65 7.07 1.05 0.85
N ASN A 66 7.32 0.33 -0.24
CA ASN A 66 8.09 0.87 -1.36
C ASN A 66 7.41 2.10 -1.95
N ALA A 67 6.12 1.96 -2.22
CA ALA A 67 5.33 3.05 -2.78
C ALA A 67 5.30 4.24 -1.83
N SER A 68 5.01 3.98 -0.56
CA SER A 68 4.88 5.06 0.42
C SER A 68 6.22 5.76 0.68
N LYS A 69 7.32 5.03 0.60
CA LYS A 69 8.64 5.63 0.76
C LYS A 69 8.98 6.48 -0.47
N MET A 70 8.24 6.24 -1.55
CA MET A 70 8.39 7.03 -2.77
C MET A 70 7.43 8.22 -2.74
N LYS A 71 6.76 8.39 -1.60
CA LYS A 71 5.78 9.46 -1.40
C LYS A 71 4.50 9.18 -2.19
N ALA A 72 4.22 7.91 -2.42
CA ALA A 72 2.98 7.49 -3.06
C ALA A 72 2.05 6.88 -2.02
N ASN A 73 0.75 7.02 -2.23
CA ASN A 73 -0.24 6.51 -1.28
C ASN A 73 -1.23 5.58 -1.96
N ALA A 74 -0.85 5.07 -3.12
CA ALA A 74 -1.66 4.12 -3.86
C ALA A 74 -0.79 3.24 -4.74
N VAL A 75 -1.17 1.98 -4.87
CA VAL A 75 -0.45 1.05 -5.74
C VAL A 75 -1.41 0.31 -6.65
N LEU A 76 -1.37 0.65 -7.93
CA LEU A 76 -2.20 -0.02 -8.92
C LEU A 76 -1.59 -1.36 -9.27
N LEU A 77 -2.07 -2.41 -8.62
CA LEU A 77 -1.55 -3.76 -8.85
C LEU A 77 -1.83 -4.19 -10.28
N HIS A 78 -0.81 -4.73 -10.93
CA HIS A 78 -0.96 -5.24 -12.29
C HIS A 78 -0.87 -6.76 -12.28
N SER A 79 0.15 -7.28 -11.59
CA SER A 79 0.31 -8.72 -11.46
C SER A 79 1.22 -9.08 -10.30
N CYS A 80 0.77 -9.97 -9.45
CA CYS A 80 1.61 -10.52 -8.40
C CYS A 80 2.18 -11.86 -8.86
N GLU A 81 3.29 -11.81 -9.57
CA GLU A 81 3.90 -13.00 -10.13
C GLU A 81 4.84 -13.64 -9.12
N VAL A 82 4.58 -14.88 -8.80
CA VAL A 82 5.42 -15.60 -7.86
C VAL A 82 6.23 -16.69 -8.57
N THR A 83 7.51 -16.44 -8.73
CA THR A 83 8.40 -17.39 -9.37
C THR A 83 8.71 -18.55 -8.41
N SER A 84 8.18 -19.72 -8.72
CA SER A 84 8.36 -20.87 -7.86
C SER A 84 9.35 -21.87 -8.46
N GLY A 85 10.63 -21.58 -8.33
CA GLY A 85 11.66 -22.49 -8.80
C GLY A 85 12.71 -21.80 -9.63
N THR A 86 13.34 -20.79 -9.05
CA THR A 86 14.35 -20.02 -9.75
C THR A 86 15.72 -20.17 -9.09
N PRO A 87 16.78 -20.30 -9.91
CA PRO A 87 18.16 -20.34 -9.41
C PRO A 87 18.61 -18.97 -8.89
N GLY A 88 18.96 -18.92 -7.63
CA GLY A 88 19.34 -17.66 -7.01
C GLY A 88 18.28 -17.17 -6.05
N CYS A 89 17.05 -17.17 -6.54
CA CYS A 89 15.89 -16.87 -5.73
C CYS A 89 14.90 -18.02 -5.85
N TYR A 90 15.05 -19.01 -4.97
CA TYR A 90 14.23 -20.22 -5.02
C TYR A 90 12.76 -19.89 -5.26
N ARG A 91 12.25 -19.00 -4.44
CA ARG A 91 10.91 -18.48 -4.63
C ARG A 91 10.95 -16.97 -4.55
N GLN A 92 10.51 -16.31 -5.60
CA GLN A 92 10.54 -14.86 -5.65
C GLN A 92 9.18 -14.31 -6.03
N ALA A 93 8.51 -13.72 -5.05
CA ALA A 93 7.20 -13.14 -5.28
C ALA A 93 7.32 -11.66 -5.59
N VAL A 94 7.16 -11.32 -6.87
CA VAL A 94 7.28 -9.95 -7.31
C VAL A 94 5.92 -9.37 -7.67
N CYS A 95 5.36 -8.59 -6.77
CA CYS A 95 4.10 -7.92 -7.04
C CYS A 95 4.37 -6.59 -7.75
N ILE A 96 4.02 -6.51 -9.02
CA ILE A 96 4.28 -5.32 -9.80
C ILE A 96 3.05 -4.42 -9.84
N GLY A 97 3.25 -3.16 -9.50
CA GLY A 97 2.17 -2.19 -9.53
C GLY A 97 2.66 -0.78 -9.76
N SER A 98 1.75 0.13 -10.05
CA SER A 98 2.12 1.51 -10.28
C SER A 98 1.94 2.35 -9.02
N ALA A 99 2.95 3.13 -8.69
CA ALA A 99 2.91 3.97 -7.50
C ALA A 99 2.26 5.31 -7.83
N LEU A 100 1.06 5.51 -7.29
CA LEU A 100 0.27 6.70 -7.59
C LEU A 100 0.08 7.56 -6.33
N ASN A 101 -0.16 8.84 -6.54
CA ASN A 101 -0.49 9.74 -5.46
C ASN A 101 -1.93 10.23 -5.64
N ILE A 102 -2.81 9.84 -4.75
CA ILE A 102 -4.18 10.31 -4.79
C ILE A 102 -4.21 11.78 -4.36
N THR A 103 -4.30 12.65 -5.33
CA THR A 103 -4.24 14.09 -5.09
C THR A 103 -5.58 14.60 -4.57
N ALA A 104 -5.74 14.56 -3.25
CA ALA A 104 -6.98 14.94 -2.62
C ALA A 104 -6.83 16.23 -1.81
N LYS A 105 -5.86 16.23 -0.90
CA LYS A 105 -5.58 17.39 -0.04
C LYS A 105 -6.79 17.73 0.84
N MET A 1 -38.75 26.85 41.65
CA MET A 1 -38.25 28.14 41.13
C MET A 1 -37.69 27.96 39.73
N ALA A 2 -36.62 27.19 39.61
CA ALA A 2 -35.97 26.97 38.33
C ALA A 2 -35.16 25.68 38.34
N PRO A 3 -35.32 24.83 37.33
CA PRO A 3 -34.58 23.58 37.19
C PRO A 3 -33.22 23.79 36.53
N GLN A 4 -32.65 22.71 36.00
CA GLN A 4 -31.37 22.81 35.31
C GLN A 4 -31.50 22.45 33.83
N PRO A 5 -31.49 23.46 32.96
CA PRO A 5 -31.43 23.27 31.52
C PRO A 5 -30.01 22.93 31.07
N LYS A 6 -29.70 21.64 31.08
CA LYS A 6 -28.34 21.19 30.83
C LYS A 6 -28.17 20.71 29.40
N ALA A 7 -27.25 21.33 28.69
CA ALA A 7 -26.87 20.89 27.36
C ALA A 7 -25.49 20.26 27.39
N GLU A 8 -25.42 18.97 27.15
CA GLU A 8 -24.16 18.24 27.21
C GLU A 8 -23.93 17.43 25.95
N PRO A 9 -23.62 18.11 24.83
CA PRO A 9 -23.37 17.46 23.55
C PRO A 9 -22.01 16.80 23.48
N ALA A 10 -21.92 15.72 22.74
CA ALA A 10 -20.67 14.99 22.59
C ALA A 10 -20.46 14.57 21.15
N LYS A 11 -19.33 14.98 20.57
CA LYS A 11 -19.00 14.63 19.20
C LYS A 11 -17.55 14.18 19.09
N PRO A 12 -17.32 12.97 18.54
CA PRO A 12 -15.98 12.42 18.36
C PRO A 12 -15.36 12.82 17.03
N LYS A 13 -14.09 12.47 16.85
CA LYS A 13 -13.38 12.76 15.62
C LYS A 13 -13.07 11.47 14.86
N ALA A 14 -12.87 11.58 13.56
CA ALA A 14 -12.55 10.42 12.73
C ALA A 14 -11.31 10.68 11.89
N PRO A 15 -10.16 10.14 12.31
CA PRO A 15 -8.90 10.29 11.59
C PRO A 15 -8.71 9.20 10.53
N ARG A 16 -7.67 9.35 9.72
CA ARG A 16 -7.35 8.37 8.68
C ARG A 16 -6.22 7.47 9.13
N ALA A 17 -6.21 6.23 8.64
CA ALA A 17 -5.22 5.26 9.05
C ALA A 17 -4.26 4.91 7.91
N THR A 18 -4.77 4.23 6.90
CA THR A 18 -3.95 3.78 5.78
C THR A 18 -3.31 4.94 5.02
N PRO A 19 -1.98 5.06 5.08
CA PRO A 19 -1.26 6.12 4.38
C PRO A 19 -1.11 5.84 2.89
N VAL A 20 -0.99 4.55 2.56
CA VAL A 20 -0.84 4.12 1.19
C VAL A 20 -1.76 2.93 0.94
N ARG A 21 -2.56 3.02 -0.11
CA ARG A 21 -3.56 2.02 -0.40
C ARG A 21 -3.16 1.16 -1.59
N ILE A 22 -3.77 -0.01 -1.69
CA ILE A 22 -3.54 -0.90 -2.81
C ILE A 22 -4.82 -1.05 -3.62
N TYR A 23 -4.70 -0.96 -4.94
CA TYR A 23 -5.87 -1.00 -5.81
C TYR A 23 -5.61 -1.91 -7.00
N THR A 24 -6.60 -2.73 -7.35
CA THR A 24 -6.50 -3.56 -8.54
C THR A 24 -7.48 -3.10 -9.61
N ASN A 25 -8.15 -1.99 -9.34
CA ASN A 25 -9.15 -1.46 -10.25
C ASN A 25 -8.68 -0.15 -10.88
N ALA A 26 -8.16 -0.24 -12.09
CA ALA A 26 -7.66 0.93 -12.81
C ALA A 26 -8.81 1.86 -13.17
N GLU A 27 -10.01 1.30 -13.26
CA GLU A 27 -11.20 2.07 -13.58
C GLU A 27 -11.47 3.13 -12.52
N GLU A 28 -11.14 2.78 -11.27
CA GLU A 28 -11.32 3.71 -10.17
C GLU A 28 -10.34 4.86 -10.31
N LEU A 29 -9.13 4.54 -10.75
CA LEU A 29 -8.09 5.54 -10.89
C LEU A 29 -8.43 6.52 -12.02
N VAL A 30 -8.80 5.99 -13.17
CA VAL A 30 -9.11 6.83 -14.34
C VAL A 30 -10.41 7.62 -14.13
N GLY A 31 -11.09 7.36 -13.03
CA GLY A 31 -12.31 8.08 -12.73
C GLY A 31 -12.12 9.04 -11.57
N LYS A 32 -10.87 9.26 -11.17
CA LYS A 32 -10.58 10.08 -10.02
C LYS A 32 -9.34 10.96 -10.25
N PRO A 33 -9.23 12.06 -9.50
CA PRO A 33 -8.05 12.95 -9.57
C PRO A 33 -6.82 12.32 -8.94
N PHE A 34 -6.21 11.40 -9.67
CA PHE A 34 -4.99 10.75 -9.23
C PHE A 34 -3.79 11.34 -9.97
N ARG A 35 -2.65 11.39 -9.30
CA ARG A 35 -1.45 11.94 -9.89
C ARG A 35 -0.40 10.85 -10.10
N ASP A 36 -0.16 10.52 -11.36
CA ASP A 36 0.82 9.49 -11.69
C ASP A 36 2.23 9.93 -11.30
N LEU A 37 2.92 9.06 -10.57
CA LEU A 37 4.30 9.33 -10.17
C LEU A 37 5.24 8.43 -10.95
N GLY A 38 5.00 7.14 -10.85
CA GLY A 38 5.84 6.17 -11.54
C GLY A 38 5.37 4.76 -11.32
N GLU A 39 6.30 3.83 -11.18
CA GLU A 39 5.99 2.43 -10.97
C GLU A 39 6.96 1.83 -9.96
N VAL A 40 6.45 0.96 -9.09
CA VAL A 40 7.29 0.33 -8.09
C VAL A 40 6.90 -1.14 -7.93
N SER A 41 7.82 -1.96 -7.42
CA SER A 41 7.55 -3.37 -7.24
C SER A 41 7.94 -3.84 -5.85
N GLY A 42 7.20 -4.81 -5.35
CA GLY A 42 7.55 -5.46 -4.12
C GLY A 42 8.01 -6.88 -4.38
N ASP A 43 9.31 -7.07 -4.38
CA ASP A 43 9.88 -8.36 -4.74
C ASP A 43 10.42 -9.05 -3.51
N SER A 44 10.06 -10.30 -3.35
CA SER A 44 10.48 -11.09 -2.22
C SER A 44 11.22 -12.34 -2.69
N CYS A 45 12.45 -12.15 -3.17
CA CYS A 45 13.30 -13.26 -3.50
C CYS A 45 13.96 -13.78 -2.23
N GLN A 46 13.74 -15.05 -1.93
CA GLN A 46 14.35 -15.68 -0.77
C GLN A 46 15.52 -16.53 -1.20
N ALA A 47 16.47 -16.73 -0.31
CA ALA A 47 17.69 -17.44 -0.66
C ALA A 47 17.46 -18.95 -0.80
N SER A 48 17.21 -19.60 0.33
CA SER A 48 17.08 -21.05 0.34
C SER A 48 15.73 -21.48 0.92
N ASN A 49 15.51 -22.78 1.00
CA ASN A 49 14.28 -23.33 1.58
C ASN A 49 14.23 -23.06 3.09
N GLN A 50 15.38 -22.77 3.69
CA GLN A 50 15.45 -22.44 5.11
C GLN A 50 15.15 -20.96 5.33
N ASP A 51 14.94 -20.24 4.23
CA ASP A 51 14.55 -18.83 4.29
C ASP A 51 13.03 -18.74 4.39
N SER A 52 12.54 -17.61 4.84
CA SER A 52 11.10 -17.41 5.02
C SER A 52 10.37 -17.52 3.69
N PRO A 53 9.20 -18.19 3.69
CA PRO A 53 8.40 -18.38 2.48
C PRO A 53 7.78 -17.05 2.02
N PRO A 54 8.04 -16.66 0.77
CA PRO A 54 7.55 -15.38 0.24
C PRO A 54 6.06 -15.39 -0.05
N SER A 55 5.33 -14.61 0.73
CA SER A 55 3.89 -14.51 0.57
C SER A 55 3.53 -13.35 -0.35
N ILE A 56 2.41 -13.48 -1.05
CA ILE A 56 1.95 -12.42 -1.95
C ILE A 56 1.62 -11.12 -1.19
N PRO A 57 0.85 -11.18 -0.07
CA PRO A 57 0.58 -9.99 0.75
C PRO A 57 1.85 -9.41 1.33
N THR A 58 2.86 -10.25 1.50
CA THR A 58 4.16 -9.81 1.98
C THR A 58 4.90 -9.01 0.91
N ALA A 59 4.90 -9.53 -0.31
CA ALA A 59 5.42 -8.80 -1.47
C ALA A 59 4.65 -7.49 -1.64
N ARG A 60 3.35 -7.57 -1.39
CA ARG A 60 2.47 -6.41 -1.45
C ARG A 60 2.90 -5.37 -0.41
N LYS A 61 3.32 -5.85 0.76
CA LYS A 61 3.79 -4.96 1.82
C LYS A 61 5.07 -4.25 1.39
N ARG A 62 6.01 -5.02 0.82
CA ARG A 62 7.25 -4.44 0.31
C ARG A 62 6.95 -3.38 -0.74
N MET A 63 6.03 -3.71 -1.64
CA MET A 63 5.60 -2.79 -2.69
C MET A 63 4.96 -1.54 -2.09
N GLN A 64 4.19 -1.74 -1.03
CA GLN A 64 3.52 -0.67 -0.33
C GLN A 64 4.53 0.32 0.26
N ILE A 65 5.55 -0.23 0.92
CA ILE A 65 6.60 0.60 1.51
C ILE A 65 7.42 1.30 0.42
N ASN A 66 7.69 0.59 -0.65
CA ASN A 66 8.45 1.13 -1.77
C ASN A 66 7.68 2.29 -2.41
N ALA A 67 6.37 2.16 -2.48
CA ALA A 67 5.52 3.21 -3.02
C ALA A 67 5.44 4.40 -2.07
N SER A 68 5.31 4.12 -0.77
CA SER A 68 5.13 5.17 0.22
C SER A 68 6.42 5.99 0.39
N LYS A 69 7.56 5.35 0.23
CA LYS A 69 8.84 6.06 0.31
C LYS A 69 9.07 6.88 -0.95
N MET A 70 8.27 6.60 -1.98
CA MET A 70 8.27 7.40 -3.20
C MET A 70 7.27 8.54 -3.07
N LYS A 71 6.63 8.61 -1.91
CA LYS A 71 5.62 9.61 -1.58
C LYS A 71 4.33 9.36 -2.36
N ALA A 72 4.09 8.11 -2.69
CA ALA A 72 2.83 7.69 -3.30
C ALA A 72 1.91 7.09 -2.24
N ASN A 73 0.61 7.17 -2.46
CA ASN A 73 -0.35 6.69 -1.48
C ASN A 73 -1.34 5.71 -2.12
N ALA A 74 -0.96 5.15 -3.26
CA ALA A 74 -1.78 4.19 -3.96
C ALA A 74 -0.93 3.37 -4.92
N VAL A 75 -1.07 2.06 -4.87
CA VAL A 75 -0.35 1.18 -5.78
C VAL A 75 -1.33 0.38 -6.62
N LEU A 76 -1.29 0.60 -7.92
CA LEU A 76 -2.14 -0.11 -8.85
C LEU A 76 -1.51 -1.45 -9.23
N LEU A 77 -1.99 -2.51 -8.61
CA LEU A 77 -1.46 -3.85 -8.80
C LEU A 77 -1.63 -4.30 -10.25
N HIS A 78 -0.56 -4.80 -10.83
CA HIS A 78 -0.58 -5.25 -12.22
C HIS A 78 -0.18 -6.71 -12.31
N SER A 79 1.01 -7.03 -11.81
CA SER A 79 1.56 -8.37 -11.97
C SER A 79 2.15 -8.87 -10.66
N CYS A 80 1.52 -9.87 -10.06
CA CYS A 80 2.04 -10.49 -8.86
C CYS A 80 2.55 -11.90 -9.18
N GLU A 81 3.75 -11.96 -9.75
CA GLU A 81 4.30 -13.22 -10.20
C GLU A 81 5.08 -13.90 -9.09
N VAL A 82 4.83 -15.19 -8.92
CA VAL A 82 5.53 -15.97 -7.91
C VAL A 82 6.26 -17.14 -8.57
N THR A 83 7.58 -17.05 -8.64
CA THR A 83 8.37 -18.07 -9.29
C THR A 83 9.13 -18.90 -8.27
N SER A 84 8.86 -20.19 -8.24
CA SER A 84 9.58 -21.12 -7.39
C SER A 84 10.55 -21.94 -8.22
N GLY A 85 11.78 -22.07 -7.74
CA GLY A 85 12.77 -22.79 -8.49
C GLY A 85 13.60 -21.88 -9.37
N THR A 86 14.32 -20.96 -8.74
CA THR A 86 15.21 -20.07 -9.46
C THR A 86 16.60 -20.13 -8.85
N PRO A 87 17.65 -20.29 -9.68
CA PRO A 87 19.04 -20.34 -9.21
C PRO A 87 19.45 -19.06 -8.49
N GLY A 88 19.38 -19.10 -7.17
CA GLY A 88 19.70 -17.92 -6.38
C GLY A 88 18.56 -17.52 -5.49
N CYS A 89 17.34 -17.70 -5.99
CA CYS A 89 16.13 -17.40 -5.23
C CYS A 89 15.23 -18.62 -5.20
N TYR A 90 15.17 -19.25 -4.04
CA TYR A 90 14.32 -20.40 -3.80
C TYR A 90 12.90 -20.12 -4.31
N ARG A 91 12.37 -18.98 -3.91
CA ARG A 91 11.11 -18.49 -4.44
C ARG A 91 11.14 -16.97 -4.48
N GLN A 92 10.62 -16.41 -5.55
CA GLN A 92 10.60 -14.97 -5.73
C GLN A 92 9.18 -14.50 -6.01
N ALA A 93 8.63 -13.70 -5.11
CA ALA A 93 7.30 -13.15 -5.30
C ALA A 93 7.38 -11.65 -5.58
N VAL A 94 7.17 -11.28 -6.84
CA VAL A 94 7.29 -9.90 -7.26
C VAL A 94 5.93 -9.32 -7.63
N CYS A 95 5.47 -8.36 -6.83
CA CYS A 95 4.23 -7.67 -7.13
C CYS A 95 4.51 -6.27 -7.67
N ILE A 96 4.34 -6.10 -8.97
CA ILE A 96 4.61 -4.82 -9.62
C ILE A 96 3.32 -4.02 -9.77
N GLY A 97 3.40 -2.72 -9.48
CA GLY A 97 2.25 -1.86 -9.62
C GLY A 97 2.64 -0.40 -9.77
N SER A 98 1.71 0.40 -10.28
CA SER A 98 1.96 1.81 -10.50
C SER A 98 1.81 2.60 -9.19
N ALA A 99 2.71 3.56 -9.00
CA ALA A 99 2.68 4.39 -7.81
C ALA A 99 1.95 5.70 -8.10
N LEU A 100 0.76 5.85 -7.54
CA LEU A 100 -0.08 7.02 -7.78
C LEU A 100 -0.25 7.82 -6.49
N ASN A 101 -0.42 9.12 -6.64
CA ASN A 101 -0.72 10.01 -5.53
C ASN A 101 -2.15 10.52 -5.68
N ILE A 102 -3.06 9.99 -4.89
CA ILE A 102 -4.45 10.40 -4.94
C ILE A 102 -4.63 11.71 -4.20
N THR A 103 -5.06 12.72 -4.93
CA THR A 103 -5.28 14.05 -4.35
C THR A 103 -6.78 14.32 -4.26
N ALA A 104 -7.16 15.26 -3.40
CA ALA A 104 -8.55 15.65 -3.29
C ALA A 104 -8.89 16.69 -4.35
N LYS A 105 -7.89 17.50 -4.68
CA LYS A 105 -8.03 18.52 -5.70
C LYS A 105 -6.67 18.78 -6.35
N MET A 1 -29.61 33.37 46.49
CA MET A 1 -29.64 32.27 45.49
C MET A 1 -28.23 31.94 45.02
N ALA A 2 -27.97 30.65 44.82
CA ALA A 2 -26.67 30.20 44.36
C ALA A 2 -26.57 30.23 42.85
N PRO A 3 -25.62 31.01 42.31
CA PRO A 3 -25.44 31.16 40.85
C PRO A 3 -25.12 29.83 40.18
N GLN A 4 -25.55 29.69 38.93
CA GLN A 4 -25.36 28.44 38.20
C GLN A 4 -24.22 28.57 37.18
N PRO A 5 -23.05 28.01 37.49
CA PRO A 5 -21.91 27.97 36.58
C PRO A 5 -21.98 26.76 35.66
N LYS A 6 -21.91 27.01 34.36
CA LYS A 6 -21.97 25.93 33.38
C LYS A 6 -20.57 25.54 32.93
N ALA A 7 -20.44 24.32 32.44
CA ALA A 7 -19.17 23.81 31.94
C ALA A 7 -19.38 23.06 30.64
N GLU A 8 -18.51 23.32 29.67
CA GLU A 8 -18.56 22.64 28.38
C GLU A 8 -17.17 22.23 27.91
N PRO A 9 -16.62 21.15 28.47
CA PRO A 9 -15.29 20.65 28.09
C PRO A 9 -15.32 19.90 26.76
N ALA A 10 -14.18 19.83 26.10
CA ALA A 10 -14.07 19.13 24.83
C ALA A 10 -13.07 17.99 24.93
N LYS A 11 -13.33 16.91 24.22
CA LYS A 11 -12.45 15.76 24.21
C LYS A 11 -11.96 15.48 22.79
N PRO A 12 -10.73 15.89 22.47
CA PRO A 12 -10.13 15.67 21.15
C PRO A 12 -9.78 14.22 20.91
N LYS A 13 -10.65 13.53 20.17
CA LYS A 13 -10.41 12.15 19.80
C LYS A 13 -9.69 12.08 18.46
N ALA A 14 -8.53 11.46 18.44
CA ALA A 14 -7.75 11.34 17.23
C ALA A 14 -7.42 9.89 16.92
N PRO A 15 -7.99 9.35 15.83
CA PRO A 15 -7.69 8.00 15.36
C PRO A 15 -6.38 7.96 14.58
N ARG A 16 -6.43 7.40 13.38
CA ARG A 16 -5.26 7.29 12.53
C ARG A 16 -5.67 7.17 11.07
N ALA A 17 -4.72 7.35 10.17
CA ALA A 17 -5.01 7.28 8.75
C ALA A 17 -4.14 6.23 8.05
N THR A 18 -4.65 5.69 6.97
CA THR A 18 -3.92 4.73 6.16
C THR A 18 -3.15 5.43 5.06
N PRO A 19 -1.81 5.28 5.04
CA PRO A 19 -0.94 6.01 4.11
C PRO A 19 -1.07 5.55 2.66
N VAL A 20 -1.12 4.24 2.47
CA VAL A 20 -1.13 3.68 1.11
C VAL A 20 -2.05 2.48 1.04
N ARG A 21 -2.80 2.38 -0.05
CA ARG A 21 -3.69 1.26 -0.29
C ARG A 21 -3.33 0.57 -1.60
N ILE A 22 -3.62 -0.72 -1.68
CA ILE A 22 -3.40 -1.47 -2.91
C ILE A 22 -4.67 -1.46 -3.75
N TYR A 23 -4.56 -0.97 -4.97
CA TYR A 23 -5.70 -0.88 -5.86
C TYR A 23 -5.48 -1.73 -7.09
N THR A 24 -6.24 -2.81 -7.18
CA THR A 24 -6.13 -3.73 -8.30
C THR A 24 -7.12 -3.36 -9.41
N ASN A 25 -7.79 -2.22 -9.23
CA ASN A 25 -8.79 -1.78 -10.19
C ASN A 25 -8.33 -0.53 -10.92
N ALA A 26 -8.01 -0.69 -12.19
CA ALA A 26 -7.61 0.44 -13.03
C ALA A 26 -8.80 1.39 -13.21
N GLU A 27 -9.99 0.82 -13.13
CA GLU A 27 -11.24 1.59 -13.19
C GLU A 27 -11.23 2.77 -12.24
N GLU A 28 -10.62 2.58 -11.08
CA GLU A 28 -10.54 3.63 -10.08
C GLU A 28 -9.63 4.75 -10.56
N LEU A 29 -8.45 4.38 -11.01
CA LEU A 29 -7.42 5.34 -11.37
C LEU A 29 -7.82 6.16 -12.59
N VAL A 30 -8.40 5.50 -13.58
CA VAL A 30 -8.74 6.15 -14.85
C VAL A 30 -9.85 7.19 -14.70
N GLY A 31 -10.46 7.26 -13.52
CA GLY A 31 -11.56 8.18 -13.32
C GLY A 31 -11.43 8.98 -12.04
N LYS A 32 -10.22 9.10 -11.53
CA LYS A 32 -9.99 9.82 -10.27
C LYS A 32 -8.81 10.78 -10.38
N PRO A 33 -8.79 11.83 -9.54
CA PRO A 33 -7.68 12.77 -9.50
C PRO A 33 -6.44 12.16 -8.86
N PHE A 34 -5.59 11.56 -9.69
CA PHE A 34 -4.40 10.90 -9.20
C PHE A 34 -3.15 11.55 -9.77
N ARG A 35 -2.10 11.55 -8.98
CA ARG A 35 -0.81 12.09 -9.37
C ARG A 35 0.06 10.98 -9.96
N ASP A 36 0.58 11.22 -11.16
CA ASP A 36 1.46 10.26 -11.81
C ASP A 36 2.86 10.36 -11.22
N LEU A 37 3.37 9.24 -10.75
CA LEU A 37 4.69 9.22 -10.14
C LEU A 37 5.60 8.23 -10.86
N GLY A 38 5.18 6.97 -10.89
CA GLY A 38 5.98 5.96 -11.54
C GLY A 38 5.45 4.56 -11.31
N GLU A 39 6.37 3.63 -11.11
CA GLU A 39 6.02 2.23 -10.93
C GLU A 39 6.94 1.59 -9.90
N VAL A 40 6.36 0.96 -8.91
CA VAL A 40 7.11 0.34 -7.84
C VAL A 40 6.79 -1.15 -7.74
N SER A 41 7.69 -1.92 -7.17
CA SER A 41 7.46 -3.34 -6.97
C SER A 41 7.91 -3.78 -5.59
N GLY A 42 7.24 -4.79 -5.07
CA GLY A 42 7.64 -5.40 -3.82
C GLY A 42 7.99 -6.85 -4.02
N ASP A 43 9.23 -7.20 -3.75
CA ASP A 43 9.71 -8.55 -4.03
C ASP A 43 10.16 -9.24 -2.76
N SER A 44 9.61 -10.43 -2.56
CA SER A 44 9.96 -11.28 -1.44
C SER A 44 10.58 -12.57 -1.96
N CYS A 45 11.89 -12.59 -2.06
CA CYS A 45 12.60 -13.75 -2.59
C CYS A 45 13.31 -14.50 -1.46
N GLN A 46 13.31 -15.82 -1.55
CA GLN A 46 14.08 -16.63 -0.64
C GLN A 46 15.20 -17.33 -1.38
N ALA A 47 16.44 -17.00 -1.05
CA ALA A 47 17.60 -17.61 -1.67
C ALA A 47 17.80 -19.01 -1.10
N SER A 48 17.11 -19.29 -0.02
CA SER A 48 17.13 -20.59 0.62
C SER A 48 15.82 -20.83 1.35
N ASN A 49 15.62 -22.03 1.86
CA ASN A 49 14.43 -22.35 2.64
C ASN A 49 14.41 -21.53 3.93
N GLN A 50 15.60 -21.18 4.41
CA GLN A 50 15.74 -20.42 5.65
C GLN A 50 15.86 -18.91 5.36
N ASP A 51 15.22 -18.47 4.30
CA ASP A 51 15.26 -17.06 3.91
C ASP A 51 13.89 -16.40 4.08
N SER A 52 13.77 -15.18 3.61
CA SER A 52 12.53 -14.42 3.72
C SER A 52 11.35 -15.13 3.06
N PRO A 53 10.17 -15.07 3.69
CA PRO A 53 8.95 -15.70 3.18
C PRO A 53 8.47 -15.11 1.86
N PRO A 54 8.42 -15.93 0.80
CA PRO A 54 7.98 -15.49 -0.53
C PRO A 54 6.47 -15.59 -0.69
N SER A 55 5.78 -14.78 0.06
CA SER A 55 4.33 -14.78 0.04
C SER A 55 3.80 -13.57 -0.72
N ILE A 56 2.72 -13.76 -1.47
CA ILE A 56 2.14 -12.71 -2.27
C ILE A 56 1.65 -11.52 -1.43
N PRO A 57 0.84 -11.75 -0.36
CA PRO A 57 0.37 -10.65 0.50
C PRO A 57 1.53 -9.94 1.18
N THR A 58 2.54 -10.71 1.52
CA THR A 58 3.75 -10.17 2.13
C THR A 58 4.50 -9.27 1.16
N ALA A 59 4.59 -9.71 -0.10
CA ALA A 59 5.24 -8.92 -1.14
C ALA A 59 4.44 -7.66 -1.43
N ARG A 60 3.12 -7.77 -1.33
CA ARG A 60 2.23 -6.63 -1.51
C ARG A 60 2.47 -5.59 -0.43
N LYS A 61 2.72 -6.05 0.79
CA LYS A 61 3.03 -5.16 1.90
C LYS A 61 4.38 -4.48 1.68
N ARG A 62 5.34 -5.25 1.19
CA ARG A 62 6.66 -4.72 0.88
C ARG A 62 6.56 -3.64 -0.20
N MET A 63 5.72 -3.90 -1.19
CA MET A 63 5.45 -2.95 -2.26
C MET A 63 4.75 -1.70 -1.72
N GLN A 64 3.87 -1.91 -0.75
CA GLN A 64 3.15 -0.83 -0.09
C GLN A 64 4.13 0.13 0.57
N ILE A 65 5.05 -0.43 1.35
CA ILE A 65 6.07 0.37 2.02
C ILE A 65 6.93 1.09 1.00
N ASN A 66 7.29 0.37 -0.06
CA ASN A 66 8.14 0.92 -1.13
C ASN A 66 7.48 2.13 -1.76
N ALA A 67 6.20 2.01 -2.09
CA ALA A 67 5.45 3.11 -2.69
C ALA A 67 5.35 4.30 -1.74
N SER A 68 5.01 4.02 -0.49
CA SER A 68 4.84 5.07 0.51
C SER A 68 6.15 5.82 0.77
N LYS A 69 7.26 5.10 0.78
CA LYS A 69 8.57 5.72 1.00
C LYS A 69 9.05 6.45 -0.25
N MET A 70 8.35 6.24 -1.35
CA MET A 70 8.63 6.97 -2.57
C MET A 70 7.91 8.30 -2.53
N LYS A 71 6.60 8.24 -2.25
CA LYS A 71 5.69 9.41 -2.28
C LYS A 71 4.26 8.94 -2.50
N ALA A 72 4.12 7.73 -3.02
CA ALA A 72 2.81 7.23 -3.45
C ALA A 72 1.92 6.82 -2.28
N ASN A 73 0.63 6.82 -2.53
CA ASN A 73 -0.36 6.45 -1.52
C ASN A 73 -1.30 5.38 -2.06
N ALA A 74 -1.08 4.98 -3.31
CA ALA A 74 -1.92 3.98 -3.95
C ALA A 74 -1.11 3.20 -4.98
N VAL A 75 -1.12 1.89 -4.86
CA VAL A 75 -0.40 1.05 -5.80
C VAL A 75 -1.35 0.34 -6.74
N LEU A 76 -1.33 0.76 -8.00
CA LEU A 76 -2.14 0.13 -9.03
C LEU A 76 -1.56 -1.22 -9.39
N LEU A 77 -2.02 -2.25 -8.70
CA LEU A 77 -1.49 -3.60 -8.87
C LEU A 77 -1.74 -4.12 -10.28
N HIS A 78 -0.70 -4.65 -10.90
CA HIS A 78 -0.80 -5.19 -12.25
C HIS A 78 -0.50 -6.68 -12.23
N SER A 79 0.54 -7.07 -11.51
CA SER A 79 0.98 -8.44 -11.48
C SER A 79 1.49 -8.84 -10.09
N CYS A 80 1.25 -10.08 -9.72
CA CYS A 80 1.80 -10.65 -8.49
C CYS A 80 2.28 -12.07 -8.76
N GLU A 81 3.47 -12.17 -9.34
CA GLU A 81 4.01 -13.45 -9.78
C GLU A 81 4.81 -14.12 -8.67
N VAL A 82 4.51 -15.38 -8.41
CA VAL A 82 5.26 -16.15 -7.44
C VAL A 82 6.10 -17.22 -8.13
N THR A 83 7.27 -16.80 -8.59
CA THR A 83 8.17 -17.66 -9.33
C THR A 83 8.78 -18.74 -8.44
N SER A 84 8.62 -19.98 -8.86
CA SER A 84 9.24 -21.10 -8.19
C SER A 84 10.16 -21.84 -9.15
N GLY A 85 11.43 -21.89 -8.82
CA GLY A 85 12.40 -22.53 -9.68
C GLY A 85 13.30 -21.53 -10.39
N THR A 86 13.71 -20.49 -9.67
CA THR A 86 14.58 -19.48 -10.23
C THR A 86 16.03 -19.69 -9.78
N PRO A 87 17.00 -19.50 -10.71
CA PRO A 87 18.42 -19.70 -10.43
C PRO A 87 18.99 -18.62 -9.48
N GLY A 88 18.66 -18.76 -8.20
CA GLY A 88 19.12 -17.84 -7.20
C GLY A 88 18.10 -17.69 -6.11
N CYS A 89 16.93 -17.19 -6.49
CA CYS A 89 15.80 -17.12 -5.59
C CYS A 89 14.88 -18.30 -5.84
N TYR A 90 14.96 -19.33 -4.99
CA TYR A 90 14.17 -20.53 -5.18
C TYR A 90 12.70 -20.19 -5.39
N ARG A 91 12.16 -19.39 -4.49
CA ARG A 91 10.82 -18.88 -4.62
C ARG A 91 10.82 -17.38 -4.41
N GLN A 92 10.23 -16.66 -5.34
CA GLN A 92 10.23 -15.21 -5.29
C GLN A 92 8.85 -14.65 -5.61
N ALA A 93 8.32 -13.86 -4.69
CA ALA A 93 7.04 -13.21 -4.90
C ALA A 93 7.24 -11.77 -5.33
N VAL A 94 7.03 -11.50 -6.61
CA VAL A 94 7.22 -10.16 -7.16
C VAL A 94 5.87 -9.54 -7.52
N CYS A 95 5.44 -8.58 -6.73
CA CYS A 95 4.24 -7.84 -7.03
C CYS A 95 4.60 -6.47 -7.58
N ILE A 96 4.08 -6.14 -8.76
CA ILE A 96 4.41 -4.89 -9.42
C ILE A 96 3.14 -4.06 -9.65
N GLY A 97 3.25 -2.77 -9.40
CA GLY A 97 2.14 -1.88 -9.63
C GLY A 97 2.58 -0.44 -9.78
N SER A 98 1.75 0.36 -10.41
CA SER A 98 2.06 1.76 -10.64
C SER A 98 1.90 2.56 -9.34
N ALA A 99 2.90 3.34 -9.02
CA ALA A 99 2.90 4.15 -7.81
C ALA A 99 2.20 5.47 -8.06
N LEU A 100 0.98 5.60 -7.57
CA LEU A 100 0.18 6.81 -7.74
C LEU A 100 -0.12 7.45 -6.40
N ASN A 101 -0.46 8.73 -6.42
CA ASN A 101 -0.86 9.43 -5.20
C ASN A 101 -2.14 10.23 -5.46
N ILE A 102 -3.23 9.81 -4.86
CA ILE A 102 -4.51 10.47 -5.06
C ILE A 102 -4.47 11.92 -4.58
N THR A 103 -4.40 12.83 -5.53
CA THR A 103 -4.31 14.26 -5.24
C THR A 103 -5.69 14.83 -4.92
N ALA A 104 -6.19 14.50 -3.73
CA ALA A 104 -7.44 15.05 -3.25
C ALA A 104 -7.15 16.26 -2.37
N LYS A 105 -5.93 16.75 -2.44
CA LYS A 105 -5.50 17.90 -1.67
C LYS A 105 -5.42 19.13 -2.56
#